data_2N70
#
_entry.id   2N70
#
_entity_poly.entity_id   1
_entity_poly.type   'polypeptide(L)'
_entity_poly.pdbx_seq_one_letter_code
;RSNDSSDPLVVAANIIGILHLILWILDRLFFKSIYRFFEHGLK
;
_entity_poly.pdbx_strand_id   A,B,C,D
#
# COMPACT_ATOMS: atom_id res chain seq x y z
N ARG A 1 -3.82 -2.88 36.24
CA ARG A 1 -4.35 -4.17 35.72
C ARG A 1 -4.28 -4.17 34.18
N SER A 2 -4.77 -3.15 33.56
CA SER A 2 -4.73 -3.10 32.07
C SER A 2 -3.39 -2.49 31.62
N ASN A 3 -2.55 -3.28 31.01
CA ASN A 3 -1.24 -2.75 30.55
C ASN A 3 -1.45 -1.85 29.33
N ASP A 4 -2.59 -1.95 28.70
CA ASP A 4 -2.85 -1.11 27.50
C ASP A 4 -1.82 -1.42 26.42
N SER A 5 -2.03 -0.94 25.22
CA SER A 5 -1.06 -1.21 24.12
C SER A 5 0.12 -0.25 24.23
N SER A 6 1.28 -0.66 23.80
CA SER A 6 2.47 0.23 23.88
C SER A 6 2.53 1.11 22.63
N ASP A 7 1.69 0.86 21.67
CA ASP A 7 1.70 1.67 20.43
C ASP A 7 0.33 1.62 19.75
N PRO A 8 -0.65 2.25 20.35
CA PRO A 8 -2.04 2.26 19.79
C PRO A 8 -2.11 2.99 18.44
N LEU A 9 -1.24 3.93 18.21
CA LEU A 9 -1.27 4.68 16.92
C LEU A 9 -0.76 3.78 15.79
N VAL A 10 0.33 3.07 16.02
CA VAL A 10 0.87 2.18 14.95
C VAL A 10 -0.17 1.14 14.57
N VAL A 11 -0.65 0.38 15.53
CA VAL A 11 -1.66 -0.66 15.22
C VAL A 11 -2.92 0.00 14.62
N ALA A 12 -3.48 0.96 15.29
CA ALA A 12 -4.69 1.64 14.75
C ALA A 12 -4.40 2.14 13.34
N ALA A 13 -3.14 2.37 13.03
CA ALA A 13 -2.79 2.86 11.67
C ALA A 13 -2.55 1.67 10.75
N ASN A 14 -2.28 0.52 11.31
CA ASN A 14 -2.04 -0.68 10.46
C ASN A 14 -3.37 -1.20 9.90
N ILE A 15 -4.39 -1.21 10.70
CA ILE A 15 -5.72 -1.69 10.21
C ILE A 15 -6.08 -0.96 8.92
N ILE A 16 -5.86 0.33 8.87
CA ILE A 16 -6.19 1.09 7.63
C ILE A 16 -5.12 0.81 6.58
N GLY A 17 -3.90 0.64 6.99
CA GLY A 17 -2.81 0.35 6.02
C GLY A 17 -3.16 -0.93 5.26
N ILE A 18 -3.60 -1.94 5.95
CA ILE A 18 -3.96 -3.21 5.27
C ILE A 18 -5.18 -2.97 4.38
N LEU A 19 -6.26 -2.51 4.95
CA LEU A 19 -7.47 -2.25 4.13
C LEU A 19 -7.08 -1.42 2.90
N HIS A 20 -6.15 -0.53 3.07
CA HIS A 20 -5.70 0.31 1.92
C HIS A 20 -5.19 -0.61 0.80
N LEU A 21 -4.23 -1.43 1.10
CA LEU A 21 -3.70 -2.35 0.06
C LEU A 21 -4.85 -3.12 -0.59
N ILE A 22 -5.70 -3.72 0.19
CA ILE A 22 -6.83 -4.49 -0.39
C ILE A 22 -7.60 -3.61 -1.38
N LEU A 23 -7.65 -2.33 -1.13
CA LEU A 23 -8.38 -1.41 -2.06
C LEU A 23 -7.49 -1.06 -3.24
N TRP A 24 -6.36 -0.47 -2.98
CA TRP A 24 -5.44 -0.08 -4.09
C TRP A 24 -5.23 -1.27 -5.03
N ILE A 25 -5.04 -2.45 -4.48
CA ILE A 25 -4.82 -3.64 -5.34
C ILE A 25 -6.14 -4.04 -6.01
N LEU A 26 -7.22 -4.01 -5.29
CA LEU A 26 -8.53 -4.38 -5.90
C LEU A 26 -8.83 -3.44 -7.07
N ASP A 27 -8.33 -2.24 -7.02
CA ASP A 27 -8.57 -1.29 -8.12
C ASP A 27 -7.67 -1.64 -9.32
N ARG A 28 -6.42 -1.91 -9.07
CA ARG A 28 -5.51 -2.27 -10.19
C ARG A 28 -6.07 -3.46 -10.95
N LEU A 29 -6.72 -4.36 -10.27
CA LEU A 29 -7.31 -5.55 -10.97
C LEU A 29 -8.69 -5.20 -11.51
N PHE A 30 -9.55 -4.66 -10.68
CA PHE A 30 -10.92 -4.29 -11.14
C PHE A 30 -10.95 -2.82 -11.53
N PHE A 31 -9.88 -2.32 -12.08
CA PHE A 31 -9.85 -0.88 -12.48
C PHE A 31 -11.13 -0.54 -13.25
N LYS A 32 -11.68 -1.50 -13.94
CA LYS A 32 -12.93 -1.23 -14.71
C LYS A 32 -14.08 -0.97 -13.74
N SER A 33 -14.24 -1.82 -12.76
CA SER A 33 -15.35 -1.62 -11.78
C SER A 33 -15.24 -0.23 -11.16
N ILE A 34 -14.07 0.13 -10.70
CA ILE A 34 -13.90 1.48 -10.08
C ILE A 34 -14.39 2.55 -11.05
N TYR A 35 -13.96 2.50 -12.28
CA TYR A 35 -14.41 3.51 -13.27
C TYR A 35 -15.94 3.55 -13.30
N ARG A 36 -16.58 2.41 -13.22
CA ARG A 36 -18.06 2.39 -13.26
C ARG A 36 -18.61 2.99 -11.96
N PHE A 37 -18.01 2.67 -10.85
CA PHE A 37 -18.51 3.24 -9.56
C PHE A 37 -18.68 4.74 -9.68
N PHE A 38 -17.65 5.44 -10.09
CA PHE A 38 -17.75 6.92 -10.24
C PHE A 38 -18.83 7.25 -11.26
N GLU A 39 -18.85 6.55 -12.37
CA GLU A 39 -19.89 6.83 -13.41
C GLU A 39 -21.23 6.28 -12.96
N HIS A 40 -22.09 7.12 -12.46
CA HIS A 40 -23.43 6.63 -12.01
C HIS A 40 -23.25 5.51 -10.99
N GLY A 41 -24.00 4.45 -11.13
CA GLY A 41 -23.88 3.32 -10.17
C GLY A 41 -24.62 3.65 -8.88
N LEU A 42 -24.73 4.91 -8.55
CA LEU A 42 -25.44 5.31 -7.31
C LEU A 42 -26.92 5.51 -7.61
N LYS A 43 -27.78 4.77 -6.97
CA LYS A 43 -29.23 4.91 -7.22
C LYS A 43 -30.03 4.32 -6.05
N ARG B 1 13.60 0.40 34.30
CA ARG B 1 13.07 1.77 34.09
C ARG B 1 13.94 2.51 33.07
N SER B 2 15.04 1.92 32.68
CA SER B 2 15.93 2.58 31.69
C SER B 2 15.18 2.73 30.36
N ASN B 3 14.25 1.87 30.09
CA ASN B 3 13.50 1.97 28.81
C ASN B 3 12.36 2.98 28.97
N ASP B 4 12.26 3.91 28.07
CA ASP B 4 11.18 4.94 28.17
C ASP B 4 10.98 5.62 26.82
N SER B 5 10.58 4.88 25.82
CA SER B 5 10.39 5.49 24.47
C SER B 5 9.57 4.54 23.60
N SER B 6 8.51 5.03 22.99
CA SER B 6 7.68 4.15 22.13
C SER B 6 8.26 4.11 20.72
N ASP B 7 7.49 4.48 19.73
CA ASP B 7 8.00 4.45 18.33
C ASP B 7 7.37 5.59 17.53
N PRO B 8 7.75 6.80 17.81
CA PRO B 8 7.18 7.99 17.09
C PRO B 8 7.58 8.02 15.61
N LEU B 9 8.78 7.60 15.29
CA LEU B 9 9.21 7.60 13.87
C LEU B 9 8.31 6.70 13.05
N VAL B 10 8.04 5.51 13.52
CA VAL B 10 7.16 4.58 12.76
C VAL B 10 5.76 5.19 12.65
N VAL B 11 5.34 5.92 13.65
CA VAL B 11 3.98 6.53 13.60
C VAL B 11 3.95 7.59 12.49
N ALA B 12 4.77 8.59 12.58
CA ALA B 12 4.78 9.65 11.52
C ALA B 12 4.81 8.97 10.16
N ALA B 13 5.55 7.91 10.03
CA ALA B 13 5.61 7.21 8.72
C ALA B 13 4.29 6.49 8.47
N ASN B 14 3.64 6.04 9.50
CA ASN B 14 2.34 5.33 9.34
C ASN B 14 1.29 6.30 8.82
N ILE B 15 0.97 7.31 9.60
CA ILE B 15 -0.06 8.29 9.14
C ILE B 15 0.32 8.76 7.73
N ILE B 16 1.60 8.95 7.49
CA ILE B 16 2.03 9.39 6.14
C ILE B 16 1.48 8.40 5.11
N GLY B 17 1.58 7.13 5.39
CA GLY B 17 1.04 6.11 4.45
C GLY B 17 -0.43 6.41 4.18
N ILE B 18 -1.19 6.63 5.22
CA ILE B 18 -2.63 6.94 5.01
C ILE B 18 -2.74 8.15 4.09
N LEU B 19 -1.86 9.10 4.25
CA LEU B 19 -1.91 10.31 3.37
C LEU B 19 -1.51 9.92 1.95
N HIS B 20 -0.60 9.01 1.81
CA HIS B 20 -0.18 8.59 0.44
C HIS B 20 -1.42 8.13 -0.33
N LEU B 21 -2.23 7.30 0.26
CA LEU B 21 -3.43 6.84 -0.48
C LEU B 21 -4.40 8.01 -0.66
N ILE B 22 -4.51 8.88 0.31
CA ILE B 22 -5.44 10.03 0.15
C ILE B 22 -5.16 10.68 -1.20
N LEU B 23 -3.91 10.78 -1.57
CA LEU B 23 -3.56 11.37 -2.89
C LEU B 23 -3.93 10.37 -3.98
N TRP B 24 -3.76 9.10 -3.70
CA TRP B 24 -4.10 8.05 -4.71
C TRP B 24 -5.58 8.14 -5.06
N ILE B 25 -6.45 8.06 -4.07
CA ILE B 25 -7.90 8.13 -4.34
C ILE B 25 -8.26 9.52 -4.88
N LEU B 26 -7.69 10.54 -4.33
CA LEU B 26 -8.00 11.92 -4.80
C LEU B 26 -7.61 12.05 -6.28
N ASP B 27 -6.52 11.42 -6.67
CA ASP B 27 -6.09 11.51 -8.09
C ASP B 27 -7.10 10.78 -8.98
N ARG B 28 -7.45 9.56 -8.64
CA ARG B 28 -8.42 8.80 -9.46
C ARG B 28 -9.76 9.56 -9.49
N LEU B 29 -10.05 10.30 -8.45
CA LEU B 29 -11.34 11.05 -8.42
C LEU B 29 -11.32 12.15 -9.48
N PHE B 30 -10.35 13.02 -9.43
CA PHE B 30 -10.27 14.12 -10.43
C PHE B 30 -9.61 13.59 -11.71
N PHE B 31 -10.36 13.41 -12.76
CA PHE B 31 -9.77 12.92 -14.03
C PHE B 31 -9.14 14.08 -14.79
N LYS B 32 -9.92 14.77 -15.59
CA LYS B 32 -9.36 15.91 -16.37
C LYS B 32 -10.42 17.02 -16.47
N SER B 33 -11.32 16.89 -17.40
CA SER B 33 -12.38 17.94 -17.56
C SER B 33 -13.56 17.60 -16.64
N ILE B 34 -14.75 17.85 -17.10
CA ILE B 34 -15.95 17.53 -16.25
C ILE B 34 -15.74 18.08 -14.85
N TYR B 35 -16.13 19.31 -14.62
CA TYR B 35 -15.95 19.91 -13.27
C TYR B 35 -16.92 21.09 -13.10
N ARG B 36 -18.07 20.84 -12.52
CA ARG B 36 -19.05 21.94 -12.32
C ARG B 36 -18.69 22.71 -11.05
N PHE B 37 -18.95 23.99 -11.04
CA PHE B 37 -18.62 24.80 -9.83
C PHE B 37 -19.55 26.01 -9.75
N PHE B 38 -20.06 26.30 -8.58
CA PHE B 38 -20.99 27.46 -8.44
C PHE B 38 -20.18 28.71 -8.07
N GLU B 39 -20.18 29.69 -8.93
CA GLU B 39 -19.41 30.94 -8.64
C GLU B 39 -19.98 31.60 -7.38
N HIS B 40 -19.24 31.56 -6.30
CA HIS B 40 -19.74 32.19 -5.04
C HIS B 40 -18.59 32.25 -4.02
N GLY B 41 -17.94 33.37 -3.93
CA GLY B 41 -16.81 33.48 -2.95
C GLY B 41 -16.45 34.96 -2.75
N LEU B 42 -15.19 35.28 -2.73
CA LEU B 42 -14.79 36.71 -2.53
C LEU B 42 -14.83 37.43 -3.88
N LYS B 43 -14.98 36.71 -4.95
CA LYS B 43 -15.04 37.37 -6.29
C LYS B 43 -16.48 37.71 -6.64
N ARG C 1 9.31 -8.20 34.40
CA ARG C 1 9.78 -6.79 34.22
C ARG C 1 9.48 -6.33 32.79
N SER C 2 9.85 -7.11 31.81
CA SER C 2 9.58 -6.71 30.40
C SER C 2 8.18 -7.17 30.00
N ASN C 3 7.27 -6.25 29.79
CA ASN C 3 5.89 -6.65 29.39
C ASN C 3 5.90 -7.13 27.94
N ASP C 4 6.92 -6.82 27.21
CA ASP C 4 6.99 -7.25 25.79
C ASP C 4 5.82 -6.65 25.02
N SER C 5 5.83 -6.74 23.72
CA SER C 5 4.72 -6.17 22.91
C SER C 5 3.54 -7.14 22.90
N SER C 6 2.34 -6.64 22.79
CA SER C 6 1.16 -7.54 22.78
C SER C 6 0.88 -8.00 21.35
N ASP C 7 1.58 -7.45 20.38
CA ASP C 7 1.35 -7.85 18.97
C ASP C 7 2.62 -7.58 18.15
N PRO C 8 3.66 -8.33 18.37
CA PRO C 8 4.94 -8.13 17.63
C PRO C 8 4.80 -8.41 16.13
N LEU C 9 3.87 -9.26 15.76
CA LEU C 9 3.69 -9.58 14.32
C LEU C 9 3.03 -8.39 13.61
N VAL C 10 2.02 -7.81 14.20
CA VAL C 10 1.34 -6.65 13.55
C VAL C 10 2.35 -5.51 13.35
N VAL C 11 2.97 -5.08 14.41
CA VAL C 11 3.96 -3.97 14.28
C VAL C 11 5.08 -4.38 13.32
N ALA C 12 5.72 -5.49 13.58
CA ALA C 12 6.82 -5.95 12.68
C ALA C 12 6.30 -6.00 11.25
N ALA C 13 5.01 -6.15 11.08
CA ALA C 13 4.44 -6.22 9.71
C ALA C 13 4.10 -4.79 9.24
N ASN C 14 3.95 -3.88 10.15
CA ASN C 14 3.61 -2.48 9.76
C ASN C 14 4.85 -1.80 9.18
N ILE C 15 5.99 -2.00 9.79
CA ILE C 15 7.23 -1.36 9.27
C ILE C 15 7.38 -1.66 7.78
N ILE C 16 7.13 -2.87 7.38
CA ILE C 16 7.24 -3.21 5.93
C ILE C 16 6.04 -2.65 5.19
N GLY C 17 4.88 -2.64 5.81
CA GLY C 17 3.68 -2.09 5.15
C GLY C 17 3.94 -0.64 4.76
N ILE C 18 4.50 0.13 5.66
CA ILE C 18 4.79 1.55 5.35
C ILE C 18 5.85 1.62 4.25
N LEU C 19 6.99 1.03 4.49
CA LEU C 19 8.06 1.07 3.45
C LEU C 19 7.46 0.64 2.12
N HIS C 20 6.55 -0.30 2.13
CA HIS C 20 5.92 -0.74 0.87
C HIS C 20 5.27 0.46 0.18
N LEU C 21 4.38 1.13 0.85
CA LEU C 21 3.71 2.31 0.23
C LEU C 21 4.77 3.27 -0.32
N ILE C 22 5.75 3.62 0.46
CA ILE C 22 6.80 4.56 -0.02
C ILE C 22 7.38 4.03 -1.33
N LEU C 23 7.44 2.74 -1.50
CA LEU C 23 8.01 2.17 -2.75
C LEU C 23 6.93 2.17 -3.85
N TRP C 24 5.84 1.51 -3.60
CA TRP C 24 4.76 1.45 -4.62
C TRP C 24 4.42 2.87 -5.11
N ILE C 25 4.35 3.81 -4.21
CA ILE C 25 4.03 5.20 -4.63
C ILE C 25 5.24 5.82 -5.34
N LEU C 26 6.43 5.59 -4.83
CA LEU C 26 7.63 6.18 -5.49
C LEU C 26 7.73 5.64 -6.92
N ASP C 27 7.22 4.47 -7.16
CA ASP C 27 7.27 3.90 -8.53
C ASP C 27 6.21 4.58 -9.40
N ARG C 28 5.02 4.74 -8.91
CA ARG C 28 3.95 5.39 -9.71
C ARG C 28 4.43 6.77 -10.15
N LEU C 29 5.19 7.44 -9.33
CA LEU C 29 5.69 8.80 -9.71
C LEU C 29 6.97 8.66 -10.53
N PHE C 30 7.93 7.91 -10.05
CA PHE C 30 9.20 7.74 -10.80
C PHE C 30 9.14 6.46 -11.62
N PHE C 31 7.98 6.11 -12.13
CA PHE C 31 7.87 4.86 -12.94
C PHE C 31 9.01 4.81 -13.97
N LYS C 32 9.47 5.95 -14.40
CA LYS C 32 10.58 5.96 -15.40
C LYS C 32 11.86 5.44 -14.74
N SER C 33 12.19 5.96 -13.58
CA SER C 33 13.42 5.49 -12.89
C SER C 33 13.37 3.97 -12.71
N ILE C 34 12.28 3.46 -12.21
CA ILE C 34 12.17 1.99 -12.01
C ILE C 34 12.49 1.27 -13.33
N TYR C 35 11.89 1.70 -14.40
CA TYR C 35 12.15 1.04 -15.71
C TYR C 35 13.66 1.04 -15.98
N ARG C 36 14.31 2.12 -15.67
CA ARG C 36 15.79 2.19 -15.90
C ARG C 36 16.51 1.23 -14.96
N PHE C 37 16.10 1.19 -13.72
CA PHE C 37 16.77 0.27 -12.75
C PHE C 37 16.88 -1.12 -13.36
N PHE C 38 15.78 -1.69 -13.79
CA PHE C 38 15.84 -3.05 -14.39
C PHE C 38 16.74 -3.03 -15.63
N GLU C 39 16.61 -2.03 -16.45
CA GLU C 39 17.47 -1.96 -17.68
C GLU C 39 18.88 -1.53 -17.29
N HIS C 40 19.79 -2.46 -17.20
CA HIS C 40 21.18 -2.11 -16.83
C HIS C 40 21.18 -1.34 -15.51
N GLY C 41 21.94 -0.28 -15.43
CA GLY C 41 21.97 0.51 -14.16
C GLY C 41 22.90 -0.19 -13.15
N LEU C 42 23.02 -1.49 -13.26
CA LEU C 42 23.91 -2.23 -12.31
C LEU C 42 25.32 -2.29 -12.88
N LYS C 43 26.29 -1.75 -12.18
CA LYS C 43 27.68 -1.77 -12.68
C LYS C 43 28.65 -1.56 -11.52
N ARG D 1 -8.26 -11.14 34.20
CA ARG D 1 -7.82 -12.38 33.51
C ARG D 1 -8.85 -12.79 32.46
N SER D 2 -9.97 -12.14 32.44
CA SER D 2 -11.03 -12.49 31.44
C SER D 2 -10.49 -12.21 30.03
N ASN D 3 -9.59 -11.28 29.89
CA ASN D 3 -9.04 -10.97 28.55
C ASN D 3 -7.91 -11.96 28.22
N ASP D 4 -7.97 -12.56 27.06
CA ASP D 4 -6.91 -13.55 26.68
C ASP D 4 -6.94 -13.78 25.18
N SER D 5 -6.68 -12.76 24.41
CA SER D 5 -6.70 -12.93 22.93
C SER D 5 -6.00 -11.73 22.27
N SER D 6 -5.06 -11.99 21.39
CA SER D 6 -4.35 -10.88 20.73
C SER D 6 -5.13 -10.42 19.50
N ASP D 7 -4.53 -10.45 18.34
CA ASP D 7 -5.25 -10.00 17.12
C ASP D 7 -4.77 -10.83 15.91
N PRO D 8 -5.14 -12.09 15.87
CA PRO D 8 -4.71 -12.98 14.74
C PRO D 8 -5.32 -12.57 13.41
N LEU D 9 -6.55 -12.11 13.42
CA LEU D 9 -7.19 -11.69 12.14
C LEU D 9 -6.39 -10.55 11.49
N VAL D 10 -6.05 -9.56 12.27
CA VAL D 10 -5.26 -8.42 11.71
C VAL D 10 -3.91 -8.93 11.21
N VAL D 11 -3.35 -9.92 11.86
CA VAL D 11 -2.03 -10.46 11.41
C VAL D 11 -2.19 -11.12 10.05
N ALA D 12 -3.02 -12.12 9.95
CA ALA D 12 -3.22 -12.81 8.64
C ALA D 12 -3.43 -11.76 7.56
N ALA D 13 -4.16 -10.72 7.87
CA ALA D 13 -4.40 -9.65 6.86
C ALA D 13 -3.12 -8.86 6.65
N ASN D 14 -2.31 -8.73 7.67
CA ASN D 14 -1.03 -7.97 7.52
C ASN D 14 -0.09 -8.72 6.59
N ILE D 15 0.32 -9.91 6.96
CA ILE D 15 1.24 -10.67 6.08
C ILE D 15 0.64 -10.71 4.68
N ILE D 16 -0.66 -10.85 4.58
CA ILE D 16 -1.30 -10.86 3.23
C ILE D 16 -0.89 -9.59 2.48
N GLY D 17 -0.92 -8.47 3.15
CA GLY D 17 -0.51 -7.20 2.50
C GLY D 17 0.89 -7.37 1.94
N ILE D 18 1.81 -7.87 2.72
CA ILE D 18 3.19 -8.07 2.22
C ILE D 18 3.13 -8.94 0.96
N LEU D 19 2.27 -9.91 0.96
CA LEU D 19 2.14 -10.81 -0.23
C LEU D 19 1.55 -10.01 -1.40
N HIS D 20 0.65 -9.12 -1.11
CA HIS D 20 0.04 -8.31 -2.21
C HIS D 20 1.15 -7.61 -2.98
N LEU D 21 2.07 -6.98 -2.30
CA LEU D 21 3.16 -6.29 -3.04
C LEU D 21 4.06 -7.32 -3.71
N ILE D 22 4.30 -8.44 -3.08
CA ILE D 22 5.17 -9.47 -3.72
C ILE D 22 4.66 -9.69 -5.14
N LEU D 23 3.37 -9.69 -5.33
CA LEU D 23 2.82 -9.87 -6.70
C LEU D 23 3.03 -8.57 -7.47
N TRP D 24 2.94 -7.45 -6.80
CA TRP D 24 3.15 -6.14 -7.48
C TRP D 24 4.56 -6.08 -8.07
N ILE D 25 5.57 -6.28 -7.24
CA ILE D 25 6.96 -6.23 -7.74
C ILE D 25 7.20 -7.38 -8.72
N LEU D 26 6.69 -8.54 -8.43
CA LEU D 26 6.89 -9.70 -9.34
C LEU D 26 6.28 -9.39 -10.71
N ASP D 27 5.17 -8.70 -10.72
CA ASP D 27 4.52 -8.35 -12.02
C ASP D 27 5.41 -7.36 -12.78
N ARG D 28 5.82 -6.31 -12.14
CA ARG D 28 6.68 -5.31 -12.83
C ARG D 28 7.98 -5.98 -13.28
N LEU D 29 8.41 -7.00 -12.58
CA LEU D 29 9.68 -7.69 -12.97
C LEU D 29 9.46 -8.42 -14.30
N PHE D 30 8.50 -9.28 -14.37
CA PHE D 30 8.25 -10.02 -15.65
C PHE D 30 7.41 -9.15 -16.58
N PHE D 31 8.00 -8.65 -17.63
CA PHE D 31 7.24 -7.80 -18.59
C PHE D 31 6.47 -8.69 -19.56
N LYS D 32 7.10 -9.08 -20.63
CA LYS D 32 6.40 -9.95 -21.63
C LYS D 32 7.40 -10.94 -22.23
N SER D 33 8.16 -10.53 -23.21
CA SER D 33 9.16 -11.45 -23.82
C SER D 33 10.47 -11.37 -23.04
N ILE D 34 11.58 -11.44 -23.72
CA ILE D 34 12.89 -11.37 -23.01
C ILE D 34 12.89 -12.34 -21.83
N TYR D 35 13.28 -13.56 -22.04
CA TYR D 35 13.29 -14.54 -20.93
C TYR D 35 14.25 -15.68 -21.27
N ARG D 36 15.47 -15.60 -20.83
CA ARG D 36 16.45 -16.68 -21.12
C ARG D 36 16.27 -17.82 -20.11
N PHE D 37 16.49 -19.04 -20.52
CA PHE D 37 16.33 -20.19 -19.59
C PHE D 37 17.25 -21.34 -20.02
N PHE D 38 17.91 -21.95 -19.09
CA PHE D 38 18.82 -23.08 -19.45
C PHE D 38 18.05 -24.40 -19.36
N GLU D 39 17.89 -25.08 -20.47
CA GLU D 39 17.15 -26.37 -20.46
C GLU D 39 17.88 -27.36 -19.55
N HIS D 40 17.32 -27.67 -18.42
CA HIS D 40 17.99 -28.65 -17.50
C HIS D 40 17.02 -29.04 -16.39
N GLY D 41 16.34 -30.15 -16.54
CA GLY D 41 15.38 -30.59 -15.49
C GLY D 41 15.03 -32.06 -15.69
N LEU D 42 13.77 -32.41 -15.58
CA LEU D 42 13.37 -33.83 -15.77
C LEU D 42 13.20 -34.12 -17.27
N LYS D 43 13.20 -33.10 -18.08
CA LYS D 43 13.03 -33.31 -19.55
C LYS D 43 14.41 -33.50 -20.19
N ARG A 1 0.47 3.01 34.61
CA ARG A 1 1.63 3.11 33.69
C ARG A 1 2.13 1.70 33.35
N SER A 2 2.94 1.13 34.19
CA SER A 2 3.46 -0.24 33.90
C SER A 2 4.38 -0.19 32.69
N ASN A 3 5.09 0.89 32.50
CA ASN A 3 6.00 1.00 31.34
C ASN A 3 5.25 0.60 30.06
N ASP A 4 4.13 1.22 29.82
CA ASP A 4 3.35 0.87 28.59
C ASP A 4 4.20 1.12 27.35
N SER A 5 3.94 0.42 26.28
CA SER A 5 4.75 0.62 25.04
C SER A 5 4.14 -0.20 23.90
N SER A 6 2.97 -0.74 24.11
CA SER A 6 2.33 -1.56 23.04
C SER A 6 2.22 -0.71 21.76
N ASP A 7 2.35 0.58 21.87
CA ASP A 7 2.25 1.45 20.67
C ASP A 7 0.97 1.11 19.89
N PRO A 8 -0.17 1.44 20.43
CA PRO A 8 -1.46 1.16 19.75
C PRO A 8 -1.62 1.95 18.45
N LEU A 9 -0.98 3.09 18.36
CA LEU A 9 -1.09 3.91 17.11
C LEU A 9 -0.72 3.06 15.90
N VAL A 10 0.45 2.46 15.91
CA VAL A 10 0.86 1.62 14.75
C VAL A 10 -0.24 0.60 14.44
N VAL A 11 -0.91 0.10 15.45
CA VAL A 11 -2.00 -0.89 15.20
C VAL A 11 -3.19 -0.19 14.54
N ALA A 12 -3.83 0.69 15.25
CA ALA A 12 -5.00 1.41 14.65
C ALA A 12 -4.59 1.94 13.27
N ALA A 13 -3.31 2.02 13.03
CA ALA A 13 -2.82 2.51 11.73
C ALA A 13 -2.67 1.34 10.76
N ASN A 14 -2.41 0.18 11.28
CA ASN A 14 -2.26 -1.02 10.39
C ASN A 14 -3.61 -1.41 9.81
N ILE A 15 -4.65 -1.30 10.60
CA ILE A 15 -6.00 -1.68 10.08
C ILE A 15 -6.27 -0.95 8.78
N ILE A 16 -6.00 0.34 8.72
CA ILE A 16 -6.24 1.09 7.47
C ILE A 16 -5.14 0.74 6.46
N GLY A 17 -3.96 0.45 6.94
CA GLY A 17 -2.86 0.10 6.00
C GLY A 17 -3.30 -1.08 5.14
N ILE A 18 -3.88 -2.08 5.76
CA ILE A 18 -4.35 -3.25 4.97
C ILE A 18 -5.53 -2.82 4.10
N LEU A 19 -6.53 -2.22 4.68
CA LEU A 19 -7.70 -1.78 3.87
C LEU A 19 -7.19 -0.99 2.66
N HIS A 20 -6.13 -0.24 2.83
CA HIS A 20 -5.58 0.55 1.71
C HIS A 20 -5.10 -0.40 0.61
N LEU A 21 -4.19 -1.28 0.93
CA LEU A 21 -3.68 -2.23 -0.09
C LEU A 21 -4.84 -3.00 -0.71
N ILE A 22 -5.74 -3.50 0.09
CA ILE A 22 -6.90 -4.25 -0.48
C ILE A 22 -7.63 -3.38 -1.50
N LEU A 23 -7.69 -2.10 -1.26
CA LEU A 23 -8.38 -1.19 -2.21
C LEU A 23 -7.48 -0.92 -3.42
N TRP A 24 -6.30 -0.41 -3.19
CA TRP A 24 -5.38 -0.12 -4.31
C TRP A 24 -5.25 -1.35 -5.21
N ILE A 25 -4.90 -2.47 -4.64
CA ILE A 25 -4.76 -3.70 -5.47
C ILE A 25 -6.10 -4.01 -6.16
N LEU A 26 -7.20 -3.88 -5.46
CA LEU A 26 -8.51 -4.16 -6.09
C LEU A 26 -8.64 -3.32 -7.35
N ASP A 27 -8.04 -2.16 -7.36
CA ASP A 27 -8.13 -1.27 -8.56
C ASP A 27 -7.18 -1.79 -9.64
N ARG A 28 -6.06 -2.31 -9.25
CA ARG A 28 -5.09 -2.84 -10.26
C ARG A 28 -5.66 -4.10 -10.92
N LEU A 29 -6.46 -4.84 -10.20
CA LEU A 29 -7.04 -6.09 -10.79
C LEU A 29 -8.45 -5.80 -11.30
N PHE A 30 -9.03 -4.70 -10.90
CA PHE A 30 -10.41 -4.36 -11.38
C PHE A 30 -10.56 -2.84 -11.50
N PHE A 31 -9.54 -2.18 -11.96
CA PHE A 31 -9.63 -0.70 -12.11
C PHE A 31 -10.94 -0.33 -12.81
N LYS A 32 -11.49 -1.24 -13.58
CA LYS A 32 -12.76 -0.94 -14.29
C LYS A 32 -13.92 -0.93 -13.28
N SER A 33 -13.89 -1.81 -12.32
CA SER A 33 -14.97 -1.86 -11.30
C SER A 33 -14.88 -0.62 -10.41
N ILE A 34 -13.70 -0.29 -9.95
CA ILE A 34 -13.55 0.91 -9.08
C ILE A 34 -14.04 2.14 -9.82
N TYR A 35 -13.62 2.32 -11.04
CA TYR A 35 -14.07 3.51 -11.82
C TYR A 35 -15.59 3.48 -11.98
N ARG A 36 -16.14 2.32 -12.23
CA ARG A 36 -17.62 2.23 -12.40
C ARG A 36 -18.30 2.33 -11.03
N PHE A 37 -17.63 1.88 -10.00
CA PHE A 37 -18.23 1.94 -8.64
C PHE A 37 -18.59 3.40 -8.31
N PHE A 38 -17.73 4.32 -8.68
CA PHE A 38 -18.02 5.75 -8.38
C PHE A 38 -19.03 6.30 -9.39
N GLU A 39 -19.00 5.78 -10.59
CA GLU A 39 -19.96 6.27 -11.63
C GLU A 39 -21.39 6.04 -11.15
N HIS A 40 -22.10 7.10 -10.86
CA HIS A 40 -23.51 6.94 -10.38
C HIS A 40 -24.37 6.36 -11.51
N GLY A 41 -24.52 7.06 -12.59
CA GLY A 41 -25.34 6.55 -13.72
C GLY A 41 -25.70 7.69 -14.66
N LEU A 42 -25.59 7.47 -15.94
CA LEU A 42 -25.92 8.54 -16.92
C LEU A 42 -27.39 8.42 -17.34
N LYS A 43 -28.19 9.39 -17.02
CA LYS A 43 -29.63 9.33 -17.40
C LYS A 43 -29.76 9.49 -18.92
N ARG B 1 16.11 11.51 25.02
CA ARG B 1 14.78 11.76 24.40
C ARG B 1 14.90 11.63 22.88
N SER B 2 16.09 11.44 22.38
CA SER B 2 16.28 11.30 20.90
C SER B 2 15.78 9.93 20.46
N ASN B 3 15.25 9.15 21.37
CA ASN B 3 14.75 7.80 21.00
C ASN B 3 13.69 7.36 22.01
N ASP B 4 12.56 8.00 22.01
CA ASP B 4 11.48 7.61 22.97
C ASP B 4 11.16 6.12 22.81
N SER B 5 10.52 5.54 23.78
CA SER B 5 10.18 4.09 23.68
C SER B 5 8.96 3.92 22.76
N SER B 6 8.25 4.97 22.51
CA SER B 6 7.05 4.87 21.62
C SER B 6 7.50 4.83 20.16
N ASP B 7 8.69 5.31 19.88
CA ASP B 7 9.19 5.30 18.48
C ASP B 7 8.20 6.05 17.58
N PRO B 8 8.13 7.34 17.71
CA PRO B 8 7.20 8.16 16.88
C PRO B 8 7.55 8.12 15.40
N LEU B 9 8.82 7.93 15.08
CA LEU B 9 9.22 7.89 13.65
C LEU B 9 8.33 6.91 12.89
N VAL B 10 8.03 5.79 13.48
CA VAL B 10 7.16 4.79 12.80
C VAL B 10 5.77 5.39 12.57
N VAL B 11 5.30 6.17 13.51
CA VAL B 11 3.94 6.78 13.35
C VAL B 11 3.96 7.78 12.19
N ALA B 12 4.80 8.78 12.27
CA ALA B 12 4.87 9.79 11.18
C ALA B 12 4.92 9.05 9.83
N ALA B 13 5.65 7.98 9.77
CA ALA B 13 5.75 7.22 8.50
C ALA B 13 4.43 6.48 8.25
N ASN B 14 3.78 6.05 9.30
CA ASN B 14 2.49 5.33 9.11
C ASN B 14 1.44 6.29 8.56
N ILE B 15 1.12 7.32 9.29
CA ILE B 15 0.12 8.30 8.78
C ILE B 15 0.51 8.72 7.37
N ILE B 16 1.78 8.90 7.12
CA ILE B 16 2.22 9.31 5.76
C ILE B 16 1.65 8.30 4.75
N GLY B 17 1.77 7.04 5.03
CA GLY B 17 1.22 6.02 4.09
C GLY B 17 -0.27 6.29 3.88
N ILE B 18 -0.99 6.52 4.95
CA ILE B 18 -2.44 6.81 4.81
C ILE B 18 -2.61 8.03 3.90
N LEU B 19 -1.96 9.11 4.21
CA LEU B 19 -2.07 10.33 3.37
C LEU B 19 -1.69 10.00 1.93
N HIS B 20 -0.70 9.18 1.75
CA HIS B 20 -0.28 8.83 0.36
C HIS B 20 -1.50 8.33 -0.42
N LEU B 21 -2.27 7.44 0.15
CA LEU B 21 -3.45 6.94 -0.61
C LEU B 21 -4.47 8.07 -0.77
N ILE B 22 -4.63 8.92 0.20
CA ILE B 22 -5.60 10.03 0.05
C ILE B 22 -5.32 10.73 -1.28
N LEU B 23 -4.08 10.89 -1.62
CA LEU B 23 -3.74 11.53 -2.92
C LEU B 23 -4.04 10.54 -4.05
N TRP B 24 -3.84 9.27 -3.79
CA TRP B 24 -4.10 8.23 -4.83
C TRP B 24 -5.58 8.27 -5.22
N ILE B 25 -6.46 8.15 -4.26
CA ILE B 25 -7.92 8.16 -4.58
C ILE B 25 -8.30 9.53 -5.15
N LEU B 26 -7.69 10.59 -4.70
CA LEU B 26 -8.04 11.94 -5.23
C LEU B 26 -7.58 12.04 -6.69
N ASP B 27 -6.30 11.94 -6.93
CA ASP B 27 -5.80 12.03 -8.33
C ASP B 27 -6.66 11.16 -9.25
N ARG B 28 -6.85 9.91 -8.88
CA ARG B 28 -7.67 9.01 -9.73
C ARG B 28 -9.06 9.62 -9.94
N LEU B 29 -9.58 10.28 -8.93
CA LEU B 29 -10.93 10.90 -9.07
C LEU B 29 -10.86 12.04 -10.08
N PHE B 30 -9.90 12.92 -9.94
CA PHE B 30 -9.79 14.05 -10.89
C PHE B 30 -8.38 14.66 -10.80
N PHE B 31 -7.71 14.80 -11.92
CA PHE B 31 -6.34 15.37 -11.89
C PHE B 31 -6.43 16.90 -11.92
N LYS B 32 -7.34 17.45 -12.67
CA LYS B 32 -7.47 18.93 -12.73
C LYS B 32 -7.89 19.46 -11.37
N SER B 33 -7.54 20.68 -11.05
CA SER B 33 -7.91 21.25 -9.74
C SER B 33 -7.82 22.77 -9.79
N ILE B 34 -6.70 23.29 -10.19
CA ILE B 34 -6.54 24.77 -10.26
C ILE B 34 -7.73 25.38 -11.02
N TYR B 35 -8.52 26.18 -10.36
CA TYR B 35 -9.69 26.80 -11.04
C TYR B 35 -9.24 28.07 -11.77
N ARG B 36 -8.29 28.78 -11.21
CA ARG B 36 -7.81 30.03 -11.87
C ARG B 36 -7.35 29.71 -13.29
N PHE B 37 -6.65 30.62 -13.92
CA PHE B 37 -6.17 30.38 -15.30
C PHE B 37 -4.85 31.12 -15.53
N PHE B 38 -4.13 30.77 -16.56
CA PHE B 38 -2.83 31.46 -16.82
C PHE B 38 -3.09 32.72 -17.66
N GLU B 39 -3.95 33.58 -17.20
CA GLU B 39 -4.24 34.84 -17.96
C GLU B 39 -4.51 34.48 -19.42
N HIS B 40 -5.76 34.28 -19.77
CA HIS B 40 -6.08 33.94 -21.18
C HIS B 40 -6.08 35.21 -22.03
N GLY B 41 -5.79 35.08 -23.29
CA GLY B 41 -5.76 36.29 -24.18
C GLY B 41 -5.58 35.86 -25.63
N LEU B 42 -6.45 36.29 -26.50
CA LEU B 42 -6.32 35.89 -27.94
C LEU B 42 -5.25 36.77 -28.60
N LYS B 43 -4.22 36.16 -29.12
CA LYS B 43 -3.15 36.95 -29.78
C LYS B 43 -3.74 37.74 -30.95
N ARG C 1 4.69 -13.40 31.71
CA ARG C 1 3.39 -13.24 31.00
C ARG C 1 2.87 -11.82 31.17
N SER C 2 2.22 -11.54 32.26
CA SER C 2 1.70 -10.17 32.50
C SER C 2 0.60 -9.86 31.47
N ASN C 3 -0.15 -10.86 31.08
CA ASN C 3 -1.23 -10.63 30.08
C ASN C 3 -0.67 -9.84 28.89
N ASP C 4 0.39 -10.32 28.30
CA ASP C 4 0.98 -9.60 27.14
C ASP C 4 -0.06 -9.49 26.02
N SER C 5 0.05 -8.49 25.20
CA SER C 5 -0.94 -8.32 24.09
C SER C 5 -0.49 -7.18 23.18
N SER C 6 0.71 -6.69 23.36
CA SER C 6 1.19 -5.58 22.49
C SER C 6 1.09 -5.99 21.03
N ASP C 7 0.96 -7.26 20.76
CA ASP C 7 0.85 -7.72 19.35
C ASP C 7 2.01 -7.13 18.52
N PRO C 8 3.22 -7.59 18.76
CA PRO C 8 4.39 -7.07 18.01
C PRO C 8 4.33 -7.44 16.52
N LEU C 9 3.65 -8.49 16.18
CA LEU C 9 3.56 -8.90 14.76
C LEU C 9 3.03 -7.73 13.93
N VAL C 10 1.90 -7.19 14.30
CA VAL C 10 1.33 -6.05 13.53
C VAL C 10 2.40 -4.96 13.37
N VAL C 11 3.22 -4.78 14.37
CA VAL C 11 4.28 -3.73 14.28
C VAL C 11 5.34 -4.17 13.26
N ALA C 12 6.07 -5.20 13.56
CA ALA C 12 7.11 -5.67 12.61
C ALA C 12 6.49 -5.78 11.22
N ALA C 13 5.18 -5.81 11.16
CA ALA C 13 4.50 -5.89 9.83
C ALA C 13 4.22 -4.49 9.31
N ASN C 14 4.07 -3.54 10.19
CA ASN C 14 3.81 -2.14 9.75
C ASN C 14 5.08 -1.56 9.13
N ILE C 15 6.21 -1.87 9.67
CA ILE C 15 7.48 -1.32 9.10
C ILE C 15 7.54 -1.62 7.60
N ILE C 16 7.23 -2.83 7.21
CA ILE C 16 7.26 -3.15 5.76
C ILE C 16 6.04 -2.55 5.09
N GLY C 17 4.95 -2.45 5.80
CA GLY C 17 3.72 -1.85 5.19
C GLY C 17 4.06 -0.46 4.67
N ILE C 18 4.74 0.33 5.46
CA ILE C 18 5.11 1.69 5.02
C ILE C 18 6.13 1.58 3.88
N LEU C 19 7.21 0.86 4.09
CA LEU C 19 8.23 0.70 3.03
C LEU C 19 7.52 0.30 1.73
N HIS C 20 6.48 -0.48 1.83
CA HIS C 20 5.75 -0.91 0.61
C HIS C 20 5.14 0.32 -0.06
N LEU C 21 4.31 1.03 0.64
CA LEU C 21 3.66 2.24 0.05
C LEU C 21 4.75 3.19 -0.49
N ILE C 22 5.76 3.44 0.28
CA ILE C 22 6.83 4.36 -0.18
C ILE C 22 7.39 3.85 -1.52
N LEU C 23 7.46 2.56 -1.69
CA LEU C 23 7.98 2.01 -2.98
C LEU C 23 6.90 2.10 -4.06
N TRP C 24 5.76 1.51 -3.81
CA TRP C 24 4.67 1.55 -4.82
C TRP C 24 4.42 2.99 -5.27
N ILE C 25 4.19 3.89 -4.35
CA ILE C 25 3.96 5.30 -4.73
C ILE C 25 5.17 5.83 -5.49
N LEU C 26 6.37 5.53 -5.03
CA LEU C 26 7.58 6.02 -5.75
C LEU C 26 7.50 5.60 -7.21
N ASP C 27 6.88 4.48 -7.47
CA ASP C 27 6.77 4.00 -8.88
C ASP C 27 5.67 4.81 -9.61
N ARG C 28 4.64 5.17 -8.90
CA ARG C 28 3.54 5.94 -9.55
C ARG C 28 4.03 7.35 -9.88
N LEU C 29 4.95 7.87 -9.09
CA LEU C 29 5.46 9.24 -9.35
C LEU C 29 6.78 9.16 -10.14
N PHE C 30 7.38 8.01 -10.19
CA PHE C 30 8.66 7.86 -10.94
C PHE C 30 8.75 6.46 -11.54
N PHE C 31 7.67 5.93 -12.03
CA PHE C 31 7.70 4.57 -12.63
C PHE C 31 8.89 4.47 -13.59
N LYS C 32 9.33 5.58 -14.12
CA LYS C 32 10.48 5.55 -15.07
C LYS C 32 11.77 5.26 -14.29
N SER C 33 11.90 5.81 -13.12
CA SER C 33 13.13 5.56 -12.33
C SER C 33 13.14 4.11 -11.84
N ILE C 34 12.04 3.63 -11.33
CA ILE C 34 11.99 2.22 -10.84
C ILE C 34 12.34 1.28 -12.00
N TYR C 35 11.74 1.47 -13.14
CA TYR C 35 12.04 0.59 -14.30
C TYR C 35 13.52 0.70 -14.66
N ARG C 36 14.05 1.89 -14.64
CA ARG C 36 15.49 2.07 -14.99
C ARG C 36 16.36 1.58 -13.83
N PHE C 37 15.86 1.68 -12.63
CA PHE C 37 16.67 1.22 -11.46
C PHE C 37 17.03 -0.26 -11.64
N PHE C 38 16.11 -1.04 -12.14
CA PHE C 38 16.40 -2.49 -12.34
C PHE C 38 17.24 -2.67 -13.61
N GLU C 39 17.05 -1.82 -14.58
CA GLU C 39 17.83 -1.95 -15.85
C GLU C 39 19.32 -1.85 -15.54
N HIS C 40 20.04 -2.92 -15.70
CA HIS C 40 21.51 -2.88 -15.41
C HIS C 40 22.20 -1.96 -16.42
N GLY C 41 22.16 -2.31 -17.67
CA GLY C 41 22.82 -1.45 -18.70
C GLY C 41 23.00 -2.24 -19.99
N LEU C 42 22.71 -1.64 -21.11
CA LEU C 42 22.87 -2.37 -22.41
C LEU C 42 24.25 -2.09 -22.99
N LYS C 43 25.07 -3.08 -23.11
CA LYS C 43 26.44 -2.87 -23.67
C LYS C 43 26.34 -2.57 -25.16
N ARG D 1 -12.41 -18.97 22.47
CA ARG D 1 -11.20 -18.99 21.60
C ARG D 1 -11.54 -18.40 20.23
N SER D 2 -12.79 -18.10 20.01
CA SER D 2 -13.19 -17.52 18.69
C SER D 2 -12.74 -16.06 18.62
N ASN D 3 -12.06 -15.59 19.62
CA ASN D 3 -11.59 -14.17 19.61
C ASN D 3 -10.38 -14.03 20.53
N ASP D 4 -9.27 -14.62 20.18
CA ASP D 4 -8.06 -14.51 21.03
C ASP D 4 -7.73 -13.04 21.28
N SER D 5 -6.94 -12.76 22.28
CA SER D 5 -6.59 -11.34 22.56
C SER D 5 -5.52 -10.87 21.58
N SER D 6 -4.87 -11.78 20.90
CA SER D 6 -3.83 -11.38 19.92
C SER D 6 -4.50 -10.91 18.63
N ASP D 7 -5.72 -11.32 18.41
CA ASP D 7 -6.42 -10.89 17.16
C ASP D 7 -5.60 -11.31 15.94
N PRO D 8 -5.53 -12.58 15.66
CA PRO D 8 -4.76 -13.08 14.49
C PRO D 8 -5.33 -12.60 13.15
N LEU D 9 -6.62 -12.36 13.11
CA LEU D 9 -7.25 -11.90 11.84
C LEU D 9 -6.45 -10.71 11.28
N VAL D 10 -6.04 -9.81 12.13
CA VAL D 10 -5.26 -8.63 11.66
C VAL D 10 -3.93 -9.10 11.07
N VAL D 11 -3.34 -10.12 11.63
CA VAL D 11 -2.04 -10.62 11.10
C VAL D 11 -2.26 -11.22 9.70
N ALA D 12 -3.10 -12.22 9.60
CA ALA D 12 -3.35 -12.84 8.27
C ALA D 12 -3.60 -11.74 7.24
N ALA D 13 -4.31 -10.71 7.62
CA ALA D 13 -4.58 -9.60 6.67
C ALA D 13 -3.29 -8.80 6.46
N ASN D 14 -2.47 -8.68 7.48
CA ASN D 14 -1.21 -7.91 7.33
C ASN D 14 -0.29 -8.63 6.35
N ILE D 15 0.11 -9.83 6.68
CA ILE D 15 1.01 -10.58 5.76
C ILE D 15 0.41 -10.56 4.36
N ILE D 16 -0.90 -10.69 4.27
CA ILE D 16 -1.55 -10.67 2.93
C ILE D 16 -1.11 -9.40 2.20
N GLY D 17 -1.15 -8.28 2.86
CA GLY D 17 -0.74 -7.01 2.21
C GLY D 17 0.70 -7.17 1.70
N ILE D 18 1.57 -7.69 2.53
CA ILE D 18 2.98 -7.89 2.09
C ILE D 18 2.99 -8.77 0.83
N LEU D 19 2.36 -9.92 0.91
CA LEU D 19 2.31 -10.82 -0.28
C LEU D 19 1.73 -10.07 -1.48
N HIS D 20 0.74 -9.26 -1.25
CA HIS D 20 0.12 -8.51 -2.38
C HIS D 20 1.22 -7.77 -3.14
N LEU D 21 2.09 -7.08 -2.46
CA LEU D 21 3.16 -6.35 -3.20
C LEU D 21 4.11 -7.35 -3.86
N ILE D 22 4.39 -8.44 -3.21
CA ILE D 22 5.31 -9.44 -3.84
C ILE D 22 4.82 -9.69 -5.27
N LEU D 23 3.53 -9.79 -5.44
CA LEU D 23 2.98 -10.01 -6.82
C LEU D 23 3.13 -8.71 -7.61
N TRP D 24 3.00 -7.59 -6.96
CA TRP D 24 3.13 -6.27 -7.65
C TRP D 24 4.53 -6.16 -8.26
N ILE D 25 5.55 -6.31 -7.46
CA ILE D 25 6.94 -6.20 -7.98
C ILE D 25 7.21 -7.31 -9.00
N LEU D 26 6.65 -8.47 -8.79
CA LEU D 26 6.87 -9.59 -9.76
C LEU D 26 6.20 -9.26 -11.09
N ASP D 27 4.91 -9.11 -11.09
CA ASP D 27 4.20 -8.79 -12.37
C ASP D 27 4.92 -7.65 -13.08
N ARG D 28 5.20 -6.58 -12.39
CA ARG D 28 5.90 -5.44 -13.05
C ARG D 28 7.23 -5.93 -13.62
N LEU D 29 7.88 -6.84 -12.96
CA LEU D 29 9.17 -7.36 -13.48
C LEU D 29 8.93 -8.14 -14.77
N PHE D 30 7.98 -9.04 -14.77
CA PHE D 30 7.70 -9.84 -15.99
C PHE D 30 6.31 -10.48 -15.88
N PHE D 31 5.48 -10.28 -16.87
CA PHE D 31 4.11 -10.88 -16.82
C PHE D 31 4.16 -12.33 -17.31
N LYS D 32 4.94 -12.59 -18.32
CA LYS D 32 5.03 -13.97 -18.85
C LYS D 32 5.63 -14.89 -17.79
N SER D 33 5.32 -16.15 -17.82
CA SER D 33 5.87 -17.09 -16.80
C SER D 33 5.73 -18.53 -17.31
N ILE D 34 4.55 -18.93 -17.67
CA ILE D 34 4.35 -20.32 -18.17
C ILE D 34 5.39 -20.64 -19.24
N TYR D 35 6.26 -21.58 -18.98
CA TYR D 35 7.29 -21.93 -19.99
C TYR D 35 6.72 -22.94 -20.99
N ARG D 36 5.85 -23.80 -20.54
CA ARG D 36 5.25 -24.81 -21.47
C ARG D 36 4.58 -24.08 -22.64
N PHE D 37 3.78 -24.78 -23.40
CA PHE D 37 3.10 -24.13 -24.55
C PHE D 37 1.74 -24.80 -24.79
N PHE D 38 0.88 -24.18 -25.54
CA PHE D 38 -0.45 -24.79 -25.81
C PHE D 38 -0.35 -25.73 -27.02
N GLU D 39 0.54 -26.67 -26.97
CA GLU D 39 0.69 -27.62 -28.11
C GLU D 39 0.74 -26.83 -29.43
N HIS D 40 1.92 -26.51 -29.88
CA HIS D 40 2.05 -25.74 -31.15
C HIS D 40 1.89 -26.70 -32.33
N GLY D 41 1.41 -26.20 -33.44
CA GLY D 41 1.22 -27.08 -34.63
C GLY D 41 0.83 -26.24 -35.85
N LEU D 42 1.55 -26.36 -36.92
CA LEU D 42 1.22 -25.55 -38.14
C LEU D 42 0.04 -26.20 -38.87
N LYS D 43 -1.05 -25.50 -39.01
CA LYS D 43 -2.22 -26.07 -39.72
C LYS D 43 -1.83 -26.45 -41.14
N ARG A 1 -0.95 9.34 29.85
CA ARG A 1 -0.06 9.21 28.65
C ARG A 1 0.57 7.82 28.64
N SER A 2 1.24 7.48 27.58
CA SER A 2 1.88 6.14 27.50
C SER A 2 2.73 5.90 28.75
N ASN A 3 3.05 4.67 29.04
CA ASN A 3 3.87 4.37 30.24
C ASN A 3 4.32 2.91 30.22
N ASP A 4 4.32 2.30 29.07
CA ASP A 4 4.75 0.87 28.98
C ASP A 4 5.29 0.59 27.58
N SER A 5 6.00 -0.50 27.42
CA SER A 5 6.55 -0.83 26.07
C SER A 5 5.42 -1.33 25.17
N SER A 6 4.68 -0.43 24.59
CA SER A 6 3.57 -0.85 23.69
C SER A 6 3.35 0.21 22.61
N ASP A 7 2.65 -0.14 21.57
CA ASP A 7 2.39 0.86 20.48
C ASP A 7 1.07 0.53 19.79
N PRO A 8 -0.03 0.73 20.46
CA PRO A 8 -1.37 0.45 19.87
C PRO A 8 -1.69 1.36 18.68
N LEU A 9 -1.13 2.53 18.67
CA LEU A 9 -1.40 3.48 17.54
C LEU A 9 -1.01 2.80 16.21
N VAL A 10 0.19 2.29 16.13
CA VAL A 10 0.61 1.62 14.86
C VAL A 10 -0.42 0.57 14.47
N VAL A 11 -1.01 -0.08 15.44
CA VAL A 11 -2.02 -1.13 15.12
C VAL A 11 -3.24 -0.47 14.46
N ALA A 12 -3.94 0.36 15.19
CA ALA A 12 -5.13 1.04 14.59
C ALA A 12 -4.71 1.65 13.25
N ALA A 13 -3.44 1.81 13.04
CA ALA A 13 -2.95 2.39 11.76
C ALA A 13 -2.76 1.28 10.73
N ASN A 14 -2.49 0.09 11.19
CA ASN A 14 -2.29 -1.05 10.25
C ASN A 14 -3.63 -1.49 9.68
N ILE A 15 -4.65 -1.49 10.49
CA ILE A 15 -5.99 -1.93 9.99
C ILE A 15 -6.32 -1.17 8.69
N ILE A 16 -6.08 0.11 8.66
CA ILE A 16 -6.37 0.87 7.42
C ILE A 16 -5.26 0.62 6.40
N GLY A 17 -4.05 0.49 6.86
CA GLY A 17 -2.92 0.23 5.92
C GLY A 17 -3.23 -1.02 5.10
N ILE A 18 -3.66 -2.08 5.74
CA ILE A 18 -3.98 -3.32 5.00
C ILE A 18 -5.21 -3.07 4.12
N LEU A 19 -6.29 -2.66 4.70
CA LEU A 19 -7.51 -2.40 3.87
C LEU A 19 -7.13 -1.52 2.68
N HIS A 20 -6.19 -0.64 2.87
CA HIS A 20 -5.75 0.24 1.75
C HIS A 20 -5.16 -0.62 0.63
N LEU A 21 -4.22 -1.44 0.96
CA LEU A 21 -3.60 -2.31 -0.08
C LEU A 21 -4.68 -3.12 -0.80
N ILE A 22 -5.66 -3.57 -0.09
CA ILE A 22 -6.75 -4.37 -0.74
C ILE A 22 -7.56 -3.47 -1.67
N LEU A 23 -7.66 -2.20 -1.36
CA LEU A 23 -8.44 -1.27 -2.22
C LEU A 23 -7.59 -0.82 -3.41
N TRP A 24 -6.44 -0.28 -3.16
CA TRP A 24 -5.56 0.18 -4.26
C TRP A 24 -5.38 -0.93 -5.29
N ILE A 25 -5.17 -2.15 -4.84
CA ILE A 25 -4.98 -3.26 -5.81
C ILE A 25 -6.32 -3.62 -6.46
N LEU A 26 -7.38 -3.70 -5.68
CA LEU A 26 -8.70 -4.05 -6.27
C LEU A 26 -8.95 -3.17 -7.50
N ASP A 27 -8.50 -1.95 -7.45
CA ASP A 27 -8.71 -1.04 -8.62
C ASP A 27 -7.72 -1.40 -9.73
N ARG A 28 -6.47 -1.57 -9.39
CA ARG A 28 -5.46 -1.91 -10.42
C ARG A 28 -5.97 -3.10 -11.25
N LEU A 29 -6.79 -3.94 -10.67
CA LEU A 29 -7.32 -5.12 -11.43
C LEU A 29 -8.77 -4.87 -11.84
N PHE A 30 -9.41 -3.90 -11.24
CA PHE A 30 -10.84 -3.63 -11.60
C PHE A 30 -11.12 -2.12 -11.49
N PHE A 31 -10.22 -1.30 -11.96
CA PHE A 31 -10.44 0.17 -11.88
C PHE A 31 -11.81 0.51 -12.44
N LYS A 32 -12.24 -0.17 -13.47
CA LYS A 32 -13.58 0.12 -14.05
C LYS A 32 -14.67 -0.11 -12.99
N SER A 33 -14.43 -1.01 -12.07
CA SER A 33 -15.45 -1.27 -11.02
C SER A 33 -15.38 -0.16 -9.96
N ILE A 34 -14.22 0.12 -9.44
CA ILE A 34 -14.11 1.18 -8.42
C ILE A 34 -14.57 2.51 -9.00
N TYR A 35 -14.25 2.78 -10.25
CA TYR A 35 -14.68 4.05 -10.87
C TYR A 35 -16.21 4.09 -10.97
N ARG A 36 -16.80 3.06 -11.53
CA ARG A 36 -18.29 3.04 -11.64
C ARG A 36 -18.91 3.17 -10.25
N PHE A 37 -18.34 2.51 -9.27
CA PHE A 37 -18.91 2.59 -7.89
C PHE A 37 -19.15 4.05 -7.54
N PHE A 38 -18.14 4.88 -7.62
CA PHE A 38 -18.32 6.32 -7.28
C PHE A 38 -19.34 6.94 -8.24
N GLU A 39 -19.54 6.35 -9.39
CA GLU A 39 -20.53 6.90 -10.36
C GLU A 39 -20.12 8.33 -10.74
N HIS A 40 -21.01 9.08 -11.31
CA HIS A 40 -20.68 10.48 -11.70
C HIS A 40 -21.95 11.33 -11.71
N GLY A 41 -23.09 10.70 -11.83
CA GLY A 41 -24.37 11.47 -11.84
C GLY A 41 -25.54 10.52 -12.02
N LEU A 42 -26.74 10.98 -11.80
CA LEU A 42 -27.93 10.10 -11.96
C LEU A 42 -28.13 9.78 -13.44
N LYS A 43 -28.25 8.52 -13.78
CA LYS A 43 -28.44 8.14 -15.20
C LYS A 43 -29.83 8.61 -15.66
N ARG B 1 20.57 -8.77 19.98
CA ARG B 1 19.20 -9.15 20.39
C ARG B 1 18.18 -8.20 19.76
N SER B 2 18.65 -7.11 19.21
CA SER B 2 17.71 -6.14 18.58
C SER B 2 16.64 -5.73 19.60
N ASN B 3 15.70 -4.92 19.18
CA ASN B 3 14.63 -4.48 20.13
C ASN B 3 13.59 -3.66 19.35
N ASP B 4 12.34 -3.79 19.72
CA ASP B 4 11.28 -3.02 19.01
C ASP B 4 11.28 -1.57 19.50
N SER B 5 11.75 -0.66 18.69
CA SER B 5 11.79 0.77 19.11
C SER B 5 10.37 1.35 19.07
N SER B 6 9.64 1.10 18.01
CA SER B 6 8.26 1.64 17.92
C SER B 6 8.27 3.15 18.21
N ASP B 7 9.40 3.79 18.05
CA ASP B 7 9.46 5.25 18.32
C ASP B 7 8.35 5.96 17.52
N PRO B 8 8.00 7.17 17.90
CA PRO B 8 6.94 7.92 17.17
C PRO B 8 7.22 8.02 15.66
N LEU B 9 8.47 7.99 15.29
CA LEU B 9 8.80 8.08 13.83
C LEU B 9 7.94 7.08 13.05
N VAL B 10 7.71 5.92 13.60
CA VAL B 10 6.90 4.91 12.87
C VAL B 10 5.46 5.42 12.71
N VAL B 11 4.96 6.14 13.68
CA VAL B 11 3.58 6.66 13.58
C VAL B 11 3.52 7.71 12.46
N ALA B 12 4.32 8.73 12.55
CA ALA B 12 4.31 9.78 11.49
C ALA B 12 4.40 9.09 10.12
N ALA B 13 5.16 8.04 10.03
CA ALA B 13 5.27 7.32 8.74
C ALA B 13 3.98 6.55 8.47
N ASN B 14 3.36 6.04 9.49
CA ASN B 14 2.08 5.29 9.30
C ASN B 14 1.00 6.23 8.77
N ILE B 15 0.65 7.23 9.54
CA ILE B 15 -0.40 8.18 9.07
C ILE B 15 -0.02 8.67 7.67
N ILE B 16 1.24 8.92 7.45
CA ILE B 16 1.66 9.39 6.10
C ILE B 16 1.16 8.38 5.07
N GLY B 17 1.27 7.11 5.35
CA GLY B 17 0.77 6.09 4.40
C GLY B 17 -0.71 6.32 4.14
N ILE B 18 -1.47 6.52 5.18
CA ILE B 18 -2.93 6.77 4.97
C ILE B 18 -3.10 7.98 4.06
N LEU B 19 -2.27 8.98 4.23
CA LEU B 19 -2.35 10.19 3.38
C LEU B 19 -1.90 9.84 1.95
N HIS B 20 -0.93 8.98 1.82
CA HIS B 20 -0.45 8.62 0.47
C HIS B 20 -1.64 8.13 -0.36
N LEU B 21 -2.42 7.22 0.16
CA LEU B 21 -3.57 6.73 -0.63
C LEU B 21 -4.60 7.85 -0.79
N ILE B 22 -4.78 8.67 0.21
CA ILE B 22 -5.77 9.78 0.07
C ILE B 22 -5.50 10.52 -1.24
N LEU B 23 -4.25 10.67 -1.58
CA LEU B 23 -3.90 11.34 -2.86
C LEU B 23 -4.21 10.38 -4.01
N TRP B 24 -3.89 9.12 -3.84
CA TRP B 24 -4.16 8.11 -4.90
C TRP B 24 -5.64 8.18 -5.30
N ILE B 25 -6.53 8.08 -4.35
CA ILE B 25 -7.98 8.12 -4.67
C ILE B 25 -8.35 9.53 -5.18
N LEU B 26 -7.71 10.55 -4.67
CA LEU B 26 -8.02 11.93 -5.13
C LEU B 26 -7.68 12.06 -6.62
N ASP B 27 -6.45 11.84 -6.99
CA ASP B 27 -6.05 11.95 -8.41
C ASP B 27 -6.99 11.09 -9.27
N ARG B 28 -7.29 9.90 -8.82
CA ARG B 28 -8.19 9.02 -9.61
C ARG B 28 -9.58 9.66 -9.71
N LEU B 29 -9.96 10.41 -8.72
CA LEU B 29 -11.30 11.08 -8.77
C LEU B 29 -11.25 12.27 -9.73
N PHE B 30 -10.43 13.23 -9.44
CA PHE B 30 -10.33 14.42 -10.33
C PHE B 30 -11.72 15.02 -10.53
N PHE B 31 -11.84 16.02 -11.38
CA PHE B 31 -13.17 16.64 -11.61
C PHE B 31 -13.91 15.89 -12.72
N LYS B 32 -15.10 16.30 -13.04
CA LYS B 32 -15.86 15.61 -14.12
C LYS B 32 -15.03 15.60 -15.41
N SER B 33 -15.19 14.60 -16.22
CA SER B 33 -14.42 14.53 -17.49
C SER B 33 -14.68 15.80 -18.31
N ILE B 34 -15.87 16.32 -18.25
CA ILE B 34 -16.19 17.56 -19.02
C ILE B 34 -15.69 18.79 -18.25
N TYR B 35 -14.73 19.48 -18.80
CA TYR B 35 -14.21 20.69 -18.10
C TYR B 35 -15.31 21.74 -17.98
N ARG B 36 -15.37 22.42 -16.87
CA ARG B 36 -16.43 23.45 -16.68
C ARG B 36 -16.03 24.39 -15.54
N PHE B 37 -15.79 25.64 -15.85
CA PHE B 37 -15.40 26.60 -14.78
C PHE B 37 -16.66 27.12 -14.07
N PHE B 38 -17.07 28.32 -14.38
CA PHE B 38 -18.28 28.89 -13.74
C PHE B 38 -18.99 29.83 -14.72
N GLU B 39 -18.32 30.22 -15.77
CA GLU B 39 -18.94 31.14 -16.75
C GLU B 39 -19.69 30.32 -17.81
N HIS B 40 -20.71 30.89 -18.41
CA HIS B 40 -21.47 30.14 -19.44
C HIS B 40 -22.09 31.13 -20.43
N GLY B 41 -22.64 32.21 -19.94
CA GLY B 41 -23.25 33.21 -20.86
C GLY B 41 -24.27 34.05 -20.09
N LEU B 42 -23.88 35.23 -19.66
CA LEU B 42 -24.83 36.09 -18.90
C LEU B 42 -26.00 36.47 -19.80
N LYS B 43 -25.74 36.71 -21.06
CA LYS B 43 -26.85 37.09 -21.99
C LYS B 43 -27.87 35.95 -22.05
N ARG C 1 5.22 -17.94 25.09
CA ARG C 1 4.16 -17.49 24.15
C ARG C 1 3.57 -16.16 24.65
N SER C 2 2.75 -15.54 23.86
CA SER C 2 2.13 -14.24 24.29
C SER C 2 1.49 -14.42 25.66
N ASN C 3 1.25 -13.35 26.36
CA ASN C 3 0.63 -13.46 27.71
C ASN C 3 0.21 -12.06 28.20
N ASP C 4 0.05 -11.14 27.30
CA ASP C 4 -0.35 -9.76 27.71
C ASP C 4 -1.09 -9.08 26.57
N SER C 5 -1.79 -8.00 26.84
CA SER C 5 -2.54 -7.30 25.77
C SER C 5 -1.55 -6.52 24.90
N SER C 6 -0.91 -7.18 23.97
CA SER C 6 0.06 -6.47 23.09
C SER C 6 0.09 -7.16 21.71
N ASP C 7 0.63 -6.48 20.72
CA ASP C 7 0.69 -7.09 19.37
C ASP C 7 1.91 -6.55 18.62
N PRO C 8 3.09 -6.92 19.02
CA PRO C 8 4.33 -6.44 18.35
C PRO C 8 4.45 -6.94 16.91
N LEU C 9 3.87 -8.06 16.62
CA LEU C 9 3.94 -8.61 15.23
C LEU C 9 3.37 -7.57 14.26
N VAL C 10 2.19 -7.09 14.51
CA VAL C 10 1.59 -6.08 13.59
C VAL C 10 2.57 -4.93 13.38
N VAL C 11 3.32 -4.58 14.41
CA VAL C 11 4.30 -3.48 14.27
C VAL C 11 5.39 -3.87 13.27
N ALA C 12 6.17 -4.85 13.58
CA ALA C 12 7.23 -5.29 12.64
C ALA C 12 6.61 -5.48 11.26
N ALA C 13 5.31 -5.60 11.20
CA ALA C 13 4.63 -5.79 9.89
C ALA C 13 4.31 -4.42 9.30
N ASN C 14 4.14 -3.42 10.13
CA ASN C 14 3.81 -2.07 9.61
C ASN C 14 5.07 -1.43 9.02
N ILE C 15 6.21 -1.65 9.62
CA ILE C 15 7.47 -1.06 9.08
C ILE C 15 7.57 -1.36 7.59
N ILE C 16 7.31 -2.59 7.20
CA ILE C 16 7.40 -2.93 5.76
C ILE C 16 6.14 -2.41 5.04
N GLY C 17 5.02 -2.45 5.70
CA GLY C 17 3.77 -1.94 5.06
C GLY C 17 3.98 -0.50 4.62
N ILE C 18 4.52 0.31 5.48
CA ILE C 18 4.76 1.74 5.12
C ILE C 18 5.82 1.81 4.02
N LEU C 19 6.98 1.26 4.28
CA LEU C 19 8.05 1.29 3.24
C LEU C 19 7.48 0.81 1.92
N HIS C 20 6.55 -0.11 1.96
CA HIS C 20 5.94 -0.63 0.70
C HIS C 20 5.21 0.52 0.01
N LEU C 21 4.34 1.19 0.71
CA LEU C 21 3.58 2.31 0.09
C LEU C 21 4.55 3.33 -0.51
N ILE C 22 5.66 3.56 0.14
CA ILE C 22 6.64 4.54 -0.38
C ILE C 22 7.29 3.99 -1.65
N LEU C 23 7.41 2.69 -1.76
CA LEU C 23 8.04 2.08 -2.96
C LEU C 23 7.00 2.00 -4.10
N TRP C 24 5.88 1.38 -3.84
CA TRP C 24 4.84 1.25 -4.90
C TRP C 24 4.53 2.63 -5.50
N ILE C 25 4.41 3.64 -4.68
CA ILE C 25 4.11 5.00 -5.23
C ILE C 25 5.35 5.56 -5.93
N LEU C 26 6.50 5.43 -5.33
CA LEU C 26 7.73 5.97 -5.97
C LEU C 26 7.78 5.51 -7.43
N ASP C 27 7.32 4.32 -7.70
CA ASP C 27 7.33 3.82 -9.10
C ASP C 27 6.19 4.47 -9.88
N ARG C 28 5.01 4.50 -9.32
CA ARG C 28 3.86 5.12 -10.04
C ARG C 28 4.26 6.51 -10.55
N LEU C 29 5.18 7.16 -9.87
CA LEU C 29 5.61 8.52 -10.29
C LEU C 29 6.99 8.44 -10.97
N PHE C 30 7.70 7.36 -10.80
CA PHE C 30 9.04 7.24 -11.44
C PHE C 30 9.30 5.78 -11.83
N PHE C 31 8.32 5.12 -12.39
CA PHE C 31 8.51 3.70 -12.80
C PHE C 31 9.79 3.58 -13.63
N LYS C 32 10.06 4.55 -14.45
CA LYS C 32 11.29 4.48 -15.30
C LYS C 32 12.53 4.40 -14.39
N SER C 33 12.46 4.98 -13.23
CA SER C 33 13.63 4.93 -12.30
C SER C 33 13.69 3.55 -11.64
N ILE C 34 12.62 3.11 -11.06
CA ILE C 34 12.64 1.76 -10.40
C ILE C 34 12.99 0.70 -11.43
N TYR C 35 12.47 0.81 -12.63
CA TYR C 35 12.77 -0.20 -13.67
C TYR C 35 14.26 -0.16 -13.99
N ARG C 36 14.79 0.99 -14.30
CA ARG C 36 16.24 1.09 -14.62
C ARG C 36 17.06 0.56 -13.45
N PHE C 37 16.67 0.87 -12.24
CA PHE C 37 17.43 0.38 -11.05
C PHE C 37 17.69 -1.12 -11.20
N PHE C 38 16.67 -1.90 -11.38
CA PHE C 38 16.86 -3.36 -11.53
C PHE C 38 17.72 -3.64 -12.77
N GLU C 39 17.75 -2.71 -13.69
CA GLU C 39 18.56 -2.93 -14.93
C GLU C 39 18.07 -4.18 -15.65
N HIS C 40 18.86 -4.70 -16.56
CA HIS C 40 18.43 -5.92 -17.30
C HIS C 40 19.67 -6.70 -17.75
N GLY C 41 20.79 -6.04 -17.85
CA GLY C 41 22.02 -6.73 -18.29
C GLY C 41 23.18 -5.74 -18.34
N LEU C 42 24.39 -6.22 -18.46
CA LEU C 42 25.56 -5.31 -18.52
C LEU C 42 25.54 -4.54 -19.85
N LYS C 43 25.65 -3.24 -19.80
CA LYS C 43 25.63 -2.43 -21.05
C LYS C 43 26.91 -2.71 -21.84
N ARG D 1 -17.13 1.77 24.56
CA ARG D 1 -15.70 2.05 24.86
C ARG D 1 -14.81 1.35 23.82
N SER D 2 -15.38 0.48 23.04
CA SER D 2 -14.57 -0.23 22.01
C SER D 2 -13.36 -0.91 22.68
N ASN D 3 -12.52 -1.53 21.91
CA ASN D 3 -11.33 -2.21 22.49
C ASN D 3 -10.43 -2.73 21.37
N ASP D 4 -9.14 -2.68 21.55
CA ASP D 4 -8.22 -3.18 20.50
C ASP D 4 -8.19 -4.71 20.52
N SER D 5 -8.78 -5.34 19.55
CA SER D 5 -8.79 -6.84 19.52
C SER D 5 -7.41 -7.34 19.10
N SER D 6 -6.85 -6.76 18.06
CA SER D 6 -5.50 -7.21 17.60
C SER D 6 -5.50 -8.74 17.42
N ASP D 7 -6.66 -9.32 17.25
CA ASP D 7 -6.72 -10.80 17.06
C ASP D 7 -5.76 -11.21 15.93
N PRO D 8 -5.39 -12.47 15.87
CA PRO D 8 -4.46 -12.94 14.79
C PRO D 8 -4.96 -12.58 13.39
N LEU D 9 -6.25 -12.46 13.23
CA LEU D 9 -6.80 -12.12 11.88
C LEU D 9 -6.06 -10.91 11.32
N VAL D 10 -5.72 -9.96 12.15
CA VAL D 10 -4.99 -8.75 11.66
C VAL D 10 -3.62 -9.17 11.14
N VAL D 11 -2.99 -10.13 11.76
CA VAL D 11 -1.65 -10.57 11.28
C VAL D 11 -1.79 -11.22 9.91
N ALA D 12 -2.58 -12.25 9.80
CA ALA D 12 -2.76 -12.91 8.49
C ALA D 12 -3.04 -11.84 7.42
N ALA D 13 -3.77 -10.83 7.77
CA ALA D 13 -4.06 -9.76 6.79
C ALA D 13 -2.81 -8.92 6.57
N ASN D 14 -2.03 -8.73 7.61
CA ASN D 14 -0.79 -7.91 7.46
C ASN D 14 0.18 -8.64 6.51
N ILE D 15 0.64 -9.80 6.88
CA ILE D 15 1.57 -10.54 5.99
C ILE D 15 0.98 -10.59 4.58
N ILE D 16 -0.31 -10.80 4.48
CA ILE D 16 -0.94 -10.84 3.13
C ILE D 16 -0.57 -9.55 2.39
N GLY D 17 -0.62 -8.44 3.06
CA GLY D 17 -0.24 -7.15 2.40
C GLY D 17 1.18 -7.27 1.86
N ILE D 18 2.08 -7.75 2.66
CA ILE D 18 3.48 -7.89 2.19
C ILE D 18 3.48 -8.77 0.92
N LEU D 19 2.66 -9.79 0.91
CA LEU D 19 2.60 -10.68 -0.27
C LEU D 19 1.94 -9.93 -1.43
N HIS D 20 0.98 -9.09 -1.15
CA HIS D 20 0.32 -8.34 -2.24
C HIS D 20 1.37 -7.60 -3.05
N LEU D 21 2.24 -6.87 -2.40
CA LEU D 21 3.28 -6.14 -3.18
C LEU D 21 4.25 -7.13 -3.82
N ILE D 22 4.56 -8.21 -3.16
CA ILE D 22 5.50 -9.21 -3.77
C ILE D 22 5.00 -9.50 -5.18
N LEU D 23 3.71 -9.57 -5.37
CA LEU D 23 3.17 -9.84 -6.73
C LEU D 23 3.31 -8.56 -7.57
N TRP D 24 3.06 -7.43 -6.97
CA TRP D 24 3.19 -6.14 -7.70
C TRP D 24 4.58 -6.05 -8.32
N ILE D 25 5.61 -6.23 -7.53
CA ILE D 25 7.00 -6.14 -8.07
C ILE D 25 7.25 -7.30 -9.03
N LEU D 26 6.66 -8.44 -8.77
CA LEU D 26 6.87 -9.61 -9.67
C LEU D 26 6.31 -9.29 -11.05
N ASP D 27 5.05 -9.01 -11.14
CA ASP D 27 4.44 -8.68 -12.46
C ASP D 27 5.25 -7.58 -13.14
N ARG D 28 5.64 -6.58 -12.40
CA ARG D 28 6.44 -5.47 -13.00
C ARG D 28 7.77 -6.03 -13.51
N LEU D 29 8.29 -7.04 -12.86
CA LEU D 29 9.59 -7.61 -13.31
C LEU D 29 9.37 -8.45 -14.57
N PHE D 30 8.57 -9.48 -14.47
CA PHE D 30 8.32 -10.35 -15.66
C PHE D 30 9.65 -10.83 -16.23
N PHE D 31 9.62 -11.51 -17.35
CA PHE D 31 10.88 -12.00 -17.96
C PHE D 31 11.46 -10.94 -18.88
N LYS D 32 12.58 -11.20 -19.50
CA LYS D 32 13.18 -10.20 -20.42
C LYS D 32 12.18 -9.82 -21.50
N SER D 33 12.24 -8.60 -21.98
CA SER D 33 11.28 -8.19 -23.04
C SER D 33 11.38 -9.14 -24.24
N ILE D 34 12.56 -9.62 -24.51
CA ILE D 34 12.73 -10.55 -25.66
C ILE D 34 12.32 -11.96 -25.24
N TYR D 35 11.28 -12.48 -25.83
CA TYR D 35 10.83 -13.86 -25.46
C TYR D 35 11.93 -14.87 -25.82
N ARG D 36 12.14 -15.86 -24.99
CA ARG D 36 13.19 -16.87 -25.29
C ARG D 36 12.94 -18.12 -24.44
N PHE D 37 12.64 -19.23 -25.07
CA PHE D 37 12.38 -20.47 -24.31
C PHE D 37 13.72 -21.15 -23.99
N PHE D 38 14.06 -22.18 -24.71
CA PHE D 38 15.34 -22.89 -24.46
C PHE D 38 15.87 -23.48 -25.77
N GLU D 39 15.04 -23.55 -26.77
CA GLU D 39 15.49 -24.11 -28.07
C GLU D 39 16.09 -22.99 -28.92
N HIS D 40 16.98 -23.33 -29.82
CA HIS D 40 17.60 -22.28 -30.67
C HIS D 40 18.04 -22.90 -32.01
N GLY D 41 18.63 -24.07 -31.96
CA GLY D 41 19.08 -24.73 -33.21
C GLY D 41 20.17 -25.74 -32.90
N LEU D 42 19.84 -26.99 -32.79
CA LEU D 42 20.86 -28.02 -32.48
C LEU D 42 21.88 -28.09 -33.62
N LYS D 43 21.43 -27.95 -34.84
CA LYS D 43 22.37 -28.00 -35.99
C LYS D 43 23.40 -26.87 -35.87
N ARG A 1 -7.92 -2.08 31.88
CA ARG A 1 -7.18 -1.69 30.64
C ARG A 1 -6.12 -0.65 30.99
N SER A 2 -5.39 -0.17 30.01
CA SER A 2 -4.34 0.84 30.28
C SER A 2 -3.33 0.28 31.29
N ASN A 3 -3.38 -1.00 31.54
CA ASN A 3 -2.42 -1.61 32.51
C ASN A 3 -0.98 -1.30 32.07
N ASP A 4 -0.73 -1.32 30.79
CA ASP A 4 0.65 -1.03 30.30
C ASP A 4 0.58 -0.37 28.93
N SER A 5 1.42 0.60 28.69
CA SER A 5 1.39 1.29 27.37
C SER A 5 2.13 0.45 26.34
N SER A 6 1.85 0.65 25.08
CA SER A 6 2.55 -0.16 24.02
C SER A 6 2.67 0.68 22.75
N ASP A 7 1.79 0.49 21.81
CA ASP A 7 1.85 1.27 20.55
C ASP A 7 0.47 1.30 19.88
N PRO A 8 -0.48 1.98 20.47
CA PRO A 8 -1.84 2.06 19.90
C PRO A 8 -1.88 2.79 18.56
N LEU A 9 -0.95 3.68 18.33
CA LEU A 9 -0.94 4.43 17.04
C LEU A 9 -0.48 3.50 15.91
N VAL A 10 0.54 2.73 16.14
CA VAL A 10 1.04 1.81 15.08
C VAL A 10 -0.06 0.81 14.71
N VAL A 11 -0.57 0.08 15.67
CA VAL A 11 -1.65 -0.91 15.37
C VAL A 11 -2.84 -0.19 14.75
N ALA A 12 -3.34 0.83 15.41
CA ALA A 12 -4.50 1.58 14.86
C ALA A 12 -4.17 2.06 13.44
N ALA A 13 -2.90 2.26 13.17
CA ALA A 13 -2.50 2.73 11.81
C ALA A 13 -2.35 1.52 10.88
N ASN A 14 -2.24 0.34 11.44
CA ASN A 14 -2.08 -0.87 10.59
C ASN A 14 -3.44 -1.30 10.06
N ILE A 15 -4.46 -1.23 10.87
CA ILE A 15 -5.82 -1.63 10.39
C ILE A 15 -6.13 -0.91 9.09
N ILE A 16 -5.87 0.36 9.02
CA ILE A 16 -6.15 1.11 7.76
C ILE A 16 -5.07 0.80 6.73
N GLY A 17 -3.83 0.79 7.13
CA GLY A 17 -2.74 0.48 6.16
C GLY A 17 -3.11 -0.79 5.38
N ILE A 18 -3.58 -1.80 6.06
CA ILE A 18 -3.96 -3.05 5.37
C ILE A 18 -5.18 -2.78 4.48
N LEU A 19 -6.24 -2.27 5.04
CA LEU A 19 -7.45 -1.98 4.23
C LEU A 19 -7.03 -1.17 2.99
N HIS A 20 -6.03 -0.34 3.14
CA HIS A 20 -5.56 0.46 1.98
C HIS A 20 -5.06 -0.47 0.89
N LEU A 21 -4.13 -1.34 1.21
CA LEU A 21 -3.60 -2.28 0.20
C LEU A 21 -4.76 -3.07 -0.42
N ILE A 22 -5.66 -3.56 0.39
CA ILE A 22 -6.80 -4.34 -0.16
C ILE A 22 -7.55 -3.49 -1.21
N LEU A 23 -7.62 -2.20 -0.99
CA LEU A 23 -8.32 -1.33 -1.96
C LEU A 23 -7.42 -1.05 -3.16
N TRP A 24 -6.26 -0.51 -2.92
CA TRP A 24 -5.32 -0.20 -4.04
C TRP A 24 -5.19 -1.43 -4.95
N ILE A 25 -4.89 -2.57 -4.38
CA ILE A 25 -4.74 -3.79 -5.21
C ILE A 25 -6.09 -4.16 -5.85
N LEU A 26 -7.16 -4.06 -5.11
CA LEU A 26 -8.49 -4.42 -5.69
C LEU A 26 -8.76 -3.51 -6.89
N ASP A 27 -8.25 -2.31 -6.87
CA ASP A 27 -8.47 -1.38 -8.01
C ASP A 27 -7.60 -1.80 -9.20
N ARG A 28 -6.40 -2.24 -8.92
CA ARG A 28 -5.49 -2.66 -10.03
C ARG A 28 -6.08 -3.87 -10.75
N LEU A 29 -6.79 -4.70 -10.04
CA LEU A 29 -7.40 -5.90 -10.69
C LEU A 29 -8.78 -5.55 -11.23
N PHE A 30 -9.60 -4.91 -10.43
CA PHE A 30 -10.97 -4.54 -10.90
C PHE A 30 -10.95 -3.12 -11.49
N PHE A 31 -9.87 -2.76 -12.14
CA PHE A 31 -9.80 -1.40 -12.74
C PHE A 31 -11.10 -1.10 -13.49
N LYS A 32 -11.75 -2.12 -13.98
CA LYS A 32 -13.03 -1.90 -14.71
C LYS A 32 -14.10 -1.41 -13.75
N SER A 33 -14.23 -2.04 -12.61
CA SER A 33 -15.26 -1.62 -11.63
C SER A 33 -14.99 -0.17 -11.22
N ILE A 34 -13.75 0.16 -10.93
CA ILE A 34 -13.42 1.54 -10.52
C ILE A 34 -13.83 2.52 -11.63
N TYR A 35 -13.48 2.22 -12.85
CA TYR A 35 -13.86 3.13 -13.97
C TYR A 35 -15.38 3.34 -13.97
N ARG A 36 -16.13 2.29 -13.78
CA ARG A 36 -17.61 2.43 -13.77
C ARG A 36 -18.03 3.30 -12.57
N PHE A 37 -17.47 3.03 -11.42
CA PHE A 37 -17.85 3.84 -10.22
C PHE A 37 -17.61 5.32 -10.52
N PHE A 38 -16.48 5.66 -11.07
CA PHE A 38 -16.19 7.10 -11.37
C PHE A 38 -17.24 7.63 -12.35
N GLU A 39 -17.74 6.78 -13.20
CA GLU A 39 -18.77 7.23 -14.19
C GLU A 39 -20.08 7.57 -13.47
N HIS A 40 -20.68 8.67 -13.81
CA HIS A 40 -21.95 9.05 -13.13
C HIS A 40 -22.70 10.07 -14.00
N GLY A 41 -23.58 9.61 -14.85
CA GLY A 41 -24.34 10.56 -15.72
C GLY A 41 -25.35 9.78 -16.55
N LEU A 42 -26.60 9.80 -16.16
CA LEU A 42 -27.64 9.05 -16.94
C LEU A 42 -27.81 9.71 -18.31
N LYS A 43 -28.00 11.00 -18.34
CA LYS A 43 -28.18 11.70 -19.65
C LYS A 43 -26.79 11.97 -20.26
N ARG B 1 16.57 -0.41 29.93
CA ARG B 1 16.28 0.87 29.21
C ARG B 1 16.18 0.60 27.71
N SER B 2 15.62 1.51 26.97
CA SER B 2 15.50 1.30 25.50
C SER B 2 15.26 2.65 24.81
N ASN B 3 14.17 3.29 25.11
CA ASN B 3 13.88 4.61 24.47
C ASN B 3 12.86 5.37 25.31
N ASP B 4 13.10 6.62 25.57
CA ASP B 4 12.14 7.41 26.39
C ASP B 4 10.79 7.50 25.66
N SER B 5 10.81 7.93 24.42
CA SER B 5 9.54 8.03 23.65
C SER B 5 9.19 6.66 23.06
N SER B 6 7.93 6.40 22.85
CA SER B 6 7.52 5.10 22.26
C SER B 6 8.15 4.94 20.88
N ASP B 7 7.44 5.30 19.85
CA ASP B 7 8.00 5.19 18.47
C ASP B 7 7.42 6.28 17.58
N PRO B 8 7.79 7.52 17.80
CA PRO B 8 7.26 8.65 16.99
C PRO B 8 7.72 8.58 15.53
N LEU B 9 8.91 8.09 15.29
CA LEU B 9 9.41 8.01 13.89
C LEU B 9 8.51 7.08 13.08
N VAL B 10 8.39 5.85 13.49
CA VAL B 10 7.53 4.89 12.73
C VAL B 10 6.13 5.49 12.58
N VAL B 11 5.66 6.19 13.58
CA VAL B 11 4.30 6.80 13.49
C VAL B 11 4.26 7.77 12.31
N ALA B 12 5.09 8.78 12.33
CA ALA B 12 5.08 9.76 11.20
C ALA B 12 5.09 9.00 9.88
N ALA B 13 5.79 7.91 9.82
CA ALA B 13 5.82 7.12 8.55
C ALA B 13 4.48 6.41 8.36
N ASN B 14 3.84 6.04 9.43
CA ASN B 14 2.53 5.35 9.32
C ASN B 14 1.48 6.31 8.76
N ILE B 15 1.26 7.40 9.44
CA ILE B 15 0.24 8.38 8.93
C ILE B 15 0.62 8.79 7.50
N ILE B 16 1.89 8.90 7.23
CA ILE B 16 2.31 9.28 5.85
C ILE B 16 1.72 8.27 4.86
N GLY B 17 1.80 7.00 5.18
CA GLY B 17 1.23 5.97 4.27
C GLY B 17 -0.27 6.25 4.07
N ILE B 18 -0.96 6.53 5.15
CA ILE B 18 -2.41 6.82 5.02
C ILE B 18 -2.60 8.04 4.13
N LEU B 19 -1.95 9.13 4.45
CA LEU B 19 -2.08 10.35 3.62
C LEU B 19 -1.71 10.03 2.18
N HIS B 20 -0.75 9.17 1.99
CA HIS B 20 -0.35 8.81 0.60
C HIS B 20 -1.56 8.31 -0.18
N LEU B 21 -2.30 7.40 0.38
CA LEU B 21 -3.49 6.90 -0.36
C LEU B 21 -4.49 8.03 -0.56
N ILE B 22 -4.66 8.90 0.41
CA ILE B 22 -5.63 10.01 0.22
C ILE B 22 -5.30 10.68 -1.11
N LEU B 23 -4.05 10.82 -1.43
CA LEU B 23 -3.67 11.44 -2.74
C LEU B 23 -3.99 10.44 -3.85
N TRP B 24 -3.85 9.17 -3.57
CA TRP B 24 -4.14 8.12 -4.59
C TRP B 24 -5.62 8.17 -4.98
N ILE B 25 -6.48 8.01 -4.01
CA ILE B 25 -7.94 8.03 -4.31
C ILE B 25 -8.33 9.41 -4.87
N LEU B 26 -7.75 10.45 -4.36
CA LEU B 26 -8.09 11.81 -4.87
C LEU B 26 -7.56 11.99 -6.29
N ASP B 27 -6.52 11.28 -6.64
CA ASP B 27 -5.95 11.41 -8.00
C ASP B 27 -6.79 10.58 -8.98
N ARG B 28 -7.17 9.40 -8.60
CA ARG B 28 -8.00 8.54 -9.50
C ARG B 28 -9.36 9.21 -9.73
N LEU B 29 -10.07 9.51 -8.68
CA LEU B 29 -11.40 10.16 -8.83
C LEU B 29 -11.23 11.52 -9.50
N PHE B 30 -10.24 12.27 -9.08
CA PHE B 30 -10.02 13.61 -9.70
C PHE B 30 -11.21 14.52 -9.38
N PHE B 31 -11.14 15.77 -9.74
CA PHE B 31 -12.26 16.70 -9.45
C PHE B 31 -12.01 18.05 -10.13
N LYS B 32 -13.04 18.76 -10.47
CA LYS B 32 -12.85 20.09 -11.13
C LYS B 32 -14.20 20.79 -11.28
N SER B 33 -15.23 20.25 -10.69
CA SER B 33 -16.58 20.88 -10.81
C SER B 33 -16.87 21.20 -12.27
N ILE B 34 -17.52 20.30 -12.96
CA ILE B 34 -17.83 20.54 -14.40
C ILE B 34 -18.73 21.77 -14.52
N TYR B 35 -19.45 22.10 -13.50
CA TYR B 35 -20.36 23.28 -13.56
C TYR B 35 -19.57 24.51 -14.04
N ARG B 36 -20.09 25.20 -15.01
CA ARG B 36 -19.37 26.40 -15.53
C ARG B 36 -19.50 27.55 -14.52
N PHE B 37 -20.57 27.58 -13.79
CA PHE B 37 -20.76 28.68 -12.79
C PHE B 37 -19.71 28.53 -11.67
N PHE B 38 -19.50 29.56 -10.90
CA PHE B 38 -18.51 29.47 -9.80
C PHE B 38 -17.10 29.46 -10.39
N GLU B 39 -16.92 30.08 -11.52
CA GLU B 39 -15.56 30.11 -12.15
C GLU B 39 -15.51 31.21 -13.20
N HIS B 40 -14.33 31.58 -13.62
CA HIS B 40 -14.22 32.66 -14.65
C HIS B 40 -14.35 32.05 -16.04
N GLY B 41 -13.48 31.15 -16.38
CA GLY B 41 -13.55 30.51 -17.73
C GLY B 41 -12.14 30.15 -18.20
N LEU B 42 -12.04 29.37 -19.24
CA LEU B 42 -10.69 28.97 -19.75
C LEU B 42 -10.09 30.12 -20.55
N LYS B 43 -8.80 30.09 -20.76
CA LYS B 43 -8.17 31.20 -21.54
C LYS B 43 -8.95 31.44 -22.82
N ARG C 1 12.68 -7.54 29.44
CA ARG C 1 11.76 -7.55 28.26
C ARG C 1 10.73 -8.68 28.43
N SER C 2 9.86 -8.84 27.48
CA SER C 2 8.84 -9.92 27.58
C SER C 2 8.00 -9.71 28.85
N ASN C 3 8.12 -8.57 29.46
CA ASN C 3 7.33 -8.31 30.71
C ASN C 3 5.84 -8.50 30.42
N ASP C 4 5.39 -8.09 29.26
CA ASP C 4 3.95 -8.25 28.92
C ASP C 4 3.80 -8.47 27.42
N SER C 5 2.91 -9.34 27.03
CA SER C 5 2.72 -9.60 25.57
C SER C 5 1.84 -8.49 24.97
N SER C 6 1.94 -8.28 23.68
CA SER C 6 1.10 -7.23 23.04
C SER C 6 0.78 -7.64 21.60
N ASP C 7 1.51 -7.14 20.65
CA ASP C 7 1.24 -7.51 19.23
C ASP C 7 2.50 -7.30 18.39
N PRO C 8 3.52 -8.10 18.59
CA PRO C 8 4.78 -7.97 17.82
C PRO C 8 4.59 -8.25 16.32
N LEU C 9 3.63 -9.06 15.98
CA LEU C 9 3.40 -9.38 14.55
C LEU C 9 2.79 -8.17 13.84
N VAL C 10 1.83 -7.52 14.45
CA VAL C 10 1.21 -6.33 13.80
C VAL C 10 2.26 -5.25 13.60
N VAL C 11 2.93 -4.83 14.65
CA VAL C 11 3.96 -3.77 14.51
C VAL C 11 5.03 -4.25 13.52
N ALA C 12 5.60 -5.40 13.75
CA ALA C 12 6.65 -5.91 12.82
C ALA C 12 6.09 -5.96 11.41
N ALA C 13 4.80 -6.09 11.27
CA ALA C 13 4.18 -6.13 9.91
C ALA C 13 3.92 -4.71 9.43
N ASN C 14 3.92 -3.76 10.33
CA ASN C 14 3.67 -2.35 9.92
C ASN C 14 4.95 -1.74 9.35
N ILE C 15 6.07 -2.04 9.94
CA ILE C 15 7.35 -1.47 9.41
C ILE C 15 7.45 -1.75 7.91
N ILE C 16 7.14 -2.95 7.50
CA ILE C 16 7.21 -3.27 6.04
C ILE C 16 6.00 -2.68 5.33
N GLY C 17 4.84 -2.83 5.90
CA GLY C 17 3.63 -2.26 5.25
C GLY C 17 3.90 -0.82 4.85
N ILE C 18 4.49 -0.05 5.72
CA ILE C 18 4.80 1.37 5.39
C ILE C 18 5.86 1.41 4.29
N LEU C 19 6.98 0.77 4.51
CA LEU C 19 8.04 0.77 3.46
C LEU C 19 7.43 0.37 2.13
N HIS C 20 6.44 -0.48 2.15
CA HIS C 20 5.78 -0.92 0.89
C HIS C 20 5.14 0.31 0.22
N LEU C 21 4.30 1.00 0.94
CA LEU C 21 3.64 2.20 0.34
C LEU C 21 4.71 3.17 -0.17
N ILE C 22 5.73 3.41 0.60
CA ILE C 22 6.80 4.34 0.15
C ILE C 22 7.35 3.87 -1.19
N LEU C 23 7.44 2.58 -1.40
CA LEU C 23 7.97 2.06 -2.68
C LEU C 23 6.88 2.14 -3.76
N TRP C 24 5.76 1.52 -3.51
CA TRP C 24 4.65 1.55 -4.52
C TRP C 24 4.41 2.99 -4.98
N ILE C 25 4.23 3.90 -4.06
CA ILE C 25 3.99 5.31 -4.45
C ILE C 25 5.23 5.88 -5.14
N LEU C 26 6.39 5.60 -4.64
CA LEU C 26 7.62 6.13 -5.28
C LEU C 26 7.70 5.65 -6.72
N ASP C 27 7.17 4.49 -6.99
CA ASP C 27 7.20 3.96 -8.39
C ASP C 27 6.16 4.69 -9.24
N ARG C 28 5.02 5.00 -8.66
CA ARG C 28 3.97 5.71 -9.43
C ARG C 28 4.48 7.09 -9.84
N LEU C 29 5.31 7.69 -9.03
CA LEU C 29 5.83 9.04 -9.37
C LEU C 29 7.12 8.91 -10.19
N PHE C 30 8.03 8.08 -9.75
CA PHE C 30 9.30 7.90 -10.51
C PHE C 30 9.16 6.74 -11.49
N PHE C 31 7.99 6.56 -12.05
CA PHE C 31 7.80 5.44 -13.02
C PHE C 31 8.95 5.42 -14.02
N LYS C 32 9.56 6.55 -14.25
CA LYS C 32 10.69 6.60 -15.22
C LYS C 32 11.89 5.86 -14.62
N SER C 33 12.21 6.12 -13.38
CA SER C 33 13.36 5.44 -12.74
C SER C 33 13.12 3.92 -12.74
N ILE C 34 11.93 3.51 -12.39
CA ILE C 34 11.63 2.05 -12.38
C ILE C 34 11.86 1.47 -13.78
N TYR C 35 11.33 2.11 -14.78
CA TYR C 35 11.51 1.60 -16.18
C TYR C 35 13.00 1.44 -16.46
N ARG C 36 13.80 2.40 -16.08
CA ARG C 36 15.26 2.29 -16.34
C ARG C 36 15.84 1.12 -15.54
N PHE C 37 15.47 1.00 -14.30
CA PHE C 37 16.00 -0.12 -13.47
C PHE C 37 15.68 -1.46 -14.15
N PHE C 38 14.48 -1.63 -14.60
CA PHE C 38 14.12 -2.91 -15.28
C PHE C 38 14.99 -3.09 -16.53
N GLU C 39 15.38 -2.02 -17.15
CA GLU C 39 16.23 -2.12 -18.37
C GLU C 39 17.62 -2.64 -17.98
N HIS C 40 18.15 -3.56 -18.73
CA HIS C 40 19.50 -4.10 -18.41
C HIS C 40 20.08 -4.79 -19.65
N GLY C 41 20.83 -4.08 -20.43
CA GLY C 41 21.43 -4.69 -21.65
C GLY C 41 22.32 -3.67 -22.36
N LEU C 42 23.61 -3.77 -22.19
CA LEU C 42 24.53 -2.81 -22.84
C LEU C 42 24.48 -3.02 -24.36
N LYS C 43 24.64 -4.24 -24.82
CA LYS C 43 24.60 -4.50 -26.28
C LYS C 43 23.13 -4.60 -26.73
N ARG D 1 -11.85 -9.11 30.79
CA ARG D 1 -11.69 -10.11 29.68
C ARG D 1 -11.83 -9.39 28.34
N SER D 2 -11.40 -10.02 27.27
CA SER D 2 -11.51 -9.37 25.94
C SER D 2 -11.41 -10.44 24.84
N ASN D 3 -10.29 -11.11 24.76
CA ASN D 3 -10.14 -12.17 23.71
C ASN D 3 -9.02 -13.13 24.13
N ASP D 4 -9.25 -14.40 24.03
CA ASP D 4 -8.19 -15.38 24.40
C ASP D 4 -6.98 -15.21 23.49
N SER D 5 -7.19 -15.23 22.21
CA SER D 5 -6.04 -15.07 21.26
C SER D 5 -5.76 -13.58 21.05
N SER D 6 -4.54 -13.24 20.75
CA SER D 6 -4.20 -11.80 20.54
C SER D 6 -5.03 -11.25 19.38
N ASP D 7 -4.49 -11.27 18.18
CA ASP D 7 -5.25 -10.75 17.01
C ASP D 7 -4.82 -11.50 15.76
N PRO D 8 -5.19 -12.76 15.65
CA PRO D 8 -4.82 -13.57 14.46
C PRO D 8 -5.49 -13.08 13.17
N LEU D 9 -6.69 -12.57 13.27
CA LEU D 9 -7.39 -12.08 12.06
C LEU D 9 -6.61 -10.92 11.44
N VAL D 10 -6.40 -9.87 12.18
CA VAL D 10 -5.64 -8.71 11.63
C VAL D 10 -4.29 -9.20 11.11
N VAL D 11 -3.70 -10.17 11.75
CA VAL D 11 -2.38 -10.68 11.28
C VAL D 11 -2.53 -11.26 9.87
N ALA D 12 -3.38 -12.23 9.70
CA ALA D 12 -3.57 -12.83 8.34
C ALA D 12 -3.75 -11.70 7.32
N ALA D 13 -4.42 -10.66 7.71
CA ALA D 13 -4.64 -9.52 6.77
C ALA D 13 -3.32 -8.76 6.60
N ASN D 14 -2.52 -8.71 7.63
CA ASN D 14 -1.22 -7.99 7.53
C ASN D 14 -0.30 -8.71 6.56
N ILE D 15 0.00 -9.96 6.82
CA ILE D 15 0.91 -10.70 5.89
C ILE D 15 0.32 -10.67 4.49
N ILE D 16 -0.99 -10.72 4.38
CA ILE D 16 -1.62 -10.67 3.03
C ILE D 16 -1.16 -9.40 2.32
N GLY D 17 -1.16 -8.29 3.03
CA GLY D 17 -0.71 -7.01 2.39
C GLY D 17 0.73 -7.19 1.90
N ILE D 18 1.56 -7.76 2.72
CA ILE D 18 2.98 -7.97 2.30
C ILE D 18 3.01 -8.86 1.05
N LEU D 19 2.38 -10.00 1.13
CA LEU D 19 2.36 -10.91 -0.05
C LEU D 19 1.78 -10.17 -1.26
N HIS D 20 0.82 -9.31 -1.03
CA HIS D 20 0.21 -8.57 -2.16
C HIS D 20 1.31 -7.82 -2.91
N LEU D 21 2.16 -7.11 -2.23
CA LEU D 21 3.23 -6.38 -2.96
C LEU D 21 4.16 -7.37 -3.64
N ILE D 22 4.45 -8.48 -3.02
CA ILE D 22 5.35 -9.47 -3.68
C ILE D 22 4.82 -9.72 -5.09
N LEU D 23 3.52 -9.77 -5.24
CA LEU D 23 2.94 -9.97 -6.59
C LEU D 23 3.10 -8.67 -7.39
N TRP D 24 3.05 -7.56 -6.72
CA TRP D 24 3.19 -6.24 -7.41
C TRP D 24 4.60 -6.14 -8.01
N ILE D 25 5.62 -6.25 -7.18
CA ILE D 25 7.00 -6.15 -7.69
C ILE D 25 7.27 -7.28 -8.69
N LEU D 26 6.75 -8.45 -8.44
CA LEU D 26 6.98 -9.58 -9.38
C LEU D 26 6.23 -9.32 -10.69
N ASP D 27 5.17 -8.56 -10.64
CA ASP D 27 4.40 -8.28 -11.89
C ASP D 27 5.11 -7.18 -12.68
N ARG D 28 5.57 -6.15 -12.02
CA ARG D 28 6.26 -5.06 -12.73
C ARG D 28 7.56 -5.59 -13.35
N LEU D 29 8.41 -6.17 -12.56
CA LEU D 29 9.68 -6.71 -13.10
C LEU D 29 9.38 -7.81 -14.12
N PHE D 30 8.46 -8.69 -13.82
CA PHE D 30 8.12 -9.78 -14.77
C PHE D 30 9.32 -10.71 -14.93
N PHE D 31 9.16 -11.79 -15.63
CA PHE D 31 10.30 -12.73 -15.81
C PHE D 31 9.91 -13.82 -16.82
N LYS D 32 10.86 -14.37 -17.52
CA LYS D 32 10.54 -15.44 -18.51
C LYS D 32 11.83 -16.02 -19.07
N SER D 33 12.96 -15.67 -18.50
CA SER D 33 14.25 -16.21 -19.00
C SER D 33 14.31 -16.05 -20.52
N ILE D 34 14.87 -14.97 -21.00
CA ILE D 34 14.95 -14.76 -22.47
C ILE D 34 15.80 -15.87 -23.10
N TYR D 35 16.66 -16.48 -22.34
CA TYR D 35 17.53 -17.56 -22.90
C TYR D 35 16.64 -18.59 -23.60
N ARG D 36 16.99 -18.96 -24.80
CA ARG D 36 16.17 -19.96 -25.55
C ARG D 36 16.42 -21.35 -24.98
N PHE D 37 17.60 -21.59 -24.45
CA PHE D 37 17.90 -22.93 -23.87
C PHE D 37 17.04 -23.15 -22.62
N PHE D 38 16.93 -24.37 -22.18
CA PHE D 38 16.12 -24.65 -20.96
C PHE D 38 14.63 -24.48 -21.30
N GLU D 39 14.26 -24.73 -22.53
CA GLU D 39 12.83 -24.59 -22.92
C GLU D 39 12.60 -25.34 -24.24
N HIS D 40 11.36 -25.60 -24.57
CA HIS D 40 11.07 -26.31 -25.85
C HIS D 40 11.00 -25.31 -26.99
N GLY D 41 10.10 -24.36 -26.91
CA GLY D 41 9.98 -23.35 -28.00
C GLY D 41 8.53 -22.88 -28.11
N LEU D 42 8.29 -21.82 -28.84
CA LEU D 42 6.90 -21.32 -28.99
C LEU D 42 6.16 -22.18 -30.01
N LYS D 43 4.86 -22.14 -30.00
CA LYS D 43 4.07 -22.96 -30.97
C LYS D 43 4.66 -22.77 -32.37
N ARG A 1 -2.68 6.25 36.68
CA ARG A 1 -2.26 4.82 36.78
C ARG A 1 -2.43 4.15 35.42
N SER A 2 -3.64 3.91 35.01
CA SER A 2 -3.87 3.26 33.69
C SER A 2 -5.34 3.36 33.30
N ASN A 3 -5.69 4.35 32.53
CA ASN A 3 -7.12 4.51 32.11
C ASN A 3 -7.59 3.24 31.40
N ASP A 4 -6.90 2.85 30.36
CA ASP A 4 -7.31 1.62 29.62
C ASP A 4 -6.11 1.07 28.85
N SER A 5 -5.04 1.81 28.79
CA SER A 5 -3.83 1.34 28.05
C SER A 5 -4.25 0.83 26.67
N SER A 6 -5.27 1.39 26.10
CA SER A 6 -5.73 0.94 24.76
C SER A 6 -4.76 1.45 23.69
N ASP A 7 -5.07 1.26 22.44
CA ASP A 7 -4.17 1.75 21.35
C ASP A 7 -5.00 2.13 20.13
N PRO A 8 -5.75 3.20 20.21
CA PRO A 8 -6.59 3.65 19.07
C PRO A 8 -5.74 4.10 17.86
N LEU A 9 -4.57 4.59 18.11
CA LEU A 9 -3.69 5.04 16.98
C LEU A 9 -3.12 3.81 16.26
N VAL A 10 -2.64 2.84 17.00
CA VAL A 10 -2.07 1.64 16.35
C VAL A 10 -3.13 0.95 15.51
N VAL A 11 -4.23 0.59 16.11
CA VAL A 11 -5.31 -0.10 15.34
C VAL A 11 -5.76 0.78 14.17
N ALA A 12 -6.07 2.02 14.44
CA ALA A 12 -6.51 2.94 13.34
C ALA A 12 -5.38 3.13 12.33
N ALA A 13 -4.18 2.75 12.70
CA ALA A 13 -3.03 2.93 11.77
C ALA A 13 -2.82 1.65 10.93
N ASN A 14 -2.79 0.51 11.57
CA ASN A 14 -2.57 -0.75 10.80
C ASN A 14 -3.88 -1.21 10.17
N ILE A 15 -4.96 -1.16 10.89
CA ILE A 15 -6.26 -1.60 10.32
C ILE A 15 -6.50 -0.88 8.99
N ILE A 16 -6.22 0.39 8.93
CA ILE A 16 -6.44 1.13 7.65
C ILE A 16 -5.32 0.78 6.67
N GLY A 17 -4.10 0.70 7.13
CA GLY A 17 -2.99 0.36 6.21
C GLY A 17 -3.34 -0.91 5.44
N ILE A 18 -3.83 -1.90 6.12
CA ILE A 18 -4.20 -3.17 5.43
C ILE A 18 -5.38 -2.91 4.49
N LEU A 19 -6.47 -2.41 5.01
CA LEU A 19 -7.64 -2.12 4.13
C LEU A 19 -7.18 -1.32 2.91
N HIS A 20 -6.20 -0.47 3.09
CA HIS A 20 -5.69 0.33 1.94
C HIS A 20 -5.15 -0.61 0.88
N LEU A 21 -4.15 -1.39 1.21
CA LEU A 21 -3.58 -2.32 0.20
C LEU A 21 -4.70 -3.13 -0.45
N ILE A 22 -5.62 -3.64 0.34
CA ILE A 22 -6.74 -4.44 -0.24
C ILE A 22 -7.49 -3.60 -1.27
N LEU A 23 -7.56 -2.31 -1.06
CA LEU A 23 -8.29 -1.45 -2.03
C LEU A 23 -7.37 -1.13 -3.22
N TRP A 24 -6.23 -0.56 -2.96
CA TRP A 24 -5.28 -0.22 -4.06
C TRP A 24 -5.12 -1.43 -4.99
N ILE A 25 -4.88 -2.58 -4.43
CA ILE A 25 -4.71 -3.79 -5.28
C ILE A 25 -6.04 -4.17 -5.93
N LEU A 26 -7.12 -4.10 -5.19
CA LEU A 26 -8.45 -4.45 -5.78
C LEU A 26 -8.71 -3.55 -7.00
N ASP A 27 -8.22 -2.34 -6.97
CA ASP A 27 -8.44 -1.43 -8.12
C ASP A 27 -7.56 -1.87 -9.29
N ARG A 28 -6.31 -2.15 -9.02
CA ARG A 28 -5.40 -2.59 -10.12
C ARG A 28 -5.94 -3.89 -10.73
N LEU A 29 -6.73 -4.62 -9.98
CA LEU A 29 -7.30 -5.90 -10.52
C LEU A 29 -8.71 -5.66 -11.05
N PHE A 30 -9.31 -4.56 -10.68
CA PHE A 30 -10.69 -4.26 -11.16
C PHE A 30 -10.81 -2.77 -11.48
N PHE A 31 -9.79 -2.18 -12.03
CA PHE A 31 -9.86 -0.73 -12.36
C PHE A 31 -11.10 -0.46 -13.19
N LYS A 32 -11.44 -1.32 -14.10
CA LYS A 32 -12.65 -1.11 -14.94
C LYS A 32 -13.88 -1.00 -14.03
N SER A 33 -13.86 -1.65 -12.91
CA SER A 33 -15.03 -1.59 -11.99
C SER A 33 -15.03 -0.25 -11.26
N ILE A 34 -13.90 0.15 -10.74
CA ILE A 34 -13.84 1.46 -10.02
C ILE A 34 -14.33 2.58 -10.93
N TYR A 35 -13.80 2.65 -12.13
CA TYR A 35 -14.23 3.72 -13.08
C TYR A 35 -15.72 3.55 -13.39
N ARG A 36 -16.15 2.33 -13.61
CA ARG A 36 -17.59 2.11 -13.93
C ARG A 36 -18.45 2.57 -12.75
N PHE A 37 -17.85 2.74 -11.59
CA PHE A 37 -18.64 3.18 -10.41
C PHE A 37 -18.78 4.71 -10.43
N PHE A 38 -17.71 5.41 -10.23
CA PHE A 38 -17.77 6.90 -10.23
C PHE A 38 -18.11 7.39 -11.64
N GLU A 39 -17.33 7.01 -12.61
CA GLU A 39 -17.61 7.46 -14.01
C GLU A 39 -17.63 8.99 -14.07
N HIS A 40 -17.80 9.55 -15.23
CA HIS A 40 -17.83 11.04 -15.34
C HIS A 40 -19.21 11.56 -14.95
N GLY A 41 -20.19 10.69 -14.89
CA GLY A 41 -21.56 11.15 -14.51
C GLY A 41 -21.74 11.02 -13.00
N LEU A 42 -21.43 12.04 -12.26
CA LEU A 42 -21.59 11.98 -10.78
C LEU A 42 -23.06 12.20 -10.41
N LYS A 43 -23.57 13.38 -10.63
CA LYS A 43 -24.98 13.66 -10.30
C LYS A 43 -25.87 13.26 -11.48
N ARG B 1 5.96 7.48 32.59
CA ARG B 1 4.50 7.52 32.28
C ARG B 1 4.16 6.41 31.28
N SER B 2 4.63 5.22 31.52
CA SER B 2 4.34 4.09 30.58
C SER B 2 4.65 4.52 29.16
N ASN B 3 5.91 4.46 28.77
CA ASN B 3 6.28 4.87 27.39
C ASN B 3 5.35 4.19 26.39
N ASP B 4 4.32 4.88 25.97
CA ASP B 4 3.37 4.27 24.99
C ASP B 4 3.99 4.34 23.59
N SER B 5 3.93 3.25 22.86
CA SER B 5 4.50 3.25 21.49
C SER B 5 5.93 3.81 21.52
N SER B 6 6.89 2.97 21.76
CA SER B 6 8.31 3.45 21.81
C SER B 6 8.86 3.52 20.39
N ASP B 7 8.08 3.98 19.46
CA ASP B 7 8.56 4.07 18.05
C ASP B 7 7.80 5.19 17.32
N PRO B 8 8.06 6.43 17.69
CA PRO B 8 7.38 7.57 17.03
C PRO B 8 7.73 7.71 15.56
N LEU B 9 8.98 7.54 15.21
CA LEU B 9 9.38 7.65 13.79
C LEU B 9 8.53 6.72 12.92
N VAL B 10 8.38 5.49 13.34
CA VAL B 10 7.56 4.53 12.54
C VAL B 10 6.12 5.04 12.46
N VAL B 11 5.59 5.52 13.55
CA VAL B 11 4.19 6.03 13.54
C VAL B 11 4.06 7.14 12.49
N ALA B 12 4.86 8.17 12.60
CA ALA B 12 4.78 9.29 11.62
C ALA B 12 4.79 8.69 10.21
N ALA B 13 5.58 7.67 9.98
CA ALA B 13 5.62 7.04 8.63
C ALA B 13 4.30 6.32 8.38
N ASN B 14 3.67 5.85 9.43
CA ASN B 14 2.38 5.13 9.26
C ASN B 14 1.30 6.11 8.79
N ILE B 15 0.97 7.08 9.60
CA ILE B 15 -0.05 8.07 9.19
C ILE B 15 0.29 8.58 7.80
N ILE B 16 1.56 8.74 7.51
CA ILE B 16 1.95 9.22 6.16
C ILE B 16 1.41 8.23 5.12
N GLY B 17 1.51 6.95 5.40
CA GLY B 17 0.99 5.94 4.44
C GLY B 17 -0.49 6.21 4.19
N ILE B 18 -1.25 6.41 5.24
CA ILE B 18 -2.69 6.70 5.06
C ILE B 18 -2.85 7.91 4.14
N LEU B 19 -2.17 8.99 4.47
CA LEU B 19 -2.27 10.21 3.62
C LEU B 19 -1.86 9.88 2.18
N HIS B 20 -0.86 9.04 2.01
CA HIS B 20 -0.42 8.69 0.64
C HIS B 20 -1.62 8.20 -0.16
N LEU B 21 -2.41 7.32 0.40
CA LEU B 21 -3.59 6.83 -0.37
C LEU B 21 -4.59 7.96 -0.57
N ILE B 22 -4.78 8.81 0.41
CA ILE B 22 -5.74 9.93 0.24
C ILE B 22 -5.44 10.61 -1.09
N LEU B 23 -4.19 10.77 -1.41
CA LEU B 23 -3.82 11.40 -2.71
C LEU B 23 -4.12 10.41 -3.83
N TRP B 24 -3.90 9.15 -3.58
CA TRP B 24 -4.17 8.10 -4.61
C TRP B 24 -5.64 8.14 -5.01
N ILE B 25 -6.53 7.98 -4.07
CA ILE B 25 -7.98 8.00 -4.40
C ILE B 25 -8.35 9.35 -5.03
N LEU B 26 -7.76 10.42 -4.56
CA LEU B 26 -8.08 11.77 -5.14
C LEU B 26 -7.80 11.75 -6.64
N ASP B 27 -6.59 11.46 -7.02
CA ASP B 27 -6.26 11.43 -8.47
C ASP B 27 -7.20 10.46 -9.19
N ARG B 28 -7.32 9.25 -8.69
CA ARG B 28 -8.22 8.27 -9.34
C ARG B 28 -9.59 8.91 -9.58
N LEU B 29 -9.96 9.87 -8.76
CA LEU B 29 -11.28 10.53 -8.94
C LEU B 29 -11.16 11.61 -10.00
N PHE B 30 -10.31 12.58 -9.79
CA PHE B 30 -10.15 13.67 -10.79
C PHE B 30 -9.03 13.30 -11.77
N PHE B 31 -9.32 13.31 -13.04
CA PHE B 31 -8.26 12.96 -14.04
C PHE B 31 -7.17 14.03 -14.03
N LYS B 32 -5.93 13.62 -13.96
CA LYS B 32 -4.82 14.61 -13.94
C LYS B 32 -4.99 15.59 -15.11
N SER B 33 -4.52 15.22 -16.27
CA SER B 33 -4.65 16.12 -17.44
C SER B 33 -5.95 15.81 -18.18
N ILE B 34 -6.61 16.82 -18.71
CA ILE B 34 -7.88 16.58 -19.44
C ILE B 34 -7.58 16.18 -20.88
N TYR B 35 -7.97 15.00 -21.27
CA TYR B 35 -7.71 14.56 -22.66
C TYR B 35 -8.49 15.43 -23.65
N ARG B 36 -8.05 15.51 -24.87
CA ARG B 36 -8.77 16.35 -25.87
C ARG B 36 -9.01 17.74 -25.29
N PHE B 37 -8.05 18.62 -25.43
CA PHE B 37 -8.22 20.00 -24.88
C PHE B 37 -9.14 20.80 -25.79
N PHE B 38 -8.81 20.88 -27.06
CA PHE B 38 -9.66 21.66 -28.01
C PHE B 38 -9.61 23.15 -27.64
N GLU B 39 -9.30 23.98 -28.60
CA GLU B 39 -9.23 25.45 -28.31
C GLU B 39 -10.62 25.95 -27.92
N HIS B 40 -11.57 25.84 -28.82
CA HIS B 40 -12.95 26.32 -28.50
C HIS B 40 -13.47 25.57 -27.27
N GLY B 41 -14.59 25.98 -26.75
CA GLY B 41 -15.16 25.29 -25.55
C GLY B 41 -16.04 26.26 -24.77
N LEU B 42 -16.89 26.99 -25.45
CA LEU B 42 -17.78 27.96 -24.74
C LEU B 42 -18.84 28.46 -25.71
N LYS B 43 -20.08 28.08 -25.51
CA LYS B 43 -21.16 28.55 -26.41
C LYS B 43 -20.74 28.35 -27.87
N ARG C 1 8.05 -17.04 32.21
CA ARG C 1 7.68 -15.73 32.80
C ARG C 1 7.66 -14.66 31.71
N SER C 2 8.80 -14.29 31.21
CA SER C 2 8.83 -13.25 30.13
C SER C 2 10.24 -13.20 29.52
N ASN C 3 10.44 -13.90 28.43
CA ASN C 3 11.77 -13.89 27.78
C ASN C 3 12.17 -12.45 27.43
N ASP C 4 11.34 -11.78 26.67
CA ASP C 4 11.66 -10.37 26.28
C ASP C 4 10.37 -9.64 25.90
N SER C 5 9.28 -10.36 25.78
CA SER C 5 7.99 -9.72 25.42
C SER C 5 8.21 -8.79 24.22
N SER C 6 9.13 -9.13 23.35
CA SER C 6 9.38 -8.28 22.15
C SER C 6 8.24 -8.47 21.14
N ASP C 7 8.37 -7.90 19.97
CA ASP C 7 7.31 -8.05 18.95
C ASP C 7 7.93 -8.03 17.55
N PRO C 8 8.66 -9.05 17.18
CA PRO C 8 9.30 -9.12 15.85
C PRO C 8 8.28 -9.19 14.71
N LEU C 9 7.14 -9.76 14.96
CA LEU C 9 6.10 -9.87 13.90
C LEU C 9 5.45 -8.50 13.69
N VAL C 10 5.11 -7.82 14.74
CA VAL C 10 4.47 -6.48 14.59
C VAL C 10 5.41 -5.54 13.85
N VAL C 11 6.60 -5.36 14.35
CA VAL C 11 7.56 -4.44 13.67
C VAL C 11 7.81 -4.93 12.24
N ALA C 12 8.12 -6.17 12.07
CA ALA C 12 8.37 -6.69 10.70
C ALA C 12 7.09 -6.60 9.87
N ALA C 13 5.98 -6.38 10.49
CA ALA C 13 4.69 -6.29 9.73
C ALA C 13 4.39 -4.84 9.37
N ASN C 14 4.48 -3.94 10.32
CA ASN C 14 4.18 -2.51 10.03
C ASN C 14 5.39 -1.85 9.36
N ILE C 15 6.57 -2.08 9.86
CA ILE C 15 7.78 -1.46 9.27
C ILE C 15 7.80 -1.74 7.76
N ILE C 16 7.49 -2.93 7.36
CA ILE C 16 7.49 -3.25 5.90
C ILE C 16 6.24 -2.63 5.25
N GLY C 17 5.11 -2.74 5.89
CA GLY C 17 3.86 -2.16 5.30
C GLY C 17 4.13 -0.70 4.90
N ILE C 18 4.75 0.04 5.77
CA ILE C 18 5.04 1.47 5.46
C ILE C 18 6.06 1.53 4.32
N LEU C 19 7.20 0.92 4.49
CA LEU C 19 8.22 0.95 3.40
C LEU C 19 7.56 0.55 2.08
N HIS C 20 6.60 -0.34 2.13
CA HIS C 20 5.91 -0.77 0.88
C HIS C 20 5.23 0.44 0.25
N LEU C 21 4.32 1.05 0.94
CA LEU C 21 3.62 2.23 0.37
C LEU C 21 4.65 3.24 -0.16
N ILE C 22 5.68 3.49 0.59
CA ILE C 22 6.71 4.46 0.13
C ILE C 22 7.29 3.99 -1.21
N LEU C 23 7.36 2.71 -1.42
CA LEU C 23 7.91 2.20 -2.71
C LEU C 23 6.82 2.23 -3.78
N TRP C 24 5.71 1.58 -3.53
CA TRP C 24 4.62 1.57 -4.52
C TRP C 24 4.33 3.00 -5.01
N ILE C 25 4.20 3.93 -4.09
CA ILE C 25 3.93 5.34 -4.50
C ILE C 25 5.16 5.92 -5.20
N LEU C 26 6.34 5.65 -4.69
CA LEU C 26 7.56 6.20 -5.34
C LEU C 26 7.62 5.72 -6.79
N ASP C 27 7.12 4.55 -7.06
CA ASP C 27 7.14 4.04 -8.46
C ASP C 27 6.10 4.79 -9.29
N ARG C 28 4.91 4.95 -8.77
CA ARG C 28 3.86 5.67 -9.53
C ARG C 28 4.33 7.11 -9.79
N LEU C 29 5.24 7.60 -8.99
CA LEU C 29 5.74 9.00 -9.18
C LEU C 29 7.05 8.96 -9.96
N PHE C 30 7.68 7.81 -10.05
CA PHE C 30 8.97 7.71 -10.79
C PHE C 30 9.01 6.39 -11.57
N PHE C 31 7.90 5.97 -12.11
CA PHE C 31 7.88 4.69 -12.87
C PHE C 31 8.99 4.70 -13.92
N LYS C 32 9.19 5.82 -14.56
CA LYS C 32 10.25 5.90 -15.60
C LYS C 32 11.61 5.56 -14.98
N SER C 33 11.78 5.83 -13.71
CA SER C 33 13.07 5.52 -13.04
C SER C 33 13.15 4.03 -12.76
N ILE C 34 12.11 3.45 -12.22
CA ILE C 34 12.12 1.99 -11.93
C ILE C 34 12.43 1.22 -13.21
N TYR C 35 11.73 1.50 -14.28
CA TYR C 35 12.00 0.78 -15.55
C TYR C 35 13.42 1.08 -16.03
N ARG C 36 13.85 2.31 -15.93
CA ARG C 36 15.22 2.66 -16.37
C ARG C 36 16.24 1.88 -15.53
N PHE C 37 15.82 1.36 -14.41
CA PHE C 37 16.76 0.59 -13.56
C PHE C 37 16.87 -0.85 -14.06
N PHE C 38 15.82 -1.61 -13.92
CA PHE C 38 15.86 -3.03 -14.38
C PHE C 38 15.97 -3.06 -15.91
N GLU C 39 15.06 -2.42 -16.60
CA GLU C 39 15.11 -2.40 -18.09
C GLU C 39 15.09 -3.85 -18.61
N HIS C 40 15.07 -4.03 -19.90
CA HIS C 40 15.04 -5.41 -20.46
C HIS C 40 16.46 -5.99 -20.45
N GLY C 41 17.45 -5.17 -20.28
CA GLY C 41 18.85 -5.68 -20.28
C GLY C 41 19.27 -6.00 -18.84
N LEU C 42 19.05 -7.22 -18.41
CA LEU C 42 19.44 -7.60 -17.02
C LEU C 42 20.93 -7.89 -16.97
N LYS C 43 21.37 -8.94 -17.61
CA LYS C 43 22.83 -9.26 -17.59
C LYS C 43 23.53 -8.49 -18.71
N ARG D 1 -1.15 -17.19 29.29
CA ARG D 1 0.26 -17.09 28.77
C ARG D 1 0.46 -15.72 28.12
N SER D 2 0.06 -14.67 28.78
CA SER D 2 0.23 -13.31 28.19
C SER D 2 -0.31 -13.29 26.77
N ASN D 3 -1.59 -13.16 26.61
CA ASN D 3 -2.19 -13.14 25.25
C ASN D 3 -1.40 -12.15 24.36
N ASP D 4 -0.46 -12.66 23.61
CA ASP D 4 0.34 -11.75 22.74
C ASP D 4 -0.47 -11.40 21.49
N SER D 5 -0.51 -10.16 21.12
CA SER D 5 -1.29 -9.75 19.92
C SER D 5 -2.70 -10.32 20.00
N SER D 6 -3.60 -9.63 20.63
CA SER D 6 -5.00 -10.13 20.74
C SER D 6 -5.77 -9.79 19.46
N ASP D 7 -5.14 -9.91 18.33
CA ASP D 7 -5.83 -9.58 17.05
C ASP D 7 -5.23 -10.41 15.91
N PRO D 8 -5.45 -11.70 15.92
CA PRO D 8 -4.89 -12.59 14.84
C PRO D 8 -5.47 -12.28 13.46
N LEU D 9 -6.75 -12.03 13.39
CA LEU D 9 -7.37 -11.72 12.08
C LEU D 9 -6.63 -10.55 11.42
N VAL D 10 -6.39 -9.50 12.15
CA VAL D 10 -5.69 -8.32 11.58
C VAL D 10 -4.28 -8.75 11.13
N VAL D 11 -3.60 -9.53 11.93
CA VAL D 11 -2.23 -9.96 11.54
C VAL D 11 -2.29 -10.71 10.20
N ALA D 12 -3.09 -11.74 10.13
CA ALA D 12 -3.19 -12.50 8.84
C ALA D 12 -3.39 -11.51 7.69
N ALA D 13 -4.19 -10.50 7.91
CA ALA D 13 -4.42 -9.49 6.84
C ALA D 13 -3.14 -8.68 6.63
N ASN D 14 -2.34 -8.54 7.66
CA ASN D 14 -1.07 -7.76 7.52
C ASN D 14 -0.10 -8.53 6.62
N ILE D 15 0.32 -9.70 7.04
CA ILE D 15 1.26 -10.48 6.20
C ILE D 15 0.69 -10.56 4.78
N ILE D 16 -0.60 -10.66 4.66
CA ILE D 16 -1.21 -10.70 3.30
C ILE D 16 -0.81 -9.44 2.54
N GLY D 17 -0.85 -8.31 3.21
CA GLY D 17 -0.45 -7.04 2.53
C GLY D 17 0.97 -7.19 1.99
N ILE D 18 1.87 -7.68 2.81
CA ILE D 18 3.27 -7.86 2.34
C ILE D 18 3.25 -8.73 1.08
N LEU D 19 2.61 -9.87 1.16
CA LEU D 19 2.55 -10.77 -0.02
C LEU D 19 1.93 -10.02 -1.21
N HIS D 20 0.94 -9.22 -0.96
CA HIS D 20 0.31 -8.47 -2.09
C HIS D 20 1.39 -7.73 -2.87
N LEU D 21 2.28 -7.05 -2.20
CA LEU D 21 3.32 -6.31 -2.95
C LEU D 21 4.27 -7.30 -3.63
N ILE D 22 4.58 -8.41 -3.00
CA ILE D 22 5.48 -9.39 -3.65
C ILE D 22 4.96 -9.65 -5.06
N LEU D 23 3.67 -9.74 -5.21
CA LEU D 23 3.10 -9.94 -6.57
C LEU D 23 3.25 -8.65 -7.38
N TRP D 24 3.10 -7.53 -6.71
CA TRP D 24 3.23 -6.22 -7.40
C TRP D 24 4.62 -6.10 -8.02
N ILE D 25 5.66 -6.21 -7.23
CA ILE D 25 7.04 -6.10 -7.78
C ILE D 25 7.27 -7.18 -8.83
N LEU D 26 6.74 -8.36 -8.61
CA LEU D 26 6.94 -9.45 -9.61
C LEU D 26 6.44 -8.99 -10.98
N ASP D 27 5.18 -8.63 -11.07
CA ASP D 27 4.63 -8.16 -12.38
C ASP D 27 5.48 -6.99 -12.90
N ARG D 28 5.70 -6.00 -12.08
CA ARG D 28 6.52 -4.83 -12.52
C ARG D 28 7.83 -5.34 -13.15
N LEU D 29 8.29 -6.49 -12.72
CA LEU D 29 9.55 -7.03 -13.30
C LEU D 29 9.25 -7.75 -14.61
N PHE D 30 8.41 -8.76 -14.57
CA PHE D 30 8.08 -9.49 -15.82
C PHE D 30 6.84 -8.88 -16.47
N PHE D 31 6.93 -8.49 -17.71
CA PHE D 31 5.75 -7.88 -18.38
C PHE D 31 4.64 -8.93 -18.52
N LYS D 32 3.44 -8.59 -18.15
CA LYS D 32 2.32 -9.57 -18.26
C LYS D 32 2.28 -10.13 -19.69
N SER D 33 1.66 -9.44 -20.59
CA SER D 33 1.59 -9.94 -22.00
C SER D 33 2.78 -9.40 -22.80
N ILE D 34 3.31 -10.17 -23.69
CA ILE D 34 4.47 -9.70 -24.50
C ILE D 34 3.96 -8.88 -25.69
N TYR D 35 4.32 -7.63 -25.76
CA TYR D 35 3.86 -6.78 -26.89
C TYR D 35 4.46 -7.31 -28.19
N ARG D 36 3.84 -7.01 -29.31
CA ARG D 36 4.38 -7.49 -30.61
C ARG D 36 4.67 -8.99 -30.53
N PHE D 37 3.69 -9.82 -30.77
CA PHE D 37 3.91 -11.28 -30.71
C PHE D 37 4.66 -11.75 -31.96
N PHE D 38 4.14 -11.46 -33.12
CA PHE D 38 4.82 -11.87 -34.37
C PHE D 38 4.79 -13.40 -34.48
N GLU D 39 4.32 -13.92 -35.58
CA GLU D 39 4.27 -15.40 -35.75
C GLU D 39 5.69 -15.97 -35.74
N HIS D 40 6.49 -15.57 -36.69
CA HIS D 40 7.89 -16.10 -36.74
C HIS D 40 8.61 -15.73 -35.45
N GLY D 41 9.79 -16.25 -35.25
CA GLY D 41 10.55 -15.94 -33.99
C GLY D 41 11.52 -17.08 -33.69
N LEU D 42 12.23 -17.55 -34.68
CA LEU D 42 13.19 -18.66 -34.44
C LEU D 42 14.09 -18.82 -35.67
N LYS D 43 15.34 -18.49 -35.54
CA LYS D 43 16.27 -18.64 -36.70
C LYS D 43 15.63 -18.01 -37.94
N ARG A 1 15.04 -8.51 21.07
CA ARG A 1 14.21 -8.35 22.30
C ARG A 1 14.62 -7.05 23.01
N SER A 2 14.68 -5.97 22.28
CA SER A 2 15.06 -4.67 22.93
C SER A 2 13.89 -4.16 23.77
N ASN A 3 12.78 -3.86 23.15
CA ASN A 3 11.61 -3.36 23.92
C ASN A 3 10.37 -3.41 23.05
N ASP A 4 9.27 -2.86 23.51
CA ASP A 4 8.03 -2.87 22.70
C ASP A 4 7.06 -1.82 23.25
N SER A 5 6.78 -1.87 24.52
CA SER A 5 5.83 -0.88 25.12
C SER A 5 4.52 -0.89 24.34
N SER A 6 3.58 -0.08 24.74
CA SER A 6 2.27 -0.04 24.02
C SER A 6 2.41 0.79 22.76
N ASP A 7 1.56 0.56 21.79
CA ASP A 7 1.64 1.36 20.53
C ASP A 7 0.27 1.42 19.86
N PRO A 8 -0.66 2.13 20.46
CA PRO A 8 -2.03 2.24 19.88
C PRO A 8 -2.05 2.97 18.53
N LEU A 9 -1.12 3.85 18.32
CA LEU A 9 -1.08 4.60 17.03
C LEU A 9 -0.62 3.67 15.91
N VAL A 10 0.42 2.91 16.14
CA VAL A 10 0.92 1.98 15.09
C VAL A 10 -0.18 0.99 14.71
N VAL A 11 -0.70 0.26 15.65
CA VAL A 11 -1.78 -0.73 15.34
C VAL A 11 -2.96 0.01 14.70
N ALA A 12 -3.48 1.01 15.36
CA ALA A 12 -4.63 1.75 14.78
C ALA A 12 -4.27 2.24 13.38
N ALA A 13 -3.01 2.37 13.10
CA ALA A 13 -2.59 2.83 11.75
C ALA A 13 -2.41 1.62 10.83
N ASN A 14 -2.29 0.46 11.39
CA ASN A 14 -2.11 -0.77 10.56
C ASN A 14 -3.46 -1.22 10.01
N ILE A 15 -4.48 -1.21 10.82
CA ILE A 15 -5.82 -1.65 10.35
C ILE A 15 -6.15 -0.93 9.03
N ILE A 16 -5.91 0.35 8.97
CA ILE A 16 -6.21 1.09 7.71
C ILE A 16 -5.13 0.78 6.68
N GLY A 17 -3.88 0.84 7.05
CA GLY A 17 -2.80 0.54 6.08
C GLY A 17 -3.14 -0.76 5.34
N ILE A 18 -3.59 -1.75 6.05
CA ILE A 18 -3.95 -3.04 5.38
C ILE A 18 -5.17 -2.82 4.49
N LEU A 19 -6.28 -2.40 5.05
CA LEU A 19 -7.49 -2.18 4.23
C LEU A 19 -7.10 -1.36 3.00
N HIS A 20 -6.13 -0.51 3.13
CA HIS A 20 -5.69 0.31 1.96
C HIS A 20 -5.15 -0.63 0.87
N LEU A 21 -4.15 -1.39 1.18
CA LEU A 21 -3.58 -2.31 0.16
C LEU A 21 -4.70 -3.11 -0.50
N ILE A 22 -5.56 -3.71 0.26
CA ILE A 22 -6.68 -4.50 -0.33
C ILE A 22 -7.48 -3.61 -1.30
N LEU A 23 -7.59 -2.34 -1.00
CA LEU A 23 -8.36 -1.43 -1.89
C LEU A 23 -7.51 -1.06 -3.10
N TRP A 24 -6.36 -0.46 -2.88
CA TRP A 24 -5.49 -0.06 -4.02
C TRP A 24 -5.24 -1.26 -4.94
N ILE A 25 -4.93 -2.40 -4.39
CA ILE A 25 -4.68 -3.58 -5.26
C ILE A 25 -5.98 -4.02 -5.94
N LEU A 26 -7.06 -4.02 -5.22
CA LEU A 26 -8.36 -4.44 -5.84
C LEU A 26 -8.62 -3.56 -7.07
N ASP A 27 -8.21 -2.32 -7.00
CA ASP A 27 -8.42 -1.40 -8.15
C ASP A 27 -7.43 -1.77 -9.26
N ARG A 28 -6.24 -2.16 -8.90
CA ARG A 28 -5.24 -2.53 -9.93
C ARG A 28 -5.77 -3.70 -10.77
N LEU A 29 -6.54 -4.56 -10.16
CA LEU A 29 -7.10 -5.72 -10.91
C LEU A 29 -8.50 -5.38 -11.40
N PHE A 30 -9.10 -4.33 -10.88
CA PHE A 30 -10.47 -3.96 -11.32
C PHE A 30 -10.55 -2.44 -11.49
N PHE A 31 -9.53 -1.84 -12.03
CA PHE A 31 -9.56 -0.35 -12.22
C PHE A 31 -10.71 0.03 -13.15
N LYS A 32 -10.97 -0.76 -14.15
CA LYS A 32 -12.07 -0.44 -15.09
C LYS A 32 -13.41 -0.50 -14.34
N SER A 33 -13.45 -1.19 -13.23
CA SER A 33 -14.72 -1.29 -12.46
C SER A 33 -14.89 -0.05 -11.58
N ILE A 34 -13.94 0.21 -10.72
CA ILE A 34 -14.04 1.40 -9.83
C ILE A 34 -14.02 2.67 -10.69
N TYR A 35 -13.37 2.63 -11.83
CA TYR A 35 -13.32 3.83 -12.70
C TYR A 35 -14.64 3.98 -13.45
N ARG A 36 -15.08 2.94 -14.11
CA ARG A 36 -16.35 3.02 -14.87
C ARG A 36 -17.51 3.24 -13.89
N PHE A 37 -17.37 2.81 -12.67
CA PHE A 37 -18.47 3.01 -11.68
C PHE A 37 -18.47 4.47 -11.20
N PHE A 38 -17.42 4.88 -10.55
CA PHE A 38 -17.36 6.29 -10.06
C PHE A 38 -17.51 7.26 -11.24
N GLU A 39 -17.47 6.74 -12.43
CA GLU A 39 -17.61 7.63 -13.63
C GLU A 39 -18.89 8.46 -13.50
N HIS A 40 -19.93 7.88 -12.97
CA HIS A 40 -21.20 8.64 -12.82
C HIS A 40 -21.00 9.78 -11.82
N GLY A 41 -21.01 9.48 -10.55
CA GLY A 41 -20.82 10.54 -9.52
C GLY A 41 -21.41 10.07 -8.20
N LEU A 42 -21.14 10.78 -7.13
CA LEU A 42 -21.67 10.37 -5.80
C LEU A 42 -21.42 11.49 -4.79
N LYS A 43 -22.46 12.07 -4.26
CA LYS A 43 -22.28 13.16 -3.26
C LYS A 43 -21.44 12.64 -2.09
N ARG B 1 20.12 3.61 18.52
CA ARG B 1 19.56 2.89 19.71
C ARG B 1 19.35 3.89 20.85
N SER B 2 19.45 5.16 20.57
CA SER B 2 19.27 6.18 21.64
C SER B 2 17.80 6.21 22.07
N ASN B 3 16.92 5.70 21.24
CA ASN B 3 15.48 5.71 21.60
C ASN B 3 15.22 4.67 22.69
N ASP B 4 15.34 5.04 23.93
CA ASP B 4 15.10 4.08 25.04
C ASP B 4 13.67 3.54 24.96
N SER B 5 12.78 4.31 24.40
CA SER B 5 11.37 3.83 24.29
C SER B 5 10.59 4.74 23.33
N SER B 6 9.33 4.47 23.13
CA SER B 6 8.53 5.31 22.21
C SER B 6 9.14 5.27 20.81
N ASP B 7 8.35 5.49 19.79
CA ASP B 7 8.88 5.45 18.40
C ASP B 7 8.03 6.34 17.50
N PRO B 8 8.11 7.64 17.67
CA PRO B 8 7.31 8.58 16.84
C PRO B 8 7.71 8.55 15.36
N LEU B 9 8.94 8.20 15.08
CA LEU B 9 9.39 8.14 13.66
C LEU B 9 8.50 7.18 12.87
N VAL B 10 8.47 5.94 13.24
CA VAL B 10 7.61 4.96 12.50
C VAL B 10 6.19 5.51 12.40
N VAL B 11 5.69 6.11 13.44
CA VAL B 11 4.32 6.67 13.39
C VAL B 11 4.21 7.66 12.24
N ALA B 12 5.04 8.68 12.24
CA ALA B 12 4.99 9.68 11.14
C ALA B 12 4.98 8.94 9.80
N ALA B 13 5.69 7.85 9.71
CA ALA B 13 5.72 7.08 8.44
C ALA B 13 4.37 6.37 8.25
N ASN B 14 3.74 6.00 9.34
CA ASN B 14 2.43 5.30 9.23
C ASN B 14 1.36 6.27 8.68
N ILE B 15 1.13 7.36 9.38
CA ILE B 15 0.11 8.32 8.88
C ILE B 15 0.48 8.73 7.46
N ILE B 16 1.76 8.88 7.18
CA ILE B 16 2.17 9.25 5.79
C ILE B 16 1.60 8.23 4.81
N GLY B 17 1.67 6.97 5.16
CA GLY B 17 1.11 5.92 4.25
C GLY B 17 -0.38 6.20 4.03
N ILE B 18 -1.08 6.49 5.09
CA ILE B 18 -2.53 6.79 4.96
C ILE B 18 -2.70 7.99 4.03
N LEU B 19 -2.03 9.07 4.32
CA LEU B 19 -2.14 10.28 3.47
C LEU B 19 -1.76 9.92 2.03
N HIS B 20 -0.80 9.06 1.87
CA HIS B 20 -0.39 8.67 0.49
C HIS B 20 -1.61 8.19 -0.28
N LEU B 21 -2.39 7.31 0.31
CA LEU B 21 -3.59 6.82 -0.43
C LEU B 21 -4.59 7.97 -0.62
N ILE B 22 -4.73 8.83 0.34
CA ILE B 22 -5.69 9.96 0.17
C ILE B 22 -5.40 10.62 -1.18
N LEU B 23 -4.16 10.75 -1.53
CA LEU B 23 -3.82 11.35 -2.84
C LEU B 23 -4.14 10.34 -3.94
N TRP B 24 -3.94 9.07 -3.67
CA TRP B 24 -4.24 8.02 -4.67
C TRP B 24 -5.73 8.07 -5.04
N ILE B 25 -6.59 7.94 -4.08
CA ILE B 25 -8.05 7.97 -4.37
C ILE B 25 -8.43 9.33 -4.97
N LEU B 26 -7.79 10.38 -4.53
CA LEU B 26 -8.11 11.73 -5.06
C LEU B 26 -7.68 11.81 -6.53
N ASP B 27 -6.62 11.13 -6.89
CA ASP B 27 -6.15 11.17 -8.30
C ASP B 27 -7.12 10.37 -9.18
N ARG B 28 -7.64 9.28 -8.67
CA ARG B 28 -8.59 8.48 -9.48
C ARG B 28 -9.93 9.21 -9.60
N LEU B 29 -10.44 9.72 -8.51
CA LEU B 29 -11.74 10.44 -8.56
C LEU B 29 -11.59 11.67 -9.46
N PHE B 30 -10.50 12.38 -9.34
CA PHE B 30 -10.30 13.59 -10.17
C PHE B 30 -11.54 14.48 -10.09
N PHE B 31 -12.47 14.32 -10.99
CA PHE B 31 -13.69 15.15 -10.95
C PHE B 31 -13.33 16.63 -11.08
N LYS B 32 -14.28 17.51 -10.98
CA LYS B 32 -13.97 18.96 -11.10
C LYS B 32 -15.00 19.77 -10.29
N SER B 33 -14.61 20.91 -9.78
CA SER B 33 -15.55 21.73 -8.98
C SER B 33 -15.03 23.17 -8.91
N ILE B 34 -14.04 23.50 -9.69
CA ILE B 34 -13.49 24.88 -9.65
C ILE B 34 -14.38 25.81 -10.48
N TYR B 35 -15.45 25.30 -11.01
CA TYR B 35 -16.35 26.15 -11.84
C TYR B 35 -17.80 25.66 -11.69
N ARG B 36 -18.64 26.46 -11.10
CA ARG B 36 -20.06 26.03 -10.93
C ARG B 36 -20.89 27.21 -10.42
N PHE B 37 -21.31 28.08 -11.31
CA PHE B 37 -22.12 29.25 -10.88
C PHE B 37 -22.97 29.74 -12.05
N PHE B 38 -22.44 29.70 -13.24
CA PHE B 38 -23.22 30.16 -14.42
C PHE B 38 -23.97 28.97 -15.04
N GLU B 39 -23.26 28.00 -15.54
CA GLU B 39 -23.94 26.82 -16.15
C GLU B 39 -24.77 26.11 -15.08
N HIS B 40 -25.87 25.52 -15.48
CA HIS B 40 -26.73 24.82 -14.49
C HIS B 40 -26.96 25.72 -13.28
N GLY B 41 -27.14 25.14 -12.12
CA GLY B 41 -27.38 25.96 -10.90
C GLY B 41 -27.17 25.11 -9.65
N LEU B 42 -28.19 24.94 -8.86
CA LEU B 42 -28.05 24.12 -7.63
C LEU B 42 -27.70 22.67 -8.01
N LYS B 43 -28.49 22.08 -8.88
CA LYS B 43 -28.21 20.68 -9.30
C LYS B 43 -26.92 20.64 -10.13
N ARG C 1 -11.49 1.33 24.69
CA ARG C 1 -10.49 0.82 25.67
C ARG C 1 -10.81 -0.63 26.01
N SER C 2 -11.01 -1.45 25.01
CA SER C 2 -11.32 -2.88 25.26
C SER C 2 -10.05 -3.61 25.73
N ASN C 3 -9.05 -3.66 24.89
CA ASN C 3 -7.79 -4.35 25.29
C ASN C 3 -6.68 -4.01 24.28
N ASP C 4 -5.55 -4.66 24.39
CA ASP C 4 -4.44 -4.36 23.45
C ASP C 4 -3.42 -5.51 23.49
N SER C 5 -2.95 -5.84 24.66
CA SER C 5 -1.96 -6.95 24.78
C SER C 5 -0.77 -6.67 23.85
N SER C 6 0.19 -7.54 23.84
CA SER C 6 1.38 -7.33 22.96
C SER C 6 1.03 -7.74 21.53
N ASP C 7 1.73 -7.21 20.57
CA ASP C 7 1.44 -7.58 19.15
C ASP C 7 2.70 -7.40 18.31
N PRO C 8 3.69 -8.25 18.50
CA PRO C 8 4.95 -8.14 17.72
C PRO C 8 4.75 -8.42 16.23
N LEU C 9 3.78 -9.23 15.90
CA LEU C 9 3.53 -9.54 14.46
C LEU C 9 2.93 -8.32 13.76
N VAL C 10 1.95 -7.69 14.37
CA VAL C 10 1.32 -6.50 13.74
C VAL C 10 2.38 -5.42 13.51
N VAL C 11 3.04 -4.99 14.55
CA VAL C 11 4.08 -3.94 14.39
C VAL C 11 5.15 -4.41 13.39
N ALA C 12 5.73 -5.55 13.62
CA ALA C 12 6.76 -6.07 12.69
C ALA C 12 6.19 -6.10 11.27
N ALA C 13 4.89 -6.18 11.15
CA ALA C 13 4.25 -6.21 9.81
C ALA C 13 3.97 -4.78 9.34
N ASN C 14 3.97 -3.84 10.24
CA ASN C 14 3.68 -2.44 9.86
C ASN C 14 4.95 -1.80 9.28
N ILE C 15 6.08 -2.04 9.88
CA ILE C 15 7.35 -1.44 9.37
C ILE C 15 7.47 -1.72 7.87
N ILE C 16 7.18 -2.92 7.45
CA ILE C 16 7.27 -3.25 6.00
C ILE C 16 6.06 -2.66 5.28
N GLY C 17 4.88 -2.85 5.81
CA GLY C 17 3.67 -2.30 5.14
C GLY C 17 3.92 -0.83 4.79
N ILE C 18 4.50 -0.09 5.69
CA ILE C 18 4.78 1.35 5.40
C ILE C 18 5.85 1.44 4.31
N LEU C 19 7.01 0.90 4.55
CA LEU C 19 8.08 0.95 3.53
C LEU C 19 7.50 0.55 2.17
N HIS C 20 6.53 -0.33 2.17
CA HIS C 20 5.91 -0.76 0.90
C HIS C 20 5.23 0.45 0.24
N LEU C 21 4.31 1.06 0.91
CA LEU C 21 3.61 2.24 0.33
C LEU C 21 4.64 3.22 -0.23
N ILE C 22 5.62 3.58 0.55
CA ILE C 22 6.65 4.55 0.05
C ILE C 22 7.28 4.01 -1.23
N LEU C 23 7.40 2.72 -1.35
CA LEU C 23 8.01 2.14 -2.58
C LEU C 23 6.98 2.12 -3.72
N TRP C 24 5.87 1.48 -3.51
CA TRP C 24 4.82 1.41 -4.57
C TRP C 24 4.47 2.82 -5.04
N ILE C 25 4.26 3.73 -4.13
CA ILE C 25 3.90 5.13 -4.55
C ILE C 25 5.10 5.78 -5.25
N LEU C 26 6.28 5.59 -4.74
CA LEU C 26 7.48 6.20 -5.39
C LEU C 26 7.52 5.74 -6.84
N ASP C 27 7.11 4.53 -7.11
CA ASP C 27 7.12 4.03 -8.50
C ASP C 27 5.98 4.67 -9.28
N ARG C 28 4.88 4.92 -8.64
CA ARG C 28 3.73 5.56 -9.36
C ARG C 28 4.16 6.94 -9.86
N LEU C 29 5.03 7.59 -9.14
CA LEU C 29 5.49 8.93 -9.58
C LEU C 29 6.81 8.80 -10.37
N PHE C 30 7.45 7.66 -10.28
CA PHE C 30 8.73 7.46 -11.01
C PHE C 30 8.75 6.07 -11.64
N PHE C 31 7.65 5.63 -12.19
CA PHE C 31 7.60 4.28 -12.82
C PHE C 31 8.59 4.23 -13.98
N LYS C 32 8.72 5.29 -14.72
CA LYS C 32 9.67 5.30 -15.87
C LYS C 32 11.10 5.16 -15.35
N SER C 33 11.32 5.48 -14.11
CA SER C 33 12.70 5.37 -13.54
C SER C 33 12.96 3.92 -13.11
N ILE C 34 12.14 3.39 -12.24
CA ILE C 34 12.35 1.99 -11.79
C ILE C 34 12.16 1.04 -12.97
N TYR C 35 11.36 1.41 -13.93
CA TYR C 35 11.15 0.52 -15.11
C TYR C 35 12.34 0.65 -16.06
N ARG C 36 12.70 1.85 -16.43
CA ARG C 36 13.84 2.04 -17.35
C ARG C 36 15.13 1.55 -16.69
N PHE C 37 15.19 1.59 -15.39
CA PHE C 37 16.41 1.13 -14.67
C PHE C 37 16.45 -0.41 -14.67
N PHE C 38 15.51 -1.03 -14.03
CA PHE C 38 15.49 -2.52 -13.98
C PHE C 38 15.43 -3.07 -15.41
N GLU C 39 15.23 -2.23 -16.38
CA GLU C 39 15.16 -2.70 -17.79
C GLU C 39 16.43 -3.50 -18.11
N HIS C 40 17.56 -3.09 -17.60
CA HIS C 40 18.82 -3.83 -17.88
C HIS C 40 18.74 -5.22 -17.25
N GLY C 41 18.96 -5.31 -15.97
CA GLY C 41 18.89 -6.65 -15.30
C GLY C 41 19.68 -6.59 -13.99
N LEU C 42 19.55 -7.60 -13.17
CA LEU C 42 20.30 -7.60 -11.87
C LEU C 42 20.17 -8.98 -11.22
N LYS C 43 21.27 -9.66 -11.05
CA LYS C 43 21.21 -11.02 -10.42
C LYS C 43 20.57 -10.90 -9.04
N ARG D 1 -17.17 -9.55 19.37
CA ARG D 1 -16.42 -9.22 20.62
C ARG D 1 -16.07 -10.51 21.36
N SER D 2 -16.24 -11.63 20.73
CA SER D 2 -15.92 -12.92 21.40
C SER D 2 -14.41 -13.05 21.56
N ASN D 3 -13.65 -12.29 20.81
CA ASN D 3 -12.17 -12.38 20.93
C ASN D 3 -11.72 -11.71 22.23
N ASP D 4 -11.67 -12.45 23.30
CA ASP D 4 -11.25 -11.86 24.60
C ASP D 4 -9.84 -11.29 24.47
N SER D 5 -9.04 -11.83 23.57
CA SER D 5 -7.66 -11.32 23.40
C SER D 5 -7.07 -11.87 22.11
N SER D 6 -5.84 -11.51 21.81
CA SER D 6 -5.21 -12.02 20.56
C SER D 6 -6.02 -11.56 19.35
N ASP D 7 -5.39 -11.45 18.22
CA ASP D 7 -6.13 -11.00 17.00
C ASP D 7 -5.44 -11.55 15.75
N PRO D 8 -5.53 -12.84 15.53
CA PRO D 8 -4.90 -13.47 14.34
C PRO D 8 -5.52 -13.00 13.02
N LEU D 9 -6.75 -12.60 13.05
CA LEU D 9 -7.42 -12.13 11.80
C LEU D 9 -6.62 -10.96 11.21
N VAL D 10 -6.52 -9.88 11.94
CA VAL D 10 -5.76 -8.71 11.41
C VAL D 10 -4.38 -9.17 10.93
N VAL D 11 -3.75 -10.05 11.65
CA VAL D 11 -2.41 -10.54 11.23
C VAL D 11 -2.50 -11.13 9.82
N ALA D 12 -3.34 -12.11 9.64
CA ALA D 12 -3.48 -12.73 8.30
C ALA D 12 -3.65 -11.62 7.25
N ALA D 13 -4.34 -10.57 7.62
CA ALA D 13 -4.55 -9.45 6.66
C ALA D 13 -3.23 -8.68 6.50
N ASN D 14 -2.43 -8.64 7.53
CA ASN D 14 -1.13 -7.92 7.45
C ASN D 14 -0.19 -8.64 6.48
N ILE D 15 0.12 -9.88 6.76
CA ILE D 15 1.02 -10.63 5.84
C ILE D 15 0.43 -10.59 4.43
N ILE D 16 -0.87 -10.67 4.32
CA ILE D 16 -1.50 -10.63 2.98
C ILE D 16 -1.05 -9.33 2.27
N GLY D 17 -1.04 -8.24 2.99
CA GLY D 17 -0.60 -6.96 2.37
C GLY D 17 0.83 -7.12 1.86
N ILE D 18 1.68 -7.71 2.66
CA ILE D 18 3.08 -7.91 2.23
C ILE D 18 3.09 -8.77 0.96
N LEU D 19 2.44 -9.91 1.01
CA LEU D 19 2.40 -10.80 -0.18
C LEU D 19 1.81 -10.03 -1.36
N HIS D 20 0.85 -9.18 -1.11
CA HIS D 20 0.25 -8.40 -2.23
C HIS D 20 1.35 -7.67 -2.99
N LEU D 21 2.24 -7.01 -2.29
CA LEU D 21 3.31 -6.28 -3.01
C LEU D 21 4.25 -7.29 -3.70
N ILE D 22 4.51 -8.41 -3.07
CA ILE D 22 5.42 -9.41 -3.72
C ILE D 22 4.91 -9.63 -5.15
N LEU D 23 3.62 -9.68 -5.32
CA LEU D 23 3.07 -9.86 -6.70
C LEU D 23 3.25 -8.55 -7.47
N TRP D 24 3.12 -7.44 -6.79
CA TRP D 24 3.30 -6.12 -7.46
C TRP D 24 4.71 -6.02 -8.06
N ILE D 25 5.71 -6.16 -7.24
CA ILE D 25 7.11 -6.07 -7.75
C ILE D 25 7.35 -7.18 -8.78
N LEU D 26 6.77 -8.33 -8.58
CA LEU D 26 6.97 -9.45 -9.55
C LEU D 26 6.32 -9.08 -10.88
N ASP D 27 5.24 -8.35 -10.85
CA ASP D 27 4.56 -7.96 -12.12
C ASP D 27 5.40 -6.91 -12.85
N ARG D 28 6.02 -6.03 -12.12
CA ARG D 28 6.85 -4.98 -12.78
C ARG D 28 8.14 -5.61 -13.32
N LEU D 29 8.79 -6.41 -12.52
CA LEU D 29 10.06 -7.06 -12.99
C LEU D 29 9.75 -7.96 -14.18
N PHE D 30 8.67 -8.70 -14.12
CA PHE D 30 8.31 -9.60 -15.26
C PHE D 30 9.54 -10.45 -15.62
N PHE D 31 10.31 -10.00 -16.56
CA PHE D 31 11.52 -10.78 -16.97
C PHE D 31 11.10 -12.15 -17.48
N LYS D 32 12.04 -13.00 -17.80
CA LYS D 32 11.69 -14.35 -18.31
C LYS D 32 12.80 -15.34 -17.95
N SER D 33 12.46 -16.59 -17.76
CA SER D 33 13.50 -17.59 -17.41
C SER D 33 12.96 -19.01 -17.68
N ILE D 34 11.86 -19.10 -18.37
CA ILE D 34 11.28 -20.44 -18.67
C ILE D 34 12.01 -21.04 -19.87
N TYR D 35 13.01 -20.37 -20.37
CA TYR D 35 13.75 -20.92 -21.55
C TYR D 35 15.21 -20.45 -21.48
N ARG D 36 16.12 -21.37 -21.29
CA ARG D 36 17.56 -20.98 -21.22
C ARG D 36 18.43 -22.25 -21.23
N PHE D 37 18.68 -22.80 -22.39
CA PHE D 37 19.52 -24.02 -22.46
C PHE D 37 20.17 -24.11 -23.85
N PHE D 38 19.47 -23.72 -24.87
CA PHE D 38 20.05 -23.78 -26.24
C PHE D 38 20.73 -22.45 -26.56
N GLU D 39 19.98 -21.39 -26.64
CA GLU D 39 20.58 -20.06 -26.95
C GLU D 39 21.59 -19.69 -25.86
N HIS D 40 22.63 -18.98 -26.21
CA HIS D 40 23.64 -18.59 -25.20
C HIS D 40 24.03 -19.81 -24.37
N GLY D 41 24.40 -19.61 -23.13
CA GLY D 41 24.79 -20.77 -22.27
C GLY D 41 24.79 -20.33 -20.81
N LEU D 42 25.93 -20.38 -20.16
CA LEU D 42 25.99 -19.97 -18.74
C LEU D 42 25.63 -18.49 -18.61
N LYS D 43 26.28 -17.65 -19.36
CA LYS D 43 25.98 -16.20 -19.28
C LYS D 43 24.59 -15.93 -19.86
N ARG A 1 3.55 3.21 36.26
CA ARG A 1 4.82 2.43 36.23
C ARG A 1 4.72 1.33 35.17
N SER A 2 3.74 1.43 34.29
CA SER A 2 3.60 0.39 33.23
C SER A 2 4.73 0.55 32.21
N ASN A 3 4.95 -0.46 31.41
CA ASN A 3 6.04 -0.37 30.39
C ASN A 3 5.66 0.65 29.31
N ASP A 4 4.39 0.86 29.11
CA ASP A 4 3.95 1.84 28.07
C ASP A 4 4.56 1.45 26.73
N SER A 5 5.16 0.31 26.64
CA SER A 5 5.77 -0.12 25.35
C SER A 5 4.67 -0.44 24.34
N SER A 6 3.44 -0.20 24.70
CA SER A 6 2.32 -0.48 23.75
C SER A 6 2.49 0.35 22.49
N ASP A 7 1.51 0.34 21.62
CA ASP A 7 1.62 1.13 20.37
C ASP A 7 0.24 1.20 19.69
N PRO A 8 -0.68 1.93 20.25
CA PRO A 8 -2.04 2.06 19.68
C PRO A 8 -2.04 2.78 18.32
N LEU A 9 -1.09 3.65 18.11
CA LEU A 9 -1.04 4.38 16.81
C LEU A 9 -0.59 3.43 15.69
N VAL A 10 0.44 2.67 15.93
CA VAL A 10 0.92 1.72 14.88
C VAL A 10 -0.20 0.75 14.51
N VAL A 11 -0.72 0.03 15.47
CA VAL A 11 -1.81 -0.93 15.17
C VAL A 11 -2.99 -0.20 14.54
N ALA A 12 -3.49 0.82 15.19
CA ALA A 12 -4.65 1.58 14.62
C ALA A 12 -4.30 2.05 13.21
N ALA A 13 -3.03 2.16 12.91
CA ALA A 13 -2.62 2.62 11.56
C ALA A 13 -2.47 1.40 10.64
N ASN A 14 -2.29 0.24 11.20
CA ASN A 14 -2.13 -0.99 10.36
C ASN A 14 -3.49 -1.39 9.80
N ILE A 15 -4.53 -1.28 10.58
CA ILE A 15 -5.88 -1.66 10.08
C ILE A 15 -6.16 -0.92 8.76
N ILE A 16 -5.86 0.35 8.70
CA ILE A 16 -6.09 1.11 7.45
C ILE A 16 -4.96 0.80 6.47
N GLY A 17 -3.81 0.45 6.98
CA GLY A 17 -2.67 0.14 6.06
C GLY A 17 -3.07 -1.02 5.15
N ILE A 18 -3.48 -2.12 5.72
CA ILE A 18 -3.90 -3.27 4.88
C ILE A 18 -5.15 -2.89 4.10
N LEU A 19 -6.12 -2.32 4.76
CA LEU A 19 -7.36 -1.91 4.03
C LEU A 19 -6.96 -1.10 2.80
N HIS A 20 -5.97 -0.25 2.95
CA HIS A 20 -5.52 0.56 1.79
C HIS A 20 -5.05 -0.37 0.68
N LEU A 21 -4.17 -1.28 0.99
CA LEU A 21 -3.66 -2.22 -0.04
C LEU A 21 -4.83 -2.97 -0.67
N ILE A 22 -5.69 -3.53 0.15
CA ILE A 22 -6.85 -4.28 -0.40
C ILE A 22 -7.60 -3.40 -1.40
N LEU A 23 -7.62 -2.12 -1.18
CA LEU A 23 -8.33 -1.21 -2.11
C LEU A 23 -7.45 -0.93 -3.33
N TRP A 24 -6.28 -0.38 -3.12
CA TRP A 24 -5.37 -0.10 -4.26
C TRP A 24 -5.26 -1.34 -5.16
N ILE A 25 -4.93 -2.46 -4.58
CA ILE A 25 -4.80 -3.69 -5.40
C ILE A 25 -6.14 -4.01 -6.08
N LEU A 26 -7.23 -3.90 -5.37
CA LEU A 26 -8.56 -4.19 -5.98
C LEU A 26 -8.72 -3.33 -7.24
N ASP A 27 -8.15 -2.16 -7.23
CA ASP A 27 -8.26 -1.26 -8.41
C ASP A 27 -7.31 -1.74 -9.51
N ARG A 28 -6.19 -2.30 -9.14
CA ARG A 28 -5.22 -2.78 -10.17
C ARG A 28 -5.77 -4.05 -10.83
N LEU A 29 -6.48 -4.86 -10.09
CA LEU A 29 -7.04 -6.11 -10.69
C LEU A 29 -8.46 -5.85 -11.19
N PHE A 30 -9.07 -4.78 -10.76
CA PHE A 30 -10.46 -4.48 -11.22
C PHE A 30 -10.65 -2.96 -11.31
N PHE A 31 -9.66 -2.26 -11.76
CA PHE A 31 -9.79 -0.77 -11.87
C PHE A 31 -11.13 -0.42 -12.53
N LYS A 32 -11.64 -1.29 -13.35
CA LYS A 32 -12.94 -1.00 -14.04
C LYS A 32 -14.06 -1.02 -13.00
N SER A 33 -14.06 -1.99 -12.12
CA SER A 33 -15.13 -2.05 -11.09
C SER A 33 -15.05 -0.81 -10.19
N ILE A 34 -13.87 -0.44 -9.79
CA ILE A 34 -13.73 0.76 -8.91
C ILE A 34 -14.30 1.98 -9.64
N TYR A 35 -13.90 2.20 -10.86
CA TYR A 35 -14.41 3.38 -11.62
C TYR A 35 -15.93 3.26 -11.76
N ARG A 36 -16.42 2.08 -12.03
CA ARG A 36 -17.89 1.91 -12.18
C ARG A 36 -18.58 2.09 -10.83
N PHE A 37 -17.89 1.77 -9.76
CA PHE A 37 -18.50 1.92 -8.41
C PHE A 37 -18.79 3.40 -8.15
N PHE A 38 -17.78 4.22 -8.14
CA PHE A 38 -18.00 5.67 -7.89
C PHE A 38 -19.01 6.21 -8.90
N GLU A 39 -18.90 5.82 -10.14
CA GLU A 39 -19.85 6.32 -11.18
C GLU A 39 -21.16 5.54 -11.07
N HIS A 40 -22.24 6.21 -10.76
CA HIS A 40 -23.54 5.51 -10.64
C HIS A 40 -24.10 5.21 -12.04
N GLY A 41 -24.64 4.05 -12.24
CA GLY A 41 -25.19 3.71 -13.58
C GLY A 41 -26.52 4.43 -13.78
N LEU A 42 -26.79 4.86 -14.99
CA LEU A 42 -28.07 5.58 -15.26
C LEU A 42 -28.42 5.46 -16.74
N LYS A 43 -29.65 5.17 -17.05
CA LYS A 43 -30.05 5.05 -18.48
C LYS A 43 -29.60 6.30 -19.24
N ARG B 1 15.96 6.64 32.22
CA ARG B 1 14.60 6.03 32.32
C ARG B 1 13.72 6.58 31.20
N SER B 2 12.86 5.77 30.65
CA SER B 2 11.97 6.25 29.55
C SER B 2 10.72 5.36 29.49
N ASN B 3 9.56 5.96 29.51
CA ASN B 3 8.31 5.15 29.44
C ASN B 3 7.95 4.89 27.98
N ASP B 4 7.67 5.93 27.24
CA ASP B 4 7.32 5.74 25.80
C ASP B 4 8.59 5.51 24.98
N SER B 5 8.93 6.43 24.12
CA SER B 5 10.15 6.26 23.29
C SER B 5 10.05 4.97 22.48
N SER B 6 8.86 4.50 22.26
CA SER B 6 8.69 3.23 21.47
C SER B 6 9.26 3.43 20.06
N ASP B 7 8.45 3.89 19.14
CA ASP B 7 8.95 4.10 17.75
C ASP B 7 8.15 5.22 17.09
N PRO B 8 8.36 6.45 17.51
CA PRO B 8 7.62 7.60 16.92
C PRO B 8 8.00 7.85 15.46
N LEU B 9 9.19 7.48 15.07
CA LEU B 9 9.62 7.70 13.66
C LEU B 9 8.73 6.87 12.73
N VAL B 10 8.70 5.58 12.93
CA VAL B 10 7.86 4.71 12.06
C VAL B 10 6.42 5.22 12.08
N VAL B 11 5.96 5.70 13.20
CA VAL B 11 4.56 6.21 13.28
C VAL B 11 4.38 7.32 12.23
N ALA B 12 5.16 8.37 12.33
CA ALA B 12 5.02 9.46 11.33
C ALA B 12 5.01 8.85 9.93
N ALA B 13 5.79 7.83 9.72
CA ALA B 13 5.82 7.18 8.38
C ALA B 13 4.50 6.45 8.15
N ASN B 14 3.87 5.99 9.20
CA ASN B 14 2.58 5.26 9.04
C ASN B 14 1.51 6.25 8.56
N ILE B 15 1.19 7.23 9.36
CA ILE B 15 0.15 8.22 8.94
C ILE B 15 0.51 8.71 7.54
N ILE B 16 1.77 8.88 7.26
CA ILE B 16 2.17 9.34 5.89
C ILE B 16 1.62 8.36 4.86
N GLY B 17 1.73 7.08 5.12
CA GLY B 17 1.20 6.08 4.16
C GLY B 17 -0.28 6.35 3.94
N ILE B 18 -1.02 6.56 4.99
CA ILE B 18 -2.48 6.84 4.84
C ILE B 18 -2.64 8.07 3.93
N LEU B 19 -1.95 9.13 4.23
CA LEU B 19 -2.05 10.36 3.40
C LEU B 19 -1.65 10.02 1.96
N HIS B 20 -0.67 9.19 1.78
CA HIS B 20 -0.25 8.84 0.39
C HIS B 20 -1.46 8.35 -0.39
N LEU B 21 -2.25 7.48 0.17
CA LEU B 21 -3.43 6.98 -0.58
C LEU B 21 -4.43 8.13 -0.76
N ILE B 22 -4.59 8.98 0.22
CA ILE B 22 -5.56 10.10 0.05
C ILE B 22 -5.28 10.77 -1.28
N LEU B 23 -4.02 10.92 -1.62
CA LEU B 23 -3.68 11.54 -2.92
C LEU B 23 -4.01 10.55 -4.03
N TRP B 24 -3.77 9.29 -3.80
CA TRP B 24 -4.07 8.24 -4.83
C TRP B 24 -5.56 8.32 -5.19
N ILE B 25 -6.42 8.21 -4.22
CA ILE B 25 -7.88 8.27 -4.49
C ILE B 25 -8.20 9.58 -5.22
N LEU B 26 -7.69 10.68 -4.75
CA LEU B 26 -7.97 11.99 -5.43
C LEU B 26 -7.33 11.99 -6.81
N ASP B 27 -6.43 11.08 -7.06
CA ASP B 27 -5.77 11.03 -8.40
C ASP B 27 -6.71 10.39 -9.42
N ARG B 28 -7.15 9.18 -9.17
CA ARG B 28 -8.06 8.50 -10.13
C ARG B 28 -9.36 9.32 -10.25
N LEU B 29 -9.76 9.97 -9.21
CA LEU B 29 -11.01 10.77 -9.26
C LEU B 29 -10.75 12.08 -10.03
N PHE B 30 -9.92 12.93 -9.48
CA PHE B 30 -9.62 14.21 -10.18
C PHE B 30 -10.92 14.97 -10.43
N PHE B 31 -11.97 14.60 -9.76
CA PHE B 31 -13.27 15.30 -9.96
C PHE B 31 -13.61 15.33 -11.45
N LYS B 32 -14.67 16.00 -11.82
CA LYS B 32 -15.04 16.07 -13.26
C LYS B 32 -15.72 17.41 -13.55
N SER B 33 -15.34 18.06 -14.60
CA SER B 33 -15.97 19.37 -14.94
C SER B 33 -15.85 20.33 -13.74
N ILE B 34 -16.31 21.53 -13.90
CA ILE B 34 -16.23 22.51 -12.77
C ILE B 34 -17.08 23.74 -13.09
N TYR B 35 -17.19 24.07 -14.35
CA TYR B 35 -17.99 25.26 -14.74
C TYR B 35 -19.48 24.96 -14.53
N ARG B 36 -20.30 25.98 -14.44
CA ARG B 36 -21.75 25.75 -14.24
C ARG B 36 -22.44 25.60 -15.59
N PHE B 37 -21.67 25.44 -16.64
CA PHE B 37 -22.29 25.30 -17.99
C PHE B 37 -21.37 24.45 -18.88
N PHE B 38 -20.60 23.59 -18.29
CA PHE B 38 -19.69 22.73 -19.10
C PHE B 38 -20.51 21.90 -20.09
N GLU B 39 -19.91 21.46 -21.16
CA GLU B 39 -20.65 20.64 -22.15
C GLU B 39 -19.68 20.03 -23.15
N HIS B 40 -19.79 18.76 -23.41
CA HIS B 40 -18.86 18.11 -24.39
C HIS B 40 -19.17 18.60 -25.79
N GLY B 41 -18.21 18.55 -26.68
CA GLY B 41 -18.44 19.02 -28.07
C GLY B 41 -17.10 19.23 -28.77
N LEU B 42 -16.65 18.26 -29.53
CA LEU B 42 -15.36 18.41 -30.24
C LEU B 42 -14.23 18.59 -29.22
N LYS B 43 -13.37 17.62 -29.08
CA LYS B 43 -12.26 17.74 -28.10
C LYS B 43 -11.18 18.67 -28.67
N ARG C 1 1.90 -14.18 33.68
CA ARG C 1 0.65 -13.45 34.08
C ARG C 1 0.62 -12.09 33.40
N SER C 2 1.44 -11.88 32.40
CA SER C 2 1.45 -10.58 31.70
C SER C 2 0.18 -10.45 30.86
N ASN C 3 -0.14 -9.24 30.45
CA ASN C 3 -1.37 -9.04 29.63
C ASN C 3 -1.18 -9.68 28.25
N ASP C 4 0.05 -9.79 27.80
CA ASP C 4 0.30 -10.39 26.46
C ASP C 4 -0.50 -9.63 25.40
N SER C 5 -1.09 -8.53 25.76
CA SER C 5 -1.88 -7.74 24.77
C SER C 5 -0.93 -7.11 23.75
N SER C 6 0.33 -7.42 23.83
CA SER C 6 1.30 -6.83 22.86
C SER C 6 0.92 -7.24 21.44
N ASP C 7 1.76 -6.94 20.48
CA ASP C 7 1.45 -7.32 19.07
C ASP C 7 2.71 -7.14 18.21
N PRO C 8 3.68 -7.99 18.38
CA PRO C 8 4.94 -7.90 17.59
C PRO C 8 4.72 -8.18 16.10
N LEU C 9 3.73 -8.96 15.77
CA LEU C 9 3.46 -9.27 14.34
C LEU C 9 2.88 -8.04 13.64
N VAL C 10 1.91 -7.41 14.26
CA VAL C 10 1.29 -6.20 13.63
C VAL C 10 2.36 -5.13 13.42
N VAL C 11 3.04 -4.74 14.45
CA VAL C 11 4.09 -3.68 14.29
C VAL C 11 5.16 -4.17 13.30
N ALA C 12 5.72 -5.32 13.53
CA ALA C 12 6.76 -5.83 12.60
C ALA C 12 6.19 -5.86 11.18
N ALA C 13 4.89 -5.92 11.04
CA ALA C 13 4.27 -5.95 9.69
C ALA C 13 4.01 -4.52 9.22
N ASN C 14 3.94 -3.59 10.14
CA ASN C 14 3.69 -2.17 9.75
C ASN C 14 4.96 -1.58 9.14
N ILE C 15 6.10 -1.90 9.68
CA ILE C 15 7.37 -1.35 9.12
C ILE C 15 7.41 -1.63 7.61
N ILE C 16 7.09 -2.84 7.22
CA ILE C 16 7.12 -3.18 5.77
C ILE C 16 5.86 -2.62 5.11
N GLY C 17 4.80 -2.46 5.87
CA GLY C 17 3.54 -1.91 5.28
C GLY C 17 3.83 -0.52 4.71
N ILE C 18 4.34 0.36 5.52
CA ILE C 18 4.66 1.73 5.02
C ILE C 18 5.76 1.62 3.98
N LEU C 19 6.82 0.91 4.27
CA LEU C 19 7.92 0.77 3.28
C LEU C 19 7.32 0.36 1.94
N HIS C 20 6.35 -0.52 1.97
CA HIS C 20 5.70 -0.95 0.70
C HIS C 20 5.10 0.26 0.01
N LEU C 21 4.29 1.01 0.71
CA LEU C 21 3.66 2.21 0.10
C LEU C 21 4.74 3.15 -0.43
N ILE C 22 5.72 3.45 0.37
CA ILE C 22 6.80 4.36 -0.09
C ILE C 22 7.38 3.84 -1.41
N LEU C 23 7.40 2.56 -1.58
CA LEU C 23 7.94 1.98 -2.85
C LEU C 23 6.88 2.08 -3.95
N TRP C 24 5.74 1.47 -3.74
CA TRP C 24 4.67 1.52 -4.76
C TRP C 24 4.45 2.96 -5.21
N ILE C 25 4.23 3.86 -4.28
CA ILE C 25 4.01 5.28 -4.67
C ILE C 25 5.24 5.82 -5.41
N LEU C 26 6.42 5.52 -4.93
CA LEU C 26 7.63 6.02 -5.62
C LEU C 26 7.59 5.59 -7.09
N ASP C 27 7.00 4.45 -7.36
CA ASP C 27 6.91 3.97 -8.76
C ASP C 27 5.82 4.74 -9.50
N ARG C 28 4.78 5.12 -8.81
CA ARG C 28 3.68 5.86 -9.48
C ARG C 28 4.15 7.29 -9.79
N LEU C 29 4.98 7.85 -8.97
CA LEU C 29 5.47 9.23 -9.23
C LEU C 29 6.79 9.18 -10.00
N PHE C 30 7.43 8.05 -10.01
CA PHE C 30 8.73 7.93 -10.75
C PHE C 30 8.88 6.52 -11.31
N PHE C 31 7.81 5.96 -11.82
CA PHE C 31 7.89 4.59 -12.38
C PHE C 31 9.10 4.48 -13.31
N LYS C 32 9.50 5.57 -13.91
CA LYS C 32 10.68 5.53 -14.83
C LYS C 32 11.95 5.26 -14.01
N SER C 33 12.10 5.92 -12.90
CA SER C 33 13.32 5.69 -12.06
C SER C 33 13.35 4.24 -11.59
N ILE C 34 12.23 3.73 -11.14
CA ILE C 34 12.20 2.32 -10.67
C ILE C 34 12.63 1.39 -11.81
N TYR C 35 12.03 1.54 -12.95
CA TYR C 35 12.40 0.67 -14.11
C TYR C 35 13.89 0.86 -14.44
N ARG C 36 14.36 2.07 -14.41
CA ARG C 36 15.80 2.32 -14.72
C ARG C 36 16.67 1.76 -13.60
N PHE C 37 16.16 1.72 -12.40
CA PHE C 37 16.96 1.17 -11.26
C PHE C 37 17.26 -0.31 -11.51
N PHE C 38 16.24 -1.12 -11.60
CA PHE C 38 16.46 -2.57 -11.84
C PHE C 38 17.30 -2.75 -13.12
N GLU C 39 16.99 -2.01 -14.15
CA GLU C 39 17.77 -2.14 -15.41
C GLU C 39 19.10 -1.40 -15.27
N HIS C 40 20.20 -2.10 -15.34
CA HIS C 40 21.53 -1.44 -15.22
C HIS C 40 21.86 -0.72 -16.53
N GLY C 41 22.40 0.48 -16.44
CA GLY C 41 22.75 1.22 -17.69
C GLY C 41 24.02 0.61 -18.30
N LEU C 42 24.10 0.59 -19.60
CA LEU C 42 25.30 0.01 -20.26
C LEU C 42 25.42 0.58 -21.68
N LYS C 43 26.60 0.99 -22.06
CA LYS C 43 26.78 1.55 -23.43
C LYS C 43 26.20 0.58 -24.47
N ARG D 1 -11.06 -16.53 30.72
CA ARG D 1 -9.69 -15.95 30.78
C ARG D 1 -9.00 -16.10 29.43
N SER D 2 -8.21 -15.14 29.03
CA SER D 2 -7.51 -15.24 27.72
C SER D 2 -6.27 -14.35 27.74
N ASN D 3 -5.13 -14.89 27.40
CA ASN D 3 -3.89 -14.07 27.40
C ASN D 3 -3.75 -13.38 26.04
N ASP D 4 -3.61 -14.13 24.99
CA ASP D 4 -3.47 -13.50 23.64
C ASP D 4 -4.84 -13.07 23.13
N SER D 5 -5.32 -13.69 22.09
CA SER D 5 -6.65 -13.31 21.55
C SER D 5 -6.65 -11.83 21.17
N SER D 6 -5.50 -11.27 20.92
CA SER D 6 -5.43 -9.83 20.54
C SER D 6 -6.21 -9.61 19.24
N ASP D 7 -5.55 -9.74 18.11
CA ASP D 7 -6.26 -9.52 16.82
C ASP D 7 -5.59 -10.38 15.73
N PRO D 8 -5.77 -11.68 15.79
CA PRO D 8 -5.16 -12.58 14.78
C PRO D 8 -5.76 -12.38 13.38
N LEU D 9 -6.98 -11.95 13.31
CA LEU D 9 -7.62 -11.73 11.97
C LEU D 9 -6.86 -10.63 11.22
N VAL D 10 -6.77 -9.47 11.80
CA VAL D 10 -6.05 -8.36 11.11
C VAL D 10 -4.64 -8.80 10.76
N VAL D 11 -4.03 -9.59 11.60
CA VAL D 11 -2.65 -10.07 11.30
C VAL D 11 -2.65 -10.80 9.96
N ALA D 12 -3.42 -11.85 9.84
CA ALA D 12 -3.47 -12.60 8.55
C ALA D 12 -3.66 -11.59 7.41
N ALA D 13 -4.44 -10.57 7.65
CA ALA D 13 -4.66 -9.54 6.60
C ALA D 13 -3.37 -8.74 6.41
N ASN D 14 -2.58 -8.60 7.44
CA ASN D 14 -1.31 -7.84 7.31
C ASN D 14 -0.35 -8.60 6.40
N ILE D 15 0.07 -9.77 6.80
CA ILE D 15 1.00 -10.55 5.95
C ILE D 15 0.44 -10.61 4.53
N ILE D 16 -0.86 -10.71 4.41
CA ILE D 16 -1.47 -10.75 3.06
C ILE D 16 -1.05 -9.48 2.29
N GLY D 17 -1.10 -8.35 2.95
CA GLY D 17 -0.71 -7.09 2.28
C GLY D 17 0.72 -7.25 1.75
N ILE D 18 1.61 -7.74 2.57
CA ILE D 18 3.01 -7.93 2.12
C ILE D 18 3.01 -8.81 0.86
N LEU D 19 2.35 -9.94 0.93
CA LEU D 19 2.30 -10.85 -0.25
C LEU D 19 1.70 -10.11 -1.44
N HIS D 20 0.71 -9.28 -1.21
CA HIS D 20 0.09 -8.53 -2.34
C HIS D 20 1.18 -7.81 -3.11
N LEU D 21 2.07 -7.13 -2.43
CA LEU D 21 3.14 -6.40 -3.17
C LEU D 21 4.07 -7.40 -3.84
N ILE D 22 4.36 -8.51 -3.20
CA ILE D 22 5.27 -9.50 -3.84
C ILE D 22 4.77 -9.75 -5.27
N LEU D 23 3.48 -9.82 -5.43
CA LEU D 23 2.92 -10.02 -6.80
C LEU D 23 3.11 -8.72 -7.60
N TRP D 24 2.94 -7.60 -6.95
CA TRP D 24 3.10 -6.29 -7.64
C TRP D 24 4.51 -6.21 -8.23
N ILE D 25 5.52 -6.39 -7.42
CA ILE D 25 6.92 -6.33 -7.92
C ILE D 25 7.09 -7.35 -9.05
N LEU D 26 6.63 -8.55 -8.86
CA LEU D 26 6.78 -9.58 -9.94
C LEU D 26 5.94 -9.17 -11.14
N ASP D 27 5.03 -8.25 -10.96
CA ASP D 27 4.18 -7.81 -12.11
C ASP D 27 4.96 -6.87 -13.01
N ARG D 28 5.45 -5.79 -12.48
CA ARG D 28 6.23 -4.83 -13.31
C ARG D 28 7.48 -5.52 -13.87
N LEU D 29 8.03 -6.47 -13.14
CA LEU D 29 9.24 -7.18 -13.64
C LEU D 29 8.83 -8.19 -14.70
N PHE D 30 8.06 -9.19 -14.33
CA PHE D 30 7.64 -10.21 -15.33
C PHE D 30 8.87 -10.83 -15.99
N PHE D 31 10.02 -10.65 -15.41
CA PHE D 31 11.26 -11.23 -16.00
C PHE D 31 11.36 -10.79 -17.47
N LYS D 32 12.33 -11.29 -18.18
CA LYS D 32 12.49 -10.90 -19.61
C LYS D 32 13.10 -12.07 -20.40
N SER D 33 12.53 -12.40 -21.53
CA SER D 33 13.07 -13.52 -22.34
C SER D 33 13.12 -14.79 -21.49
N ILE D 34 13.53 -15.89 -22.06
CA ILE D 34 13.59 -17.16 -21.29
C ILE D 34 14.36 -18.21 -22.10
N TYR D 35 14.26 -18.15 -23.40
CA TYR D 35 14.98 -19.13 -24.25
C TYR D 35 16.48 -18.88 -24.18
N ARG D 36 17.28 -19.85 -24.53
CA ARG D 36 18.75 -19.65 -24.48
C ARG D 36 19.23 -19.09 -25.82
N PHE D 37 18.32 -18.64 -26.64
CA PHE D 37 18.73 -18.08 -27.97
C PHE D 37 17.71 -17.01 -28.41
N PHE D 38 17.05 -16.40 -27.46
CA PHE D 38 16.05 -15.36 -27.83
C PHE D 38 16.73 -14.25 -28.63
N GLU D 39 15.99 -13.51 -29.42
CA GLU D 39 16.60 -12.42 -30.21
C GLU D 39 15.49 -11.55 -30.82
N HIS D 40 15.58 -10.27 -30.70
CA HIS D 40 14.53 -9.37 -31.27
C HIS D 40 14.62 -9.40 -32.79
N GLY D 41 13.53 -9.11 -33.46
CA GLY D 41 13.54 -9.12 -34.95
C GLY D 41 12.11 -9.14 -35.48
N LEU D 42 11.58 -8.00 -35.83
CA LEU D 42 10.18 -7.95 -36.34
C LEU D 42 9.22 -8.47 -35.27
N LYS D 43 8.42 -7.61 -34.71
CA LYS D 43 7.45 -8.05 -33.66
C LYS D 43 6.29 -8.78 -34.32
N ARG A 1 6.34 7.12 33.97
CA ARG A 1 5.05 6.46 33.61
C ARG A 1 5.31 5.39 32.55
N SER A 2 6.38 4.66 32.69
CA SER A 2 6.69 3.60 31.68
C SER A 2 5.58 2.54 31.70
N ASN A 3 5.26 1.99 30.56
CA ASN A 3 4.19 0.96 30.51
C ASN A 3 4.44 0.01 29.33
N ASP A 4 5.57 -0.64 29.32
CA ASP A 4 5.88 -1.57 28.20
C ASP A 4 5.91 -0.80 26.89
N SER A 5 6.02 -1.50 25.78
CA SER A 5 6.05 -0.81 24.46
C SER A 5 4.74 -0.07 24.25
N SER A 6 3.69 -0.79 23.92
CA SER A 6 2.38 -0.12 23.69
C SER A 6 2.44 0.74 22.42
N ASP A 7 1.53 0.53 21.51
CA ASP A 7 1.54 1.32 20.25
C ASP A 7 0.15 1.28 19.60
N PRO A 8 -0.81 1.92 20.19
CA PRO A 8 -2.19 1.94 19.65
C PRO A 8 -2.28 2.67 18.30
N LEU A 9 -1.42 3.61 18.07
CA LEU A 9 -1.45 4.36 16.78
C LEU A 9 -0.92 3.47 15.65
N VAL A 10 0.12 2.73 15.91
CA VAL A 10 0.68 1.85 14.84
C VAL A 10 -0.35 0.79 14.45
N VAL A 11 -0.84 0.05 15.40
CA VAL A 11 -1.86 -0.99 15.07
C VAL A 11 -3.10 -0.33 14.46
N ALA A 12 -3.65 0.65 15.12
CA ALA A 12 -4.85 1.33 14.56
C ALA A 12 -4.54 1.83 13.16
N ALA A 13 -3.30 2.08 12.87
CA ALA A 13 -2.92 2.58 11.52
C ALA A 13 -2.67 1.39 10.58
N ASN A 14 -2.41 0.23 11.14
CA ASN A 14 -2.16 -0.96 10.29
C ASN A 14 -3.49 -1.47 9.71
N ILE A 15 -4.52 -1.52 10.51
CA ILE A 15 -5.82 -2.00 9.99
C ILE A 15 -6.17 -1.26 8.69
N ILE A 16 -6.01 0.04 8.68
CA ILE A 16 -6.31 0.81 7.44
C ILE A 16 -5.22 0.54 6.40
N GLY A 17 -4.01 0.37 6.84
CA GLY A 17 -2.90 0.10 5.87
C GLY A 17 -3.26 -1.13 5.05
N ILE A 18 -3.82 -2.14 5.67
CA ILE A 18 -4.20 -3.36 4.91
C ILE A 18 -5.39 -3.04 4.01
N LEU A 19 -6.47 -2.58 4.58
CA LEU A 19 -7.65 -2.24 3.73
C LEU A 19 -7.20 -1.36 2.57
N HIS A 20 -6.22 -0.54 2.79
CA HIS A 20 -5.71 0.35 1.71
C HIS A 20 -5.12 -0.52 0.60
N LEU A 21 -4.25 -1.43 0.95
CA LEU A 21 -3.63 -2.30 -0.08
C LEU A 21 -4.72 -3.10 -0.81
N ILE A 22 -5.69 -3.58 -0.09
CA ILE A 22 -6.77 -4.36 -0.74
C ILE A 22 -7.56 -3.45 -1.68
N LEU A 23 -7.60 -2.18 -1.41
CA LEU A 23 -8.36 -1.25 -2.29
C LEU A 23 -7.48 -0.85 -3.49
N TRP A 24 -6.30 -0.36 -3.23
CA TRP A 24 -5.40 0.05 -4.34
C TRP A 24 -5.28 -1.09 -5.35
N ILE A 25 -5.12 -2.30 -4.90
CA ILE A 25 -5.00 -3.44 -5.84
C ILE A 25 -6.35 -3.73 -6.49
N LEU A 26 -7.40 -3.79 -5.72
CA LEU A 26 -8.74 -4.07 -6.31
C LEU A 26 -8.95 -3.14 -7.51
N ASP A 27 -8.42 -1.96 -7.45
CA ASP A 27 -8.59 -1.01 -8.59
C ASP A 27 -7.66 -1.43 -9.74
N ARG A 28 -6.41 -1.58 -9.48
CA ARG A 28 -5.46 -1.99 -10.56
C ARG A 28 -6.01 -3.22 -11.28
N LEU A 29 -6.86 -3.97 -10.62
CA LEU A 29 -7.44 -5.19 -11.25
C LEU A 29 -8.87 -4.91 -11.73
N PHE A 30 -9.47 -3.86 -11.24
CA PHE A 30 -10.87 -3.52 -11.66
C PHE A 30 -11.05 -2.00 -11.70
N PHE A 31 -10.08 -1.29 -12.21
CA PHE A 31 -10.21 0.19 -12.27
C PHE A 31 -11.57 0.57 -12.85
N LYS A 32 -12.13 -0.27 -13.67
CA LYS A 32 -13.46 0.04 -14.26
C LYS A 32 -14.54 -0.03 -13.18
N SER A 33 -14.46 -1.01 -12.32
CA SER A 33 -15.48 -1.13 -11.25
C SER A 33 -15.36 0.07 -10.30
N ILE A 34 -14.18 0.36 -9.85
CA ILE A 34 -14.00 1.51 -8.92
C ILE A 34 -14.56 2.78 -9.57
N TYR A 35 -14.27 2.99 -10.83
CA TYR A 35 -14.78 4.21 -11.52
C TYR A 35 -16.31 4.21 -11.48
N ARG A 36 -16.93 3.09 -11.77
CA ARG A 36 -18.42 3.03 -11.75
C ARG A 36 -18.91 3.24 -10.32
N PHE A 37 -18.28 2.63 -9.36
CA PHE A 37 -18.72 2.80 -7.95
C PHE A 37 -18.67 4.29 -7.57
N PHE A 38 -17.52 4.90 -7.66
CA PHE A 38 -17.43 6.34 -7.30
C PHE A 38 -18.49 7.14 -8.07
N GLU A 39 -18.84 6.69 -9.25
CA GLU A 39 -19.86 7.42 -10.04
C GLU A 39 -21.26 7.01 -9.58
N HIS A 40 -21.40 6.64 -8.33
CA HIS A 40 -22.74 6.23 -7.82
C HIS A 40 -22.79 6.45 -6.30
N GLY A 41 -23.62 7.36 -5.85
CA GLY A 41 -23.72 7.63 -4.39
C GLY A 41 -24.68 8.78 -4.15
N LEU A 42 -25.90 8.49 -3.81
CA LEU A 42 -26.90 9.57 -3.55
C LEU A 42 -26.76 10.06 -2.10
N LYS A 43 -26.57 11.33 -1.91
CA LYS A 43 -26.44 11.86 -0.51
C LYS A 43 -27.79 11.76 0.20
N ARG B 1 19.21 -2.25 18.02
CA ARG B 1 18.36 -2.93 17.01
C ARG B 1 16.89 -2.57 17.27
N SER B 2 16.47 -2.56 18.51
CA SER B 2 15.06 -2.23 18.81
C SER B 2 14.93 -1.82 20.28
N ASN B 3 16.02 -1.84 21.00
CA ASN B 3 15.95 -1.46 22.44
C ASN B 3 15.70 0.05 22.56
N ASP B 4 14.48 0.44 22.74
CA ASP B 4 14.17 1.90 22.87
C ASP B 4 12.70 2.08 23.23
N SER B 5 12.42 2.81 24.27
CA SER B 5 11.00 3.03 24.67
C SER B 5 10.37 4.10 23.77
N SER B 6 9.10 4.00 23.50
CA SER B 6 8.43 5.01 22.63
C SER B 6 9.07 4.98 21.24
N ASP B 7 8.30 5.31 20.23
CA ASP B 7 8.86 5.30 18.84
C ASP B 7 7.85 5.96 17.89
N PRO B 8 7.67 7.25 17.99
CA PRO B 8 6.71 7.97 17.11
C PRO B 8 7.14 7.94 15.64
N LEU B 9 8.42 7.80 15.39
CA LEU B 9 8.90 7.77 13.97
C LEU B 9 8.03 6.81 13.16
N VAL B 10 7.81 5.62 13.67
CA VAL B 10 6.98 4.65 12.91
C VAL B 10 5.56 5.19 12.76
N VAL B 11 5.04 5.84 13.76
CA VAL B 11 3.66 6.39 13.66
C VAL B 11 3.62 7.46 12.56
N ALA B 12 4.41 8.50 12.68
CA ALA B 12 4.41 9.56 11.64
C ALA B 12 4.49 8.91 10.26
N ALA B 13 5.26 7.88 10.12
CA ALA B 13 5.37 7.19 8.81
C ALA B 13 4.07 6.43 8.53
N ASN B 14 3.43 5.94 9.54
CA ASN B 14 2.16 5.19 9.34
C ASN B 14 1.08 6.15 8.84
N ILE B 15 0.71 7.11 9.64
CA ILE B 15 -0.33 8.07 9.19
C ILE B 15 0.05 8.60 7.80
N ILE B 16 1.32 8.81 7.57
CA ILE B 16 1.74 9.29 6.22
C ILE B 16 1.23 8.31 5.17
N GLY B 17 1.36 7.04 5.42
CA GLY B 17 0.87 6.03 4.43
C GLY B 17 -0.62 6.28 4.18
N ILE B 18 -1.37 6.51 5.23
CA ILE B 18 -2.83 6.76 5.04
C ILE B 18 -2.99 8.01 4.16
N LEU B 19 -2.19 9.01 4.39
CA LEU B 19 -2.28 10.24 3.56
C LEU B 19 -1.84 9.94 2.13
N HIS B 20 -0.89 9.05 1.98
CA HIS B 20 -0.42 8.72 0.61
C HIS B 20 -1.60 8.22 -0.22
N LEU B 21 -2.38 7.32 0.30
CA LEU B 21 -3.53 6.83 -0.49
C LEU B 21 -4.56 7.95 -0.66
N ILE B 22 -4.74 8.78 0.34
CA ILE B 22 -5.73 9.89 0.20
C ILE B 22 -5.46 10.61 -1.11
N LEU B 23 -4.20 10.84 -1.42
CA LEU B 23 -3.87 11.52 -2.70
C LEU B 23 -4.15 10.55 -3.86
N TRP B 24 -3.84 9.29 -3.66
CA TRP B 24 -4.08 8.27 -4.71
C TRP B 24 -5.56 8.32 -5.12
N ILE B 25 -6.44 8.19 -4.16
CA ILE B 25 -7.90 8.23 -4.48
C ILE B 25 -8.22 9.54 -5.21
N LEU B 26 -7.83 10.65 -4.64
CA LEU B 26 -8.11 11.97 -5.29
C LEU B 26 -7.74 11.89 -6.77
N ASP B 27 -6.63 11.27 -7.09
CA ASP B 27 -6.21 11.17 -8.51
C ASP B 27 -7.25 10.36 -9.29
N ARG B 28 -7.66 9.24 -8.76
CA ARG B 28 -8.67 8.41 -9.47
C ARG B 28 -9.96 9.22 -9.65
N LEU B 29 -10.32 10.01 -8.67
CA LEU B 29 -11.56 10.81 -8.77
C LEU B 29 -11.43 11.79 -9.95
N PHE B 30 -10.48 12.68 -9.88
CA PHE B 30 -10.30 13.67 -10.98
C PHE B 30 -11.58 14.50 -11.15
N PHE B 31 -11.56 15.73 -10.75
CA PHE B 31 -12.77 16.59 -10.89
C PHE B 31 -13.08 16.80 -12.38
N LYS B 32 -14.27 17.20 -12.69
CA LYS B 32 -14.63 17.42 -14.12
C LYS B 32 -15.96 18.17 -14.20
N SER B 33 -16.43 18.44 -15.39
CA SER B 33 -17.73 19.17 -15.54
C SER B 33 -18.16 19.16 -17.00
N ILE B 34 -18.96 18.20 -17.38
CA ILE B 34 -19.42 18.14 -18.80
C ILE B 34 -20.58 19.11 -18.99
N TYR B 35 -20.73 19.65 -20.18
CA TYR B 35 -21.85 20.60 -20.44
C TYR B 35 -22.20 20.58 -21.92
N ARG B 36 -21.21 20.65 -22.77
CA ARG B 36 -21.50 20.63 -24.24
C ARG B 36 -22.14 21.96 -24.65
N PHE B 37 -21.43 22.76 -25.41
CA PHE B 37 -22.01 24.06 -25.85
C PHE B 37 -22.80 23.88 -27.13
N PHE B 38 -24.01 24.35 -27.18
CA PHE B 38 -24.84 24.18 -28.41
C PHE B 38 -25.97 25.21 -28.41
N GLU B 39 -26.76 25.23 -29.44
CA GLU B 39 -27.89 26.20 -29.50
C GLU B 39 -29.00 25.77 -28.53
N HIS B 40 -29.10 26.42 -27.41
CA HIS B 40 -30.15 26.04 -26.43
C HIS B 40 -30.46 27.23 -25.52
N GLY B 41 -31.53 27.92 -25.77
CA GLY B 41 -31.89 29.10 -24.94
C GLY B 41 -32.88 29.99 -25.69
N LEU B 42 -33.22 31.11 -25.13
CA LEU B 42 -34.17 32.02 -25.82
C LEU B 42 -33.40 33.00 -26.72
N LYS B 43 -33.76 33.10 -27.97
CA LYS B 43 -33.05 34.02 -28.88
C LYS B 43 -33.61 35.44 -28.71
N ARG C 1 -1.30 -17.28 30.76
CA ARG C 1 -0.07 -16.50 30.43
C ARG C 1 -0.46 -15.16 29.79
N SER C 2 -1.48 -14.53 30.31
CA SER C 2 -1.92 -13.23 29.73
C SER C 2 -0.79 -12.20 29.90
N ASN C 3 -0.63 -11.33 28.94
CA ASN C 3 0.44 -10.29 29.04
C ASN C 3 0.03 -9.04 28.26
N ASP C 4 -1.08 -8.45 28.62
CA ASP C 4 -1.53 -7.22 27.91
C ASP C 4 -1.77 -7.56 26.43
N SER C 5 -2.03 -6.56 25.62
CA SER C 5 -2.28 -6.83 24.18
C SER C 5 -1.02 -7.42 23.56
N SER C 6 -0.03 -6.62 23.30
CA SER C 6 1.22 -7.15 22.69
C SER C 6 0.94 -7.58 21.25
N ASP C 7 1.71 -7.08 20.31
CA ASP C 7 1.49 -7.46 18.89
C ASP C 7 2.77 -7.18 18.08
N PRO C 8 3.79 -7.96 18.30
CA PRO C 8 5.09 -7.76 17.57
C PRO C 8 4.95 -8.05 16.07
N LEU C 9 4.04 -8.90 15.69
CA LEU C 9 3.86 -9.22 14.26
C LEU C 9 3.19 -8.04 13.54
N VAL C 10 2.21 -7.44 14.16
CA VAL C 10 1.52 -6.30 13.52
C VAL C 10 2.50 -5.15 13.31
N VAL C 11 3.15 -4.71 14.36
CA VAL C 11 4.12 -3.59 14.22
C VAL C 11 5.24 -4.01 13.26
N ALA C 12 5.86 -5.13 13.49
CA ALA C 12 6.95 -5.58 12.58
C ALA C 12 6.42 -5.64 11.15
N ALA C 13 5.13 -5.82 10.99
CA ALA C 13 4.56 -5.88 9.62
C ALA C 13 4.20 -4.48 9.14
N ASN C 14 4.05 -3.56 10.06
CA ASN C 14 3.71 -2.16 9.66
C ASN C 14 4.94 -1.47 9.06
N ILE C 15 6.07 -1.65 9.68
CA ILE C 15 7.31 -0.99 9.13
C ILE C 15 7.42 -1.29 7.64
N ILE C 16 7.24 -2.54 7.26
CA ILE C 16 7.34 -2.88 5.81
C ILE C 16 6.11 -2.33 5.08
N GLY C 17 4.97 -2.34 5.73
CA GLY C 17 3.75 -1.81 5.08
C GLY C 17 4.01 -0.38 4.61
N ILE C 18 4.66 0.41 5.41
CA ILE C 18 4.96 1.80 5.02
C ILE C 18 5.99 1.80 3.89
N LEU C 19 7.14 1.22 4.12
CA LEU C 19 8.17 1.19 3.05
C LEU C 19 7.53 0.69 1.76
N HIS C 20 6.57 -0.19 1.87
CA HIS C 20 5.89 -0.71 0.66
C HIS C 20 5.15 0.43 -0.04
N LEU C 21 4.37 1.17 0.70
CA LEU C 21 3.61 2.30 0.09
C LEU C 21 4.60 3.31 -0.52
N ILE C 22 5.68 3.57 0.16
CA ILE C 22 6.67 4.54 -0.38
C ILE C 22 7.29 3.99 -1.66
N LEU C 23 7.35 2.69 -1.79
CA LEU C 23 7.94 2.09 -3.03
C LEU C 23 6.88 2.05 -4.14
N TRP C 24 5.74 1.48 -3.86
CA TRP C 24 4.67 1.41 -4.89
C TRP C 24 4.42 2.80 -5.48
N ILE C 25 4.36 3.81 -4.66
CA ILE C 25 4.12 5.19 -5.20
C ILE C 25 5.37 5.68 -5.92
N LEU C 26 6.53 5.53 -5.33
CA LEU C 26 7.77 6.00 -6.01
C LEU C 26 7.78 5.49 -7.45
N ASP C 27 7.22 4.34 -7.68
CA ASP C 27 7.20 3.78 -9.06
C ASP C 27 6.13 4.52 -9.88
N ARG C 28 4.93 4.54 -9.40
CA ARG C 28 3.84 5.23 -10.15
C ARG C 28 4.31 6.64 -10.52
N LEU C 29 5.26 7.18 -9.80
CA LEU C 29 5.77 8.54 -10.11
C LEU C 29 7.09 8.44 -10.87
N PHE C 30 7.74 7.31 -10.81
CA PHE C 30 9.05 7.17 -11.52
C PHE C 30 9.19 5.73 -12.05
N PHE C 31 8.14 5.19 -12.60
CA PHE C 31 8.22 3.79 -13.13
C PHE C 31 9.48 3.64 -13.99
N LYS C 32 9.92 4.71 -14.59
CA LYS C 32 11.14 4.63 -15.44
C LYS C 32 12.37 4.38 -14.56
N SER C 33 12.45 5.07 -13.45
CA SER C 33 13.63 4.87 -12.55
C SER C 33 13.62 3.44 -12.01
N ILE C 34 12.51 2.99 -11.49
CA ILE C 34 12.45 1.61 -10.94
C ILE C 34 12.87 0.62 -12.03
N TYR C 35 12.39 0.79 -13.24
CA TYR C 35 12.77 -0.14 -14.33
C TYR C 35 14.29 -0.12 -14.52
N ARG C 36 14.87 1.05 -14.56
CA ARG C 36 16.35 1.13 -14.74
C ARG C 36 17.06 0.51 -13.53
N PHE C 37 16.58 0.78 -12.35
CA PHE C 37 17.22 0.21 -11.14
C PHE C 37 17.21 -1.32 -11.22
N PHE C 38 16.05 -1.90 -11.32
CA PHE C 38 15.97 -3.39 -11.41
C PHE C 38 16.89 -3.89 -12.53
N GLU C 39 17.07 -3.10 -13.56
CA GLU C 39 17.95 -3.53 -14.68
C GLU C 39 19.40 -3.24 -14.33
N HIS C 40 19.73 -3.27 -13.06
CA HIS C 40 21.14 -3.00 -12.66
C HIS C 40 21.42 -3.67 -11.31
N GLY C 41 22.28 -4.65 -11.29
CA GLY C 41 22.60 -5.34 -10.01
C GLY C 41 23.56 -6.50 -10.28
N LEU C 42 24.83 -6.29 -10.05
CA LEU C 42 25.81 -7.38 -10.29
C LEU C 42 25.90 -8.27 -9.05
N LYS C 43 25.71 -9.55 -9.23
CA LYS C 43 25.78 -10.48 -8.06
C LYS C 43 27.22 -10.58 -7.56
N ARG D 1 -16.23 -3.82 20.55
CA ARG D 1 -15.52 -2.85 19.67
C ARG D 1 -14.04 -3.22 19.58
N SER D 2 -13.44 -3.60 20.67
CA SER D 2 -12.00 -3.98 20.64
C SER D 2 -11.66 -4.81 21.89
N ASN D 3 -12.63 -5.04 22.74
CA ASN D 3 -12.35 -5.83 23.97
C ASN D 3 -12.13 -7.30 23.59
N ASP D 4 -10.89 -7.70 23.44
CA ASP D 4 -10.60 -9.12 23.08
C ASP D 4 -9.09 -9.36 23.14
N SER D 5 -8.68 -10.37 23.86
CA SER D 5 -7.22 -10.66 23.95
C SER D 5 -6.76 -11.40 22.68
N SER D 6 -5.55 -11.18 22.27
CA SER D 6 -5.04 -11.86 21.05
C SER D 6 -5.87 -11.43 19.84
N ASP D 7 -5.28 -11.42 18.67
CA ASP D 7 -6.04 -11.00 17.47
C ASP D 7 -5.20 -11.31 16.22
N PRO D 8 -5.03 -12.57 15.89
CA PRO D 8 -4.23 -12.96 14.69
C PRO D 8 -4.88 -12.50 13.38
N LEU D 9 -6.17 -12.33 13.37
CA LEU D 9 -6.86 -11.88 12.13
C LEU D 9 -6.11 -10.69 11.53
N VAL D 10 -5.79 -9.72 12.33
CA VAL D 10 -5.05 -8.53 11.80
C VAL D 10 -3.69 -8.96 11.26
N VAL D 11 -3.04 -9.88 11.93
CA VAL D 11 -1.71 -10.34 11.46
C VAL D 11 -1.85 -11.02 10.10
N ALA D 12 -2.65 -12.06 10.03
CA ALA D 12 -2.82 -12.76 8.72
C ALA D 12 -3.09 -11.73 7.63
N ALA D 13 -3.86 -10.72 7.93
CA ALA D 13 -4.14 -9.67 6.92
C ALA D 13 -2.89 -8.83 6.68
N ASN D 14 -2.09 -8.65 7.71
CA ASN D 14 -0.85 -7.84 7.54
C ASN D 14 0.13 -8.57 6.62
N ILE D 15 0.59 -9.73 7.02
CA ILE D 15 1.53 -10.49 6.14
C ILE D 15 0.92 -10.57 4.74
N ILE D 16 -0.36 -10.73 4.65
CA ILE D 16 -1.00 -10.79 3.30
C ILE D 16 -0.63 -9.53 2.53
N GLY D 17 -0.69 -8.39 3.17
CA GLY D 17 -0.33 -7.13 2.48
C GLY D 17 1.10 -7.24 1.95
N ILE D 18 1.99 -7.76 2.75
CA ILE D 18 3.39 -7.91 2.26
C ILE D 18 3.40 -8.82 1.04
N LEU D 19 2.62 -9.86 1.07
CA LEU D 19 2.56 -10.78 -0.09
C LEU D 19 1.90 -10.06 -1.28
N HIS D 20 0.97 -9.21 -1.01
CA HIS D 20 0.30 -8.47 -2.13
C HIS D 20 1.36 -7.74 -2.94
N LEU D 21 2.23 -7.02 -2.29
CA LEU D 21 3.27 -6.28 -3.06
C LEU D 21 4.23 -7.27 -3.71
N ILE D 22 4.53 -8.35 -3.06
CA ILE D 22 5.46 -9.34 -3.67
C ILE D 22 4.97 -9.65 -5.09
N LEU D 23 3.68 -9.80 -5.25
CA LEU D 23 3.14 -10.06 -6.61
C LEU D 23 3.27 -8.78 -7.45
N TRP D 24 3.03 -7.64 -6.83
CA TRP D 24 3.13 -6.35 -7.55
C TRP D 24 4.52 -6.24 -8.18
N ILE D 25 5.55 -6.39 -7.37
CA ILE D 25 6.94 -6.30 -7.91
C ILE D 25 7.12 -7.32 -9.03
N LEU D 26 6.79 -8.55 -8.78
CA LEU D 26 6.94 -9.59 -9.83
C LEU D 26 6.35 -9.08 -11.15
N ASP D 27 5.22 -8.42 -11.08
CA ASP D 27 4.59 -7.91 -12.33
C ASP D 27 5.52 -6.87 -12.97
N ARG D 28 6.03 -5.95 -12.20
CA ARG D 28 6.94 -4.92 -12.76
C ARG D 28 8.17 -5.61 -13.37
N LEU D 29 8.66 -6.64 -12.73
CA LEU D 29 9.85 -7.35 -13.27
C LEU D 29 9.52 -7.93 -14.65
N PHE D 30 8.58 -8.83 -14.71
CA PHE D 30 8.21 -9.43 -16.03
C PHE D 30 9.43 -10.13 -16.63
N PHE D 31 9.44 -11.44 -16.63
CA PHE D 31 10.59 -12.18 -17.20
C PHE D 31 10.66 -11.92 -18.71
N LYS D 32 11.80 -12.17 -19.31
CA LYS D 32 11.94 -11.94 -20.77
C LYS D 32 13.22 -12.60 -21.28
N SER D 33 13.50 -12.48 -22.55
CA SER D 33 14.73 -13.11 -23.10
C SER D 33 14.95 -12.64 -24.54
N ILE D 34 15.70 -11.59 -24.72
CA ILE D 34 15.94 -11.09 -26.11
C ILE D 34 17.04 -11.92 -26.77
N TYR D 35 16.99 -12.06 -28.06
CA TYR D 35 18.04 -12.87 -28.76
C TYR D 35 18.16 -12.39 -30.21
N ARG D 36 17.06 -12.22 -30.89
CA ARG D 36 17.12 -11.76 -32.30
C ARG D 36 17.66 -12.88 -33.18
N PHE D 37 16.83 -13.43 -34.03
CA PHE D 37 17.30 -14.53 -34.93
C PHE D 37 17.89 -13.93 -36.21
N PHE D 38 19.08 -14.34 -36.57
CA PHE D 38 19.71 -13.79 -37.81
C PHE D 38 20.80 -14.74 -38.29
N GLU D 39 21.44 -14.42 -39.39
CA GLU D 39 22.52 -15.30 -39.91
C GLU D 39 23.77 -15.15 -39.04
N HIS D 40 24.02 -16.11 -38.18
CA HIS D 40 25.23 -16.02 -37.30
C HIS D 40 25.63 -17.43 -36.87
N GLY D 41 26.64 -17.98 -37.48
CA GLY D 41 27.10 -19.34 -37.09
C GLY D 41 27.94 -19.94 -38.22
N LEU D 42 28.34 -21.18 -38.10
CA LEU D 42 29.15 -21.81 -39.16
C LEU D 42 28.23 -22.48 -40.18
N LYS D 43 28.40 -22.19 -41.44
CA LYS D 43 27.53 -22.81 -42.47
C LYS D 43 28.08 -24.20 -42.84
N ARG A 1 1.37 6.46 35.12
CA ARG A 1 0.08 6.83 34.47
C ARG A 1 0.36 7.45 33.10
N SER A 2 0.61 6.64 32.11
CA SER A 2 0.88 7.18 30.75
C SER A 2 0.61 6.09 29.71
N ASN A 3 0.61 6.45 28.45
CA ASN A 3 0.35 5.43 27.39
C ASN A 3 -0.92 4.65 27.73
N ASP A 4 -0.96 3.40 27.37
CA ASP A 4 -2.18 2.59 27.68
C ASP A 4 -1.80 1.10 27.70
N SER A 5 -0.97 0.67 26.79
CA SER A 5 -0.56 -0.76 26.77
C SER A 5 0.76 -0.90 26.01
N SER A 6 0.82 -0.36 24.83
CA SER A 6 2.09 -0.46 24.03
C SER A 6 2.03 0.52 22.86
N ASP A 7 1.52 0.10 21.75
CA ASP A 7 1.43 1.02 20.57
C ASP A 7 0.21 0.66 19.72
N PRO A 8 -0.98 0.94 20.22
CA PRO A 8 -2.23 0.62 19.48
C PRO A 8 -2.36 1.43 18.19
N LEU A 9 -1.78 2.60 18.15
CA LEU A 9 -1.87 3.44 16.92
C LEU A 9 -1.39 2.62 15.72
N VAL A 10 -0.20 2.09 15.77
CA VAL A 10 0.32 1.29 14.63
C VAL A 10 -0.70 0.21 14.26
N VAL A 11 -1.37 -0.34 15.23
CA VAL A 11 -2.37 -1.40 14.94
C VAL A 11 -3.53 -0.81 14.15
N ALA A 12 -4.31 0.05 14.75
CA ALA A 12 -5.45 0.66 14.03
C ALA A 12 -4.93 1.23 12.70
N ALA A 13 -3.64 1.40 12.60
CA ALA A 13 -3.06 1.95 11.34
C ALA A 13 -2.78 0.80 10.37
N ASN A 14 -2.55 -0.38 10.89
CA ASN A 14 -2.27 -1.54 10.00
C ASN A 14 -3.57 -2.03 9.38
N ILE A 15 -4.64 -2.04 10.12
CA ILE A 15 -5.94 -2.50 9.56
C ILE A 15 -6.24 -1.72 8.28
N ILE A 16 -6.05 -0.43 8.30
CA ILE A 16 -6.32 0.38 7.08
C ILE A 16 -5.20 0.14 6.05
N GLY A 17 -3.99 -0.02 6.51
CA GLY A 17 -2.87 -0.26 5.56
C GLY A 17 -3.17 -1.53 4.76
N ILE A 18 -3.73 -2.51 5.39
CA ILE A 18 -4.06 -3.78 4.66
C ILE A 18 -5.21 -3.51 3.69
N LEU A 19 -6.34 -3.09 4.20
CA LEU A 19 -7.49 -2.82 3.29
C LEU A 19 -7.03 -1.87 2.18
N HIS A 20 -6.00 -1.10 2.44
CA HIS A 20 -5.49 -0.16 1.40
C HIS A 20 -4.89 -0.97 0.25
N LEU A 21 -3.94 -1.82 0.55
CA LEU A 21 -3.31 -2.63 -0.53
C LEU A 21 -4.39 -3.39 -1.29
N ILE A 22 -5.28 -4.04 -0.59
CA ILE A 22 -6.36 -4.81 -1.27
C ILE A 22 -7.18 -3.85 -2.15
N LEU A 23 -7.28 -2.61 -1.76
CA LEU A 23 -8.05 -1.64 -2.57
C LEU A 23 -7.22 -1.22 -3.79
N TRP A 24 -5.97 -0.92 -3.60
CA TRP A 24 -5.10 -0.50 -4.73
C TRP A 24 -5.22 -1.52 -5.87
N ILE A 25 -5.12 -2.78 -5.57
CA ILE A 25 -5.21 -3.82 -6.65
C ILE A 25 -6.65 -3.89 -7.17
N LEU A 26 -7.63 -3.87 -6.30
CA LEU A 26 -9.04 -3.94 -6.76
C LEU A 26 -9.25 -2.93 -7.88
N ASP A 27 -8.63 -1.80 -7.79
CA ASP A 27 -8.78 -0.76 -8.86
C ASP A 27 -7.96 -1.16 -10.08
N ARG A 28 -6.71 -1.44 -9.91
CA ARG A 28 -5.88 -1.84 -11.08
C ARG A 28 -6.57 -2.96 -11.86
N LEU A 29 -7.45 -3.68 -11.21
CA LEU A 29 -8.16 -4.79 -11.90
C LEU A 29 -9.59 -4.34 -12.25
N PHE A 30 -10.08 -3.31 -11.63
CA PHE A 30 -11.46 -2.84 -11.94
C PHE A 30 -11.56 -1.32 -11.77
N PHE A 31 -10.57 -0.60 -12.22
CA PHE A 31 -10.61 0.89 -12.08
C PHE A 31 -11.98 1.39 -12.54
N LYS A 32 -12.64 0.67 -13.39
CA LYS A 32 -13.98 1.12 -13.87
C LYS A 32 -15.00 0.97 -12.74
N SER A 33 -14.90 -0.08 -11.97
CA SER A 33 -15.86 -0.27 -10.84
C SER A 33 -15.59 0.77 -9.76
N ILE A 34 -14.36 0.91 -9.36
CA ILE A 34 -14.03 1.91 -8.30
C ILE A 34 -14.43 3.31 -8.79
N TYR A 35 -14.35 3.55 -10.06
CA TYR A 35 -14.73 4.89 -10.60
C TYR A 35 -16.25 5.03 -10.58
N ARG A 36 -16.96 4.11 -11.19
CA ARG A 36 -18.44 4.19 -11.21
C ARG A 36 -18.98 4.13 -9.77
N PHE A 37 -18.30 3.42 -8.91
CA PHE A 37 -18.76 3.32 -7.51
C PHE A 37 -18.88 4.72 -6.90
N PHE A 38 -17.84 5.50 -6.97
CA PHE A 38 -17.90 6.88 -6.40
C PHE A 38 -18.96 7.69 -7.14
N GLU A 39 -18.77 7.91 -8.41
CA GLU A 39 -19.76 8.70 -9.19
C GLU A 39 -21.08 7.93 -9.25
N HIS A 40 -22.15 8.55 -8.81
CA HIS A 40 -23.47 7.85 -8.83
C HIS A 40 -24.59 8.88 -8.84
N GLY A 41 -24.55 9.83 -7.94
CA GLY A 41 -25.62 10.86 -7.90
C GLY A 41 -25.05 12.17 -7.35
N LEU A 42 -25.85 12.91 -6.62
CA LEU A 42 -25.35 14.20 -6.05
C LEU A 42 -24.40 13.90 -4.88
N LYS A 43 -24.69 12.88 -4.12
CA LYS A 43 -23.80 12.54 -2.96
C LYS A 43 -22.71 11.58 -3.43
N ARG B 1 15.62 -1.84 26.76
CA ARG B 1 16.06 -1.88 25.34
C ARG B 1 16.16 -0.45 24.80
N SER B 2 17.25 -0.14 24.14
CA SER B 2 17.41 1.23 23.60
C SER B 2 17.33 2.26 24.73
N ASN B 3 17.42 3.52 24.42
CA ASN B 3 17.36 4.56 25.47
C ASN B 3 16.01 4.47 26.19
N ASP B 4 15.03 3.90 25.56
CA ASP B 4 13.69 3.78 26.21
C ASP B 4 12.78 2.87 25.37
N SER B 5 11.73 2.37 25.95
CA SER B 5 10.81 1.48 25.20
C SER B 5 9.76 2.32 24.47
N SER B 6 10.16 3.12 23.52
CA SER B 6 9.19 3.97 22.79
C SER B 6 9.71 4.26 21.38
N ASP B 7 8.83 4.50 20.45
CA ASP B 7 9.28 4.79 19.06
C ASP B 7 8.13 5.42 18.27
N PRO B 8 7.78 6.65 18.59
CA PRO B 8 6.67 7.34 17.88
C PRO B 8 6.98 7.58 16.40
N LEU B 9 8.24 7.66 16.05
CA LEU B 9 8.60 7.90 14.63
C LEU B 9 7.84 6.92 13.73
N VAL B 10 7.73 5.69 14.14
CA VAL B 10 6.99 4.69 13.31
C VAL B 10 5.53 5.13 13.15
N VAL B 11 4.92 5.59 14.20
CA VAL B 11 3.50 6.04 14.09
C VAL B 11 3.40 7.14 13.04
N ALA B 12 4.10 8.22 13.21
CA ALA B 12 4.03 9.31 12.21
C ALA B 12 4.19 8.72 10.81
N ALA B 13 5.02 7.73 10.66
CA ALA B 13 5.21 7.10 9.34
C ALA B 13 3.94 6.30 8.97
N ASN B 14 3.28 5.76 9.96
CA ASN B 14 2.04 4.97 9.68
C ASN B 14 0.95 5.90 9.16
N ILE B 15 0.50 6.83 9.96
CA ILE B 15 -0.55 7.76 9.49
C ILE B 15 -0.12 8.34 8.14
N ILE B 16 1.14 8.60 7.97
CA ILE B 16 1.61 9.13 6.66
C ILE B 16 1.17 8.18 5.56
N GLY B 17 1.35 6.90 5.76
CA GLY B 17 0.93 5.91 4.73
C GLY B 17 -0.56 6.11 4.44
N ILE B 18 -1.36 6.24 5.45
CA ILE B 18 -2.82 6.45 5.21
C ILE B 18 -2.99 7.69 4.34
N LEU B 19 -2.21 8.72 4.59
CA LEU B 19 -2.32 9.96 3.78
C LEU B 19 -1.79 9.68 2.37
N HIS B 20 -0.78 8.86 2.26
CA HIS B 20 -0.23 8.56 0.91
C HIS B 20 -1.36 8.08 -0.01
N LEU B 21 -2.11 7.09 0.42
CA LEU B 21 -3.20 6.61 -0.46
C LEU B 21 -4.31 7.67 -0.57
N ILE B 22 -4.54 8.44 0.47
CA ILE B 22 -5.60 9.48 0.37
C ILE B 22 -5.34 10.28 -0.91
N LEU B 23 -4.09 10.54 -1.21
CA LEU B 23 -3.76 11.29 -2.44
C LEU B 23 -3.99 10.37 -3.65
N TRP B 24 -3.58 9.13 -3.53
CA TRP B 24 -3.77 8.15 -4.64
C TRP B 24 -5.23 8.20 -5.11
N ILE B 25 -6.15 8.04 -4.20
CA ILE B 25 -7.59 8.06 -4.60
C ILE B 25 -7.97 9.47 -5.06
N LEU B 26 -7.39 10.48 -4.47
CA LEU B 26 -7.72 11.87 -4.89
C LEU B 26 -7.42 12.06 -6.38
N ASP B 27 -6.20 11.83 -6.78
CA ASP B 27 -5.85 11.99 -8.22
C ASP B 27 -6.72 11.04 -9.06
N ARG B 28 -6.92 9.84 -8.60
CA ARG B 28 -7.75 8.88 -9.39
C ARG B 28 -9.18 9.41 -9.47
N LEU B 29 -9.56 10.29 -8.59
CA LEU B 29 -10.94 10.84 -8.63
C LEU B 29 -11.03 11.94 -9.69
N PHE B 30 -10.15 12.90 -9.63
CA PHE B 30 -10.19 14.00 -10.63
C PHE B 30 -10.06 13.41 -12.04
N PHE B 31 -9.02 12.66 -12.29
CA PHE B 31 -8.83 12.05 -13.63
C PHE B 31 -8.58 13.17 -14.66
N LYS B 32 -8.67 14.40 -14.23
CA LYS B 32 -8.44 15.53 -15.18
C LYS B 32 -6.94 15.75 -15.36
N SER B 33 -6.48 15.89 -16.58
CA SER B 33 -5.03 16.12 -16.82
C SER B 33 -4.82 16.54 -18.27
N ILE B 34 -5.21 17.74 -18.62
CA ILE B 34 -5.02 18.20 -20.02
C ILE B 34 -3.56 18.63 -20.22
N TYR B 35 -2.68 18.14 -19.40
CA TYR B 35 -1.24 18.52 -19.54
C TYR B 35 -0.65 17.80 -20.75
N ARG B 36 -1.43 16.99 -21.41
CA ARG B 36 -0.91 16.26 -22.60
C ARG B 36 -0.96 17.16 -23.82
N PHE B 37 -0.78 18.43 -23.64
CA PHE B 37 -0.82 19.38 -24.79
C PHE B 37 0.13 20.55 -24.52
N PHE B 38 -0.40 21.74 -24.44
CA PHE B 38 0.46 22.93 -24.18
C PHE B 38 1.05 22.83 -22.76
N GLU B 39 2.36 22.79 -22.66
CA GLU B 39 2.98 22.70 -21.31
C GLU B 39 2.66 23.96 -20.50
N HIS B 40 3.03 25.10 -21.01
CA HIS B 40 2.75 26.36 -20.27
C HIS B 40 3.20 26.21 -18.81
N GLY B 41 2.49 26.82 -17.90
CA GLY B 41 2.89 26.70 -16.46
C GLY B 41 4.03 27.68 -16.17
N LEU B 42 4.45 28.42 -17.15
CA LEU B 42 5.58 29.38 -16.93
C LEU B 42 6.75 28.66 -16.28
N LYS B 43 6.73 27.35 -16.28
CA LYS B 43 7.84 26.59 -15.65
C LYS B 43 8.98 26.43 -16.66
N ARG C 1 3.91 -16.87 31.24
CA ARG C 1 5.08 -17.00 30.33
C ARG C 1 4.58 -17.17 28.90
N SER C 2 4.20 -16.10 28.25
CA SER C 2 3.70 -16.21 26.85
C SER C 2 3.83 -14.84 26.16
N ASN C 3 3.63 -14.81 24.87
CA ASN C 3 3.75 -13.52 24.14
C ASN C 3 5.07 -12.84 24.51
N ASP C 4 5.09 -11.53 24.54
CA ASP C 4 6.36 -10.82 24.88
C ASP C 4 6.02 -9.43 25.43
N SER C 5 5.07 -8.76 24.82
CA SER C 5 4.70 -7.41 25.30
C SER C 5 3.28 -7.07 24.84
N SER C 6 3.02 -7.23 23.57
CA SER C 6 1.65 -6.92 23.04
C SER C 6 1.50 -7.50 21.64
N ASP C 7 1.85 -6.75 20.63
CA ASP C 7 1.72 -7.26 19.24
C ASP C 7 2.82 -6.63 18.37
N PRO C 8 4.05 -7.02 18.57
CA PRO C 8 5.18 -6.46 17.77
C PRO C 8 5.09 -6.84 16.29
N LEU C 9 4.48 -7.95 15.99
CA LEU C 9 4.36 -8.37 14.57
C LEU C 9 3.72 -7.24 13.75
N VAL C 10 2.57 -6.79 14.16
CA VAL C 10 1.90 -5.69 13.40
C VAL C 10 2.87 -4.52 13.23
N VAL C 11 3.70 -4.27 14.21
CA VAL C 11 4.66 -3.15 14.10
C VAL C 11 5.67 -3.44 13.00
N ALA C 12 6.51 -4.42 13.19
CA ALA C 12 7.51 -4.76 12.14
C ALA C 12 6.79 -4.91 10.80
N ALA C 13 5.49 -5.08 10.84
CA ALA C 13 4.71 -5.22 9.58
C ALA C 13 4.31 -3.83 9.07
N ASN C 14 4.19 -2.89 9.95
CA ASN C 14 3.81 -1.51 9.52
C ASN C 14 5.00 -0.82 8.87
N ILE C 15 6.17 -1.01 9.41
CA ILE C 15 7.38 -0.37 8.83
C ILE C 15 7.47 -0.72 7.34
N ILE C 16 7.24 -1.96 7.00
CA ILE C 16 7.31 -2.36 5.56
C ILE C 16 6.05 -1.84 4.84
N GLY C 17 4.94 -1.86 5.51
CA GLY C 17 3.69 -1.37 4.87
C GLY C 17 3.88 0.09 4.44
N ILE C 18 4.56 0.85 5.25
CA ILE C 18 4.80 2.28 4.90
C ILE C 18 5.77 2.35 3.73
N LEU C 19 6.96 1.83 3.90
CA LEU C 19 7.95 1.87 2.79
C LEU C 19 7.30 1.30 1.53
N HIS C 20 6.31 0.46 1.70
CA HIS C 20 5.63 -0.13 0.52
C HIS C 20 4.86 0.97 -0.22
N LEU C 21 4.00 1.67 0.47
CA LEU C 21 3.22 2.76 -0.20
C LEU C 21 4.19 3.74 -0.87
N ILE C 22 5.20 4.17 -0.14
CA ILE C 22 6.18 5.13 -0.71
C ILE C 22 6.82 4.51 -1.96
N LEU C 23 6.95 3.21 -1.98
CA LEU C 23 7.58 2.55 -3.17
C LEU C 23 6.55 2.50 -4.31
N TRP C 24 5.35 2.13 -4.02
CA TRP C 24 4.30 2.05 -5.07
C TRP C 24 4.25 3.37 -5.86
N ILE C 25 4.24 4.49 -5.17
CA ILE C 25 4.19 5.79 -5.90
C ILE C 25 5.53 6.06 -6.59
N LEU C 26 6.62 5.80 -5.92
CA LEU C 26 7.94 6.04 -6.55
C LEU C 26 7.96 5.43 -7.96
N ASP C 27 7.32 4.30 -8.12
CA ASP C 27 7.30 3.65 -9.45
C ASP C 27 6.32 4.39 -10.36
N ARG C 28 5.10 4.56 -9.91
CA ARG C 28 4.10 5.28 -10.76
C ARG C 28 4.70 6.59 -11.26
N LEU C 29 5.68 7.11 -10.57
CA LEU C 29 6.31 8.39 -11.00
C LEU C 29 7.65 8.11 -11.68
N PHE C 30 8.21 6.94 -11.49
CA PHE C 30 9.51 6.64 -12.13
C PHE C 30 9.60 5.14 -12.45
N PHE C 31 8.53 4.56 -12.94
CA PHE C 31 8.56 3.11 -13.27
C PHE C 31 9.83 2.80 -14.07
N LYS C 32 10.38 3.77 -14.75
CA LYS C 32 11.61 3.53 -15.55
C LYS C 32 12.79 3.34 -14.59
N SER C 33 12.83 4.10 -13.53
CA SER C 33 13.97 3.96 -12.57
C SER C 33 13.84 2.63 -11.82
N ILE C 34 12.69 2.35 -11.29
CA ILE C 34 12.51 1.06 -10.56
C ILE C 34 12.80 -0.12 -11.50
N TYR C 35 12.51 0.05 -12.76
CA TYR C 35 12.78 -1.05 -13.73
C TYR C 35 14.28 -1.15 -13.99
N ARG C 36 14.89 -0.07 -14.39
CA ARG C 36 16.36 -0.12 -14.66
C ARG C 36 17.11 -0.47 -13.38
N PHE C 37 16.59 -0.08 -12.25
CA PHE C 37 17.26 -0.40 -10.96
C PHE C 37 17.44 -1.91 -10.84
N PHE C 38 16.39 -2.66 -10.99
CA PHE C 38 16.50 -4.14 -10.88
C PHE C 38 17.41 -4.66 -11.99
N GLU C 39 17.02 -4.49 -13.22
CA GLU C 39 17.86 -4.98 -14.35
C GLU C 39 19.18 -4.20 -14.36
N HIS C 40 20.29 -4.88 -14.30
CA HIS C 40 21.60 -4.18 -14.32
C HIS C 40 22.69 -5.14 -14.81
N GLY C 41 22.76 -6.31 -14.26
CA GLY C 41 23.80 -7.29 -14.70
C GLY C 41 23.30 -8.72 -14.49
N LEU C 42 24.18 -9.62 -14.15
CA LEU C 42 23.75 -11.03 -13.93
C LEU C 42 22.99 -11.12 -12.59
N LYS C 43 23.42 -10.38 -11.61
CA LYS C 43 22.73 -10.44 -10.29
C LYS C 43 21.60 -9.40 -10.27
N ARG D 1 -11.26 -6.78 28.13
CA ARG D 1 -11.91 -6.32 26.88
C ARG D 1 -12.14 -7.52 25.95
N SER D 2 -13.32 -7.64 25.41
CA SER D 2 -13.60 -8.80 24.49
C SER D 2 -13.37 -10.11 25.23
N ASN D 3 -13.53 -11.22 24.57
CA ASN D 3 -13.32 -12.53 25.23
C ASN D 3 -11.87 -12.63 25.73
N ASP D 4 -10.99 -11.86 25.16
CA ASP D 4 -9.56 -11.92 25.59
C ASP D 4 -8.78 -10.77 24.95
N SER D 5 -7.64 -10.45 25.49
CA SER D 5 -6.83 -9.34 24.90
C SER D 5 -5.92 -9.90 23.80
N SER D 6 -6.49 -10.38 22.73
CA SER D 6 -5.65 -10.95 21.63
C SER D 6 -6.40 -10.81 20.30
N ASP D 7 -5.69 -10.72 19.22
CA ASP D 7 -6.34 -10.59 17.89
C ASP D 7 -5.35 -10.93 16.78
N PRO D 8 -4.98 -12.18 16.65
CA PRO D 8 -4.01 -12.60 15.60
C PRO D 8 -4.55 -12.39 14.18
N LEU D 9 -5.85 -12.38 14.02
CA LEU D 9 -6.43 -12.19 12.67
C LEU D 9 -5.80 -10.96 12.01
N VAL D 10 -5.59 -9.91 12.75
CA VAL D 10 -4.98 -8.69 12.16
C VAL D 10 -3.57 -9.02 11.64
N VAL D 11 -2.82 -9.77 12.40
CA VAL D 11 -1.44 -10.12 11.95
C VAL D 11 -1.51 -10.85 10.60
N ALA D 12 -2.22 -11.95 10.55
CA ALA D 12 -2.33 -12.69 9.26
C ALA D 12 -2.69 -11.70 8.15
N ALA D 13 -3.51 -10.73 8.45
CA ALA D 13 -3.88 -9.73 7.42
C ALA D 13 -2.68 -8.82 7.13
N ASN D 14 -1.85 -8.59 8.11
CA ASN D 14 -0.66 -7.73 7.90
C ASN D 14 0.32 -8.43 6.95
N ILE D 15 0.86 -9.55 7.36
CA ILE D 15 1.82 -10.26 6.47
C ILE D 15 1.16 -10.40 5.08
N ILE D 16 -0.12 -10.63 5.04
CA ILE D 16 -0.80 -10.76 3.72
C ILE D 16 -0.50 -9.50 2.91
N GLY D 17 -0.62 -8.35 3.53
CA GLY D 17 -0.34 -7.10 2.79
C GLY D 17 1.07 -7.16 2.21
N ILE D 18 2.02 -7.56 3.01
CA ILE D 18 3.42 -7.65 2.50
C ILE D 18 3.42 -8.57 1.27
N LEU D 19 2.68 -9.64 1.32
CA LEU D 19 2.62 -10.57 0.16
C LEU D 19 1.89 -9.90 -1.00
N HIS D 20 0.89 -9.10 -0.71
CA HIS D 20 0.14 -8.41 -1.79
C HIS D 20 1.13 -7.65 -2.67
N LEU D 21 1.96 -6.83 -2.09
CA LEU D 21 2.91 -6.06 -2.94
C LEU D 21 3.96 -7.01 -3.53
N ILE D 22 4.33 -8.06 -2.84
CA ILE D 22 5.34 -8.99 -3.41
C ILE D 22 4.87 -9.38 -4.81
N LEU D 23 3.59 -9.56 -4.98
CA LEU D 23 3.05 -9.90 -6.32
C LEU D 23 3.11 -8.65 -7.20
N TRP D 24 2.75 -7.53 -6.64
CA TRP D 24 2.79 -6.26 -7.43
C TRP D 24 4.16 -6.11 -8.11
N ILE D 25 5.22 -6.23 -7.35
CA ILE D 25 6.57 -6.09 -7.96
C ILE D 25 6.85 -7.28 -8.88
N LEU D 26 6.34 -8.43 -8.54
CA LEU D 26 6.57 -9.63 -9.41
C LEU D 26 6.04 -9.35 -10.81
N ASP D 27 4.78 -9.04 -10.93
CA ASP D 27 4.20 -8.76 -12.28
C ASP D 27 4.96 -7.59 -12.92
N ARG D 28 5.24 -6.57 -12.16
CA ARG D 28 5.98 -5.40 -12.72
C ARG D 28 7.37 -5.84 -13.19
N LEU D 29 7.86 -6.94 -12.68
CA LEU D 29 9.20 -7.41 -13.10
C LEU D 29 9.10 -8.13 -14.44
N PHE D 30 8.22 -9.09 -14.55
CA PHE D 30 8.08 -9.83 -15.84
C PHE D 30 7.73 -8.84 -16.96
N PHE D 31 6.68 -8.08 -16.80
CA PHE D 31 6.30 -7.10 -17.85
C PHE D 31 5.88 -7.86 -19.12
N LYS D 32 5.99 -9.16 -19.11
CA LYS D 32 5.59 -9.95 -20.30
C LYS D 32 4.08 -10.15 -20.30
N SER D 33 3.45 -9.92 -21.43
CA SER D 33 1.97 -10.10 -21.49
C SER D 33 1.52 -10.06 -22.96
N ILE D 34 1.82 -11.09 -23.71
CA ILE D 34 1.41 -11.11 -25.14
C ILE D 34 -0.07 -11.49 -25.23
N TYR D 35 -0.81 -11.30 -24.17
CA TYR D 35 -2.25 -11.65 -24.20
C TYR D 35 -3.02 -10.61 -25.01
N ARG D 36 -2.32 -9.62 -25.52
CA ARG D 36 -3.00 -8.57 -26.33
C ARG D 36 -3.17 -9.06 -27.77
N PHE D 37 -3.35 -10.34 -27.95
CA PHE D 37 -3.50 -10.89 -29.33
C PHE D 37 -4.42 -12.10 -29.28
N PHE D 38 -3.92 -13.25 -29.65
CA PHE D 38 -4.76 -14.48 -29.63
C PHE D 38 -5.12 -14.83 -28.19
N GLU D 39 -6.38 -14.87 -27.87
CA GLU D 39 -6.79 -15.20 -26.48
C GLU D 39 -6.39 -16.63 -26.15
N HIS D 40 -6.86 -17.58 -26.92
CA HIS D 40 -6.49 -19.00 -26.65
C HIS D 40 -6.71 -19.31 -25.17
N GLY D 41 -5.88 -20.15 -24.60
CA GLY D 41 -6.05 -20.49 -23.17
C GLY D 41 -7.16 -21.53 -23.01
N LEU D 42 -7.74 -21.95 -24.09
CA LEU D 42 -8.83 -22.97 -24.00
C LEU D 42 -9.87 -22.50 -22.98
N LYS D 43 -9.82 -21.26 -22.59
CA LYS D 43 -10.81 -20.74 -21.60
C LYS D 43 -12.08 -20.31 -22.33
N ARG A 1 -5.49 13.78 27.44
CA ARG A 1 -4.21 13.15 27.83
C ARG A 1 -3.83 12.07 26.83
N SER A 2 -2.95 12.36 25.92
CA SER A 2 -2.54 11.35 24.90
C SER A 2 -1.89 10.15 25.61
N ASN A 3 -2.69 9.25 26.12
CA ASN A 3 -2.13 8.07 26.82
C ASN A 3 -1.37 7.20 25.83
N ASP A 4 -0.93 6.03 26.24
CA ASP A 4 -0.18 5.14 25.32
C ASP A 4 -0.10 3.74 25.91
N SER A 5 -0.48 2.74 25.17
CA SER A 5 -0.43 1.35 25.70
C SER A 5 -0.54 0.36 24.53
N SER A 6 0.46 -0.46 24.34
CA SER A 6 0.41 -1.45 23.23
C SER A 6 0.53 -0.72 21.90
N ASP A 7 1.17 0.42 21.88
CA ASP A 7 1.32 1.17 20.60
C ASP A 7 -0.03 1.28 19.91
N PRO A 8 -0.93 2.07 20.46
CA PRO A 8 -2.28 2.24 19.85
C PRO A 8 -2.23 2.98 18.50
N LEU A 9 -1.21 3.75 18.28
CA LEU A 9 -1.12 4.50 16.99
C LEU A 9 -0.67 3.57 15.86
N VAL A 10 0.45 2.92 16.00
CA VAL A 10 0.93 2.02 14.92
C VAL A 10 -0.14 0.98 14.57
N VAL A 11 -0.78 0.40 15.55
CA VAL A 11 -1.83 -0.61 15.26
C VAL A 11 -3.06 0.07 14.67
N ALA A 12 -3.59 1.05 15.34
CA ALA A 12 -4.79 1.76 14.81
C ALA A 12 -4.50 2.25 13.39
N ALA A 13 -3.24 2.44 13.08
CA ALA A 13 -2.88 2.91 11.71
C ALA A 13 -2.63 1.71 10.80
N ASN A 14 -2.34 0.57 11.36
CA ASN A 14 -2.09 -0.63 10.53
C ASN A 14 -3.41 -1.13 9.94
N ILE A 15 -4.46 -1.15 10.71
CA ILE A 15 -5.76 -1.63 10.17
C ILE A 15 -6.08 -0.91 8.87
N ILE A 16 -5.91 0.40 8.83
CA ILE A 16 -6.20 1.13 7.57
C ILE A 16 -5.09 0.82 6.56
N GLY A 17 -3.89 0.63 7.02
CA GLY A 17 -2.78 0.31 6.07
C GLY A 17 -3.17 -0.93 5.26
N ILE A 18 -3.75 -1.91 5.91
CA ILE A 18 -4.16 -3.13 5.17
C ILE A 18 -5.32 -2.79 4.24
N LEU A 19 -6.39 -2.25 4.76
CA LEU A 19 -7.53 -1.89 3.89
C LEU A 19 -7.02 -1.07 2.71
N HIS A 20 -6.09 -0.18 2.97
CA HIS A 20 -5.52 0.65 1.87
C HIS A 20 -4.99 -0.27 0.77
N LEU A 21 -4.12 -1.17 1.11
CA LEU A 21 -3.55 -2.09 0.09
C LEU A 21 -4.69 -2.88 -0.58
N ILE A 22 -5.51 -3.53 0.19
CA ILE A 22 -6.63 -4.30 -0.41
C ILE A 22 -7.43 -3.40 -1.36
N LEU A 23 -7.47 -2.13 -1.09
CA LEU A 23 -8.23 -1.21 -1.98
C LEU A 23 -7.41 -0.91 -3.23
N TRP A 24 -6.21 -0.38 -3.07
CA TRP A 24 -5.36 -0.07 -4.24
C TRP A 24 -5.29 -1.28 -5.16
N ILE A 25 -4.90 -2.42 -4.65
CA ILE A 25 -4.82 -3.64 -5.52
C ILE A 25 -6.19 -3.92 -6.13
N LEU A 26 -7.24 -3.85 -5.35
CA LEU A 26 -8.59 -4.12 -5.90
C LEU A 26 -8.78 -3.31 -7.20
N ASP A 27 -8.24 -2.12 -7.24
CA ASP A 27 -8.37 -1.30 -8.46
C ASP A 27 -7.44 -1.82 -9.55
N ARG A 28 -6.27 -2.26 -9.18
CA ARG A 28 -5.31 -2.79 -10.19
C ARG A 28 -5.89 -4.04 -10.86
N LEU A 29 -6.72 -4.77 -10.15
CA LEU A 29 -7.32 -6.00 -10.73
C LEU A 29 -8.75 -5.71 -11.21
N PHE A 30 -9.31 -4.60 -10.80
CA PHE A 30 -10.69 -4.27 -11.22
C PHE A 30 -10.85 -2.76 -11.37
N PHE A 31 -9.86 -2.09 -11.90
CA PHE A 31 -9.95 -0.62 -12.07
C PHE A 31 -11.29 -0.26 -12.69
N LYS A 32 -11.91 -1.19 -13.36
CA LYS A 32 -13.24 -0.91 -13.99
C LYS A 32 -14.32 -0.89 -12.90
N SER A 33 -14.34 -1.86 -12.04
CA SER A 33 -15.37 -1.90 -10.97
C SER A 33 -15.24 -0.65 -10.09
N ILE A 34 -14.05 -0.34 -9.66
CA ILE A 34 -13.88 0.87 -8.81
C ILE A 34 -14.23 2.12 -9.62
N TYR A 35 -13.92 2.13 -10.88
CA TYR A 35 -14.24 3.32 -11.72
C TYR A 35 -15.76 3.53 -11.76
N ARG A 36 -16.50 2.49 -12.04
CA ARG A 36 -17.98 2.62 -12.08
C ARG A 36 -18.53 2.77 -10.67
N PHE A 37 -17.79 2.31 -9.69
CA PHE A 37 -18.26 2.43 -8.28
C PHE A 37 -18.39 3.90 -7.91
N PHE A 38 -17.39 4.69 -8.23
CA PHE A 38 -17.45 6.14 -7.89
C PHE A 38 -18.57 6.80 -8.69
N GLU A 39 -18.69 6.47 -9.94
CA GLU A 39 -19.76 7.08 -10.79
C GLU A 39 -21.09 6.35 -10.52
N HIS A 40 -22.07 7.04 -10.01
CA HIS A 40 -23.38 6.39 -9.74
C HIS A 40 -24.01 5.95 -11.06
N GLY A 41 -24.89 6.76 -11.59
CA GLY A 41 -25.56 6.39 -12.88
C GLY A 41 -25.95 7.66 -13.62
N LEU A 42 -26.15 7.57 -14.92
CA LEU A 42 -26.54 8.77 -15.70
C LEU A 42 -27.97 9.16 -15.35
N LYS A 43 -28.26 10.43 -15.36
CA LYS A 43 -29.64 10.88 -15.03
C LYS A 43 -30.54 10.74 -16.26
N ARG B 1 18.77 2.73 33.95
CA ARG B 1 18.40 2.25 32.59
C ARG B 1 16.89 2.43 32.39
N SER B 2 16.48 2.74 31.19
CA SER B 2 15.02 2.92 30.94
C SER B 2 14.73 2.65 29.45
N ASN B 3 15.71 2.80 28.60
CA ASN B 3 15.50 2.55 27.15
C ASN B 3 14.41 3.50 26.63
N ASP B 4 14.37 3.72 25.35
CA ASP B 4 13.34 4.62 24.78
C ASP B 4 11.96 3.95 24.84
N SER B 5 11.91 2.66 24.60
CA SER B 5 10.61 1.95 24.65
C SER B 5 9.59 2.68 23.78
N SER B 6 10.05 3.34 22.74
CA SER B 6 9.11 4.08 21.86
C SER B 6 9.69 4.17 20.45
N ASP B 7 8.89 4.52 19.48
CA ASP B 7 9.41 4.62 18.08
C ASP B 7 8.44 5.47 17.24
N PRO B 8 8.38 6.75 17.50
CA PRO B 8 7.46 7.65 16.73
C PRO B 8 7.84 7.73 15.25
N LEU B 9 9.11 7.56 14.94
CA LEU B 9 9.53 7.63 13.52
C LEU B 9 8.64 6.73 12.67
N VAL B 10 8.52 5.48 13.03
CA VAL B 10 7.66 4.55 12.24
C VAL B 10 6.24 5.11 12.16
N VAL B 11 5.72 5.60 13.25
CA VAL B 11 4.33 6.14 13.24
C VAL B 11 4.25 7.26 12.19
N ALA B 12 5.09 8.25 12.30
CA ALA B 12 5.05 9.37 11.31
C ALA B 12 4.98 8.78 9.90
N ALA B 13 5.77 7.79 9.61
CA ALA B 13 5.74 7.18 8.25
C ALA B 13 4.40 6.46 8.06
N ASN B 14 3.79 6.03 9.13
CA ASN B 14 2.49 5.32 9.00
C ASN B 14 1.40 6.31 8.57
N ILE B 15 1.08 7.27 9.40
CA ILE B 15 0.03 8.25 9.02
C ILE B 15 0.36 8.80 7.63
N ILE B 16 1.63 8.98 7.34
CA ILE B 16 2.01 9.50 5.99
C ILE B 16 1.45 8.54 4.93
N GLY B 17 1.59 7.25 5.15
CA GLY B 17 1.06 6.27 4.16
C GLY B 17 -0.44 6.51 3.99
N ILE B 18 -1.15 6.71 5.06
CA ILE B 18 -2.61 6.96 4.96
C ILE B 18 -2.84 8.18 4.06
N LEU B 19 -2.08 9.22 4.28
CA LEU B 19 -2.23 10.44 3.44
C LEU B 19 -1.85 10.12 1.99
N HIS B 20 -0.86 9.29 1.80
CA HIS B 20 -0.44 8.96 0.41
C HIS B 20 -1.64 8.42 -0.35
N LEU B 21 -2.37 7.49 0.21
CA LEU B 21 -3.53 6.96 -0.54
C LEU B 21 -4.61 8.03 -0.68
N ILE B 22 -4.78 8.86 0.32
CA ILE B 22 -5.82 9.92 0.20
C ILE B 22 -5.61 10.64 -1.13
N LEU B 23 -4.38 10.88 -1.49
CA LEU B 23 -4.10 11.55 -2.80
C LEU B 23 -4.40 10.55 -3.92
N TRP B 24 -4.03 9.30 -3.71
CA TRP B 24 -4.29 8.26 -4.75
C TRP B 24 -5.78 8.25 -5.09
N ILE B 25 -6.62 8.07 -4.10
CA ILE B 25 -8.09 8.07 -4.37
C ILE B 25 -8.49 9.36 -5.09
N LEU B 26 -8.05 10.48 -4.58
CA LEU B 26 -8.40 11.78 -5.24
C LEU B 26 -8.00 11.72 -6.72
N ASP B 27 -6.79 11.33 -7.00
CA ASP B 27 -6.34 11.26 -8.43
C ASP B 27 -7.33 10.39 -9.22
N ARG B 28 -7.66 9.24 -8.72
CA ARG B 28 -8.61 8.35 -9.45
C ARG B 28 -9.89 9.14 -9.76
N LEU B 29 -10.38 9.86 -8.80
CA LEU B 29 -11.63 10.66 -9.03
C LEU B 29 -11.42 11.60 -10.22
N PHE B 30 -10.50 12.52 -10.10
CA PHE B 30 -10.24 13.47 -11.22
C PHE B 30 -9.66 12.72 -12.41
N PHE B 31 -9.13 13.43 -13.37
CA PHE B 31 -8.55 12.75 -14.56
C PHE B 31 -7.37 13.57 -15.10
N LYS B 32 -7.35 14.84 -14.80
CA LYS B 32 -6.22 15.69 -15.28
C LYS B 32 -6.26 17.05 -14.57
N SER B 33 -7.42 17.44 -14.09
CA SER B 33 -7.52 18.75 -13.38
C SER B 33 -6.91 19.84 -14.27
N ILE B 34 -6.89 21.06 -13.80
CA ILE B 34 -6.31 22.16 -14.61
C ILE B 34 -6.04 23.37 -13.71
N TYR B 35 -5.05 24.15 -14.05
CA TYR B 35 -4.73 25.35 -13.22
C TYR B 35 -5.82 26.40 -13.40
N ARG B 36 -5.44 27.66 -13.41
CA ARG B 36 -6.47 28.73 -13.59
C ARG B 36 -5.77 30.04 -13.96
N PHE B 37 -4.49 30.14 -13.69
CA PHE B 37 -3.76 31.39 -14.03
C PHE B 37 -3.69 31.56 -15.55
N PHE B 38 -4.18 30.59 -16.28
CA PHE B 38 -4.14 30.68 -17.77
C PHE B 38 -5.40 31.38 -18.26
N GLU B 39 -5.43 32.68 -18.19
CA GLU B 39 -6.64 33.42 -18.66
C GLU B 39 -6.53 33.68 -20.16
N HIS B 40 -7.54 33.34 -20.91
CA HIS B 40 -7.50 33.56 -22.38
C HIS B 40 -8.93 33.58 -22.94
N GLY B 41 -9.90 33.80 -22.10
CA GLY B 41 -11.31 33.83 -22.58
C GLY B 41 -11.64 35.21 -23.16
N LEU B 42 -11.63 35.33 -24.46
CA LEU B 42 -11.94 36.65 -25.09
C LEU B 42 -13.44 36.73 -25.39
N LYS B 43 -14.08 35.61 -25.56
CA LYS B 43 -15.54 35.62 -25.86
C LYS B 43 -16.25 36.53 -24.85
N ARG C 1 9.28 -21.29 20.81
CA ARG C 1 8.08 -20.84 21.57
C ARG C 1 7.59 -19.51 21.01
N SER C 2 6.56 -19.55 20.20
CA SER C 2 6.03 -18.29 19.61
C SER C 2 5.52 -17.38 20.74
N ASN C 3 6.41 -16.66 21.37
CA ASN C 3 5.97 -15.76 22.48
C ASN C 3 5.09 -14.64 21.91
N ASP C 4 4.74 -13.68 22.73
CA ASP C 4 3.87 -12.57 22.24
C ASP C 4 3.92 -11.41 23.24
N SER C 5 4.20 -10.22 22.78
CA SER C 5 4.26 -9.06 23.71
C SER C 5 4.21 -7.76 22.90
N SER C 6 3.21 -6.96 23.12
CA SER C 6 3.11 -5.68 22.36
C SER C 6 2.78 -5.97 20.89
N ASP C 7 2.11 -7.06 20.64
CA ASP C 7 1.76 -7.40 19.23
C ASP C 7 2.99 -7.26 18.34
N PRO C 8 3.94 -8.15 18.48
CA PRO C 8 5.19 -8.08 17.65
C PRO C 8 4.92 -8.38 16.18
N LEU C 9 3.85 -9.08 15.88
CA LEU C 9 3.55 -9.41 14.45
C LEU C 9 2.96 -8.20 13.73
N VAL C 10 1.89 -7.65 14.24
CA VAL C 10 1.27 -6.47 13.56
C VAL C 10 2.30 -5.35 13.39
N VAL C 11 3.09 -5.09 14.40
CA VAL C 11 4.10 -3.99 14.27
C VAL C 11 5.21 -4.43 13.32
N ALA C 12 5.82 -5.56 13.58
CA ALA C 12 6.91 -6.04 12.69
C ALA C 12 6.40 -6.09 11.24
N ALA C 13 5.11 -6.21 11.07
CA ALA C 13 4.54 -6.26 9.70
C ALA C 13 4.17 -4.85 9.24
N ASN C 14 4.01 -3.94 10.17
CA ASN C 14 3.65 -2.54 9.79
C ASN C 14 4.87 -1.86 9.18
N ILE C 15 6.02 -2.04 9.76
CA ILE C 15 7.24 -1.38 9.21
C ILE C 15 7.34 -1.66 7.70
N ILE C 16 7.15 -2.89 7.31
CA ILE C 16 7.22 -3.22 5.85
C ILE C 16 5.99 -2.64 5.15
N GLY C 17 4.87 -2.63 5.83
CA GLY C 17 3.64 -2.07 5.20
C GLY C 17 3.92 -0.64 4.76
N ILE C 18 4.61 0.11 5.56
CA ILE C 18 4.93 1.52 5.19
C ILE C 18 5.93 1.51 4.03
N LEU C 19 7.05 0.87 4.21
CA LEU C 19 8.06 0.82 3.10
C LEU C 19 7.34 0.37 1.82
N HIS C 20 6.45 -0.56 1.94
CA HIS C 20 5.70 -1.05 0.74
C HIS C 20 5.03 0.14 0.05
N LEU C 21 4.24 0.87 0.78
CA LEU C 21 3.55 2.04 0.19
C LEU C 21 4.58 3.02 -0.38
N ILE C 22 5.53 3.44 0.42
CA ILE C 22 6.56 4.39 -0.07
C ILE C 22 7.18 3.84 -1.36
N LEU C 23 7.25 2.55 -1.50
CA LEU C 23 7.84 1.95 -2.73
C LEU C 23 6.84 2.03 -3.88
N TRP C 24 5.67 1.45 -3.69
CA TRP C 24 4.65 1.49 -4.76
C TRP C 24 4.46 2.91 -5.27
N ILE C 25 4.16 3.84 -4.38
CA ILE C 25 3.98 5.25 -4.82
C ILE C 25 5.25 5.74 -5.51
N LEU C 26 6.40 5.47 -4.96
CA LEU C 26 7.67 5.93 -5.60
C LEU C 26 7.63 5.56 -7.09
N ASP C 27 7.07 4.42 -7.41
CA ASP C 27 7.01 4.01 -8.84
C ASP C 27 5.93 4.81 -9.57
N ARG C 28 4.84 5.09 -8.90
CA ARG C 28 3.75 5.87 -9.54
C ARG C 28 4.24 7.27 -9.88
N LEU C 29 5.18 7.78 -9.12
CA LEU C 29 5.71 9.14 -9.38
C LEU C 29 7.05 9.06 -10.13
N PHE C 30 7.64 7.89 -10.17
CA PHE C 30 8.95 7.74 -10.88
C PHE C 30 9.04 6.34 -11.49
N PHE C 31 7.97 5.85 -12.04
CA PHE C 31 8.00 4.50 -12.66
C PHE C 31 9.24 4.38 -13.56
N LYS C 32 9.77 5.49 -14.00
CA LYS C 32 10.98 5.44 -14.87
C LYS C 32 12.21 5.12 -14.03
N SER C 33 12.37 5.80 -12.92
CA SER C 33 13.56 5.54 -12.05
C SER C 33 13.54 4.08 -11.59
N ILE C 34 12.41 3.61 -11.10
CA ILE C 34 12.35 2.20 -10.64
C ILE C 34 12.55 1.26 -11.83
N TYR C 35 12.06 1.62 -12.97
CA TYR C 35 12.23 0.76 -14.17
C TYR C 35 13.71 0.61 -14.50
N ARG C 36 14.42 1.71 -14.55
CA ARG C 36 15.88 1.64 -14.86
C ARG C 36 16.63 1.08 -13.66
N PHE C 37 16.06 1.20 -12.49
CA PHE C 37 16.73 0.68 -11.27
C PHE C 37 16.89 -0.84 -11.39
N PHE C 38 15.84 -1.52 -11.77
CA PHE C 38 15.92 -3.00 -11.90
C PHE C 38 16.89 -3.35 -13.02
N GLU C 39 16.83 -2.66 -14.12
CA GLU C 39 17.75 -2.96 -15.26
C GLU C 39 19.11 -2.31 -14.99
N HIS C 40 20.15 -3.10 -14.86
CA HIS C 40 21.49 -2.51 -14.59
C HIS C 40 21.94 -1.68 -15.80
N GLY C 41 22.71 -2.26 -16.68
CA GLY C 41 23.17 -1.51 -17.88
C GLY C 41 23.43 -2.48 -19.03
N LEU C 42 23.43 -1.99 -20.24
CA LEU C 42 23.67 -2.89 -21.41
C LEU C 42 25.14 -3.33 -21.41
N LYS C 43 25.40 -4.53 -21.86
CA LYS C 43 26.81 -5.02 -21.88
C LYS C 43 27.51 -4.49 -23.13
N ARG D 1 -13.51 -13.40 33.93
CA ARG D 1 -13.33 -12.53 32.74
C ARG D 1 -11.88 -12.59 32.27
N SER D 2 -11.66 -12.51 30.98
CA SER D 2 -10.26 -12.57 30.47
C SER D 2 -10.19 -11.85 29.12
N ASN D 3 -11.30 -11.77 28.42
CA ASN D 3 -11.29 -11.09 27.10
C ASN D 3 -10.31 -11.80 26.15
N ASP D 4 -10.47 -11.61 24.87
CA ASP D 4 -9.55 -12.28 23.91
C ASP D 4 -8.18 -11.62 23.98
N SER D 5 -8.14 -10.33 24.12
CA SER D 5 -6.83 -9.62 24.19
C SER D 5 -5.97 -10.03 22.99
N SER D 6 -6.59 -10.36 21.89
CA SER D 6 -5.80 -10.77 20.69
C SER D 6 -6.60 -10.43 19.43
N ASP D 7 -5.95 -10.46 18.29
CA ASP D 7 -6.68 -10.15 17.02
C ASP D 7 -5.87 -10.68 15.83
N PRO D 8 -5.79 -11.97 15.68
CA PRO D 8 -5.02 -12.57 14.55
C PRO D 8 -5.62 -12.22 13.18
N LEU D 9 -6.91 -11.99 13.13
CA LEU D 9 -7.55 -11.63 11.83
C LEU D 9 -6.78 -10.50 11.16
N VAL D 10 -6.58 -9.42 11.86
CA VAL D 10 -5.84 -8.27 11.27
C VAL D 10 -4.45 -8.73 10.83
N VAL D 11 -3.78 -9.51 11.63
CA VAL D 11 -2.43 -9.99 11.24
C VAL D 11 -2.52 -10.74 9.90
N ALA D 12 -3.36 -11.74 9.83
CA ALA D 12 -3.49 -12.50 8.55
C ALA D 12 -3.61 -11.52 7.39
N ALA D 13 -4.42 -10.51 7.54
CA ALA D 13 -4.59 -9.52 6.45
C ALA D 13 -3.28 -8.73 6.28
N ASN D 14 -2.51 -8.63 7.32
CA ASN D 14 -1.23 -7.87 7.23
C ASN D 14 -0.24 -8.66 6.35
N ILE D 15 0.19 -9.81 6.80
CA ILE D 15 1.14 -10.61 5.98
C ILE D 15 0.60 -10.72 4.56
N ILE D 16 -0.69 -10.83 4.42
CA ILE D 16 -1.28 -10.93 3.05
C ILE D 16 -0.87 -9.68 2.27
N GLY D 17 -0.96 -8.53 2.88
CA GLY D 17 -0.56 -7.29 2.18
C GLY D 17 0.89 -7.40 1.72
N ILE D 18 1.75 -7.92 2.56
CA ILE D 18 3.18 -8.07 2.16
C ILE D 18 3.24 -8.96 0.92
N LEU D 19 2.50 -10.04 0.91
CA LEU D 19 2.50 -10.95 -0.27
C LEU D 19 1.90 -10.21 -1.48
N HIS D 20 0.92 -9.40 -1.26
CA HIS D 20 0.30 -8.67 -2.39
C HIS D 20 1.38 -7.89 -3.14
N LEU D 21 2.20 -7.15 -2.44
CA LEU D 21 3.25 -6.38 -3.15
C LEU D 21 4.28 -7.34 -3.77
N ILE D 22 4.58 -8.42 -3.11
CA ILE D 22 5.57 -9.37 -3.69
C ILE D 22 5.15 -9.66 -5.13
N LEU D 23 3.87 -9.81 -5.37
CA LEU D 23 3.39 -10.06 -6.75
C LEU D 23 3.53 -8.76 -7.55
N TRP D 24 3.23 -7.64 -6.92
CA TRP D 24 3.35 -6.33 -7.62
C TRP D 24 4.77 -6.18 -8.16
N ILE D 25 5.76 -6.29 -7.32
CA ILE D 25 7.16 -6.16 -7.78
C ILE D 25 7.42 -7.16 -8.90
N LEU D 26 7.04 -8.40 -8.71
CA LEU D 26 7.26 -9.42 -9.77
C LEU D 26 6.65 -8.93 -11.08
N ASP D 27 5.42 -8.51 -11.05
CA ASP D 27 4.77 -8.01 -12.30
C ASP D 27 5.63 -6.93 -12.93
N ARG D 28 6.05 -5.97 -12.16
CA ARG D 28 6.90 -4.88 -12.72
C ARG D 28 8.11 -5.49 -13.44
N LEU D 29 8.73 -6.47 -12.83
CA LEU D 29 9.90 -7.12 -13.48
C LEU D 29 9.50 -7.67 -14.85
N PHE D 30 8.59 -8.61 -14.88
CA PHE D 30 8.15 -9.18 -16.18
C PHE D 30 7.41 -8.11 -16.99
N PHE D 31 6.74 -8.51 -18.03
CA PHE D 31 5.99 -7.53 -18.86
C PHE D 31 4.73 -8.19 -19.42
N LYS D 32 4.72 -9.48 -19.52
CA LYS D 32 3.52 -10.18 -20.07
C LYS D 32 3.64 -11.68 -19.82
N SER D 33 4.85 -12.17 -19.65
CA SER D 33 5.03 -13.63 -19.41
C SER D 33 4.28 -14.42 -20.48
N ILE D 34 4.31 -15.72 -20.40
CA ILE D 34 3.60 -16.54 -21.42
C ILE D 34 3.43 -17.97 -20.90
N TYR D 35 2.39 -18.64 -21.31
CA TYR D 35 2.18 -20.04 -20.84
C TYR D 35 3.20 -20.97 -21.49
N ARG D 36 2.81 -22.16 -21.83
CA ARG D 36 3.77 -23.10 -22.46
C ARG D 36 3.01 -24.26 -23.11
N PHE D 37 1.78 -24.48 -22.69
CA PHE D 37 0.98 -25.59 -23.29
C PHE D 37 0.68 -25.28 -24.75
N PHE D 38 1.07 -24.12 -25.22
CA PHE D 38 0.81 -23.76 -26.64
C PHE D 38 1.96 -24.25 -27.51
N GLU D 39 1.98 -25.51 -27.84
CA GLU D 39 3.08 -26.04 -28.69
C GLU D 39 2.75 -25.84 -30.17
N HIS D 40 3.64 -25.25 -30.92
CA HIS D 40 3.37 -25.02 -32.36
C HIS D 40 4.70 -24.83 -33.11
N GLY D 41 5.78 -25.28 -32.53
CA GLY D 41 7.11 -25.10 -33.20
C GLY D 41 7.31 -26.24 -34.21
N LEU D 42 7.11 -25.96 -35.47
CA LEU D 42 7.30 -27.02 -36.51
C LEU D 42 8.73 -26.97 -37.04
N LYS D 43 9.36 -25.83 -36.95
CA LYS D 43 10.76 -25.72 -37.46
C LYS D 43 11.60 -26.86 -36.89
N ARG A 1 -8.30 -4.61 30.37
CA ARG A 1 -6.95 -5.05 29.92
C ARG A 1 -6.44 -4.10 28.82
N SER A 2 -7.16 -3.05 28.57
CA SER A 2 -6.72 -2.09 27.51
C SER A 2 -5.61 -1.19 28.07
N ASN A 3 -5.01 -1.58 29.15
CA ASN A 3 -3.92 -0.75 29.75
C ASN A 3 -2.60 -1.04 29.03
N ASP A 4 -2.66 -1.32 27.76
CA ASP A 4 -1.41 -1.62 27.00
C ASP A 4 -0.46 -0.42 27.10
N SER A 5 0.75 -0.58 26.66
CA SER A 5 1.73 0.55 26.72
C SER A 5 2.77 0.38 25.61
N SER A 6 2.76 -0.74 24.93
CA SER A 6 3.74 -0.95 23.84
C SER A 6 3.55 0.12 22.76
N ASP A 7 2.86 -0.19 21.71
CA ASP A 7 2.64 0.82 20.63
C ASP A 7 1.33 0.51 19.90
N PRO A 8 0.21 0.72 20.55
CA PRO A 8 -1.11 0.45 19.92
C PRO A 8 -1.39 1.38 18.73
N LEU A 9 -0.82 2.54 18.73
CA LEU A 9 -1.05 3.49 17.60
C LEU A 9 -0.67 2.80 16.28
N VAL A 10 0.48 2.21 16.21
CA VAL A 10 0.90 1.52 14.95
C VAL A 10 -0.15 0.48 14.56
N VAL A 11 -0.74 -0.17 15.52
CA VAL A 11 -1.77 -1.19 15.21
C VAL A 11 -3.03 -0.50 14.68
N ALA A 12 -3.66 0.31 15.50
CA ALA A 12 -4.88 1.03 15.03
C ALA A 12 -4.59 1.67 13.67
N ALA A 13 -3.33 1.84 13.36
CA ALA A 13 -2.96 2.45 12.05
C ALA A 13 -2.78 1.34 11.02
N ASN A 14 -2.45 0.15 11.45
CA ASN A 14 -2.27 -0.97 10.50
C ASN A 14 -3.62 -1.37 9.92
N ILE A 15 -4.65 -1.36 10.72
CA ILE A 15 -5.99 -1.75 10.20
C ILE A 15 -6.26 -1.02 8.88
N ILE A 16 -6.02 0.26 8.85
CA ILE A 16 -6.24 1.01 7.57
C ILE A 16 -5.07 0.74 6.64
N GLY A 17 -3.92 0.44 7.18
CA GLY A 17 -2.75 0.15 6.31
C GLY A 17 -3.06 -1.04 5.41
N ILE A 18 -3.44 -2.14 5.98
CA ILE A 18 -3.76 -3.33 5.15
C ILE A 18 -4.99 -3.03 4.30
N LEU A 19 -6.03 -2.51 4.90
CA LEU A 19 -7.25 -2.18 4.11
C LEU A 19 -6.85 -1.31 2.91
N HIS A 20 -5.92 -0.42 3.12
CA HIS A 20 -5.47 0.46 2.00
C HIS A 20 -4.90 -0.41 0.88
N LEU A 21 -4.00 -1.29 1.21
CA LEU A 21 -3.40 -2.17 0.17
C LEU A 21 -4.51 -2.96 -0.53
N ILE A 22 -5.36 -3.59 0.23
CA ILE A 22 -6.46 -4.39 -0.38
C ILE A 22 -7.21 -3.54 -1.40
N LEU A 23 -7.36 -2.26 -1.15
CA LEU A 23 -8.10 -1.40 -2.12
C LEU A 23 -7.20 -1.06 -3.31
N TRP A 24 -5.96 -0.71 -3.06
CA TRP A 24 -5.04 -0.36 -4.17
C TRP A 24 -5.09 -1.44 -5.26
N ILE A 25 -4.93 -2.69 -4.88
CA ILE A 25 -4.98 -3.77 -5.91
C ILE A 25 -6.41 -3.96 -6.41
N LEU A 26 -7.38 -3.88 -5.54
CA LEU A 26 -8.80 -4.06 -5.99
C LEU A 26 -9.05 -3.20 -7.23
N ASP A 27 -8.52 -2.01 -7.25
CA ASP A 27 -8.71 -1.13 -8.43
C ASP A 27 -7.78 -1.58 -9.56
N ARG A 28 -6.56 -1.88 -9.25
CA ARG A 28 -5.60 -2.33 -10.31
C ARG A 28 -6.25 -3.43 -11.15
N LEU A 29 -7.06 -4.25 -10.54
CA LEU A 29 -7.72 -5.35 -11.30
C LEU A 29 -9.11 -4.90 -11.75
N PHE A 30 -9.90 -4.37 -10.86
CA PHE A 30 -11.27 -3.91 -11.23
C PHE A 30 -11.25 -2.42 -11.53
N PHE A 31 -10.19 -1.94 -12.14
CA PHE A 31 -10.12 -0.48 -12.46
C PHE A 31 -11.36 -0.07 -13.24
N LYS A 32 -11.87 -0.95 -14.07
CA LYS A 32 -13.09 -0.60 -14.86
C LYS A 32 -14.26 -0.36 -13.92
N SER A 33 -14.33 -1.08 -12.83
CA SER A 33 -15.45 -0.89 -11.86
C SER A 33 -15.27 0.45 -11.14
N ILE A 34 -14.14 0.66 -10.52
CA ILE A 34 -13.92 1.95 -9.80
C ILE A 34 -14.22 3.12 -10.74
N TYR A 35 -13.99 2.95 -12.01
CA TYR A 35 -14.25 4.05 -12.97
C TYR A 35 -15.75 4.09 -13.30
N ARG A 36 -16.33 2.96 -13.63
CA ARG A 36 -17.78 2.94 -13.95
C ARG A 36 -18.60 3.10 -12.66
N PHE A 37 -17.98 2.95 -11.53
CA PHE A 37 -18.72 3.09 -10.25
C PHE A 37 -18.81 4.57 -9.89
N PHE A 38 -17.70 5.26 -9.82
CA PHE A 38 -17.74 6.70 -9.48
C PHE A 38 -18.34 7.49 -10.64
N GLU A 39 -17.95 7.17 -11.85
CA GLU A 39 -18.48 7.90 -13.03
C GLU A 39 -19.77 7.22 -13.51
N HIS A 40 -20.51 7.87 -14.37
CA HIS A 40 -21.76 7.26 -14.88
C HIS A 40 -22.69 6.95 -13.70
N GLY A 41 -23.42 5.87 -13.78
CA GLY A 41 -24.34 5.51 -12.66
C GLY A 41 -25.43 6.58 -12.54
N LEU A 42 -26.46 6.47 -13.34
CA LEU A 42 -27.56 7.47 -13.28
C LEU A 42 -28.30 7.35 -11.95
N LYS A 43 -28.23 8.36 -11.13
CA LYS A 43 -28.93 8.30 -9.81
C LYS A 43 -30.44 8.35 -10.03
N ARG B 1 4.29 18.18 31.95
CA ARG B 1 5.10 18.27 30.70
C ARG B 1 5.04 16.93 29.96
N SER B 2 5.47 16.90 28.73
CA SER B 2 5.44 15.62 27.96
C SER B 2 4.01 15.08 27.94
N ASN B 3 3.80 13.96 27.31
CA ASN B 3 2.43 13.38 27.26
C ASN B 3 2.51 11.93 26.76
N ASP B 4 1.38 11.29 26.57
CA ASP B 4 1.40 9.89 26.08
C ASP B 4 2.08 9.84 24.71
N SER B 5 2.99 8.92 24.52
CA SER B 5 3.69 8.82 23.21
C SER B 5 4.32 7.43 23.08
N SER B 6 4.39 6.91 21.89
CA SER B 6 5.00 5.56 21.69
C SER B 6 5.58 5.47 20.28
N ASP B 7 6.87 5.48 20.16
CA ASP B 7 7.50 5.39 18.82
C ASP B 7 6.87 6.43 17.88
N PRO B 8 7.13 7.69 18.11
CA PRO B 8 6.56 8.77 17.26
C PRO B 8 7.09 8.72 15.83
N LEU B 9 8.29 8.22 15.64
CA LEU B 9 8.86 8.14 14.28
C LEU B 9 8.03 7.18 13.43
N VAL B 10 7.93 5.95 13.83
CA VAL B 10 7.13 4.97 13.04
C VAL B 10 5.72 5.52 12.82
N VAL B 11 5.17 6.16 13.82
CA VAL B 11 3.80 6.72 13.66
C VAL B 11 3.79 7.74 12.53
N ALA B 12 4.66 8.73 12.59
CA ALA B 12 4.71 9.75 11.51
C ALA B 12 4.71 9.04 10.15
N ALA B 13 5.47 7.98 10.02
CA ALA B 13 5.51 7.24 8.73
C ALA B 13 4.17 6.54 8.51
N ASN B 14 3.54 6.11 9.57
CA ASN B 14 2.24 5.39 9.42
C ASN B 14 1.19 6.36 8.86
N ILE B 15 0.83 7.37 9.61
CA ILE B 15 -0.18 8.33 9.10
C ILE B 15 0.21 8.77 7.69
N ILE B 16 1.48 8.99 7.47
CA ILE B 16 1.93 9.41 6.11
C ILE B 16 1.40 8.40 5.08
N GLY B 17 1.48 7.13 5.39
CA GLY B 17 0.96 6.11 4.45
C GLY B 17 -0.53 6.35 4.22
N ILE B 18 -1.26 6.63 5.27
CA ILE B 18 -2.72 6.88 5.12
C ILE B 18 -2.92 8.10 4.22
N LEU B 19 -2.14 9.13 4.41
CA LEU B 19 -2.29 10.34 3.57
C LEU B 19 -1.83 10.01 2.15
N HIS B 20 -0.86 9.15 2.00
CA HIS B 20 -0.39 8.80 0.64
C HIS B 20 -1.55 8.29 -0.19
N LEU B 21 -2.28 7.33 0.32
CA LEU B 21 -3.42 6.81 -0.49
C LEU B 21 -4.51 7.88 -0.61
N ILE B 22 -4.68 8.69 0.40
CA ILE B 22 -5.73 9.76 0.30
C ILE B 22 -5.52 10.50 -1.02
N LEU B 23 -4.28 10.75 -1.37
CA LEU B 23 -4.01 11.45 -2.66
C LEU B 23 -4.27 10.46 -3.81
N TRP B 24 -3.89 9.22 -3.63
CA TRP B 24 -4.10 8.19 -4.69
C TRP B 24 -5.58 8.20 -5.10
N ILE B 25 -6.47 8.09 -4.15
CA ILE B 25 -7.92 8.07 -4.49
C ILE B 25 -8.34 9.44 -5.00
N LEU B 26 -7.76 10.50 -4.50
CA LEU B 26 -8.13 11.86 -4.96
C LEU B 26 -7.88 11.97 -6.46
N ASP B 27 -6.65 11.84 -6.88
CA ASP B 27 -6.34 11.93 -8.33
C ASP B 27 -7.22 10.96 -9.11
N ARG B 28 -7.33 9.74 -8.67
CA ARG B 28 -8.18 8.75 -9.39
C ARG B 28 -9.55 9.36 -9.67
N LEU B 29 -10.17 9.92 -8.67
CA LEU B 29 -11.51 10.53 -8.88
C LEU B 29 -11.42 11.59 -9.99
N PHE B 30 -10.43 12.43 -9.94
CA PHE B 30 -10.29 13.48 -10.99
C PHE B 30 -9.54 12.90 -12.18
N PHE B 31 -10.22 12.71 -13.29
CA PHE B 31 -9.55 12.14 -14.49
C PHE B 31 -8.84 13.25 -15.26
N LYS B 32 -7.69 12.97 -15.80
CA LYS B 32 -6.94 14.02 -16.56
C LYS B 32 -7.55 14.15 -17.96
N SER B 33 -8.58 14.94 -18.10
CA SER B 33 -9.21 15.11 -19.44
C SER B 33 -9.81 16.51 -19.54
N ILE B 34 -10.66 16.88 -18.62
CA ILE B 34 -11.28 18.23 -18.67
C ILE B 34 -10.39 19.24 -17.93
N TYR B 35 -10.22 20.40 -18.48
CA TYR B 35 -9.36 21.42 -17.81
C TYR B 35 -9.63 22.80 -18.43
N ARG B 36 -10.79 22.99 -18.99
CA ARG B 36 -11.11 24.30 -19.61
C ARG B 36 -11.73 25.23 -18.56
N PHE B 37 -10.92 25.97 -17.87
CA PHE B 37 -11.46 26.89 -16.82
C PHE B 37 -12.29 26.09 -15.83
N PHE B 38 -12.94 26.76 -14.91
CA PHE B 38 -13.78 26.04 -13.91
C PHE B 38 -14.66 27.04 -13.16
N GLU B 39 -14.09 28.15 -12.74
CA GLU B 39 -14.89 29.16 -12.00
C GLU B 39 -15.59 30.08 -13.00
N HIS B 40 -16.89 30.18 -12.94
CA HIS B 40 -17.62 31.06 -13.88
C HIS B 40 -17.14 32.51 -13.70
N GLY B 41 -17.74 33.44 -14.38
CA GLY B 41 -17.32 34.86 -14.25
C GLY B 41 -18.11 35.53 -13.12
N LEU B 42 -17.94 36.81 -12.94
CA LEU B 42 -18.69 37.51 -11.87
C LEU B 42 -20.19 37.30 -12.05
N LYS B 43 -20.70 37.61 -13.22
CA LYS B 43 -22.16 37.41 -13.46
C LYS B 43 -22.39 37.11 -14.94
N ARG C 1 12.88 -4.66 28.72
CA ARG C 1 11.50 -4.13 28.64
C ARG C 1 10.80 -4.70 27.39
N SER C 2 11.45 -5.62 26.73
CA SER C 2 10.84 -6.22 25.50
C SER C 2 9.80 -7.27 25.92
N ASN C 3 9.38 -7.24 27.16
CA ASN C 3 8.38 -8.25 27.62
C ASN C 3 6.97 -7.77 27.23
N ASP C 4 6.84 -7.12 26.11
CA ASP C 4 5.50 -6.64 25.68
C ASP C 4 4.55 -7.83 25.55
N SER C 5 3.28 -7.57 25.38
CA SER C 5 2.30 -8.69 25.24
C SER C 5 1.11 -8.22 24.40
N SER C 6 1.05 -6.96 24.10
CA SER C 6 -0.09 -6.44 23.28
C SER C 6 -0.09 -7.13 21.92
N ASP C 7 0.45 -6.48 20.91
CA ASP C 7 0.48 -7.12 19.56
C ASP C 7 1.67 -6.57 18.77
N PRO C 8 2.87 -6.94 19.15
CA PRO C 8 4.09 -6.46 18.44
C PRO C 8 4.16 -6.98 16.99
N LEU C 9 3.57 -8.10 16.73
CA LEU C 9 3.61 -8.65 15.34
C LEU C 9 3.06 -7.61 14.37
N VAL C 10 1.91 -7.05 14.66
CA VAL C 10 1.33 -6.03 13.75
C VAL C 10 2.33 -4.90 13.53
N VAL C 11 3.06 -4.54 14.56
CA VAL C 11 4.07 -3.45 14.41
C VAL C 11 5.22 -3.92 13.52
N ALA C 12 5.93 -4.92 13.93
CA ALA C 12 7.05 -5.44 13.10
C ALA C 12 6.55 -5.63 11.67
N ALA C 13 5.26 -5.74 11.51
CA ALA C 13 4.68 -5.93 10.15
C ALA C 13 4.38 -4.56 9.54
N ASN C 14 4.14 -3.58 10.37
CA ASN C 14 3.84 -2.22 9.85
C ASN C 14 5.10 -1.62 9.21
N ILE C 15 6.24 -1.85 9.81
CA ILE C 15 7.50 -1.29 9.24
C ILE C 15 7.54 -1.58 7.74
N ILE C 16 7.27 -2.79 7.34
CA ILE C 16 7.28 -3.12 5.89
C ILE C 16 5.99 -2.60 5.26
N GLY C 17 4.95 -2.50 6.03
CA GLY C 17 3.65 -2.00 5.48
C GLY C 17 3.85 -0.58 4.95
N ILE C 18 4.34 0.31 5.77
CA ILE C 18 4.56 1.70 5.30
C ILE C 18 5.65 1.70 4.22
N LEU C 19 6.75 1.05 4.47
CA LEU C 19 7.83 1.01 3.44
C LEU C 19 7.23 0.53 2.12
N HIS C 20 6.33 -0.41 2.17
CA HIS C 20 5.69 -0.91 0.93
C HIS C 20 4.99 0.24 0.22
N LEU C 21 4.15 0.95 0.92
CA LEU C 21 3.43 2.09 0.31
C LEU C 21 4.44 3.09 -0.27
N ILE C 22 5.41 3.47 0.51
CA ILE C 22 6.42 4.45 0.01
C ILE C 22 7.00 3.97 -1.32
N LEU C 23 7.15 2.69 -1.50
CA LEU C 23 7.72 2.17 -2.77
C LEU C 23 6.64 2.19 -3.86
N TRP C 24 5.45 1.76 -3.54
CA TRP C 24 4.36 1.74 -4.56
C TRP C 24 4.27 3.10 -5.25
N ILE C 25 4.20 4.16 -4.51
CA ILE C 25 4.11 5.52 -5.16
C ILE C 25 5.46 5.87 -5.78
N LEU C 26 6.55 5.55 -5.13
CA LEU C 26 7.88 5.90 -5.71
C LEU C 26 7.92 5.46 -7.18
N ASP C 27 7.36 4.32 -7.48
CA ASP C 27 7.36 3.85 -8.89
C ASP C 27 6.29 4.60 -9.68
N ARG C 28 5.13 4.76 -9.11
CA ARG C 28 4.03 5.48 -9.83
C ARG C 28 4.57 6.80 -10.38
N LEU C 29 5.48 7.43 -9.68
CA LEU C 29 6.05 8.72 -10.16
C LEU C 29 7.34 8.46 -10.94
N PHE C 30 8.24 7.70 -10.37
CA PHE C 30 9.53 7.41 -11.06
C PHE C 30 9.42 6.08 -11.81
N PHE C 31 8.28 5.77 -12.36
CA PHE C 31 8.13 4.49 -13.10
C PHE C 31 9.23 4.36 -14.15
N LYS C 32 9.64 5.46 -14.73
CA LYS C 32 10.70 5.40 -15.76
C LYS C 32 12.01 4.91 -15.12
N SER C 33 12.25 5.26 -13.89
CA SER C 33 13.49 4.82 -13.22
C SER C 33 13.40 3.33 -12.90
N ILE C 34 12.37 2.91 -12.23
CA ILE C 34 12.22 1.46 -11.90
C ILE C 34 12.36 0.64 -13.18
N TYR C 35 11.93 1.17 -14.30
CA TYR C 35 12.04 0.42 -15.58
C TYR C 35 13.47 0.52 -16.11
N ARG C 36 14.00 1.71 -16.17
CA ARG C 36 15.40 1.87 -16.69
C ARG C 36 16.39 1.34 -15.65
N PHE C 37 15.96 1.14 -14.44
CA PHE C 37 16.87 0.62 -13.39
C PHE C 37 16.99 -0.90 -13.52
N PHE C 38 15.89 -1.59 -13.49
CA PHE C 38 15.95 -3.08 -13.62
C PHE C 38 16.33 -3.47 -15.04
N GLU C 39 15.78 -2.79 -16.02
CA GLU C 39 16.11 -3.11 -17.43
C GLU C 39 17.32 -2.29 -17.87
N HIS C 40 17.91 -2.63 -18.99
CA HIS C 40 19.09 -1.87 -19.47
C HIS C 40 20.19 -1.90 -18.41
N GLY C 41 20.92 -0.83 -18.26
CA GLY C 41 22.00 -0.82 -17.24
C GLY C 41 23.09 -1.84 -17.62
N LEU C 42 23.98 -1.46 -18.50
CA LEU C 42 25.05 -2.42 -18.91
C LEU C 42 25.98 -2.68 -17.72
N LYS C 43 26.03 -3.90 -17.25
CA LYS C 43 26.91 -4.23 -16.11
C LYS C 43 28.38 -4.17 -16.56
N ARG D 1 0.15 -27.14 25.17
CA ARG D 1 -0.84 -26.86 24.10
C ARG D 1 -0.86 -25.36 23.80
N SER D 2 -1.47 -24.96 22.71
CA SER D 2 -1.52 -23.52 22.38
C SER D 2 -0.10 -22.96 22.31
N ASN D 3 0.03 -21.69 22.03
CA ASN D 3 1.40 -21.09 21.95
C ASN D 3 1.28 -19.56 21.93
N ASP D 4 2.37 -18.88 21.77
CA ASP D 4 2.32 -17.38 21.74
C ASP D 4 1.44 -16.93 20.57
N SER D 5 0.53 -16.03 20.82
CA SER D 5 -0.35 -15.55 19.72
C SER D 5 -0.97 -14.20 20.11
N SER D 6 -1.20 -13.35 19.15
CA SER D 6 -1.80 -12.02 19.48
C SER D 6 -2.58 -11.51 18.26
N ASP D 7 -3.88 -11.51 18.34
CA ASP D 7 -4.71 -11.03 17.19
C ASP D 7 -4.25 -11.73 15.91
N PRO D 8 -4.50 -13.01 15.79
CA PRO D 8 -4.09 -13.76 14.57
C PRO D 8 -4.83 -13.29 13.31
N LEU D 9 -6.02 -12.78 13.48
CA LEU D 9 -6.80 -12.31 12.29
C LEU D 9 -6.08 -11.11 11.65
N VAL D 10 -5.89 -10.06 12.40
CA VAL D 10 -5.20 -8.87 11.84
C VAL D 10 -3.85 -9.30 11.25
N VAL D 11 -3.17 -10.19 11.91
CA VAL D 11 -1.85 -10.66 11.39
C VAL D 11 -2.05 -11.28 10.00
N ALA D 12 -2.91 -12.25 9.90
CA ALA D 12 -3.15 -12.89 8.58
C ALA D 12 -3.33 -11.81 7.52
N ALA D 13 -4.07 -10.78 7.83
CA ALA D 13 -4.30 -9.69 6.84
C ALA D 13 -3.00 -8.91 6.65
N ASN D 14 -2.20 -8.81 7.68
CA ASN D 14 -0.92 -8.07 7.56
C ASN D 14 0.01 -8.78 6.58
N ILE D 15 0.45 -9.96 6.92
CA ILE D 15 1.36 -10.69 6.01
C ILE D 15 0.74 -10.70 4.61
N ILE D 16 -0.56 -10.86 4.52
CA ILE D 16 -1.21 -10.87 3.19
C ILE D 16 -0.81 -9.58 2.44
N GLY D 17 -0.82 -8.47 3.13
CA GLY D 17 -0.43 -7.20 2.47
C GLY D 17 1.01 -7.31 1.96
N ILE D 18 1.88 -7.88 2.75
CA ILE D 18 3.29 -8.04 2.32
C ILE D 18 3.33 -8.92 1.07
N LEU D 19 2.57 -9.98 1.06
CA LEU D 19 2.55 -10.88 -0.14
C LEU D 19 1.89 -10.15 -1.31
N HIS D 20 0.93 -9.30 -1.03
CA HIS D 20 0.26 -8.57 -2.13
C HIS D 20 1.30 -7.80 -2.93
N LEU D 21 2.13 -7.02 -2.27
CA LEU D 21 3.14 -6.26 -3.03
C LEU D 21 4.17 -7.21 -3.64
N ILE D 22 4.48 -8.29 -2.96
CA ILE D 22 5.47 -9.24 -3.55
C ILE D 22 5.05 -9.56 -4.98
N LEU D 23 3.78 -9.72 -5.20
CA LEU D 23 3.29 -10.00 -6.59
C LEU D 23 3.39 -8.70 -7.40
N TRP D 24 3.07 -7.59 -6.79
CA TRP D 24 3.16 -6.28 -7.52
C TRP D 24 4.55 -6.12 -8.13
N ILE D 25 5.57 -6.29 -7.33
CA ILE D 25 6.96 -6.14 -7.87
C ILE D 25 7.27 -7.28 -8.83
N LEU D 26 6.74 -8.45 -8.59
CA LEU D 26 7.00 -9.59 -9.49
C LEU D 26 6.52 -9.25 -10.91
N ASP D 27 5.25 -9.02 -11.07
CA ASP D 27 4.72 -8.68 -12.42
C ASP D 27 5.51 -7.49 -12.99
N ARG D 28 5.70 -6.46 -12.22
CA ARG D 28 6.45 -5.27 -12.72
C ARG D 28 7.76 -5.74 -13.37
N LEU D 29 8.51 -6.57 -12.70
CA LEU D 29 9.79 -7.05 -13.29
C LEU D 29 9.51 -7.73 -14.64
N PHE D 30 8.51 -8.57 -14.70
CA PHE D 30 8.19 -9.26 -15.97
C PHE D 30 7.28 -8.35 -16.81
N PHE D 31 7.79 -7.82 -17.89
CA PHE D 31 6.96 -6.93 -18.75
C PHE D 31 6.13 -7.78 -19.71
N LYS D 32 4.91 -7.37 -19.96
CA LYS D 32 4.03 -8.14 -20.88
C LYS D 32 4.42 -7.84 -22.33
N SER D 33 5.40 -8.52 -22.85
CA SER D 33 5.81 -8.26 -24.26
C SER D 33 6.36 -9.55 -24.88
N ILE D 34 7.33 -10.16 -24.24
CA ILE D 34 7.90 -11.42 -24.80
C ILE D 34 7.11 -12.61 -24.28
N TYR D 35 6.83 -13.57 -25.12
CA TYR D 35 6.06 -14.76 -24.67
C TYR D 35 6.20 -15.88 -25.72
N ARG D 36 7.26 -15.86 -26.48
CA ARG D 36 7.46 -16.91 -27.51
C ARG D 36 8.20 -18.11 -26.89
N PHE D 37 7.49 -19.04 -26.34
CA PHE D 37 8.16 -20.23 -25.73
C PHE D 37 9.16 -19.74 -24.68
N PHE D 38 9.92 -20.64 -24.11
CA PHE D 38 10.91 -20.24 -23.08
C PHE D 38 11.86 -21.40 -22.80
N GLU D 39 11.34 -22.59 -22.66
CA GLU D 39 12.23 -23.76 -22.40
C GLU D 39 12.74 -24.32 -23.72
N HIS D 40 14.04 -24.40 -23.88
CA HIS D 40 14.59 -24.95 -25.16
C HIS D 40 14.11 -26.38 -25.35
N GLY D 41 14.58 -27.05 -26.37
CA GLY D 41 14.15 -28.46 -26.61
C GLY D 41 15.09 -29.41 -25.87
N LEU D 42 14.92 -30.68 -26.07
CA LEU D 42 15.80 -31.67 -25.38
C LEU D 42 17.27 -31.37 -25.72
N LYS D 43 17.58 -31.29 -26.99
CA LYS D 43 18.99 -31.00 -27.38
C LYS D 43 19.01 -30.25 -28.71
N ARG A 1 -3.61 -2.04 32.03
CA ARG A 1 -3.10 -2.65 33.29
C ARG A 1 -1.80 -1.95 33.71
N SER A 2 -1.88 -1.02 34.62
CA SER A 2 -0.65 -0.31 35.06
C SER A 2 -0.02 0.41 33.87
N ASN A 3 1.22 0.82 34.01
CA ASN A 3 1.89 1.53 32.88
C ASN A 3 1.95 0.61 31.66
N ASP A 4 1.61 1.11 30.51
CA ASP A 4 1.66 0.26 29.28
C ASP A 4 1.91 1.14 28.06
N SER A 5 3.14 1.24 27.62
CA SER A 5 3.45 2.08 26.43
C SER A 5 3.47 1.20 25.18
N SER A 6 2.41 0.50 24.92
CA SER A 6 2.37 -0.38 23.71
C SER A 6 2.47 0.48 22.45
N ASP A 7 1.66 0.22 21.47
CA ASP A 7 1.70 1.03 20.22
C ASP A 7 0.31 1.10 19.60
N PRO A 8 -0.59 1.83 20.22
CA PRO A 8 -1.98 1.95 19.70
C PRO A 8 -2.05 2.68 18.35
N LEU A 9 -1.12 3.58 18.11
CA LEU A 9 -1.13 4.32 16.83
C LEU A 9 -0.66 3.40 15.70
N VAL A 10 0.37 2.62 15.93
CA VAL A 10 0.87 1.71 14.87
C VAL A 10 -0.21 0.68 14.51
N VAL A 11 -0.74 0.01 15.48
CA VAL A 11 -1.80 -1.01 15.19
C VAL A 11 -3.03 -0.31 14.61
N ALA A 12 -3.55 0.68 15.29
CA ALA A 12 -4.75 1.39 14.76
C ALA A 12 -4.45 1.89 13.35
N ALA A 13 -3.21 2.15 13.05
CA ALA A 13 -2.85 2.65 11.70
C ALA A 13 -2.66 1.45 10.76
N ASN A 14 -2.42 0.30 11.30
CA ASN A 14 -2.22 -0.91 10.44
C ASN A 14 -3.57 -1.35 9.87
N ILE A 15 -4.61 -1.31 10.67
CA ILE A 15 -5.95 -1.73 10.16
C ILE A 15 -6.25 -0.99 8.86
N ILE A 16 -5.96 0.27 8.80
CA ILE A 16 -6.22 1.04 7.55
C ILE A 16 -5.10 0.76 6.55
N GLY A 17 -3.93 0.46 7.02
CA GLY A 17 -2.80 0.17 6.10
C GLY A 17 -3.16 -1.04 5.24
N ILE A 18 -3.53 -2.13 5.86
CA ILE A 18 -3.90 -3.34 5.09
C ILE A 18 -5.17 -3.04 4.27
N LEU A 19 -6.18 -2.52 4.90
CA LEU A 19 -7.43 -2.19 4.15
C LEU A 19 -7.05 -1.38 2.91
N HIS A 20 -6.12 -0.47 3.06
CA HIS A 20 -5.69 0.35 1.89
C HIS A 20 -5.20 -0.59 0.79
N LEU A 21 -4.20 -1.38 1.07
CA LEU A 21 -3.67 -2.31 0.03
C LEU A 21 -4.82 -3.08 -0.61
N ILE A 22 -5.69 -3.64 0.18
CA ILE A 22 -6.84 -4.41 -0.40
C ILE A 22 -7.60 -3.51 -1.39
N LEU A 23 -7.65 -2.23 -1.14
CA LEU A 23 -8.37 -1.31 -2.07
C LEU A 23 -7.48 -0.98 -3.26
N TRP A 24 -6.33 -0.41 -3.01
CA TRP A 24 -5.41 -0.04 -4.12
C TRP A 24 -5.22 -1.24 -5.04
N ILE A 25 -5.02 -2.41 -4.50
CA ILE A 25 -4.82 -3.60 -5.36
C ILE A 25 -6.14 -3.99 -6.02
N LEU A 26 -7.23 -3.93 -5.30
CA LEU A 26 -8.54 -4.29 -5.90
C LEU A 26 -8.80 -3.39 -7.11
N ASP A 27 -8.28 -2.20 -7.09
CA ASP A 27 -8.49 -1.27 -8.23
C ASP A 27 -7.57 -1.67 -9.38
N ARG A 28 -6.33 -1.96 -9.09
CA ARG A 28 -5.38 -2.35 -10.17
C ARG A 28 -5.96 -3.52 -10.95
N LEU A 29 -6.64 -4.41 -10.29
CA LEU A 29 -7.23 -5.58 -11.01
C LEU A 29 -8.62 -5.21 -11.53
N PHE A 30 -9.47 -4.67 -10.69
CA PHE A 30 -10.84 -4.28 -11.14
C PHE A 30 -10.87 -2.79 -11.44
N PHE A 31 -9.81 -2.25 -11.99
CA PHE A 31 -9.79 -0.80 -12.31
C PHE A 31 -11.02 -0.44 -13.13
N LYS A 32 -11.43 -1.32 -14.01
CA LYS A 32 -12.63 -1.03 -14.85
C LYS A 32 -13.85 -0.81 -13.94
N SER A 33 -13.93 -1.54 -12.86
CA SER A 33 -15.08 -1.38 -11.94
C SER A 33 -14.98 -0.02 -11.24
N ILE A 34 -13.86 0.27 -10.63
CA ILE A 34 -13.72 1.58 -9.94
C ILE A 34 -13.96 2.72 -10.93
N TYR A 35 -13.79 2.46 -12.20
CA TYR A 35 -14.02 3.52 -13.22
C TYR A 35 -15.50 3.56 -13.58
N ARG A 36 -16.12 2.43 -13.73
CA ARG A 36 -17.56 2.41 -14.08
C ARG A 36 -18.40 2.81 -12.86
N PHE A 37 -17.85 2.68 -11.68
CA PHE A 37 -18.61 3.05 -10.46
C PHE A 37 -18.50 4.56 -10.23
N PHE A 38 -17.30 5.05 -10.02
CA PHE A 38 -17.14 6.52 -9.78
C PHE A 38 -17.39 7.28 -11.09
N GLU A 39 -17.14 6.65 -12.21
CA GLU A 39 -17.37 7.34 -13.51
C GLU A 39 -16.68 8.71 -13.49
N HIS A 40 -17.44 9.77 -13.37
CA HIS A 40 -16.83 11.13 -13.34
C HIS A 40 -16.41 11.46 -11.91
N GLY A 41 -15.73 12.55 -11.71
CA GLY A 41 -15.29 12.93 -10.34
C GLY A 41 -16.39 13.73 -9.65
N LEU A 42 -16.03 14.81 -9.01
CA LEU A 42 -17.06 15.63 -8.31
C LEU A 42 -17.97 14.73 -7.49
N LYS A 43 -17.54 13.53 -7.20
CA LYS A 43 -18.38 12.60 -6.40
C LYS A 43 -19.80 12.57 -6.99
N ARG B 1 15.87 -4.76 26.39
CA ARG B 1 17.19 -5.06 25.77
C ARG B 1 17.62 -3.89 24.89
N SER B 2 17.36 -3.96 23.61
CA SER B 2 17.76 -2.85 22.71
C SER B 2 16.95 -1.60 23.05
N ASN B 3 17.06 -0.57 22.27
CA ASN B 3 16.30 0.68 22.57
C ASN B 3 14.81 0.36 22.57
N ASP B 4 14.23 0.13 21.43
CA ASP B 4 12.78 -0.17 21.37
C ASP B 4 12.40 -0.67 19.97
N SER B 5 11.47 -1.58 19.88
CA SER B 5 11.07 -2.11 18.55
C SER B 5 10.09 -1.13 17.89
N SER B 6 9.70 -0.10 18.60
CA SER B 6 8.76 0.89 18.01
C SER B 6 9.08 2.28 18.56
N ASP B 7 8.75 3.31 17.82
CA ASP B 7 9.04 4.69 18.29
C ASP B 7 8.14 5.68 17.54
N PRO B 8 8.00 6.89 18.04
CA PRO B 8 7.14 7.90 17.36
C PRO B 8 7.53 8.11 15.89
N LEU B 9 8.77 7.88 15.56
CA LEU B 9 9.20 8.06 14.15
C LEU B 9 8.36 7.17 13.23
N VAL B 10 8.38 5.89 13.45
CA VAL B 10 7.58 4.97 12.59
C VAL B 10 6.14 5.47 12.51
N VAL B 11 5.55 5.81 13.62
CA VAL B 11 4.14 6.31 13.60
C VAL B 11 4.02 7.40 12.54
N ALA B 12 4.79 8.45 12.65
CA ALA B 12 4.71 9.54 11.63
C ALA B 12 4.76 8.91 10.24
N ALA B 13 5.53 7.87 10.09
CA ALA B 13 5.62 7.20 8.76
C ALA B 13 4.30 6.47 8.47
N ASN B 14 3.66 5.97 9.49
CA ASN B 14 2.37 5.25 9.29
C ASN B 14 1.32 6.23 8.80
N ILE B 15 0.98 7.21 9.59
CA ILE B 15 -0.05 8.19 9.15
C ILE B 15 0.33 8.71 7.76
N ILE B 16 1.60 8.89 7.51
CA ILE B 16 2.03 9.38 6.18
C ILE B 16 1.51 8.39 5.12
N GLY B 17 1.61 7.12 5.39
CA GLY B 17 1.09 6.11 4.42
C GLY B 17 -0.38 6.39 4.15
N ILE B 18 -1.14 6.59 5.19
CA ILE B 18 -2.59 6.88 5.00
C ILE B 18 -2.73 8.09 4.08
N LEU B 19 -1.87 9.06 4.25
CA LEU B 19 -1.94 10.27 3.38
C LEU B 19 -1.54 9.90 1.96
N HIS B 20 -0.59 9.00 1.80
CA HIS B 20 -0.18 8.61 0.43
C HIS B 20 -1.40 8.15 -0.34
N LEU B 21 -2.22 7.32 0.25
CA LEU B 21 -3.43 6.86 -0.49
C LEU B 21 -4.40 8.02 -0.67
N ILE B 22 -4.53 8.88 0.31
CA ILE B 22 -5.47 10.03 0.17
C ILE B 22 -5.17 10.70 -1.17
N LEU B 23 -3.92 10.77 -1.54
CA LEU B 23 -3.57 11.39 -2.85
C LEU B 23 -3.95 10.40 -3.96
N TRP B 24 -3.75 9.13 -3.71
CA TRP B 24 -4.08 8.09 -4.73
C TRP B 24 -5.57 8.19 -5.09
N ILE B 25 -6.42 8.08 -4.10
CA ILE B 25 -7.88 8.15 -4.37
C ILE B 25 -8.23 9.55 -4.91
N LEU B 26 -7.64 10.57 -4.38
CA LEU B 26 -7.95 11.95 -4.86
C LEU B 26 -7.63 12.05 -6.35
N ASP B 27 -6.48 11.59 -6.76
CA ASP B 27 -6.12 11.66 -8.21
C ASP B 27 -7.14 10.87 -9.02
N ARG B 28 -7.56 9.73 -8.54
CA ARG B 28 -8.56 8.92 -9.29
C ARG B 28 -9.90 9.65 -9.28
N LEU B 29 -10.14 10.48 -8.30
CA LEU B 29 -11.43 11.21 -8.23
C LEU B 29 -11.36 12.45 -9.14
N PHE B 30 -10.57 13.43 -8.76
CA PHE B 30 -10.46 14.65 -9.60
C PHE B 30 -9.67 14.32 -10.88
N PHE B 31 -9.95 15.02 -11.94
CA PHE B 31 -9.22 14.75 -13.21
C PHE B 31 -7.81 15.34 -13.13
N LYS B 32 -6.81 14.58 -13.44
CA LYS B 32 -5.42 15.10 -13.37
C LYS B 32 -5.28 16.31 -14.30
N SER B 33 -6.26 16.54 -15.12
CA SER B 33 -6.18 17.72 -16.06
C SER B 33 -7.59 18.13 -16.48
N ILE B 34 -7.88 19.39 -16.43
CA ILE B 34 -9.24 19.86 -16.82
C ILE B 34 -9.56 19.37 -18.23
N TYR B 35 -10.81 19.38 -18.61
CA TYR B 35 -11.19 18.91 -19.98
C TYR B 35 -10.36 19.67 -21.02
N ARG B 36 -10.03 19.03 -22.11
CA ARG B 36 -9.24 19.72 -23.16
C ARG B 36 -10.02 20.89 -23.71
N PHE B 37 -9.35 21.94 -24.13
CA PHE B 37 -10.07 23.12 -24.68
C PHE B 37 -10.93 22.68 -25.87
N PHE B 38 -10.71 21.50 -26.37
CA PHE B 38 -11.52 21.01 -27.52
C PHE B 38 -11.36 21.97 -28.70
N GLU B 39 -10.69 21.54 -29.74
CA GLU B 39 -10.48 22.42 -30.92
C GLU B 39 -11.84 22.90 -31.43
N HIS B 40 -11.98 24.18 -31.67
CA HIS B 40 -13.28 24.71 -32.16
C HIS B 40 -13.58 24.10 -33.54
N GLY B 41 -12.63 24.07 -34.41
CA GLY B 41 -12.86 23.49 -35.77
C GLY B 41 -13.84 24.37 -36.54
N LEU B 42 -13.49 25.60 -36.78
CA LEU B 42 -14.40 26.51 -37.53
C LEU B 42 -14.46 26.07 -39.00
N LYS B 43 -13.35 25.66 -39.55
CA LYS B 43 -13.34 25.21 -40.97
C LYS B 43 -14.09 26.24 -41.83
N ARG C 1 8.46 -7.74 30.22
CA ARG C 1 8.17 -7.55 31.67
C ARG C 1 6.93 -8.37 32.06
N SER C 2 7.12 -9.54 32.60
CA SER C 2 5.95 -10.38 32.99
C SER C 2 5.13 -10.72 31.75
N ASN C 3 3.92 -11.17 31.94
CA ASN C 3 3.07 -11.52 30.76
C ASN C 3 2.84 -10.27 29.91
N ASP C 4 3.00 -10.39 28.61
CA ASP C 4 2.79 -9.21 27.74
C ASP C 4 2.33 -9.68 26.35
N SER C 5 1.05 -9.67 26.10
CA SER C 5 0.55 -10.12 24.77
C SER C 5 0.34 -8.91 23.87
N SER C 6 1.38 -8.13 23.67
CA SER C 6 1.25 -6.92 22.80
C SER C 6 0.94 -7.37 21.37
N ASP C 7 1.60 -6.79 20.40
CA ASP C 7 1.35 -7.18 18.99
C ASP C 7 2.64 -7.03 18.18
N PRO C 8 3.60 -7.89 18.39
CA PRO C 8 4.89 -7.82 17.67
C PRO C 8 4.73 -8.10 16.16
N LEU C 9 3.77 -8.90 15.81
CA LEU C 9 3.56 -9.21 14.36
C LEU C 9 2.95 -8.01 13.65
N VAL C 10 1.98 -7.37 14.27
CA VAL C 10 1.35 -6.18 13.63
C VAL C 10 2.39 -5.08 13.43
N VAL C 11 3.08 -4.71 14.48
CA VAL C 11 4.10 -3.63 14.35
C VAL C 11 5.21 -4.09 13.40
N ALA C 12 5.80 -5.23 13.66
CA ALA C 12 6.90 -5.72 12.77
C ALA C 12 6.37 -5.77 11.33
N ALA C 13 5.09 -5.96 11.16
CA ALA C 13 4.51 -6.02 9.79
C ALA C 13 4.22 -4.60 9.30
N ASN C 14 4.09 -3.67 10.20
CA ASN C 14 3.80 -2.27 9.79
C ASN C 14 5.06 -1.64 9.18
N ILE C 15 6.19 -1.89 9.76
CA ILE C 15 7.45 -1.31 9.22
C ILE C 15 7.54 -1.61 7.72
N ILE C 16 7.21 -2.80 7.32
CA ILE C 16 7.27 -3.16 5.87
C ILE C 16 6.02 -2.60 5.18
N GLY C 17 4.93 -2.50 5.90
CA GLY C 17 3.68 -1.95 5.29
C GLY C 17 3.94 -0.53 4.80
N ILE C 18 4.43 0.32 5.66
CA ILE C 18 4.71 1.72 5.24
C ILE C 18 5.83 1.71 4.19
N LEU C 19 6.91 1.05 4.47
CA LEU C 19 8.01 1.00 3.48
C LEU C 19 7.44 0.59 2.12
N HIS C 20 6.52 -0.34 2.12
CA HIS C 20 5.91 -0.77 0.84
C HIS C 20 5.27 0.45 0.15
N LEU C 21 4.34 1.09 0.81
CA LEU C 21 3.69 2.27 0.20
C LEU C 21 4.74 3.23 -0.35
N ILE C 22 5.74 3.54 0.44
CA ILE C 22 6.80 4.48 -0.05
C ILE C 22 7.38 3.94 -1.36
N LEU C 23 7.44 2.65 -1.52
CA LEU C 23 7.99 2.08 -2.78
C LEU C 23 6.92 2.09 -3.87
N TRP C 24 5.82 1.46 -3.63
CA TRP C 24 4.73 1.42 -4.65
C TRP C 24 4.42 2.85 -5.12
N ILE C 25 4.33 3.79 -4.22
CA ILE C 25 4.03 5.18 -4.63
C ILE C 25 5.25 5.78 -5.35
N LEU C 26 6.43 5.52 -4.85
CA LEU C 26 7.65 6.09 -5.50
C LEU C 26 7.70 5.59 -6.95
N ASP C 27 7.16 4.44 -7.23
CA ASP C 27 7.17 3.91 -8.62
C ASP C 27 6.09 4.62 -9.43
N ARG C 28 4.92 4.78 -8.88
CA ARG C 28 3.83 5.47 -9.63
C ARG C 28 4.32 6.83 -10.10
N LEU C 29 5.11 7.49 -9.31
CA LEU C 29 5.61 8.84 -9.71
C LEU C 29 6.90 8.68 -10.53
N PHE C 30 7.85 7.93 -10.04
CA PHE C 30 9.12 7.73 -10.78
C PHE C 30 9.07 6.39 -11.52
N PHE C 31 7.94 6.03 -12.04
CA PHE C 31 7.83 4.74 -12.79
C PHE C 31 8.92 4.68 -13.86
N LYS C 32 9.21 5.79 -14.48
CA LYS C 32 10.26 5.80 -15.54
C LYS C 32 11.59 5.34 -14.93
N SER C 33 11.85 5.71 -13.71
CA SER C 33 13.13 5.29 -13.06
C SER C 33 13.11 3.79 -12.80
N ILE C 34 12.09 3.30 -12.15
CA ILE C 34 12.02 1.84 -11.87
C ILE C 34 12.08 1.08 -13.20
N TYR C 35 11.72 1.70 -14.28
CA TYR C 35 11.76 1.00 -15.60
C TYR C 35 13.18 1.10 -16.18
N ARG C 36 13.80 2.24 -16.06
CA ARG C 36 15.17 2.42 -16.61
C ARG C 36 16.17 1.67 -15.71
N PHE C 37 15.80 1.43 -14.48
CA PHE C 37 16.72 0.72 -13.56
C PHE C 37 16.62 -0.79 -13.78
N PHE C 38 15.46 -1.35 -13.56
CA PHE C 38 15.30 -2.82 -13.75
C PHE C 38 15.33 -3.14 -15.25
N GLU C 39 14.94 -2.21 -16.08
CA GLU C 39 14.95 -2.47 -17.54
C GLU C 39 14.23 -3.80 -17.83
N HIS C 40 14.98 -4.81 -18.16
CA HIS C 40 14.34 -6.13 -18.46
C HIS C 40 14.14 -6.90 -17.15
N GLY C 41 13.46 -8.00 -17.20
CA GLY C 41 13.23 -8.79 -15.95
C GLY C 41 14.41 -9.74 -15.71
N LEU C 42 14.12 -10.98 -15.38
CA LEU C 42 15.22 -11.95 -15.14
C LEU C 42 16.28 -11.32 -14.22
N LYS C 43 15.92 -10.27 -13.52
CA LYS C 43 16.89 -9.62 -12.62
C LYS C 43 18.20 -9.37 -13.37
N ARG D 1 -11.58 -3.89 28.69
CA ARG D 1 -12.97 -3.44 28.41
C ARG D 1 -13.56 -4.30 27.28
N SER D 2 -13.49 -3.84 26.07
CA SER D 2 -14.05 -4.62 24.93
C SER D 2 -13.22 -5.90 24.76
N ASN D 3 -13.48 -6.65 23.72
CA ASN D 3 -12.72 -7.91 23.51
C ASN D 3 -11.23 -7.58 23.38
N ASP D 4 -10.83 -6.99 22.29
CA ASP D 4 -9.38 -6.65 22.10
C ASP D 4 -9.22 -5.74 20.89
N SER D 5 -8.29 -4.83 20.94
CA SER D 5 -8.08 -3.92 19.79
C SER D 5 -7.24 -4.62 18.72
N SER D 6 -6.77 -5.80 19.00
CA SER D 6 -5.95 -6.55 18.02
C SER D 6 -6.22 -8.05 18.16
N ASP D 7 -6.03 -8.79 17.10
CA ASP D 7 -6.28 -10.26 17.17
C ASP D 7 -5.52 -10.95 16.02
N PRO D 8 -5.35 -12.25 16.10
CA PRO D 8 -4.63 -12.99 15.04
C PRO D 8 -5.23 -12.74 13.64
N LEU D 9 -6.50 -12.46 13.59
CA LEU D 9 -7.15 -12.20 12.27
C LEU D 9 -6.43 -11.06 11.54
N VAL D 10 -6.39 -9.91 12.15
CA VAL D 10 -5.71 -8.76 11.50
C VAL D 10 -4.31 -9.17 11.05
N VAL D 11 -3.57 -9.82 11.91
CA VAL D 11 -2.19 -10.25 11.52
C VAL D 11 -2.25 -10.96 10.17
N ALA D 12 -3.02 -12.01 10.07
CA ALA D 12 -3.12 -12.74 8.78
C ALA D 12 -3.36 -11.72 7.67
N ALA D 13 -4.12 -10.70 7.95
CA ALA D 13 -4.40 -9.67 6.91
C ALA D 13 -3.13 -8.85 6.67
N ASN D 14 -2.33 -8.67 7.69
CA ASN D 14 -1.07 -7.88 7.52
C ASN D 14 -0.12 -8.65 6.60
N ILE D 15 0.31 -9.81 7.00
CA ILE D 15 1.24 -10.59 6.13
C ILE D 15 0.64 -10.67 4.73
N ILE D 16 -0.66 -10.80 4.63
CA ILE D 16 -1.30 -10.86 3.29
C ILE D 16 -0.91 -9.59 2.51
N GLY D 17 -0.94 -8.46 3.17
CA GLY D 17 -0.57 -7.20 2.49
C GLY D 17 0.85 -7.35 1.92
N ILE D 18 1.76 -7.83 2.73
CA ILE D 18 3.15 -8.01 2.24
C ILE D 18 3.12 -8.89 0.98
N LEU D 19 2.27 -9.88 0.98
CA LEU D 19 2.17 -10.77 -0.21
C LEU D 19 1.58 -9.98 -1.38
N HIS D 20 0.64 -9.11 -1.11
CA HIS D 20 0.03 -8.33 -2.22
C HIS D 20 1.14 -7.63 -2.99
N LEU D 21 2.06 -6.99 -2.31
CA LEU D 21 3.15 -6.30 -3.05
C LEU D 21 4.06 -7.33 -3.71
N ILE D 22 4.31 -8.44 -3.06
CA ILE D 22 5.18 -9.47 -3.69
C ILE D 22 4.67 -9.71 -5.12
N LEU D 23 3.39 -9.70 -5.30
CA LEU D 23 2.83 -9.89 -6.66
C LEU D 23 3.05 -8.60 -7.45
N TRP D 24 2.92 -7.48 -6.81
CA TRP D 24 3.12 -6.17 -7.50
C TRP D 24 4.53 -6.12 -8.09
N ILE D 25 5.53 -6.29 -7.27
CA ILE D 25 6.93 -6.25 -7.77
C ILE D 25 7.17 -7.40 -8.75
N LEU D 26 6.63 -8.55 -8.46
CA LEU D 26 6.83 -9.71 -9.39
C LEU D 26 6.28 -9.36 -10.78
N ASP D 27 5.09 -8.82 -10.84
CA ASP D 27 4.52 -8.46 -12.17
C ASP D 27 5.43 -7.43 -12.85
N ARG D 28 5.94 -6.49 -12.11
CA ARG D 28 6.83 -5.47 -12.72
C ARG D 28 8.14 -6.13 -13.14
N LEU D 29 8.51 -7.21 -12.50
CA LEU D 29 9.78 -7.90 -12.86
C LEU D 29 9.54 -8.80 -14.07
N PHE D 30 8.80 -9.86 -13.90
CA PHE D 30 8.54 -10.77 -15.04
C PHE D 30 7.57 -10.10 -16.03
N PHE D 31 7.66 -10.43 -17.29
CA PHE D 31 6.75 -9.80 -18.29
C PHE D 31 5.36 -10.44 -18.17
N LYS D 32 4.35 -9.63 -18.09
CA LYS D 32 2.97 -10.17 -17.97
C LYS D 32 2.66 -11.05 -19.18
N SER D 33 3.50 -11.00 -20.18
CA SER D 33 3.25 -11.82 -21.41
C SER D 33 4.57 -12.05 -22.14
N ILE D 34 4.84 -13.28 -22.52
CA ILE D 34 6.10 -13.57 -23.25
C ILE D 34 6.22 -12.65 -24.46
N TYR D 35 7.40 -12.53 -25.01
CA TYR D 35 7.57 -11.65 -26.21
C TYR D 35 6.58 -12.08 -27.29
N ARG D 36 6.12 -11.15 -28.08
CA ARG D 36 5.15 -11.50 -29.16
C ARG D 36 5.82 -12.44 -30.16
N PHE D 37 5.06 -13.32 -30.76
CA PHE D 37 5.66 -14.25 -31.75
C PHE D 37 6.35 -13.46 -32.85
N PHE D 38 6.07 -12.18 -32.94
CA PHE D 38 6.71 -11.35 -34.00
C PHE D 38 6.35 -11.91 -35.38
N GLU D 39 5.54 -11.19 -36.11
CA GLU D 39 5.14 -11.68 -37.47
C GLU D 39 6.40 -11.95 -38.30
N HIS D 40 6.46 -13.09 -38.93
CA HIS D 40 7.66 -13.41 -39.76
C HIS D 40 7.77 -12.41 -40.90
N GLY D 41 6.68 -12.14 -41.58
CA GLY D 41 6.74 -11.17 -42.71
C GLY D 41 7.57 -11.75 -43.85
N LEU D 42 7.15 -12.85 -44.40
CA LEU D 42 7.91 -13.46 -45.53
C LEU D 42 7.77 -12.60 -46.78
N LYS D 43 6.60 -12.06 -47.00
CA LYS D 43 6.38 -11.21 -48.21
C LYS D 43 6.96 -11.92 -49.43
N ARG A 1 4.74 -6.56 32.15
CA ARG A 1 5.71 -5.54 32.63
C ARG A 1 5.24 -4.15 32.18
N SER A 2 5.64 -3.12 32.88
CA SER A 2 5.22 -1.76 32.50
C SER A 2 5.97 -1.33 31.22
N ASN A 3 7.27 -1.43 31.22
CA ASN A 3 8.05 -1.03 30.01
C ASN A 3 8.02 -2.17 29.00
N ASP A 4 6.86 -2.69 28.70
CA ASP A 4 6.78 -3.80 27.72
C ASP A 4 6.59 -3.23 26.31
N SER A 5 6.44 -1.94 26.20
CA SER A 5 6.26 -1.33 24.86
C SER A 5 5.00 -1.89 24.20
N SER A 6 4.54 -1.27 23.14
CA SER A 6 3.32 -1.78 22.45
C SER A 6 3.03 -0.92 21.22
N ASP A 7 3.09 0.38 21.36
CA ASP A 7 2.83 1.27 20.20
C ASP A 7 1.47 0.93 19.59
N PRO A 8 0.39 1.24 20.27
CA PRO A 8 -0.96 0.95 19.76
C PRO A 8 -1.30 1.76 18.50
N LEU A 9 -0.77 2.95 18.40
CA LEU A 9 -1.06 3.79 17.20
C LEU A 9 -0.69 3.02 15.93
N VAL A 10 0.48 2.44 15.90
CA VAL A 10 0.89 1.68 14.69
C VAL A 10 -0.20 0.68 14.32
N VAL A 11 -0.82 0.08 15.30
CA VAL A 11 -1.89 -0.91 15.01
C VAL A 11 -3.08 -0.19 14.37
N ALA A 12 -3.71 0.68 15.11
CA ALA A 12 -4.88 1.42 14.54
C ALA A 12 -4.47 1.99 13.17
N ALA A 13 -3.19 2.05 12.93
CA ALA A 13 -2.71 2.58 11.63
C ALA A 13 -2.58 1.44 10.62
N ASN A 14 -2.34 0.24 11.10
CA ASN A 14 -2.20 -0.92 10.19
C ASN A 14 -3.57 -1.30 9.63
N ILE A 15 -4.60 -1.21 10.44
CA ILE A 15 -5.95 -1.57 9.97
C ILE A 15 -6.26 -0.82 8.67
N ILE A 16 -5.95 0.44 8.62
CA ILE A 16 -6.22 1.23 7.39
C ILE A 16 -5.14 0.92 6.35
N GLY A 17 -3.93 0.67 6.80
CA GLY A 17 -2.84 0.36 5.83
C GLY A 17 -3.22 -0.90 5.04
N ILE A 18 -3.71 -1.89 5.71
CA ILE A 18 -4.11 -3.14 4.99
C ILE A 18 -5.33 -2.85 4.12
N LEU A 19 -6.38 -2.37 4.71
CA LEU A 19 -7.59 -2.06 3.89
C LEU A 19 -7.17 -1.22 2.69
N HIS A 20 -6.18 -0.39 2.86
CA HIS A 20 -5.70 0.44 1.72
C HIS A 20 -5.21 -0.48 0.59
N LEU A 21 -4.28 -1.34 0.90
CA LEU A 21 -3.75 -2.27 -0.15
C LEU A 21 -4.91 -3.02 -0.79
N ILE A 22 -5.79 -3.57 -0.01
CA ILE A 22 -6.95 -4.33 -0.59
C ILE A 22 -7.69 -3.44 -1.59
N LEU A 23 -7.74 -2.16 -1.33
CA LEU A 23 -8.46 -1.26 -2.28
C LEU A 23 -7.54 -0.90 -3.46
N TRP A 24 -6.40 -0.33 -3.18
CA TRP A 24 -5.47 0.05 -4.27
C TRP A 24 -5.26 -1.14 -5.22
N ILE A 25 -5.07 -2.31 -4.68
CA ILE A 25 -4.85 -3.49 -5.55
C ILE A 25 -6.14 -3.83 -6.29
N LEU A 26 -7.27 -3.83 -5.63
CA LEU A 26 -8.53 -4.15 -6.34
C LEU A 26 -8.65 -3.24 -7.57
N ASP A 27 -8.19 -2.03 -7.46
CA ASP A 27 -8.26 -1.09 -8.61
C ASP A 27 -7.16 -1.42 -9.62
N ARG A 28 -6.04 -1.91 -9.15
CA ARG A 28 -4.93 -2.25 -10.08
C ARG A 28 -5.40 -3.31 -11.08
N LEU A 29 -6.12 -4.29 -10.63
CA LEU A 29 -6.61 -5.34 -11.56
C LEU A 29 -8.01 -4.99 -12.07
N PHE A 30 -8.91 -4.66 -11.17
CA PHE A 30 -10.29 -4.30 -11.58
C PHE A 30 -10.42 -2.79 -11.69
N PHE A 31 -9.39 -2.12 -12.15
CA PHE A 31 -9.45 -0.64 -12.27
C PHE A 31 -10.74 -0.23 -12.98
N LYS A 32 -11.30 -1.11 -13.76
CA LYS A 32 -12.56 -0.77 -14.48
C LYS A 32 -13.73 -0.80 -13.49
N SER A 33 -13.77 -1.78 -12.64
CA SER A 33 -14.89 -1.86 -11.65
C SER A 33 -14.86 -0.61 -10.76
N ILE A 34 -13.73 -0.27 -10.23
CA ILE A 34 -13.64 0.93 -9.34
C ILE A 34 -13.96 2.18 -10.18
N TYR A 35 -13.50 2.21 -11.40
CA TYR A 35 -13.77 3.40 -12.26
C TYR A 35 -15.28 3.52 -12.51
N ARG A 36 -15.93 2.42 -12.74
CA ARG A 36 -17.42 2.47 -12.98
C ARG A 36 -18.15 2.68 -11.66
N PHE A 37 -17.64 2.12 -10.59
CA PHE A 37 -18.31 2.29 -9.27
C PHE A 37 -18.44 3.78 -8.96
N PHE A 38 -17.47 4.56 -9.33
CA PHE A 38 -17.55 6.03 -9.05
C PHE A 38 -18.45 6.69 -10.10
N GLU A 39 -18.51 6.14 -11.28
CA GLU A 39 -19.36 6.75 -12.34
C GLU A 39 -20.82 6.74 -11.88
N HIS A 40 -21.26 5.67 -11.28
CA HIS A 40 -22.67 5.59 -10.80
C HIS A 40 -22.85 4.34 -9.94
N GLY A 41 -23.06 4.52 -8.66
CA GLY A 41 -23.25 3.33 -7.77
C GLY A 41 -24.72 2.94 -7.75
N LEU A 42 -25.11 2.09 -6.84
CA LEU A 42 -26.54 1.66 -6.78
C LEU A 42 -27.42 2.88 -6.53
N LYS A 43 -26.92 3.85 -5.80
CA LYS A 43 -27.73 5.07 -5.52
C LYS A 43 -27.94 5.86 -6.81
N ARG B 1 6.52 16.55 27.45
CA ARG B 1 6.96 15.13 27.64
C ARG B 1 7.27 14.89 29.11
N SER B 2 7.55 13.67 29.48
CA SER B 2 7.86 13.37 30.90
C SER B 2 8.63 12.05 30.99
N ASN B 3 8.92 11.45 29.86
CA ASN B 3 9.67 10.15 29.89
C ASN B 3 10.47 10.01 28.59
N ASP B 4 10.98 8.84 28.32
CA ASP B 4 11.77 8.64 27.07
C ASP B 4 11.76 7.16 26.69
N SER B 5 10.67 6.68 26.15
CA SER B 5 10.59 5.25 25.75
C SER B 5 9.45 5.05 24.76
N SER B 6 9.68 5.35 23.51
CA SER B 6 8.60 5.17 22.50
C SER B 6 9.22 5.14 21.10
N ASP B 7 8.41 5.12 20.08
CA ASP B 7 8.95 5.08 18.69
C ASP B 7 8.00 5.82 17.75
N PRO B 8 7.92 7.13 17.86
CA PRO B 8 7.02 7.93 16.99
C PRO B 8 7.44 7.89 15.51
N LEU B 9 8.70 7.69 15.25
CA LEU B 9 9.17 7.63 13.84
C LEU B 9 8.29 6.68 13.04
N VAL B 10 8.00 5.52 13.57
CA VAL B 10 7.15 4.55 12.83
C VAL B 10 5.75 5.14 12.64
N VAL B 11 5.27 5.87 13.60
CA VAL B 11 3.91 6.48 13.48
C VAL B 11 3.93 7.53 12.38
N ALA B 12 4.78 8.51 12.49
CA ALA B 12 4.84 9.56 11.44
C ALA B 12 4.90 8.90 10.07
N ALA B 13 5.61 7.82 9.95
CA ALA B 13 5.70 7.11 8.65
C ALA B 13 4.37 6.42 8.35
N ASN B 14 3.71 5.95 9.38
CA ASN B 14 2.40 5.26 9.16
C ASN B 14 1.37 6.27 8.64
N ILE B 15 1.05 7.26 9.43
CA ILE B 15 0.06 8.27 8.97
C ILE B 15 0.47 8.75 7.58
N ILE B 16 1.75 8.94 7.35
CA ILE B 16 2.20 9.39 6.01
C ILE B 16 1.63 8.44 4.96
N GLY B 17 1.72 7.16 5.21
CA GLY B 17 1.18 6.17 4.23
C GLY B 17 -0.29 6.49 3.98
N ILE B 18 -1.06 6.66 5.02
CA ILE B 18 -2.50 6.98 4.82
C ILE B 18 -2.61 8.20 3.90
N LEU B 19 -1.71 9.14 4.06
CA LEU B 19 -1.75 10.36 3.20
C LEU B 19 -1.39 9.96 1.76
N HIS B 20 -0.47 9.04 1.60
CA HIS B 20 -0.09 8.62 0.22
C HIS B 20 -1.34 8.18 -0.54
N LEU B 21 -2.14 7.34 0.05
CA LEU B 21 -3.36 6.89 -0.68
C LEU B 21 -4.31 8.06 -0.85
N ILE B 22 -4.45 8.91 0.14
CA ILE B 22 -5.38 10.07 -0.02
C ILE B 22 -5.10 10.73 -1.37
N LEU B 23 -3.86 10.84 -1.73
CA LEU B 23 -3.53 11.45 -3.05
C LEU B 23 -3.89 10.44 -4.15
N TRP B 24 -3.72 9.17 -3.88
CA TRP B 24 -4.05 8.13 -4.90
C TRP B 24 -5.54 8.23 -5.27
N ILE B 25 -6.41 8.17 -4.30
CA ILE B 25 -7.86 8.24 -4.61
C ILE B 25 -8.17 9.59 -5.26
N LEU B 26 -7.75 10.67 -4.65
CA LEU B 26 -8.02 12.02 -5.23
C LEU B 26 -7.58 12.03 -6.70
N ASP B 27 -6.35 11.66 -6.96
CA ASP B 27 -5.86 11.67 -8.37
C ASP B 27 -6.85 10.91 -9.26
N ARG B 28 -7.16 9.69 -8.91
CA ARG B 28 -8.12 8.90 -9.74
C ARG B 28 -9.45 9.65 -9.83
N LEU B 29 -9.69 10.56 -8.91
CA LEU B 29 -10.97 11.32 -8.95
C LEU B 29 -10.82 12.50 -9.91
N PHE B 30 -9.70 13.16 -9.89
CA PHE B 30 -9.49 14.33 -10.80
C PHE B 30 -10.56 15.38 -10.53
N PHE B 31 -10.22 16.43 -9.85
CA PHE B 31 -11.22 17.49 -9.55
C PHE B 31 -11.27 18.48 -10.73
N LYS B 32 -10.17 19.09 -11.06
CA LYS B 32 -10.16 20.05 -12.19
C LYS B 32 -10.83 19.40 -13.41
N SER B 33 -11.76 20.07 -14.02
CA SER B 33 -12.44 19.50 -15.21
C SER B 33 -12.97 20.64 -16.10
N ILE B 34 -12.68 21.86 -15.74
CA ILE B 34 -13.15 23.00 -16.56
C ILE B 34 -14.67 22.90 -16.74
N TYR B 35 -15.41 23.14 -15.71
CA TYR B 35 -16.90 23.06 -15.82
C TYR B 35 -17.45 24.44 -16.21
N ARG B 36 -16.72 25.48 -15.93
CA ARG B 36 -17.22 26.84 -16.28
C ARG B 36 -18.65 27.02 -15.75
N PHE B 37 -19.37 27.95 -16.31
CA PHE B 37 -20.77 28.17 -15.85
C PHE B 37 -21.62 28.71 -17.01
N PHE B 38 -21.02 29.42 -17.92
CA PHE B 38 -21.78 29.96 -19.07
C PHE B 38 -22.20 28.80 -19.98
N GLU B 39 -23.32 28.91 -20.62
CA GLU B 39 -23.78 27.82 -21.53
C GLU B 39 -24.62 28.41 -22.67
N HIS B 40 -25.17 27.58 -23.51
CA HIS B 40 -25.99 28.09 -24.64
C HIS B 40 -27.33 28.59 -24.11
N GLY B 41 -27.68 29.82 -24.41
CA GLY B 41 -28.98 30.36 -23.93
C GLY B 41 -28.89 31.89 -23.83
N LEU B 42 -28.61 32.40 -22.66
CA LEU B 42 -28.50 33.87 -22.50
C LEU B 42 -27.63 34.19 -21.27
N LYS B 43 -27.42 35.45 -20.98
CA LYS B 43 -26.59 35.82 -19.80
C LYS B 43 -27.36 35.50 -18.52
N ARG C 1 0.33 -3.66 32.97
CA ARG C 1 -0.58 -4.80 33.26
C ARG C 1 -0.22 -5.97 32.34
N SER C 2 -0.54 -7.17 32.75
CA SER C 2 -0.22 -8.35 31.90
C SER C 2 -1.16 -8.38 30.69
N ASN C 3 -2.43 -8.33 30.92
CA ASN C 3 -3.39 -8.36 29.77
C ASN C 3 -3.49 -6.95 29.16
N ASP C 4 -2.38 -6.34 28.86
CA ASP C 4 -2.41 -4.98 28.26
C ASP C 4 -2.46 -5.09 26.74
N SER C 5 -2.36 -6.28 26.23
CA SER C 5 -2.41 -6.46 24.74
C SER C 5 -1.24 -5.70 24.11
N SER C 6 -0.96 -5.95 22.85
CA SER C 6 0.16 -5.24 22.18
C SER C 6 0.23 -5.66 20.72
N ASP C 7 0.16 -6.94 20.47
CA ASP C 7 0.22 -7.42 19.06
C ASP C 7 1.49 -6.88 18.37
N PRO C 8 2.64 -7.37 18.77
CA PRO C 8 3.92 -6.91 18.17
C PRO C 8 4.04 -7.29 16.68
N LEU C 9 3.47 -8.40 16.30
CA LEU C 9 3.56 -8.82 14.88
C LEU C 9 3.01 -7.71 13.98
N VAL C 10 1.86 -7.18 14.30
CA VAL C 10 1.29 -6.09 13.46
C VAL C 10 2.34 -5.00 13.25
N VAL C 11 3.11 -4.71 14.27
CA VAL C 11 4.16 -3.65 14.12
C VAL C 11 5.22 -4.12 13.13
N ALA C 12 5.94 -5.17 13.46
CA ALA C 12 6.98 -5.67 12.52
C ALA C 12 6.36 -5.80 11.13
N ALA C 13 5.05 -5.82 11.06
CA ALA C 13 4.37 -5.94 9.75
C ALA C 13 4.11 -4.54 9.19
N ASN C 14 3.99 -3.56 10.03
CA ASN C 14 3.73 -2.18 9.55
C ASN C 14 5.02 -1.62 8.94
N ILE C 15 6.15 -1.92 9.52
CA ILE C 15 7.43 -1.40 8.97
C ILE C 15 7.52 -1.71 7.48
N ILE C 16 7.18 -2.91 7.09
CA ILE C 16 7.23 -3.27 5.65
C ILE C 16 6.01 -2.69 4.93
N GLY C 17 4.90 -2.61 5.61
CA GLY C 17 3.68 -2.05 4.96
C GLY C 17 3.96 -0.61 4.55
N ILE C 18 4.58 0.16 5.40
CA ILE C 18 4.89 1.57 5.05
C ILE C 18 5.95 1.58 3.96
N LEU C 19 7.08 0.97 4.20
CA LEU C 19 8.14 0.95 3.15
C LEU C 19 7.52 0.52 1.83
N HIS C 20 6.55 -0.35 1.89
CA HIS C 20 5.88 -0.81 0.64
C HIS C 20 5.25 0.40 -0.06
N LEU C 21 4.40 1.11 0.62
CA LEU C 21 3.73 2.29 0.01
C LEU C 21 4.81 3.24 -0.56
N ILE C 22 5.81 3.55 0.23
CA ILE C 22 6.87 4.46 -0.27
C ILE C 22 7.44 3.94 -1.59
N LEU C 23 7.50 2.64 -1.75
CA LEU C 23 8.05 2.09 -3.02
C LEU C 23 6.96 2.09 -4.10
N TRP C 24 5.85 1.43 -3.83
CA TRP C 24 4.76 1.38 -4.84
C TRP C 24 4.43 2.79 -5.33
N ILE C 25 4.35 3.74 -4.44
CA ILE C 25 4.04 5.13 -4.87
C ILE C 25 5.20 5.71 -5.67
N LEU C 26 6.42 5.54 -5.21
CA LEU C 26 7.58 6.09 -5.98
C LEU C 26 7.49 5.60 -7.42
N ASP C 27 7.00 4.40 -7.62
CA ASP C 27 6.90 3.85 -9.00
C ASP C 27 5.66 4.45 -9.68
N ARG C 28 4.64 4.75 -8.92
CA ARG C 28 3.40 5.33 -9.52
C ARG C 28 3.74 6.65 -10.21
N LEU C 29 4.54 7.47 -9.59
CA LEU C 29 4.91 8.77 -10.23
C LEU C 29 6.22 8.61 -11.02
N PHE C 30 7.23 8.06 -10.41
CA PHE C 30 8.53 7.87 -11.12
C PHE C 30 8.59 6.46 -11.69
N PHE C 31 7.50 5.94 -12.18
CA PHE C 31 7.50 4.57 -12.75
C PHE C 31 8.67 4.43 -13.73
N LYS C 32 9.12 5.51 -14.29
CA LYS C 32 10.25 5.44 -15.25
C LYS C 32 11.54 5.18 -14.50
N SER C 33 11.75 5.87 -13.40
CA SER C 33 13.00 5.66 -12.62
C SER C 33 13.08 4.21 -12.16
N ILE C 34 12.03 3.69 -11.59
CA ILE C 34 12.05 2.27 -11.12
C ILE C 34 12.20 1.35 -12.33
N TYR C 35 11.56 1.68 -13.42
CA TYR C 35 11.67 0.82 -14.63
C TYR C 35 13.12 0.82 -15.13
N ARG C 36 13.77 1.95 -15.11
CA ARG C 36 15.18 2.01 -15.58
C ARG C 36 16.10 1.42 -14.50
N PHE C 37 15.78 1.62 -13.26
CA PHE C 37 16.63 1.08 -12.16
C PHE C 37 16.78 -0.44 -12.35
N PHE C 38 15.74 -1.09 -12.79
CA PHE C 38 15.83 -2.57 -12.98
C PHE C 38 16.53 -2.86 -14.31
N GLU C 39 16.43 -1.98 -15.26
CA GLU C 39 17.11 -2.21 -16.57
C GLU C 39 18.62 -2.31 -16.36
N HIS C 40 19.16 -1.47 -15.53
CA HIS C 40 20.63 -1.51 -15.27
C HIS C 40 20.98 -0.57 -14.11
N GLY C 41 21.37 -1.13 -12.99
CA GLY C 41 21.72 -0.26 -11.83
C GLY C 41 23.19 0.14 -11.91
N LEU C 42 23.73 0.68 -10.85
CA LEU C 42 25.16 1.09 -10.87
C LEU C 42 26.04 -0.12 -11.14
N LYS C 43 25.63 -1.28 -10.68
CA LYS C 43 26.45 -2.50 -10.91
C LYS C 43 26.44 -2.86 -12.40
N ARG D 1 -2.70 -24.27 21.78
CA ARG D 1 -3.07 -22.99 22.45
C ARG D 1 -3.15 -23.22 23.96
N SER D 2 -3.33 -22.17 24.71
CA SER D 2 -3.43 -22.33 26.19
C SER D 2 -4.14 -21.10 26.80
N ASN D 3 -4.58 -20.20 25.97
CA ASN D 3 -5.28 -18.99 26.49
C ASN D 3 -6.28 -18.49 25.44
N ASP D 4 -6.78 -17.30 25.62
CA ASP D 4 -7.75 -16.74 24.62
C ASP D 4 -7.76 -15.21 24.71
N SER D 5 -6.76 -14.58 24.19
CA SER D 5 -6.71 -13.10 24.24
C SER D 5 -5.72 -12.57 23.19
N SER D 6 -6.14 -12.48 21.96
CA SER D 6 -5.23 -11.98 20.90
C SER D 6 -6.06 -11.54 19.69
N ASP D 7 -5.40 -11.18 18.61
CA ASP D 7 -6.15 -10.74 17.40
C ASP D 7 -5.37 -11.13 16.14
N PRO D 8 -5.30 -12.41 15.84
CA PRO D 8 -4.57 -12.88 14.64
C PRO D 8 -5.21 -12.41 13.33
N LEU D 9 -6.48 -12.16 13.33
CA LEU D 9 -7.16 -11.70 12.09
C LEU D 9 -6.38 -10.52 11.50
N VAL D 10 -5.99 -9.57 12.32
CA VAL D 10 -5.24 -8.40 11.78
C VAL D 10 -3.90 -8.88 11.22
N VAL D 11 -3.30 -9.86 11.82
CA VAL D 11 -1.99 -10.36 11.31
C VAL D 11 -2.19 -11.03 9.95
N ALA D 12 -3.05 -12.02 9.90
CA ALA D 12 -3.29 -12.71 8.60
C ALA D 12 -3.54 -11.65 7.51
N ALA D 13 -4.24 -10.61 7.85
CA ALA D 13 -4.50 -9.53 6.84
C ALA D 13 -3.21 -8.76 6.58
N ASN D 14 -2.39 -8.60 7.58
CA ASN D 14 -1.12 -7.85 7.39
C ASN D 14 -0.20 -8.63 6.44
N ILE D 15 0.21 -9.82 6.83
CA ILE D 15 1.10 -10.61 5.94
C ILE D 15 0.47 -10.66 4.55
N ILE D 16 -0.84 -10.80 4.47
CA ILE D 16 -1.49 -10.83 3.14
C ILE D 16 -1.07 -9.58 2.36
N GLY D 17 -1.09 -8.44 3.00
CA GLY D 17 -0.68 -7.19 2.30
C GLY D 17 0.73 -7.38 1.74
N ILE D 18 1.64 -7.84 2.55
CA ILE D 18 3.03 -8.05 2.05
C ILE D 18 2.97 -8.93 0.80
N LEU D 19 2.08 -9.90 0.79
CA LEU D 19 1.96 -10.79 -0.40
C LEU D 19 1.39 -9.99 -1.57
N HIS D 20 0.48 -9.09 -1.31
CA HIS D 20 -0.09 -8.28 -2.42
C HIS D 20 1.03 -7.60 -3.19
N LEU D 21 1.94 -6.96 -2.49
CA LEU D 21 3.05 -6.28 -3.22
C LEU D 21 3.94 -7.32 -3.90
N ILE D 22 4.20 -8.42 -3.24
CA ILE D 22 5.07 -9.45 -3.88
C ILE D 22 4.58 -9.69 -5.31
N LEU D 23 3.29 -9.70 -5.50
CA LEU D 23 2.75 -9.89 -6.87
C LEU D 23 2.96 -8.58 -7.66
N TRP D 24 2.86 -7.47 -6.98
CA TRP D 24 3.06 -6.16 -7.67
C TRP D 24 4.47 -6.10 -8.28
N ILE D 25 5.49 -6.32 -7.49
CA ILE D 25 6.88 -6.27 -8.02
C ILE D 25 7.05 -7.34 -9.09
N LEU D 26 6.70 -8.56 -8.78
CA LEU D 26 6.84 -9.66 -9.77
C LEU D 26 6.18 -9.23 -11.09
N ASP D 27 4.94 -8.83 -11.04
CA ASP D 27 4.24 -8.42 -12.29
C ASP D 27 5.10 -7.40 -13.04
N ARG D 28 5.49 -6.34 -12.39
CA ARG D 28 6.33 -5.32 -13.08
C ARG D 28 7.62 -5.97 -13.59
N LEU D 29 7.97 -7.11 -13.04
CA LEU D 29 9.21 -7.80 -13.50
C LEU D 29 8.90 -8.64 -14.75
N PHE D 30 7.77 -9.29 -14.75
CA PHE D 30 7.40 -10.12 -15.93
C PHE D 30 8.47 -11.19 -16.17
N PHE D 31 8.21 -12.41 -15.78
CA PHE D 31 9.21 -13.48 -15.99
C PHE D 31 9.08 -14.06 -17.40
N LYS D 32 7.92 -14.56 -17.73
CA LYS D 32 7.72 -15.13 -19.09
C LYS D 32 8.21 -14.13 -20.14
N SER D 33 9.02 -14.57 -21.06
CA SER D 33 9.53 -13.65 -22.11
C SER D 33 9.87 -14.44 -23.37
N ILE D 34 9.61 -15.72 -23.36
CA ILE D 34 9.94 -16.55 -24.56
C ILE D 34 11.40 -16.37 -24.93
N TYR D 35 12.30 -16.89 -24.13
CA TYR D 35 13.75 -16.75 -24.44
C TYR D 35 14.20 -17.92 -25.30
N ARG D 36 13.50 -19.02 -25.26
CA ARG D 36 13.91 -20.19 -26.07
C ARG D 36 15.38 -20.49 -25.85
N PHE D 37 16.00 -21.19 -26.76
CA PHE D 37 17.45 -21.51 -26.60
C PHE D 37 18.10 -21.64 -27.98
N PHE D 38 17.34 -22.06 -28.97
CA PHE D 38 17.91 -22.21 -30.33
C PHE D 38 18.22 -20.81 -30.90
N GLU D 39 19.23 -20.70 -31.71
CA GLU D 39 19.57 -19.38 -32.30
C GLU D 39 20.21 -19.57 -33.68
N HIS D 40 20.65 -18.52 -34.30
CA HIS D 40 21.28 -18.64 -35.64
C HIS D 40 22.68 -19.24 -35.50
N GLY D 41 22.95 -20.31 -36.21
CA GLY D 41 24.29 -20.94 -36.11
C GLY D 41 24.16 -22.44 -36.48
N LEU D 42 24.06 -23.28 -35.49
CA LEU D 42 23.94 -24.73 -35.77
C LEU D 42 23.27 -25.43 -34.58
N LYS D 43 23.07 -26.72 -34.66
CA LYS D 43 22.42 -27.45 -33.53
C LYS D 43 23.38 -27.52 -32.35
N ARG A 1 12.25 -0.68 35.80
CA ARG A 1 12.38 -0.66 34.32
C ARG A 1 11.16 -1.37 33.70
N SER A 2 10.86 -1.07 32.46
CA SER A 2 9.70 -1.72 31.81
C SER A 2 9.92 -1.74 30.29
N ASN A 3 9.15 -2.52 29.58
CA ASN A 3 9.32 -2.58 28.10
C ASN A 3 7.95 -2.80 27.44
N ASP A 4 6.92 -2.21 27.98
CA ASP A 4 5.57 -2.40 27.37
C ASP A 4 5.64 -2.13 25.88
N SER A 5 6.44 -1.19 25.46
CA SER A 5 6.55 -0.88 24.01
C SER A 5 5.16 -0.69 23.42
N SER A 6 4.23 -0.21 24.20
CA SER A 6 2.85 0.02 23.69
C SER A 6 2.91 0.88 22.44
N ASP A 7 1.86 0.87 21.65
CA ASP A 7 1.86 1.70 20.41
C ASP A 7 0.46 1.63 19.76
N PRO A 8 -0.51 2.26 20.37
CA PRO A 8 -1.89 2.26 19.81
C PRO A 8 -1.98 3.02 18.48
N LEU A 9 -1.10 3.95 18.26
CA LEU A 9 -1.14 4.73 16.99
C LEU A 9 -0.62 3.86 15.84
N VAL A 10 0.44 3.12 16.06
CA VAL A 10 0.99 2.26 14.98
C VAL A 10 -0.05 1.21 14.58
N VAL A 11 -0.55 0.46 15.53
CA VAL A 11 -1.56 -0.58 15.20
C VAL A 11 -2.81 0.09 14.60
N ALA A 12 -3.35 1.07 15.27
CA ALA A 12 -4.56 1.75 14.73
C ALA A 12 -4.26 2.25 13.31
N ALA A 13 -3.02 2.48 13.01
CA ALA A 13 -2.65 2.97 11.65
C ALA A 13 -2.42 1.76 10.74
N ASN A 14 -2.13 0.62 11.29
CA ASN A 14 -1.88 -0.58 10.45
C ASN A 14 -3.21 -1.07 9.87
N ILE A 15 -4.24 -1.11 10.66
CA ILE A 15 -5.56 -1.57 10.15
C ILE A 15 -5.87 -0.86 8.83
N ILE A 16 -5.73 0.43 8.78
CA ILE A 16 -6.01 1.16 7.52
C ILE A 16 -4.90 0.84 6.51
N GLY A 17 -3.71 0.65 6.97
CA GLY A 17 -2.58 0.33 6.04
C GLY A 17 -2.99 -0.86 5.17
N ILE A 18 -3.53 -1.89 5.76
CA ILE A 18 -3.93 -3.08 4.97
C ILE A 18 -5.15 -2.72 4.11
N LEU A 19 -6.21 -2.24 4.72
CA LEU A 19 -7.41 -1.88 3.91
C LEU A 19 -6.97 -1.02 2.73
N HIS A 20 -5.96 -0.21 2.93
CA HIS A 20 -5.46 0.66 1.82
C HIS A 20 -4.95 -0.23 0.70
N LEU A 21 -4.00 -1.08 1.00
CA LEU A 21 -3.44 -1.98 -0.04
C LEU A 21 -4.56 -2.80 -0.69
N ILE A 22 -5.37 -3.46 0.10
CA ILE A 22 -6.47 -4.27 -0.48
C ILE A 22 -7.32 -3.40 -1.40
N LEU A 23 -7.39 -2.12 -1.13
CA LEU A 23 -8.21 -1.21 -2.00
C LEU A 23 -7.44 -0.89 -3.27
N TRP A 24 -6.28 -0.31 -3.15
CA TRP A 24 -5.47 0.05 -4.35
C TRP A 24 -5.38 -1.17 -5.28
N ILE A 25 -4.95 -2.29 -4.76
CA ILE A 25 -4.84 -3.50 -5.63
C ILE A 25 -6.22 -3.84 -6.21
N LEU A 26 -7.24 -3.79 -5.40
CA LEU A 26 -8.60 -4.12 -5.92
C LEU A 26 -8.85 -3.32 -7.21
N ASP A 27 -8.35 -2.12 -7.27
CA ASP A 27 -8.56 -1.29 -8.49
C ASP A 27 -7.62 -1.79 -9.60
N ARG A 28 -6.44 -2.22 -9.26
CA ARG A 28 -5.50 -2.71 -10.30
C ARG A 28 -6.04 -4.01 -10.91
N LEU A 29 -6.80 -4.76 -10.15
CA LEU A 29 -7.36 -6.04 -10.67
C LEU A 29 -8.79 -5.82 -11.15
N PHE A 30 -9.40 -4.73 -10.75
CA PHE A 30 -10.81 -4.46 -11.18
C PHE A 30 -11.01 -2.96 -11.35
N PHE A 31 -10.05 -2.28 -11.92
CA PHE A 31 -10.18 -0.81 -12.11
C PHE A 31 -11.55 -0.50 -12.72
N LYS A 32 -12.15 -1.45 -13.38
CA LYS A 32 -13.48 -1.21 -14.00
C LYS A 32 -14.55 -1.16 -12.90
N SER A 33 -14.50 -2.09 -11.98
CA SER A 33 -15.51 -2.10 -10.89
C SER A 33 -15.38 -0.81 -10.07
N ILE A 34 -14.19 -0.49 -9.64
CA ILE A 34 -13.99 0.76 -8.84
C ILE A 34 -14.34 1.97 -9.70
N TYR A 35 -14.01 1.93 -10.97
CA TYR A 35 -14.32 3.08 -11.86
C TYR A 35 -15.83 3.23 -11.99
N ARG A 36 -16.54 2.13 -12.04
CA ARG A 36 -18.02 2.21 -12.17
C ARG A 36 -18.61 2.89 -10.93
N PHE A 37 -18.07 2.60 -9.77
CA PHE A 37 -18.58 3.23 -8.53
C PHE A 37 -18.47 4.75 -8.64
N PHE A 38 -17.32 5.25 -9.04
CA PHE A 38 -17.14 6.72 -9.16
C PHE A 38 -18.30 7.30 -9.98
N GLU A 39 -18.68 6.63 -11.04
CA GLU A 39 -19.79 7.15 -11.88
C GLU A 39 -21.09 7.08 -11.09
N HIS A 40 -22.12 7.75 -11.54
CA HIS A 40 -23.41 7.73 -10.81
C HIS A 40 -24.13 6.40 -11.09
N GLY A 41 -25.21 6.43 -11.82
CA GLY A 41 -25.95 5.18 -12.12
C GLY A 41 -27.08 5.47 -13.11
N LEU A 42 -27.83 4.47 -13.48
CA LEU A 42 -28.94 4.70 -14.45
C LEU A 42 -30.14 5.33 -13.71
N LYS A 43 -30.69 6.38 -14.24
CA LYS A 43 -31.85 7.03 -13.57
C LYS A 43 -33.14 6.35 -14.02
N ARG B 1 18.43 0.60 24.44
CA ARG B 1 19.12 1.91 24.60
C ARG B 1 18.59 2.89 23.56
N SER B 2 17.78 3.84 23.97
CA SER B 2 17.24 4.83 23.00
C SER B 2 16.95 6.15 23.73
N ASN B 3 17.03 7.24 23.02
CA ASN B 3 16.76 8.56 23.66
C ASN B 3 15.41 8.51 24.37
N ASP B 4 14.46 7.80 23.81
CA ASP B 4 13.11 7.72 24.45
C ASP B 4 12.37 6.49 23.91
N SER B 5 11.28 6.13 24.53
CA SER B 5 10.51 4.94 24.07
C SER B 5 9.55 5.36 22.95
N SER B 6 8.36 4.82 22.94
CA SER B 6 7.39 5.19 21.89
C SER B 6 8.04 5.04 20.51
N ASP B 7 7.34 5.40 19.47
CA ASP B 7 7.92 5.28 18.10
C ASP B 7 7.35 6.39 17.21
N PRO B 8 7.75 7.62 17.44
CA PRO B 8 7.26 8.75 16.63
C PRO B 8 7.73 8.69 15.17
N LEU B 9 8.88 8.11 14.95
CA LEU B 9 9.40 8.01 13.55
C LEU B 9 8.50 7.08 12.74
N VAL B 10 8.39 5.84 13.14
CA VAL B 10 7.53 4.89 12.39
C VAL B 10 6.14 5.49 12.21
N VAL B 11 5.67 6.25 13.17
CA VAL B 11 4.32 6.87 13.05
C VAL B 11 4.31 7.84 11.87
N ALA B 12 5.18 8.81 11.88
CA ALA B 12 5.21 9.79 10.75
C ALA B 12 5.19 9.03 9.43
N ALA B 13 5.91 7.95 9.34
CA ALA B 13 5.92 7.17 8.08
C ALA B 13 4.58 6.46 7.92
N ASN B 14 3.95 6.09 9.00
CA ASN B 14 2.63 5.40 8.92
C ASN B 14 1.58 6.36 8.33
N ILE B 15 1.35 7.47 8.96
CA ILE B 15 0.34 8.43 8.43
C ILE B 15 0.73 8.83 7.01
N ILE B 16 2.01 8.93 6.74
CA ILE B 16 2.44 9.31 5.36
C ILE B 16 1.82 8.34 4.37
N GLY B 17 1.95 7.06 4.61
CA GLY B 17 1.37 6.05 3.68
C GLY B 17 -0.14 6.26 3.58
N ILE B 18 -0.79 6.45 4.69
CA ILE B 18 -2.27 6.66 4.66
C ILE B 18 -2.59 7.90 3.81
N LEU B 19 -1.92 8.99 4.07
CA LEU B 19 -2.18 10.23 3.28
C LEU B 19 -1.80 9.98 1.82
N HIS B 20 -0.77 9.23 1.58
CA HIS B 20 -0.37 8.96 0.17
C HIS B 20 -1.57 8.42 -0.59
N LEU B 21 -2.24 7.43 -0.06
CA LEU B 21 -3.41 6.88 -0.78
C LEU B 21 -4.53 7.92 -0.85
N ILE B 22 -4.70 8.71 0.18
CA ILE B 22 -5.79 9.72 0.14
C ILE B 22 -5.65 10.49 -1.18
N LEU B 23 -4.44 10.74 -1.60
CA LEU B 23 -4.24 11.44 -2.90
C LEU B 23 -4.52 10.46 -4.04
N TRP B 24 -4.12 9.23 -3.88
CA TRP B 24 -4.36 8.20 -4.94
C TRP B 24 -5.85 8.15 -5.28
N ILE B 25 -6.70 8.05 -4.29
CA ILE B 25 -8.16 8.00 -4.56
C ILE B 25 -8.65 9.36 -5.08
N LEU B 26 -8.13 10.44 -4.54
CA LEU B 26 -8.56 11.79 -5.01
C LEU B 26 -8.23 11.94 -6.50
N ASP B 27 -7.06 11.53 -6.90
CA ASP B 27 -6.68 11.65 -8.33
C ASP B 27 -7.62 10.79 -9.18
N ARG B 28 -7.73 9.54 -8.88
CA ARG B 28 -8.63 8.65 -9.67
C ARG B 28 -10.03 9.26 -9.72
N LEU B 29 -10.51 9.76 -8.62
CA LEU B 29 -11.87 10.37 -8.60
C LEU B 29 -11.85 11.68 -9.39
N PHE B 30 -11.36 12.73 -8.79
CA PHE B 30 -11.33 14.04 -9.51
C PHE B 30 -10.33 13.96 -10.67
N PHE B 31 -10.12 15.05 -11.35
CA PHE B 31 -9.16 15.03 -12.49
C PHE B 31 -9.70 14.13 -13.60
N LYS B 32 -9.04 14.08 -14.72
CA LYS B 32 -9.53 13.22 -15.84
C LYS B 32 -8.34 12.69 -16.63
N SER B 33 -7.29 12.28 -15.97
CA SER B 33 -6.10 11.74 -16.68
C SER B 33 -5.68 12.73 -17.77
N ILE B 34 -4.95 12.28 -18.75
CA ILE B 34 -4.50 13.18 -19.85
C ILE B 34 -5.71 13.61 -20.68
N TYR B 35 -5.56 14.65 -21.46
CA TYR B 35 -6.71 15.11 -22.29
C TYR B 35 -6.95 14.11 -23.42
N ARG B 36 -8.11 14.14 -24.01
CA ARG B 36 -8.41 13.19 -25.12
C ARG B 36 -7.84 13.73 -26.44
N PHE B 37 -6.80 13.12 -26.93
CA PHE B 37 -6.20 13.61 -28.22
C PHE B 37 -7.15 13.29 -29.37
N PHE B 38 -7.79 12.15 -29.33
CA PHE B 38 -8.73 11.80 -30.43
C PHE B 38 -9.83 12.86 -30.54
N GLU B 39 -10.61 13.02 -29.51
CA GLU B 39 -11.70 14.03 -29.55
C GLU B 39 -11.09 15.44 -29.54
N HIS B 40 -11.74 16.38 -30.16
CA HIS B 40 -11.20 17.77 -30.19
C HIS B 40 -11.11 18.31 -28.77
N GLY B 41 -10.53 19.46 -28.60
CA GLY B 41 -10.40 20.05 -27.24
C GLY B 41 -11.76 20.60 -26.79
N LEU B 42 -11.88 20.99 -25.55
CA LEU B 42 -13.17 21.54 -25.05
C LEU B 42 -13.28 23.01 -25.43
N LYS B 43 -14.49 23.52 -25.51
CA LYS B 43 -14.65 24.95 -25.87
C LYS B 43 -14.03 25.83 -24.79
N ARG C 1 -6.70 -10.53 35.74
CA ARG C 1 -7.06 -10.10 34.35
C ARG C 1 -5.94 -9.22 33.80
N SER C 2 -5.83 -9.12 32.51
CA SER C 2 -4.77 -8.26 31.90
C SER C 2 -5.22 -7.79 30.52
N ASN C 3 -4.55 -6.82 29.97
CA ASN C 3 -4.94 -6.32 28.62
C ASN C 3 -3.69 -5.87 27.86
N ASP C 4 -2.59 -6.56 28.04
CA ASP C 4 -1.35 -6.17 27.32
C ASP C 4 -1.65 -5.96 25.84
N SER C 5 -2.52 -6.76 25.28
CA SER C 5 -2.86 -6.61 23.84
C SER C 5 -1.57 -6.60 23.02
N SER C 6 -0.54 -7.26 23.48
CA SER C 6 0.74 -7.28 22.73
C SER C 6 0.48 -7.73 21.28
N ASP C 7 1.40 -7.45 20.39
CA ASP C 7 1.19 -7.86 18.98
C ASP C 7 2.47 -7.57 18.17
N PRO C 8 3.52 -8.32 18.40
CA PRO C 8 4.79 -8.12 17.68
C PRO C 8 4.67 -8.43 16.18
N LEU C 9 3.74 -9.28 15.82
CA LEU C 9 3.57 -9.63 14.39
C LEU C 9 2.92 -8.47 13.65
N VAL C 10 1.92 -7.86 14.24
CA VAL C 10 1.22 -6.73 13.56
C VAL C 10 2.21 -5.58 13.35
N VAL C 11 2.86 -5.15 14.39
CA VAL C 11 3.84 -4.03 14.25
C VAL C 11 4.96 -4.44 13.29
N ALA C 12 5.58 -5.56 13.55
CA ALA C 12 6.68 -6.01 12.64
C ALA C 12 6.17 -6.07 11.21
N ALA C 13 4.87 -6.24 11.04
CA ALA C 13 4.30 -6.29 9.66
C ALA C 13 3.95 -4.88 9.20
N ASN C 14 3.77 -3.97 10.12
CA ASN C 14 3.44 -2.58 9.73
C ASN C 14 4.66 -1.90 9.13
N ILE C 15 5.80 -2.07 9.73
CA ILE C 15 7.03 -1.43 9.20
C ILE C 15 7.14 -1.71 7.69
N ILE C 16 6.96 -2.93 7.28
CA ILE C 16 7.03 -3.23 5.83
C ILE C 16 5.80 -2.65 5.13
N GLY C 17 4.68 -2.65 5.81
CA GLY C 17 3.45 -2.09 5.19
C GLY C 17 3.73 -0.68 4.68
N ILE C 18 4.37 0.13 5.47
CA ILE C 18 4.69 1.53 5.01
C ILE C 18 5.75 1.47 3.92
N LEU C 19 6.87 0.87 4.19
CA LEU C 19 7.93 0.79 3.14
C LEU C 19 7.29 0.31 1.83
N HIS C 20 6.32 -0.54 1.93
CA HIS C 20 5.65 -1.05 0.70
C HIS C 20 4.99 0.12 -0.01
N LEU C 21 4.12 0.82 0.67
CA LEU C 21 3.41 1.98 0.05
C LEU C 21 4.44 2.99 -0.48
N ILE C 22 5.37 3.38 0.34
CA ILE C 22 6.39 4.37 -0.12
C ILE C 22 7.08 3.84 -1.39
N LEU C 23 7.16 2.55 -1.54
CA LEU C 23 7.82 1.97 -2.74
C LEU C 23 6.86 2.02 -3.93
N TRP C 24 5.72 1.41 -3.80
CA TRP C 24 4.74 1.41 -4.92
C TRP C 24 4.52 2.84 -5.41
N ILE C 25 4.20 3.75 -4.53
CA ILE C 25 3.98 5.15 -4.97
C ILE C 25 5.26 5.68 -5.61
N LEU C 26 6.40 5.43 -5.02
CA LEU C 26 7.67 5.93 -5.61
C LEU C 26 7.71 5.56 -7.10
N ASP C 27 7.18 4.43 -7.45
CA ASP C 27 7.18 4.01 -8.89
C ASP C 27 6.11 4.80 -9.64
N ARG C 28 5.00 5.07 -9.01
CA ARG C 28 3.92 5.83 -9.70
C ARG C 28 4.38 7.27 -9.96
N LEU C 29 5.27 7.77 -9.13
CA LEU C 29 5.76 9.16 -9.32
C LEU C 29 7.11 9.13 -10.05
N PHE C 30 7.75 7.99 -10.09
CA PHE C 30 9.07 7.90 -10.79
C PHE C 30 9.21 6.53 -11.44
N PHE C 31 8.16 6.04 -12.03
CA PHE C 31 8.23 4.69 -12.68
C PHE C 31 9.48 4.62 -13.55
N LYS C 32 10.00 5.74 -13.98
CA LYS C 32 11.23 5.73 -14.82
C LYS C 32 12.43 5.38 -13.96
N SER C 33 12.55 5.99 -12.81
CA SER C 33 13.72 5.69 -11.93
C SER C 33 13.68 4.22 -11.53
N ILE C 34 12.56 3.75 -11.05
CA ILE C 34 12.47 2.31 -10.65
C ILE C 34 12.65 1.43 -11.88
N TYR C 35 12.13 1.84 -13.01
CA TYR C 35 12.28 1.02 -14.24
C TYR C 35 13.75 0.96 -14.64
N ARG C 36 14.47 2.04 -14.46
CA ARG C 36 15.92 2.05 -14.82
C ARG C 36 16.66 1.04 -13.95
N PHE C 37 16.32 0.95 -12.70
CA PHE C 37 17.00 -0.02 -11.79
C PHE C 37 16.83 -1.43 -12.35
N PHE C 38 15.63 -1.81 -12.69
CA PHE C 38 15.41 -3.18 -13.23
C PHE C 38 16.41 -3.45 -14.35
N GLU C 39 16.64 -2.50 -15.20
CA GLU C 39 17.61 -2.69 -16.31
C GLU C 39 19.03 -2.84 -15.74
N HIS C 40 19.95 -3.31 -16.53
CA HIS C 40 21.35 -3.47 -16.03
C HIS C 40 22.03 -2.11 -15.98
N GLY C 41 22.99 -1.89 -16.85
CA GLY C 41 23.70 -0.58 -16.86
C GLY C 41 24.66 -0.54 -18.05
N LEU C 42 25.37 0.55 -18.22
CA LEU C 42 26.32 0.66 -19.35
C LEU C 42 27.60 -0.13 -19.03
N LYS C 43 28.04 -0.96 -19.93
CA LYS C 43 29.27 -1.75 -19.67
C LYS C 43 30.50 -0.93 -20.09
N ARG D 1 -14.56 -8.49 25.58
CA ARG D 1 -15.25 -9.80 25.44
C ARG D 1 -14.89 -10.41 24.07
N SER D 2 -14.06 -11.41 24.06
CA SER D 2 -13.67 -12.05 22.77
C SER D 2 -13.31 -13.51 23.00
N ASN D 3 -13.52 -14.34 22.02
CA ASN D 3 -13.18 -15.78 22.18
C ASN D 3 -11.73 -15.92 22.66
N ASP D 4 -10.87 -15.05 22.21
CA ASP D 4 -9.44 -15.13 22.63
C ASP D 4 -8.77 -13.77 22.39
N SER D 5 -7.59 -13.59 22.92
CA SER D 5 -6.87 -12.29 22.72
C SER D 5 -6.11 -12.33 21.40
N SER D 6 -4.92 -11.77 21.38
CA SER D 6 -4.12 -11.78 20.12
C SER D 6 -4.97 -11.24 18.97
N ASP D 7 -4.44 -11.25 17.78
CA ASP D 7 -5.22 -10.74 16.62
C ASP D 7 -4.82 -11.52 15.36
N PRO D 8 -5.19 -12.76 15.27
CA PRO D 8 -4.86 -13.59 14.07
C PRO D 8 -5.55 -13.10 12.80
N LEU D 9 -6.70 -12.51 12.93
CA LEU D 9 -7.42 -12.01 11.73
C LEU D 9 -6.64 -10.85 11.11
N VAL D 10 -6.44 -9.79 11.85
CA VAL D 10 -5.68 -8.63 11.31
C VAL D 10 -4.35 -9.12 10.75
N VAL D 11 -3.76 -10.11 11.35
CA VAL D 11 -2.46 -10.63 10.85
C VAL D 11 -2.64 -11.20 9.44
N ALA D 12 -3.52 -12.16 9.29
CA ALA D 12 -3.75 -12.74 7.93
C ALA D 12 -3.90 -11.62 6.91
N ALA D 13 -4.61 -10.58 7.27
CA ALA D 13 -4.80 -9.44 6.32
C ALA D 13 -3.47 -8.69 6.17
N ASN D 14 -2.69 -8.66 7.22
CA ASN D 14 -1.38 -7.94 7.15
C ASN D 14 -0.46 -8.64 6.15
N ILE D 15 -0.15 -9.89 6.38
CA ILE D 15 0.75 -10.61 5.44
C ILE D 15 0.13 -10.58 4.03
N ILE D 16 -1.16 -10.62 3.94
CA ILE D 16 -1.81 -10.58 2.60
C ILE D 16 -1.33 -9.33 1.85
N GLY D 17 -1.39 -8.19 2.49
CA GLY D 17 -0.93 -6.94 1.83
C GLY D 17 0.54 -7.06 1.44
N ILE D 18 1.35 -7.56 2.33
CA ILE D 18 2.80 -7.72 2.02
C ILE D 18 2.96 -8.63 0.80
N LEU D 19 2.30 -9.76 0.81
CA LEU D 19 2.42 -10.69 -0.34
C LEU D 19 1.84 -10.03 -1.58
N HIS D 20 0.79 -9.26 -1.43
CA HIS D 20 0.20 -8.59 -2.62
C HIS D 20 1.28 -7.81 -3.34
N LEU D 21 2.04 -7.02 -2.64
CA LEU D 21 3.09 -6.24 -3.34
C LEU D 21 4.17 -7.18 -3.88
N ILE D 22 4.49 -8.24 -3.17
CA ILE D 22 5.53 -9.17 -3.68
C ILE D 22 5.18 -9.50 -5.14
N LEU D 23 3.92 -9.64 -5.43
CA LEU D 23 3.51 -9.93 -6.83
C LEU D 23 3.63 -8.64 -7.65
N TRP D 24 3.29 -7.52 -7.06
CA TRP D 24 3.39 -6.22 -7.78
C TRP D 24 4.81 -6.03 -8.32
N ILE D 25 5.80 -6.21 -7.48
CA ILE D 25 7.20 -6.05 -7.94
C ILE D 25 7.57 -7.17 -8.92
N LEU D 26 7.12 -8.37 -8.65
CA LEU D 26 7.46 -9.50 -9.58
C LEU D 26 6.90 -9.20 -10.97
N ASP D 27 5.69 -8.72 -11.05
CA ASP D 27 5.10 -8.41 -12.37
C ASP D 27 5.91 -7.32 -13.06
N ARG D 28 6.09 -6.21 -12.40
CA ARG D 28 6.88 -5.10 -13.02
C ARG D 28 8.25 -5.62 -13.46
N LEU D 29 8.87 -6.43 -12.65
CA LEU D 29 10.21 -6.97 -13.01
C LEU D 29 10.05 -7.98 -14.15
N PHE D 30 9.63 -9.18 -13.84
CA PHE D 30 9.46 -10.21 -14.90
C PHE D 30 8.31 -9.81 -15.82
N PHE D 31 7.96 -10.65 -16.76
CA PHE D 31 6.85 -10.31 -17.69
C PHE D 31 7.24 -9.11 -18.55
N LYS D 32 6.41 -8.73 -19.48
CA LYS D 32 6.75 -7.56 -20.34
C LYS D 32 5.46 -6.84 -20.75
N SER D 33 4.54 -6.69 -19.84
CA SER D 33 3.26 -6.00 -20.18
C SER D 33 2.66 -6.62 -21.44
N ILE D 34 1.79 -5.90 -22.10
CA ILE D 34 1.17 -6.46 -23.34
C ILE D 34 2.23 -6.57 -24.45
N TYR D 35 1.95 -7.33 -25.47
CA TYR D 35 2.94 -7.49 -26.57
C TYR D 35 3.04 -6.19 -27.36
N ARG D 36 4.10 -6.00 -28.11
CA ARG D 36 4.25 -4.75 -28.90
C ARG D 36 3.47 -4.88 -30.21
N PHE D 37 2.38 -4.18 -30.34
CA PHE D 37 1.58 -4.28 -31.60
C PHE D 37 2.35 -3.60 -32.74
N PHE D 38 3.01 -2.52 -32.46
CA PHE D 38 3.78 -1.81 -33.52
C PHE D 38 4.83 -2.76 -34.11
N GLU D 39 5.76 -3.20 -33.31
CA GLU D 39 6.81 -4.13 -33.81
C GLU D 39 6.17 -5.49 -34.14
N HIS D 40 6.71 -6.18 -35.11
CA HIS D 40 6.14 -7.51 -35.48
C HIS D 40 6.26 -8.45 -34.28
N GLY D 41 5.68 -9.62 -34.39
CA GLY D 41 5.76 -10.60 -33.26
C GLY D 41 7.16 -11.21 -33.22
N LEU D 42 7.45 -11.96 -32.18
CA LEU D 42 8.79 -12.59 -32.08
C LEU D 42 8.81 -13.89 -32.90
N LYS D 43 9.98 -14.31 -33.30
CA LYS D 43 10.07 -15.57 -34.11
C LYS D 43 9.60 -16.76 -33.27
N ARG A 1 -1.77 1.38 27.91
CA ARG A 1 -2.38 2.37 28.84
C ARG A 1 -1.28 3.01 29.68
N SER A 2 -0.75 2.30 30.64
CA SER A 2 0.32 2.89 31.50
C SER A 2 1.66 2.82 30.76
N ASN A 3 2.17 1.64 30.53
CA ASN A 3 3.47 1.52 29.80
C ASN A 3 3.42 2.33 28.51
N ASP A 4 2.42 2.11 27.70
CA ASP A 4 2.31 2.88 26.43
C ASP A 4 3.36 2.36 25.44
N SER A 5 4.31 1.60 25.90
CA SER A 5 5.36 1.08 24.99
C SER A 5 4.71 0.23 23.89
N SER A 6 3.72 -0.53 24.24
CA SER A 6 3.03 -1.38 23.22
C SER A 6 2.67 -0.53 22.00
N ASP A 7 2.47 0.76 22.21
CA ASP A 7 2.11 1.63 21.05
C ASP A 7 0.98 0.99 20.24
N PRO A 8 -0.20 0.93 20.80
CA PRO A 8 -1.36 0.32 20.08
C PRO A 8 -1.76 1.11 18.84
N LEU A 9 -1.46 2.38 18.82
CA LEU A 9 -1.83 3.21 17.62
C LEU A 9 -1.31 2.53 16.36
N VAL A 10 -0.10 2.07 16.36
CA VAL A 10 0.45 1.40 15.15
C VAL A 10 -0.52 0.31 14.69
N VAL A 11 -1.03 -0.47 15.61
CA VAL A 11 -1.99 -1.55 15.22
C VAL A 11 -3.23 -0.92 14.59
N ALA A 12 -3.94 -0.12 15.33
CA ALA A 12 -5.16 0.52 14.75
C ALA A 12 -4.80 1.13 13.41
N ALA A 13 -3.53 1.34 13.18
CA ALA A 13 -3.09 1.93 11.89
C ALA A 13 -2.83 0.81 10.88
N ASN A 14 -2.49 -0.35 11.36
CA ASN A 14 -2.23 -1.49 10.42
C ASN A 14 -3.55 -1.95 9.81
N ILE A 15 -4.62 -1.92 10.56
CA ILE A 15 -5.93 -2.36 10.01
C ILE A 15 -6.22 -1.58 8.72
N ILE A 16 -6.06 -0.29 8.73
CA ILE A 16 -6.32 0.50 7.50
C ILE A 16 -5.19 0.24 6.50
N GLY A 17 -4.01 -0.02 6.99
CA GLY A 17 -2.87 -0.30 6.07
C GLY A 17 -3.26 -1.45 5.14
N ILE A 18 -3.84 -2.48 5.68
CA ILE A 18 -4.25 -3.63 4.82
C ILE A 18 -5.42 -3.20 3.93
N LEU A 19 -6.47 -2.71 4.51
CA LEU A 19 -7.63 -2.27 3.69
C LEU A 19 -7.13 -1.37 2.57
N HIS A 20 -6.14 -0.56 2.84
CA HIS A 20 -5.59 0.35 1.80
C HIS A 20 -4.96 -0.49 0.69
N LEU A 21 -4.21 -1.49 1.06
CA LEU A 21 -3.55 -2.34 0.03
C LEU A 21 -4.60 -3.16 -0.72
N ILE A 22 -5.51 -3.78 -0.01
CA ILE A 22 -6.56 -4.60 -0.69
C ILE A 22 -7.29 -3.74 -1.71
N LEU A 23 -7.47 -2.47 -1.44
CA LEU A 23 -8.18 -1.58 -2.40
C LEU A 23 -7.24 -1.21 -3.55
N TRP A 24 -6.03 -0.81 -3.24
CA TRP A 24 -5.08 -0.41 -4.31
C TRP A 24 -5.08 -1.48 -5.41
N ILE A 25 -4.97 -2.73 -5.04
CA ILE A 25 -4.97 -3.80 -6.08
C ILE A 25 -6.37 -3.98 -6.66
N LEU A 26 -7.38 -3.94 -5.82
CA LEU A 26 -8.77 -4.11 -6.33
C LEU A 26 -8.98 -3.20 -7.55
N ASP A 27 -8.46 -2.01 -7.49
CA ASP A 27 -8.62 -1.08 -8.65
C ASP A 27 -7.66 -1.47 -9.76
N ARG A 28 -6.43 -1.78 -9.43
CA ARG A 28 -5.45 -2.16 -10.48
C ARG A 28 -6.06 -3.25 -11.38
N LEU A 29 -6.87 -4.10 -10.82
CA LEU A 29 -7.49 -5.19 -11.65
C LEU A 29 -8.87 -4.72 -12.15
N PHE A 30 -9.69 -4.23 -11.26
CA PHE A 30 -11.05 -3.76 -11.68
C PHE A 30 -11.02 -2.25 -11.93
N PHE A 31 -9.93 -1.75 -12.44
CA PHE A 31 -9.84 -0.29 -12.70
C PHE A 31 -11.09 0.18 -13.45
N LYS A 32 -11.72 -0.71 -14.17
CA LYS A 32 -12.94 -0.32 -14.92
C LYS A 32 -14.11 -0.13 -13.94
N SER A 33 -14.29 -1.07 -13.05
CA SER A 33 -15.41 -0.94 -12.07
C SER A 33 -15.26 0.37 -11.29
N ILE A 34 -14.09 0.63 -10.78
CA ILE A 34 -13.89 1.89 -10.01
C ILE A 34 -14.17 3.09 -10.91
N TYR A 35 -13.59 3.12 -12.08
CA TYR A 35 -13.84 4.25 -13.01
C TYR A 35 -15.35 4.45 -13.19
N ARG A 36 -16.04 3.42 -13.56
CA ARG A 36 -17.52 3.54 -13.76
C ARG A 36 -18.17 3.93 -12.43
N PHE A 37 -17.64 3.48 -11.33
CA PHE A 37 -18.23 3.82 -10.01
C PHE A 37 -18.41 5.34 -9.91
N PHE A 38 -17.46 6.09 -10.40
CA PHE A 38 -17.57 7.57 -10.34
C PHE A 38 -18.61 8.05 -11.36
N GLU A 39 -18.61 7.47 -12.53
CA GLU A 39 -19.60 7.89 -13.56
C GLU A 39 -21.01 7.73 -13.00
N HIS A 40 -21.33 6.56 -12.51
CA HIS A 40 -22.69 6.33 -11.95
C HIS A 40 -22.68 6.62 -10.45
N GLY A 41 -23.83 6.61 -9.82
CA GLY A 41 -23.88 6.88 -8.35
C GLY A 41 -24.02 8.38 -8.11
N LEU A 42 -25.12 8.96 -8.53
CA LEU A 42 -25.31 10.42 -8.32
C LEU A 42 -25.42 10.71 -6.82
N LYS A 43 -24.31 10.76 -6.14
CA LYS A 43 -24.35 11.04 -4.67
C LYS A 43 -25.05 9.88 -3.95
N ARG B 1 15.95 -0.69 25.80
CA ARG B 1 17.06 -0.92 26.77
C ARG B 1 17.01 0.15 27.86
N SER B 2 15.83 0.55 28.26
CA SER B 2 15.72 1.60 29.31
C SER B 2 14.35 1.49 29.98
N ASN B 3 14.15 2.17 31.08
CA ASN B 3 12.83 2.11 31.78
C ASN B 3 11.73 2.48 30.79
N ASP B 4 12.02 3.31 29.83
CA ASP B 4 10.97 3.70 28.84
C ASP B 4 11.63 3.95 27.48
N SER B 5 10.86 3.93 26.43
CA SER B 5 11.44 4.16 25.07
C SER B 5 10.31 4.21 24.04
N SER B 6 9.79 5.38 23.76
CA SER B 6 8.70 5.48 22.76
C SER B 6 9.29 5.54 21.35
N ASP B 7 8.45 5.54 20.35
CA ASP B 7 8.96 5.59 18.96
C ASP B 7 7.90 6.22 18.04
N PRO B 8 7.67 7.50 18.18
CA PRO B 8 6.65 8.21 17.34
C PRO B 8 7.05 8.26 15.87
N LEU B 9 8.33 8.23 15.58
CA LEU B 9 8.78 8.28 14.16
C LEU B 9 8.01 7.23 13.35
N VAL B 10 7.98 6.01 13.82
CA VAL B 10 7.24 4.96 13.07
C VAL B 10 5.78 5.34 12.92
N VAL B 11 5.20 5.95 13.92
CA VAL B 11 3.77 6.35 13.83
C VAL B 11 3.62 7.40 12.72
N ALA B 12 4.33 8.49 12.83
CA ALA B 12 4.22 9.55 11.78
C ALA B 12 4.34 8.90 10.40
N ALA B 13 5.13 7.87 10.30
CA ALA B 13 5.29 7.17 9.00
C ALA B 13 4.01 6.39 8.68
N ASN B 14 3.36 5.87 9.69
CA ASN B 14 2.11 5.10 9.44
C ASN B 14 1.02 6.04 8.92
N ILE B 15 0.64 7.03 9.68
CA ILE B 15 -0.40 7.97 9.18
C ILE B 15 0.01 8.50 7.81
N ILE B 16 1.28 8.75 7.61
CA ILE B 16 1.72 9.24 6.28
C ILE B 16 1.23 8.26 5.22
N GLY B 17 1.37 6.98 5.46
CA GLY B 17 0.90 5.97 4.46
C GLY B 17 -0.60 6.18 4.23
N ILE B 18 -1.35 6.38 5.28
CA ILE B 18 -2.81 6.59 5.10
C ILE B 18 -3.02 7.84 4.25
N LEU B 19 -2.27 8.87 4.50
CA LEU B 19 -2.41 10.13 3.70
C LEU B 19 -1.97 9.86 2.27
N HIS B 20 -0.97 9.02 2.09
CA HIS B 20 -0.49 8.73 0.72
C HIS B 20 -1.65 8.21 -0.12
N LEU B 21 -2.37 7.23 0.36
CA LEU B 21 -3.49 6.70 -0.46
C LEU B 21 -4.60 7.76 -0.55
N ILE B 22 -4.80 8.55 0.47
CA ILE B 22 -5.87 9.58 0.37
C ILE B 22 -5.66 10.35 -0.93
N LEU B 23 -4.42 10.63 -1.26
CA LEU B 23 -4.15 11.35 -2.54
C LEU B 23 -4.39 10.39 -3.70
N TRP B 24 -3.96 9.16 -3.57
CA TRP B 24 -4.17 8.15 -4.64
C TRP B 24 -5.65 8.17 -5.05
N ILE B 25 -6.54 8.13 -4.10
CA ILE B 25 -7.99 8.14 -4.42
C ILE B 25 -8.34 9.46 -5.11
N LEU B 26 -7.98 10.56 -4.51
CA LEU B 26 -8.29 11.88 -5.14
C LEU B 26 -7.77 11.90 -6.58
N ASP B 27 -6.69 11.22 -6.85
CA ASP B 27 -6.14 11.20 -8.22
C ASP B 27 -7.02 10.33 -9.12
N ARG B 28 -7.60 9.29 -8.57
CA ARG B 28 -8.47 8.40 -9.38
C ARG B 28 -9.84 9.07 -9.59
N LEU B 29 -10.22 9.93 -8.68
CA LEU B 29 -11.55 10.61 -8.82
C LEU B 29 -11.42 11.74 -9.83
N PHE B 30 -10.56 12.70 -9.57
CA PHE B 30 -10.40 13.84 -10.52
C PHE B 30 -10.07 13.29 -11.91
N PHE B 31 -9.13 12.39 -11.99
CA PHE B 31 -8.77 11.82 -13.33
C PHE B 31 -8.56 12.95 -14.33
N LYS B 32 -8.25 14.13 -13.87
CA LYS B 32 -8.02 15.27 -14.80
C LYS B 32 -7.00 16.23 -14.20
N SER B 33 -6.05 16.66 -14.99
CA SER B 33 -5.03 17.60 -14.46
C SER B 33 -5.71 18.82 -13.85
N ILE B 34 -5.17 19.34 -12.78
CA ILE B 34 -5.79 20.54 -12.13
C ILE B 34 -5.50 21.78 -12.98
N TYR B 35 -6.09 22.89 -12.64
CA TYR B 35 -5.85 24.13 -13.42
C TYR B 35 -4.42 24.62 -13.17
N ARG B 36 -3.67 24.83 -14.22
CA ARG B 36 -2.26 25.31 -14.05
C ARG B 36 -2.24 26.84 -14.03
N PHE B 37 -2.35 27.45 -15.18
CA PHE B 37 -2.33 28.93 -15.24
C PHE B 37 -3.49 29.49 -14.41
N PHE B 38 -3.19 30.10 -13.30
CA PHE B 38 -4.28 30.66 -12.45
C PHE B 38 -4.98 31.80 -13.19
N GLU B 39 -6.21 31.60 -13.56
CA GLU B 39 -6.94 32.66 -14.30
C GLU B 39 -6.08 33.18 -15.45
N HIS B 40 -5.77 34.44 -15.46
CA HIS B 40 -4.92 35.00 -16.55
C HIS B 40 -4.20 36.25 -16.05
N GLY B 41 -4.57 36.75 -14.90
CA GLY B 41 -3.90 37.96 -14.36
C GLY B 41 -4.15 39.15 -15.29
N LEU B 42 -5.36 39.61 -15.38
CA LEU B 42 -5.66 40.76 -16.27
C LEU B 42 -5.04 42.04 -15.69
N LYS B 43 -3.99 42.52 -16.27
CA LYS B 43 -3.34 43.75 -15.75
C LYS B 43 -2.71 44.53 -16.91
N ARG C 1 5.95 -9.85 25.53
CA ARG C 1 6.67 -11.06 26.02
C ARG C 1 5.70 -11.96 26.77
N SER C 2 5.34 -11.60 27.96
CA SER C 2 4.39 -12.44 28.75
C SER C 2 2.96 -12.18 28.27
N ASN C 3 2.45 -11.01 28.50
CA ASN C 3 1.06 -10.70 28.07
C ASN C 3 0.89 -11.07 26.59
N ASP C 4 1.76 -10.59 25.75
CA ASP C 4 1.66 -10.92 24.30
C ASP C 4 0.48 -10.15 23.68
N SER C 5 -0.38 -9.60 24.50
CA SER C 5 -1.54 -8.84 23.95
C SER C 5 -1.03 -7.69 23.09
N SER C 6 0.02 -7.04 23.50
CA SER C 6 0.56 -5.91 22.70
C SER C 6 0.72 -6.35 21.23
N ASP C 7 0.91 -7.62 21.00
CA ASP C 7 1.07 -8.09 19.60
C ASP C 7 2.08 -7.21 18.87
N PRO C 8 3.33 -7.29 19.23
CA PRO C 8 4.38 -6.46 18.57
C PRO C 8 4.57 -6.82 17.09
N LEU C 9 4.25 -8.03 16.72
CA LEU C 9 4.41 -8.44 15.30
C LEU C 9 3.72 -7.42 14.38
N VAL C 10 2.53 -7.01 14.72
CA VAL C 10 1.82 -6.01 13.87
C VAL C 10 2.73 -4.81 13.63
N VAL C 11 3.39 -4.34 14.65
CA VAL C 11 4.30 -3.17 14.47
C VAL C 11 5.42 -3.54 13.49
N ALA C 12 6.23 -4.51 13.84
CA ALA C 12 7.33 -4.91 12.93
C ALA C 12 6.75 -5.10 11.52
N ALA C 13 5.45 -5.25 11.43
CA ALA C 13 4.81 -5.43 10.10
C ALA C 13 4.44 -4.07 9.53
N ASN C 14 4.20 -3.11 10.40
CA ASN C 14 3.82 -1.75 9.91
C ASN C 14 5.04 -1.09 9.27
N ILE C 15 6.20 -1.33 9.81
CA ILE C 15 7.43 -0.71 9.22
C ILE C 15 7.50 -1.04 7.73
N ILE C 16 7.32 -2.28 7.37
CA ILE C 16 7.37 -2.64 5.93
C ILE C 16 6.11 -2.11 5.25
N GLY C 17 5.02 -2.04 5.97
CA GLY C 17 3.77 -1.54 5.36
C GLY C 17 4.03 -0.14 4.78
N ILE C 18 4.71 0.70 5.51
CA ILE C 18 5.01 2.06 5.00
C ILE C 18 6.02 1.95 3.85
N LEU C 19 7.15 1.33 4.08
CA LEU C 19 8.16 1.20 3.00
C LEU C 19 7.47 0.66 1.74
N HIS C 20 6.51 -0.22 1.92
CA HIS C 20 5.79 -0.78 0.73
C HIS C 20 5.01 0.34 0.04
N LEU C 21 4.35 1.17 0.81
CA LEU C 21 3.57 2.28 0.21
C LEU C 21 4.52 3.32 -0.41
N ILE C 22 5.52 3.71 0.31
CA ILE C 22 6.48 4.71 -0.23
C ILE C 22 7.03 4.23 -1.58
N LEU C 23 7.22 2.95 -1.73
CA LEU C 23 7.75 2.42 -3.01
C LEU C 23 6.64 2.39 -4.06
N TRP C 24 5.50 1.88 -3.70
CA TRP C 24 4.38 1.82 -4.68
C TRP C 24 4.23 3.16 -5.40
N ILE C 25 4.21 4.24 -4.65
CA ILE C 25 4.07 5.58 -5.30
C ILE C 25 5.38 5.95 -6.01
N LEU C 26 6.49 5.69 -5.38
CA LEU C 26 7.79 6.04 -6.02
C LEU C 26 7.80 5.56 -7.47
N ASP C 27 7.27 4.39 -7.71
CA ASP C 27 7.24 3.87 -9.11
C ASP C 27 6.12 4.56 -9.89
N ARG C 28 4.97 4.71 -9.29
CA ARG C 28 3.85 5.38 -10.01
C ARG C 28 4.33 6.70 -10.61
N LEU C 29 5.25 7.37 -9.96
CA LEU C 29 5.75 8.66 -10.49
C LEU C 29 7.03 8.40 -11.31
N PHE C 30 7.96 7.69 -10.76
CA PHE C 30 9.23 7.41 -11.50
C PHE C 30 9.13 6.05 -12.19
N PHE C 31 7.97 5.70 -12.65
CA PHE C 31 7.80 4.38 -13.34
C PHE C 31 8.91 4.20 -14.37
N LYS C 32 9.45 5.28 -14.87
CA LYS C 32 10.54 5.16 -15.89
C LYS C 32 11.83 4.73 -15.21
N SER C 33 12.18 5.34 -14.11
CA SER C 33 13.42 4.95 -13.39
C SER C 33 13.36 3.46 -13.04
N ILE C 34 12.27 3.03 -12.46
CA ILE C 34 12.16 1.59 -12.09
C ILE C 34 12.28 0.73 -13.35
N TYR C 35 11.53 1.04 -14.37
CA TYR C 35 11.61 0.26 -15.63
C TYR C 35 13.06 0.16 -16.09
N ARG C 36 13.73 1.28 -16.23
CA ARG C 36 15.14 1.26 -16.67
C ARG C 36 15.99 0.49 -15.65
N PHE C 37 15.63 0.58 -14.39
CA PHE C 37 16.41 -0.13 -13.35
C PHE C 37 16.56 -1.61 -13.74
N PHE C 38 15.53 -2.20 -14.29
CA PHE C 38 15.62 -3.63 -14.70
C PHE C 38 16.49 -3.74 -15.96
N GLU C 39 16.32 -2.84 -16.88
CA GLU C 39 17.13 -2.89 -18.13
C GLU C 39 18.61 -2.87 -17.77
N HIS C 40 19.03 -1.90 -16.99
CA HIS C 40 20.47 -1.83 -16.61
C HIS C 40 20.68 -2.55 -15.28
N GLY C 41 21.90 -2.71 -14.87
CA GLY C 41 22.17 -3.41 -13.58
C GLY C 41 22.31 -4.91 -13.82
N LEU C 42 23.32 -5.30 -14.57
CA LEU C 42 23.51 -6.76 -14.84
C LEU C 42 23.84 -7.49 -13.54
N LYS C 43 22.85 -7.77 -12.75
CA LYS C 43 23.11 -8.49 -11.47
C LYS C 43 23.93 -7.59 -10.53
N ARG D 1 -11.84 -7.68 26.86
CA ARG D 1 -12.78 -7.79 28.02
C ARG D 1 -12.59 -9.14 28.70
N SER D 2 -11.37 -9.61 28.78
CA SER D 2 -11.12 -10.93 29.43
C SER D 2 -9.66 -11.00 29.88
N ASN D 3 -9.32 -11.98 30.68
CA ASN D 3 -7.91 -12.10 31.16
C ASN D 3 -6.97 -12.12 29.95
N ASP D 4 -7.42 -12.62 28.83
CA ASP D 4 -6.56 -12.67 27.62
C ASP D 4 -7.41 -12.50 26.36
N SER D 5 -6.82 -12.14 25.27
CA SER D 5 -7.59 -11.96 24.01
C SER D 5 -6.64 -11.67 22.86
N SER D 6 -6.21 -12.68 22.16
CA SER D 6 -5.26 -12.45 21.02
C SER D 6 -6.06 -12.08 19.76
N ASP D 7 -5.39 -11.75 18.70
CA ASP D 7 -6.11 -11.39 17.45
C ASP D 7 -5.22 -11.68 16.24
N PRO D 8 -5.00 -12.94 15.94
CA PRO D 8 -4.14 -13.32 14.79
C PRO D 8 -4.76 -12.93 13.44
N LEU D 9 -6.05 -12.84 13.37
CA LEU D 9 -6.72 -12.47 12.09
C LEU D 9 -6.06 -11.21 11.53
N VAL D 10 -5.92 -10.19 12.34
CA VAL D 10 -5.29 -8.94 11.85
C VAL D 10 -3.87 -9.22 11.37
N VAL D 11 -3.16 -10.09 12.04
CA VAL D 11 -1.77 -10.41 11.61
C VAL D 11 -1.81 -11.07 10.23
N ALA D 12 -2.52 -12.16 10.10
CA ALA D 12 -2.60 -12.84 8.78
C ALA D 12 -2.91 -11.80 7.71
N ALA D 13 -3.68 -10.80 8.04
CA ALA D 13 -4.02 -9.74 7.05
C ALA D 13 -2.79 -8.87 6.80
N ASN D 14 -1.98 -8.67 7.81
CA ASN D 14 -0.76 -7.84 7.62
C ASN D 14 0.20 -8.54 6.67
N ILE D 15 0.67 -9.70 7.02
CA ILE D 15 1.60 -10.43 6.13
C ILE D 15 0.98 -10.51 4.73
N ILE D 16 -0.31 -10.71 4.65
CA ILE D 16 -0.97 -10.79 3.33
C ILE D 16 -0.62 -9.52 2.55
N GLY D 17 -0.69 -8.38 3.19
CA GLY D 17 -0.35 -7.11 2.50
C GLY D 17 1.09 -7.19 1.99
N ILE D 18 1.99 -7.68 2.79
CA ILE D 18 3.40 -7.79 2.35
C ILE D 18 3.46 -8.72 1.12
N LEU D 19 2.72 -9.80 1.16
CA LEU D 19 2.71 -10.74 0.01
C LEU D 19 2.06 -10.05 -1.19
N HIS D 20 1.07 -9.23 -0.95
CA HIS D 20 0.39 -8.54 -2.09
C HIS D 20 1.42 -7.77 -2.89
N LEU D 21 2.23 -6.96 -2.25
CA LEU D 21 3.23 -6.18 -3.02
C LEU D 21 4.29 -7.12 -3.60
N ILE D 22 4.63 -8.18 -2.92
CA ILE D 22 5.64 -9.11 -3.49
C ILE D 22 5.22 -9.45 -4.91
N LEU D 23 3.94 -9.66 -5.13
CA LEU D 23 3.46 -9.95 -6.50
C LEU D 23 3.55 -8.67 -7.33
N TRP D 24 3.17 -7.56 -6.76
CA TRP D 24 3.24 -6.26 -7.50
C TRP D 24 4.63 -6.11 -8.12
N ILE D 25 5.66 -6.35 -7.34
CA ILE D 25 7.05 -6.22 -7.87
C ILE D 25 7.25 -7.26 -8.97
N LEU D 26 6.96 -8.50 -8.70
CA LEU D 26 7.15 -9.55 -9.73
C LEU D 26 6.41 -9.14 -11.01
N ASP D 27 5.32 -8.44 -10.90
CA ASP D 27 4.57 -8.01 -12.10
C ASP D 27 5.32 -6.89 -12.81
N ARG D 28 6.00 -6.06 -12.06
CA ARG D 28 6.76 -4.93 -12.68
C ARG D 28 8.06 -5.48 -13.28
N LEU D 29 8.56 -6.55 -12.76
CA LEU D 29 9.83 -7.13 -13.30
C LEU D 29 9.52 -7.91 -14.58
N PHE D 30 8.69 -8.91 -14.49
CA PHE D 30 8.36 -9.72 -15.70
C PHE D 30 7.83 -8.78 -16.80
N PHE D 31 6.92 -7.91 -16.46
CA PHE D 31 6.37 -6.97 -17.48
C PHE D 31 5.99 -7.74 -18.74
N LYS D 32 5.72 -9.01 -18.62
CA LYS D 32 5.34 -9.82 -19.81
C LYS D 32 4.39 -10.95 -19.39
N SER D 33 3.33 -11.13 -20.11
CA SER D 33 2.37 -12.22 -19.74
C SER D 33 3.12 -13.56 -19.65
N ILE D 34 2.73 -14.39 -18.73
CA ILE D 34 3.41 -15.71 -18.58
C ILE D 34 2.97 -16.64 -19.71
N TYR D 35 3.58 -17.79 -19.82
CA TYR D 35 3.20 -18.73 -20.90
C TYR D 35 1.81 -19.31 -20.61
N ARG D 36 0.90 -19.21 -21.53
CA ARG D 36 -0.46 -19.75 -21.30
C ARG D 36 -0.53 -21.21 -21.77
N PHE D 37 -0.61 -21.44 -23.05
CA PHE D 37 -0.67 -22.84 -23.56
C PHE D 37 0.59 -23.59 -23.12
N PHE D 38 0.45 -24.52 -22.21
CA PHE D 38 1.65 -25.28 -21.74
C PHE D 38 2.19 -26.12 -22.91
N GLU D 39 3.36 -25.78 -23.39
CA GLU D 39 3.95 -26.56 -24.52
C GLU D 39 2.91 -26.71 -25.62
N HIS D 40 2.58 -27.92 -25.96
CA HIS D 40 1.57 -28.14 -27.04
C HIS D 40 0.88 -29.50 -26.84
N GLY D 41 1.43 -30.32 -25.97
CA GLY D 41 0.81 -31.65 -25.73
C GLY D 41 0.88 -32.49 -27.01
N LEU D 42 2.07 -32.87 -27.41
CA LEU D 42 2.20 -33.69 -28.65
C LEU D 42 1.65 -35.10 -28.40
N LYS D 43 0.51 -35.40 -28.94
CA LYS D 43 -0.09 -36.75 -28.73
C LYS D 43 -0.90 -37.15 -29.97
N ARG A 1 -6.26 -4.66 34.86
CA ARG A 1 -4.78 -4.75 34.91
C ARG A 1 -4.18 -3.39 34.58
N SER A 2 -2.97 -3.14 35.02
CA SER A 2 -2.33 -1.83 34.73
C SER A 2 -2.35 -1.57 33.21
N ASN A 3 -2.35 -2.61 32.43
CA ASN A 3 -2.37 -2.43 30.95
C ASN A 3 -1.21 -1.52 30.53
N ASP A 4 -0.01 -2.03 30.55
CA ASP A 4 1.16 -1.20 30.15
C ASP A 4 1.02 -0.78 28.69
N SER A 5 0.42 -1.62 27.88
CA SER A 5 0.24 -1.26 26.44
C SER A 5 1.61 -1.21 25.76
N SER A 6 1.64 -0.88 24.49
CA SER A 6 2.94 -0.81 23.77
C SER A 6 2.83 0.21 22.64
N ASP A 7 2.19 -0.15 21.56
CA ASP A 7 2.06 0.81 20.43
C ASP A 7 0.77 0.50 19.66
N PRO A 8 -0.37 0.77 20.24
CA PRO A 8 -1.67 0.50 19.57
C PRO A 8 -1.88 1.38 18.33
N LEU A 9 -1.27 2.55 18.31
CA LEU A 9 -1.44 3.44 17.14
C LEU A 9 -1.07 2.69 15.85
N VAL A 10 0.11 2.13 15.79
CA VAL A 10 0.52 1.38 14.57
C VAL A 10 -0.55 0.34 14.23
N VAL A 11 -1.17 -0.23 15.22
CA VAL A 11 -2.22 -1.26 14.96
C VAL A 11 -3.47 -0.57 14.40
N ALA A 12 -4.12 0.24 15.18
CA ALA A 12 -5.34 0.94 14.68
C ALA A 12 -5.01 1.58 13.33
N ALA A 13 -3.74 1.75 13.05
CA ALA A 13 -3.34 2.35 11.76
C ALA A 13 -3.12 1.24 10.73
N ASN A 14 -2.83 0.05 11.18
CA ASN A 14 -2.61 -1.07 10.24
C ASN A 14 -3.95 -1.50 9.64
N ILE A 15 -5.00 -1.49 10.42
CA ILE A 15 -6.32 -1.91 9.89
C ILE A 15 -6.61 -1.13 8.60
N ILE A 16 -6.36 0.15 8.59
CA ILE A 16 -6.61 0.94 7.36
C ILE A 16 -5.46 0.70 6.38
N GLY A 17 -4.29 0.41 6.89
CA GLY A 17 -3.13 0.16 6.00
C GLY A 17 -3.39 -1.07 5.13
N ILE A 18 -3.70 -2.18 5.74
CA ILE A 18 -3.98 -3.41 4.95
C ILE A 18 -5.22 -3.17 4.09
N LEU A 19 -6.29 -2.69 4.67
CA LEU A 19 -7.51 -2.43 3.86
C LEU A 19 -7.14 -1.57 2.66
N HIS A 20 -6.24 -0.63 2.85
CA HIS A 20 -5.82 0.23 1.72
C HIS A 20 -5.22 -0.64 0.62
N LEU A 21 -4.23 -1.41 0.95
CA LEU A 21 -3.59 -2.29 -0.07
C LEU A 21 -4.67 -3.09 -0.82
N ILE A 22 -5.67 -3.53 -0.12
CA ILE A 22 -6.75 -4.31 -0.79
C ILE A 22 -7.54 -3.40 -1.74
N LEU A 23 -7.64 -2.14 -1.43
CA LEU A 23 -8.40 -1.20 -2.29
C LEU A 23 -7.53 -0.76 -3.47
N TRP A 24 -6.35 -0.26 -3.19
CA TRP A 24 -5.44 0.20 -4.28
C TRP A 24 -5.26 -0.91 -5.32
N ILE A 25 -5.10 -2.13 -4.88
CA ILE A 25 -4.90 -3.25 -5.85
C ILE A 25 -6.23 -3.59 -6.54
N LEU A 26 -7.29 -3.74 -5.79
CA LEU A 26 -8.60 -4.06 -6.42
C LEU A 26 -8.86 -3.09 -7.57
N ASP A 27 -8.37 -1.88 -7.46
CA ASP A 27 -8.58 -0.89 -8.54
C ASP A 27 -7.62 -1.17 -9.69
N ARG A 28 -6.38 -1.39 -9.40
CA ARG A 28 -5.39 -1.67 -10.48
C ARG A 28 -5.93 -2.77 -11.40
N LEU A 29 -6.67 -3.71 -10.86
CA LEU A 29 -7.22 -4.80 -11.70
C LEU A 29 -8.63 -4.44 -12.16
N PHE A 30 -9.48 -4.06 -11.25
CA PHE A 30 -10.88 -3.69 -11.64
C PHE A 30 -10.99 -2.17 -11.78
N PHE A 31 -9.95 -1.54 -12.26
CA PHE A 31 -10.00 -0.05 -12.41
C PHE A 31 -11.30 0.34 -13.11
N LYS A 32 -11.77 -0.46 -14.03
CA LYS A 32 -13.03 -0.13 -14.74
C LYS A 32 -14.20 -0.11 -13.75
N SER A 33 -14.29 -1.09 -12.91
CA SER A 33 -15.40 -1.13 -11.93
C SER A 33 -15.37 0.14 -11.06
N ILE A 34 -14.22 0.50 -10.57
CA ILE A 34 -14.14 1.74 -9.72
C ILE A 34 -14.70 2.92 -10.51
N TYR A 35 -14.25 3.11 -11.72
CA TYR A 35 -14.77 4.26 -12.52
C TYR A 35 -16.30 4.21 -12.58
N ARG A 36 -16.84 3.08 -12.91
CA ARG A 36 -18.33 2.96 -12.99
C ARG A 36 -18.93 3.16 -11.59
N PHE A 37 -18.33 2.55 -10.60
CA PHE A 37 -18.87 2.69 -9.22
C PHE A 37 -19.00 4.18 -8.87
N PHE A 38 -18.10 4.99 -9.33
CA PHE A 38 -18.17 6.45 -9.02
C PHE A 38 -19.26 7.10 -9.87
N GLU A 39 -19.23 6.88 -11.16
CA GLU A 39 -20.27 7.48 -12.05
C GLU A 39 -20.55 6.53 -13.21
N HIS A 40 -21.81 6.27 -13.47
CA HIS A 40 -22.16 5.35 -14.59
C HIS A 40 -21.99 6.09 -15.92
N GLY A 41 -22.62 7.22 -16.08
CA GLY A 41 -22.49 7.99 -17.34
C GLY A 41 -23.35 7.34 -18.43
N LEU A 42 -24.18 8.10 -19.08
CA LEU A 42 -25.04 7.53 -20.15
C LEU A 42 -24.25 7.49 -21.47
N LYS A 43 -24.73 6.74 -22.43
CA LYS A 43 -24.01 6.68 -23.73
C LYS A 43 -23.98 8.06 -24.38
N ARG B 1 6.81 6.99 34.94
CA ARG B 1 6.28 5.70 34.41
C ARG B 1 6.36 5.70 32.88
N SER B 2 7.52 5.97 32.33
CA SER B 2 7.65 5.99 30.86
C SER B 2 6.67 7.00 30.26
N ASN B 3 6.77 7.27 28.99
CA ASN B 3 5.83 8.24 28.35
C ASN B 3 5.89 8.08 26.84
N ASP B 4 5.06 8.78 26.13
CA ASP B 4 5.06 8.68 24.64
C ASP B 4 4.82 7.22 24.23
N SER B 5 4.52 6.99 22.98
CA SER B 5 4.28 5.59 22.53
C SER B 5 5.62 4.83 22.47
N SER B 6 5.57 3.54 22.26
CA SER B 6 6.83 2.76 22.20
C SER B 6 7.50 2.97 20.83
N ASP B 7 6.81 3.59 19.91
CA ASP B 7 7.40 3.82 18.57
C ASP B 7 6.70 5.00 17.89
N PRO B 8 6.91 6.20 18.39
CA PRO B 8 6.27 7.41 17.80
C PRO B 8 6.77 7.69 16.38
N LEU B 9 7.99 7.35 16.09
CA LEU B 9 8.53 7.61 14.72
C LEU B 9 7.75 6.76 13.71
N VAL B 10 7.82 5.46 13.83
CA VAL B 10 7.10 4.59 12.87
C VAL B 10 5.64 5.06 12.78
N VAL B 11 5.01 5.31 13.89
CA VAL B 11 3.60 5.78 13.85
C VAL B 11 3.48 6.91 12.84
N ALA B 12 4.24 7.96 13.02
CA ALA B 12 4.17 9.10 12.06
C ALA B 12 4.25 8.54 10.63
N ALA B 13 5.05 7.53 10.44
CA ALA B 13 5.18 6.92 9.09
C ALA B 13 3.88 6.19 8.74
N ASN B 14 3.24 5.61 9.71
CA ASN B 14 1.97 4.88 9.45
C ASN B 14 0.95 5.85 8.87
N ILE B 15 0.60 6.86 9.61
CA ILE B 15 -0.39 7.85 9.09
C ILE B 15 0.08 8.36 7.72
N ILE B 16 1.34 8.65 7.59
CA ILE B 16 1.84 9.14 6.27
C ILE B 16 1.33 8.19 5.19
N GLY B 17 1.32 6.91 5.49
CA GLY B 17 0.82 5.92 4.49
C GLY B 17 -0.67 6.21 4.23
N ILE B 18 -1.42 6.44 5.26
CA ILE B 18 -2.86 6.75 5.07
C ILE B 18 -2.97 7.98 4.17
N LEU B 19 -2.12 8.95 4.39
CA LEU B 19 -2.16 10.18 3.56
C LEU B 19 -1.71 9.85 2.13
N HIS B 20 -0.77 8.96 1.99
CA HIS B 20 -0.32 8.60 0.62
C HIS B 20 -1.53 8.17 -0.20
N LEU B 21 -2.34 7.29 0.31
CA LEU B 21 -3.52 6.85 -0.47
C LEU B 21 -4.49 8.03 -0.65
N ILE B 22 -4.66 8.85 0.35
CA ILE B 22 -5.59 10.01 0.20
C ILE B 22 -5.26 10.72 -1.11
N LEU B 23 -3.99 10.81 -1.43
CA LEU B 23 -3.60 11.47 -2.71
C LEU B 23 -3.93 10.51 -3.86
N TRP B 24 -3.75 9.24 -3.64
CA TRP B 24 -4.05 8.23 -4.70
C TRP B 24 -5.53 8.33 -5.11
N ILE B 25 -6.42 8.19 -4.15
CA ILE B 25 -7.87 8.26 -4.47
C ILE B 25 -8.21 9.63 -5.05
N LEU B 26 -7.61 10.67 -4.53
CA LEU B 26 -7.90 12.03 -5.06
C LEU B 26 -7.55 12.09 -6.54
N ASP B 27 -6.33 11.75 -6.89
CA ASP B 27 -5.92 11.79 -8.32
C ASP B 27 -6.94 11.03 -9.17
N ARG B 28 -7.26 9.82 -8.78
CA ARG B 28 -8.26 9.04 -9.57
C ARG B 28 -9.58 9.80 -9.62
N LEU B 29 -9.98 10.38 -8.53
CA LEU B 29 -11.27 11.14 -8.52
C LEU B 29 -11.27 12.16 -9.66
N PHE B 30 -10.23 12.92 -9.79
CA PHE B 30 -10.17 13.93 -10.88
C PHE B 30 -8.70 14.23 -11.23
N PHE B 31 -8.43 14.61 -12.45
CA PHE B 31 -7.03 14.91 -12.83
C PHE B 31 -6.73 16.40 -12.61
N LYS B 32 -6.73 16.83 -11.39
CA LYS B 32 -6.45 18.27 -11.10
C LYS B 32 -4.99 18.58 -11.46
N SER B 33 -4.63 19.83 -11.44
CA SER B 33 -3.22 20.20 -11.78
C SER B 33 -2.84 21.49 -11.07
N ILE B 34 -2.72 21.45 -9.77
CA ILE B 34 -2.34 22.69 -9.02
C ILE B 34 -0.87 23.02 -9.26
N TYR B 35 -0.10 22.05 -9.67
CA TYR B 35 1.34 22.29 -9.93
C TYR B 35 1.49 23.45 -10.94
N ARG B 36 0.94 23.28 -12.11
CA ARG B 36 1.04 24.36 -13.13
C ARG B 36 -0.03 25.41 -12.88
N PHE B 37 0.33 26.67 -12.93
CA PHE B 37 -0.66 27.75 -12.69
C PHE B 37 -1.35 27.52 -11.34
N PHE B 38 -2.39 28.26 -11.06
CA PHE B 38 -3.11 28.09 -9.77
C PHE B 38 -4.58 28.43 -9.95
N GLU B 39 -4.87 29.48 -10.66
CA GLU B 39 -6.29 29.87 -10.89
C GLU B 39 -6.91 28.97 -11.96
N HIS B 40 -8.18 28.71 -11.88
CA HIS B 40 -8.84 27.83 -12.90
C HIS B 40 -9.22 28.67 -14.11
N GLY B 41 -8.26 29.30 -14.74
CA GLY B 41 -8.58 30.15 -15.92
C GLY B 41 -9.13 31.49 -15.47
N LEU B 42 -9.90 32.15 -16.31
CA LEU B 42 -10.47 33.46 -15.91
C LEU B 42 -9.35 34.37 -15.43
N LYS B 43 -9.68 35.52 -14.90
CA LYS B 43 -8.63 36.45 -14.40
C LYS B 43 -8.18 36.01 -13.01
N ARG C 1 11.55 -6.00 33.28
CA ARG C 1 10.09 -5.97 33.57
C ARG C 1 9.41 -7.18 32.93
N SER C 2 8.29 -7.58 33.45
CA SER C 2 7.58 -8.76 32.87
C SER C 2 7.36 -8.54 31.37
N ASN C 3 7.27 -7.31 30.96
CA ASN C 3 7.06 -7.04 29.50
C ASN C 3 5.84 -7.81 29.01
N ASP C 4 4.66 -7.36 29.35
CA ASP C 4 3.42 -8.05 28.90
C ASP C 4 3.34 -8.01 27.38
N SER C 5 3.83 -6.95 26.79
CA SER C 5 3.77 -6.84 25.30
C SER C 5 2.32 -6.73 24.84
N SER C 6 2.09 -6.65 23.57
CA SER C 6 0.70 -6.53 23.06
C SER C 6 0.60 -7.16 21.66
N ASP C 7 1.08 -6.47 20.67
CA ASP C 7 1.02 -7.03 19.28
C ASP C 7 2.19 -6.47 18.46
N PRO C 8 3.39 -6.87 18.75
CA PRO C 8 4.58 -6.38 18.00
C PRO C 8 4.58 -6.84 16.55
N LEU C 9 3.96 -7.96 16.26
CA LEU C 9 3.92 -8.45 14.86
C LEU C 9 3.38 -7.35 13.93
N VAL C 10 2.22 -6.83 14.23
CA VAL C 10 1.65 -5.76 13.36
C VAL C 10 2.67 -4.64 13.21
N VAL C 11 3.45 -4.38 14.22
CA VAL C 11 4.47 -3.30 14.12
C VAL C 11 5.60 -3.75 13.20
N ALA C 12 6.35 -4.74 13.60
CA ALA C 12 7.46 -5.22 12.73
C ALA C 12 6.91 -5.43 11.31
N ALA C 13 5.62 -5.54 11.18
CA ALA C 13 5.01 -5.73 9.85
C ALA C 13 4.68 -4.37 9.25
N ASN C 14 4.47 -3.39 10.08
CA ASN C 14 4.14 -2.03 9.56
C ASN C 14 5.39 -1.40 8.93
N ILE C 15 6.53 -1.62 9.51
CA ILE C 15 7.77 -1.03 8.93
C ILE C 15 7.85 -1.37 7.44
N ILE C 16 7.57 -2.60 7.09
CA ILE C 16 7.61 -2.97 5.65
C ILE C 16 6.33 -2.48 4.97
N GLY C 17 5.26 -2.38 5.72
CA GLY C 17 3.98 -1.91 5.12
C GLY C 17 4.15 -0.46 4.65
N ILE C 18 4.57 0.42 5.51
CA ILE C 18 4.75 1.84 5.10
C ILE C 18 5.84 1.90 4.02
N LEU C 19 6.97 1.29 4.27
CA LEU C 19 8.05 1.33 3.25
C LEU C 19 7.48 0.86 1.91
N HIS C 20 6.61 -0.11 1.94
CA HIS C 20 6.00 -0.60 0.67
C HIS C 20 5.26 0.54 -0.01
N LEU C 21 4.35 1.16 0.68
CA LEU C 21 3.58 2.28 0.08
C LEU C 21 4.55 3.29 -0.53
N ILE C 22 5.67 3.53 0.11
CA ILE C 22 6.64 4.52 -0.45
C ILE C 22 7.26 3.95 -1.73
N LEU C 23 7.38 2.65 -1.83
CA LEU C 23 7.97 2.06 -3.05
C LEU C 23 6.92 1.96 -4.16
N TRP C 24 5.79 1.38 -3.87
CA TRP C 24 4.73 1.24 -4.90
C TRP C 24 4.41 2.61 -5.51
N ILE C 25 4.34 3.64 -4.71
CA ILE C 25 4.02 4.99 -5.25
C ILE C 25 5.24 5.56 -6.00
N LEU C 26 6.41 5.49 -5.40
CA LEU C 26 7.61 6.02 -6.10
C LEU C 26 7.68 5.46 -7.51
N ASP C 27 7.17 4.26 -7.70
CA ASP C 27 7.21 3.65 -9.05
C ASP C 27 6.08 4.24 -9.91
N ARG C 28 4.90 4.33 -9.37
CA ARG C 28 3.77 4.90 -10.16
C ARG C 28 4.19 6.24 -10.77
N LEU C 29 5.02 6.99 -10.08
CA LEU C 29 5.47 8.30 -10.63
C LEU C 29 6.78 8.12 -11.40
N PHE C 30 7.76 7.51 -10.77
CA PHE C 30 9.07 7.32 -11.46
C PHE C 30 9.12 5.92 -12.07
N PHE C 31 8.02 5.43 -12.55
CA PHE C 31 8.01 4.06 -13.16
C PHE C 31 9.17 3.93 -14.13
N LYS C 32 9.51 4.98 -14.82
CA LYS C 32 10.65 4.91 -15.79
C LYS C 32 11.95 4.63 -15.03
N SER C 33 12.19 5.31 -13.96
CA SER C 33 13.43 5.08 -13.18
C SER C 33 13.51 3.61 -12.76
N ILE C 34 12.44 3.07 -12.23
CA ILE C 34 12.46 1.65 -11.80
C ILE C 34 12.87 0.77 -12.98
N TYR C 35 12.24 0.94 -14.11
CA TYR C 35 12.60 0.10 -15.29
C TYR C 35 14.10 0.22 -15.56
N ARG C 36 14.61 1.40 -15.61
CA ARG C 36 16.08 1.57 -15.88
C ARG C 36 16.88 0.98 -14.71
N PHE C 37 16.45 1.24 -13.50
CA PHE C 37 17.18 0.70 -12.32
C PHE C 37 17.34 -0.82 -12.47
N PHE C 38 16.35 -1.48 -13.01
CA PHE C 38 16.44 -2.96 -13.18
C PHE C 38 17.38 -3.29 -14.34
N GLU C 39 17.16 -2.69 -15.48
CA GLU C 39 18.04 -2.97 -16.65
C GLU C 39 18.18 -1.70 -17.50
N HIS C 40 19.37 -1.34 -17.86
CA HIS C 40 19.57 -0.12 -18.69
C HIS C 40 19.18 -0.43 -20.14
N GLY C 41 19.76 -1.44 -20.72
CA GLY C 41 19.42 -1.79 -22.13
C GLY C 41 20.12 -0.82 -23.08
N LEU C 42 20.83 -1.32 -24.04
CA LEU C 42 21.53 -0.42 -25.01
C LEU C 42 20.56 -0.01 -26.12
N LYS C 43 20.89 1.00 -26.87
CA LYS C 43 19.98 1.45 -27.97
C LYS C 43 19.84 0.32 -28.99
N ARG D 1 -1.63 -17.46 31.77
CA ARG D 1 -1.15 -16.05 31.58
C ARG D 1 -1.46 -15.59 30.16
N SER D 2 -2.69 -15.71 29.74
CA SER D 2 -3.06 -15.28 28.36
C SER D 2 -2.19 -16.03 27.35
N ASN D 3 -2.49 -15.90 26.09
CA ASN D 3 -1.68 -16.61 25.05
C ASN D 3 -1.96 -16.00 23.68
N ASP D 4 -1.26 -16.44 22.66
CA ASP D 4 -1.49 -15.88 21.30
C ASP D 4 -1.28 -14.36 21.33
N SER D 5 -1.17 -13.75 20.18
CA SER D 5 -0.96 -12.28 20.14
C SER D 5 -2.27 -11.58 20.51
N SER D 6 -2.23 -10.29 20.70
CA SER D 6 -3.46 -9.55 21.07
C SER D 6 -4.34 -9.34 19.83
N ASP D 7 -3.81 -9.64 18.67
CA ASP D 7 -4.60 -9.47 17.43
C ASP D 7 -4.04 -10.37 16.33
N PRO D 8 -4.20 -11.67 16.46
CA PRO D 8 -3.68 -12.62 15.44
C PRO D 8 -4.39 -12.48 14.09
N LEU D 9 -5.64 -12.09 14.10
CA LEU D 9 -6.38 -11.94 12.82
C LEU D 9 -5.76 -10.80 12.01
N VAL D 10 -5.78 -9.61 12.53
CA VAL D 10 -5.17 -8.47 11.79
C VAL D 10 -3.77 -8.85 11.34
N VAL D 11 -2.99 -9.41 12.21
CA VAL D 11 -1.60 -9.81 11.81
C VAL D 11 -1.66 -10.58 10.50
N ALA D 12 -2.41 -11.65 10.46
CA ALA D 12 -2.52 -12.43 9.20
C ALA D 12 -2.80 -11.47 8.05
N ALA D 13 -3.60 -10.48 8.30
CA ALA D 13 -3.91 -9.49 7.22
C ALA D 13 -2.66 -8.66 6.93
N ASN D 14 -1.87 -8.37 7.93
CA ASN D 14 -0.65 -7.57 7.71
C ASN D 14 0.26 -8.30 6.71
N ILE D 15 0.69 -9.48 7.04
CA ILE D 15 1.58 -10.23 6.10
C ILE D 15 0.90 -10.33 4.74
N ILE D 16 -0.38 -10.59 4.71
CA ILE D 16 -1.08 -10.67 3.40
C ILE D 16 -0.73 -9.40 2.60
N GLY D 17 -0.63 -8.29 3.26
CA GLY D 17 -0.27 -7.04 2.55
C GLY D 17 1.15 -7.19 1.99
N ILE D 18 2.04 -7.71 2.78
CA ILE D 18 3.43 -7.90 2.29
C ILE D 18 3.38 -8.81 1.05
N LEU D 19 2.55 -9.81 1.09
CA LEU D 19 2.44 -10.73 -0.07
C LEU D 19 1.79 -9.99 -1.24
N HIS D 20 0.86 -9.12 -0.96
CA HIS D 20 0.21 -8.38 -2.08
C HIS D 20 1.28 -7.68 -2.90
N LEU D 21 2.19 -6.99 -2.26
CA LEU D 21 3.25 -6.31 -3.06
C LEU D 21 4.14 -7.34 -3.73
N ILE D 22 4.45 -8.43 -3.06
CA ILE D 22 5.32 -9.46 -3.69
C ILE D 22 4.78 -9.74 -5.09
N LEU D 23 3.48 -9.77 -5.23
CA LEU D 23 2.89 -10.01 -6.58
C LEU D 23 3.06 -8.75 -7.42
N TRP D 24 2.95 -7.60 -6.79
CA TRP D 24 3.11 -6.32 -7.53
C TRP D 24 4.51 -6.25 -8.17
N ILE D 25 5.53 -6.39 -7.37
CA ILE D 25 6.92 -6.32 -7.90
C ILE D 25 7.13 -7.45 -8.92
N LEU D 26 6.59 -8.61 -8.65
CA LEU D 26 6.77 -9.73 -9.60
C LEU D 26 6.19 -9.35 -10.96
N ASP D 27 4.95 -8.96 -11.00
CA ASP D 27 4.33 -8.57 -12.30
C ASP D 27 5.22 -7.55 -13.02
N ARG D 28 5.63 -6.52 -12.34
CA ARG D 28 6.51 -5.50 -12.99
C ARG D 28 7.79 -6.18 -13.47
N LEU D 29 8.34 -7.06 -12.68
CA LEU D 29 9.60 -7.74 -13.09
C LEU D 29 9.40 -8.37 -14.47
N PHE D 30 8.33 -9.09 -14.67
CA PHE D 30 8.08 -9.72 -16.00
C PHE D 30 6.58 -9.93 -16.19
N PHE D 31 6.12 -9.93 -17.41
CA PHE D 31 4.67 -10.14 -17.66
C PHE D 31 4.38 -11.62 -17.86
N LYS D 32 4.55 -12.41 -16.83
CA LYS D 32 4.28 -13.87 -16.97
C LYS D 32 2.79 -14.09 -17.18
N SER D 33 2.40 -15.30 -17.48
CA SER D 33 0.95 -15.58 -17.70
C SER D 33 0.66 -17.04 -17.36
N ILE D 34 0.73 -17.41 -16.11
CA ILE D 34 0.44 -18.82 -15.73
C ILE D 34 -1.06 -19.08 -15.84
N TYR D 35 -1.86 -18.06 -15.81
CA TYR D 35 -3.33 -18.26 -15.91
C TYR D 35 -3.65 -19.06 -17.18
N ARG D 36 -3.29 -18.53 -18.32
CA ARG D 36 -3.57 -19.24 -19.59
C ARG D 36 -2.49 -20.30 -19.84
N PHE D 37 -2.89 -21.48 -20.21
CA PHE D 37 -1.88 -22.57 -20.47
C PHE D 37 -1.00 -22.74 -19.24
N PHE D 38 0.05 -23.51 -19.36
CA PHE D 38 0.96 -23.71 -18.19
C PHE D 38 2.38 -23.94 -18.69
N GLU D 39 2.54 -24.73 -19.73
CA GLU D 39 3.91 -24.98 -20.27
C GLU D 39 4.37 -23.79 -21.09
N HIS D 40 5.65 -23.53 -21.13
CA HIS D 40 6.16 -22.38 -21.92
C HIS D 40 6.34 -22.80 -23.38
N GLY D 41 5.28 -23.23 -24.01
CA GLY D 41 5.39 -23.66 -25.44
C GLY D 41 5.98 -25.07 -25.50
N LEU D 42 6.59 -25.42 -26.60
CA LEU D 42 7.19 -26.78 -26.72
C LEU D 42 6.13 -27.83 -26.36
N LYS D 43 6.52 -29.07 -26.27
CA LYS D 43 5.54 -30.14 -25.92
C LYS D 43 5.31 -30.15 -24.41
N ARG A 1 3.36 5.41 31.54
CA ARG A 1 3.97 4.09 31.22
C ARG A 1 3.84 3.14 32.41
N SER A 2 3.10 3.55 33.41
CA SER A 2 2.92 2.67 34.61
C SER A 2 2.11 1.44 34.23
N ASN A 3 1.46 1.46 33.09
CA ASN A 3 0.66 0.29 32.67
C ASN A 3 1.58 -0.74 31.99
N ASP A 4 1.94 -0.51 30.76
CA ASP A 4 2.83 -1.46 30.05
C ASP A 4 3.37 -0.83 28.77
N SER A 5 4.56 -1.17 28.38
CA SER A 5 5.14 -0.59 27.14
C SER A 5 4.53 -1.28 25.91
N SER A 6 4.13 -0.53 24.93
CA SER A 6 3.54 -1.14 23.72
C SER A 6 3.36 -0.07 22.63
N ASP A 7 2.69 -0.40 21.57
CA ASP A 7 2.48 0.60 20.48
C ASP A 7 1.12 0.35 19.82
N PRO A 8 0.05 0.65 20.50
CA PRO A 8 -1.32 0.44 19.95
C PRO A 8 -1.60 1.36 18.76
N LEU A 9 -0.97 2.50 18.70
CA LEU A 9 -1.21 3.44 17.57
C LEU A 9 -0.86 2.74 16.24
N VAL A 10 0.30 2.15 16.15
CA VAL A 10 0.69 1.46 14.89
C VAL A 10 -0.38 0.45 14.51
N VAL A 11 -0.99 -0.19 15.48
CA VAL A 11 -2.04 -1.19 15.17
C VAL A 11 -3.24 -0.48 14.53
N ALA A 12 -3.87 0.41 15.25
CA ALA A 12 -5.03 1.14 14.68
C ALA A 12 -4.62 1.72 13.33
N ALA A 13 -3.34 1.82 13.10
CA ALA A 13 -2.85 2.37 11.81
C ALA A 13 -2.69 1.24 10.80
N ASN A 14 -2.53 0.03 11.28
CA ASN A 14 -2.38 -1.13 10.35
C ASN A 14 -3.74 -1.53 9.78
N ILE A 15 -4.77 -1.47 10.58
CA ILE A 15 -6.11 -1.85 10.09
C ILE A 15 -6.42 -1.10 8.78
N ILE A 16 -6.12 0.17 8.74
CA ILE A 16 -6.38 0.95 7.50
C ILE A 16 -5.25 0.68 6.49
N GLY A 17 -4.04 0.58 6.96
CA GLY A 17 -2.91 0.31 6.02
C GLY A 17 -3.22 -0.94 5.21
N ILE A 18 -3.71 -1.97 5.85
CA ILE A 18 -4.05 -3.22 5.12
C ILE A 18 -5.26 -2.98 4.23
N LEU A 19 -6.34 -2.51 4.80
CA LEU A 19 -7.55 -2.25 3.98
C LEU A 19 -7.14 -1.42 2.76
N HIS A 20 -6.17 -0.56 2.92
CA HIS A 20 -5.70 0.27 1.77
C HIS A 20 -5.13 -0.65 0.70
N LEU A 21 -4.12 -1.40 1.03
CA LEU A 21 -3.50 -2.33 0.04
C LEU A 21 -4.60 -3.15 -0.65
N ILE A 22 -5.60 -3.54 0.08
CA ILE A 22 -6.69 -4.34 -0.54
C ILE A 22 -7.48 -3.47 -1.51
N LEU A 23 -7.58 -2.20 -1.24
CA LEU A 23 -8.34 -1.29 -2.15
C LEU A 23 -7.47 -0.89 -3.34
N TRP A 24 -6.31 -0.35 -3.08
CA TRP A 24 -5.41 0.08 -4.18
C TRP A 24 -5.23 -1.07 -5.18
N ILE A 25 -5.03 -2.27 -4.71
CA ILE A 25 -4.86 -3.42 -5.64
C ILE A 25 -6.21 -3.76 -6.30
N LEU A 26 -7.26 -3.83 -5.53
CA LEU A 26 -8.59 -4.15 -6.13
C LEU A 26 -8.82 -3.26 -7.35
N ASP A 27 -8.30 -2.06 -7.31
CA ASP A 27 -8.47 -1.12 -8.46
C ASP A 27 -7.51 -1.52 -9.58
N ARG A 28 -6.28 -1.79 -9.25
CA ARG A 28 -5.30 -2.17 -10.31
C ARG A 28 -5.89 -3.29 -11.17
N LEU A 29 -6.66 -4.16 -10.58
CA LEU A 29 -7.25 -5.28 -11.38
C LEU A 29 -8.64 -4.87 -11.87
N PHE A 30 -9.48 -4.41 -10.98
CA PHE A 30 -10.85 -4.00 -11.40
C PHE A 30 -10.88 -2.49 -11.62
N PHE A 31 -9.83 -1.93 -12.14
CA PHE A 31 -9.81 -0.46 -12.37
C PHE A 31 -11.05 -0.05 -13.16
N LYS A 32 -11.53 -0.89 -14.03
CA LYS A 32 -12.74 -0.53 -14.83
C LYS A 32 -13.94 -0.40 -13.88
N SER A 33 -14.02 -1.25 -12.89
CA SER A 33 -15.18 -1.17 -11.94
C SER A 33 -15.09 0.13 -11.14
N ILE A 34 -13.97 0.36 -10.51
CA ILE A 34 -13.82 1.61 -9.71
C ILE A 34 -14.16 2.83 -10.57
N TYR A 35 -13.82 2.78 -11.84
CA TYR A 35 -14.14 3.94 -12.73
C TYR A 35 -15.65 4.01 -12.95
N ARG A 36 -16.25 2.93 -13.38
CA ARG A 36 -17.72 2.94 -13.61
C ARG A 36 -18.44 3.22 -12.30
N PHE A 37 -17.92 2.76 -11.20
CA PHE A 37 -18.58 3.00 -9.89
C PHE A 37 -18.67 4.50 -9.63
N PHE A 38 -17.55 5.17 -9.58
CA PHE A 38 -17.57 6.65 -9.33
C PHE A 38 -17.90 7.38 -10.63
N GLU A 39 -17.00 7.37 -11.58
CA GLU A 39 -17.27 8.06 -12.86
C GLU A 39 -17.39 9.57 -12.61
N HIS A 40 -17.52 10.34 -13.66
CA HIS A 40 -17.62 11.82 -13.48
C HIS A 40 -18.96 12.15 -12.80
N GLY A 41 -19.03 13.28 -12.15
CA GLY A 41 -20.30 13.66 -11.47
C GLY A 41 -20.34 13.05 -10.07
N LEU A 42 -19.89 13.77 -9.09
CA LEU A 42 -19.91 13.21 -7.69
C LEU A 42 -21.35 13.04 -7.23
N LYS A 43 -22.25 13.85 -7.75
CA LYS A 43 -23.67 13.73 -7.33
C LYS A 43 -24.22 12.37 -7.73
N ARG B 1 17.96 3.70 28.64
CA ARG B 1 16.88 2.97 29.37
C ARG B 1 15.56 3.15 28.61
N SER B 2 15.35 4.29 28.03
CA SER B 2 14.08 4.51 27.27
C SER B 2 14.22 5.77 26.41
N ASN B 3 15.12 5.76 25.46
CA ASN B 3 15.29 6.96 24.59
C ASN B 3 14.19 6.99 23.54
N ASP B 4 13.40 5.95 23.46
CA ASP B 4 12.29 5.92 22.45
C ASP B 4 11.36 4.75 22.74
N SER B 5 10.64 4.80 23.82
CA SER B 5 9.72 3.68 24.16
C SER B 5 8.51 3.71 23.21
N SER B 6 8.02 4.89 22.92
CA SER B 6 6.85 4.99 22.01
C SER B 6 7.32 4.96 20.56
N ASP B 7 8.49 5.48 20.29
CA ASP B 7 9.00 5.48 18.90
C ASP B 7 7.96 6.11 17.96
N PRO B 8 7.76 7.40 18.05
CA PRO B 8 6.77 8.10 17.19
C PRO B 8 7.16 8.06 15.70
N LEU B 9 8.43 7.95 15.42
CA LEU B 9 8.88 7.91 13.99
C LEU B 9 8.01 6.92 13.22
N VAL B 10 7.73 5.78 13.82
CA VAL B 10 6.89 4.77 13.11
C VAL B 10 5.48 5.33 12.88
N VAL B 11 4.95 6.03 13.83
CA VAL B 11 3.58 6.60 13.67
C VAL B 11 3.59 7.63 12.53
N ALA B 12 4.42 8.64 12.63
CA ALA B 12 4.47 9.66 11.54
C ALA B 12 4.55 8.96 10.19
N ALA B 13 5.31 7.90 10.11
CA ALA B 13 5.41 7.16 8.81
C ALA B 13 4.10 6.42 8.55
N ASN B 14 3.48 5.91 9.58
CA ASN B 14 2.20 5.18 9.39
C ASN B 14 1.13 6.14 8.87
N ILE B 15 0.78 7.13 9.66
CA ILE B 15 -0.26 8.10 9.20
C ILE B 15 0.12 8.58 7.81
N ILE B 16 1.38 8.78 7.54
CA ILE B 16 1.79 9.23 6.19
C ILE B 16 1.27 8.23 5.17
N GLY B 17 1.36 6.96 5.46
CA GLY B 17 0.85 5.93 4.51
C GLY B 17 -0.64 6.18 4.26
N ILE B 18 -1.39 6.42 5.30
CA ILE B 18 -2.84 6.69 5.12
C ILE B 18 -3.00 7.90 4.20
N LEU B 19 -2.33 8.98 4.52
CA LEU B 19 -2.42 10.19 3.67
C LEU B 19 -1.97 9.87 2.25
N HIS B 20 -0.96 9.05 2.10
CA HIS B 20 -0.49 8.71 0.73
C HIS B 20 -1.67 8.22 -0.10
N LEU B 21 -2.46 7.32 0.42
CA LEU B 21 -3.62 6.84 -0.38
C LEU B 21 -4.62 7.98 -0.59
N ILE B 22 -4.82 8.81 0.40
CA ILE B 22 -5.79 9.94 0.21
C ILE B 22 -5.44 10.65 -1.09
N LEU B 23 -4.17 10.78 -1.38
CA LEU B 23 -3.77 11.44 -2.65
C LEU B 23 -4.04 10.47 -3.81
N TRP B 24 -3.86 9.19 -3.57
CA TRP B 24 -4.11 8.17 -4.62
C TRP B 24 -5.57 8.24 -5.05
N ILE B 25 -6.47 8.08 -4.13
CA ILE B 25 -7.92 8.11 -4.47
C ILE B 25 -8.28 9.49 -5.03
N LEU B 26 -7.73 10.54 -4.48
CA LEU B 26 -8.04 11.91 -4.97
C LEU B 26 -7.59 12.03 -6.43
N ASP B 27 -6.47 11.46 -6.78
CA ASP B 27 -6.00 11.55 -8.18
C ASP B 27 -6.96 10.79 -9.09
N ARG B 28 -7.31 9.58 -8.73
CA ARG B 28 -8.25 8.79 -9.58
C ARG B 28 -9.56 9.56 -9.74
N LEU B 29 -10.03 10.17 -8.69
CA LEU B 29 -11.30 10.94 -8.79
C LEU B 29 -11.11 12.12 -9.73
N PHE B 30 -9.96 12.75 -9.69
CA PHE B 30 -9.71 13.91 -10.59
C PHE B 30 -9.15 13.42 -11.93
N PHE B 31 -8.95 14.33 -12.85
CA PHE B 31 -8.42 13.92 -14.19
C PHE B 31 -7.64 15.08 -14.79
N LYS B 32 -6.61 14.80 -15.55
CA LYS B 32 -5.82 15.91 -16.17
C LYS B 32 -6.42 16.25 -17.54
N SER B 33 -7.70 16.08 -17.70
CA SER B 33 -8.34 16.40 -19.00
C SER B 33 -8.11 17.88 -19.33
N ILE B 34 -7.74 18.66 -18.35
CA ILE B 34 -7.49 20.10 -18.61
C ILE B 34 -6.29 20.27 -19.54
N TYR B 35 -6.45 21.01 -20.61
CA TYR B 35 -5.31 21.20 -21.54
C TYR B 35 -4.17 21.93 -20.83
N ARG B 36 -3.04 22.04 -21.45
CA ARG B 36 -1.88 22.73 -20.80
C ARG B 36 -2.02 24.24 -21.01
N PHE B 37 -1.30 25.02 -20.25
CA PHE B 37 -1.39 26.51 -20.41
C PHE B 37 -0.05 27.14 -20.04
N PHE B 38 0.12 28.40 -20.34
CA PHE B 38 1.41 29.07 -20.02
C PHE B 38 1.14 30.54 -19.69
N GLU B 39 2.06 31.19 -19.02
CA GLU B 39 1.86 32.62 -18.68
C GLU B 39 2.24 33.50 -19.88
N HIS B 40 1.94 34.77 -19.81
CA HIS B 40 2.28 35.67 -20.95
C HIS B 40 1.68 35.11 -22.24
N GLY B 41 0.38 35.09 -22.33
CA GLY B 41 -0.27 34.56 -23.55
C GLY B 41 -1.75 34.95 -23.56
N LEU B 42 -2.18 35.71 -22.60
CA LEU B 42 -3.60 36.13 -22.55
C LEU B 42 -3.82 37.33 -23.47
N LYS B 43 -5.05 37.68 -23.72
CA LYS B 43 -5.32 38.85 -24.61
C LYS B 43 -6.61 39.54 -24.16
N ARG C 1 1.31 -14.80 28.54
CA ARG C 1 0.68 -13.46 28.72
C ARG C 1 1.01 -12.93 30.12
N SER C 2 1.89 -13.59 30.81
CA SER C 2 2.25 -13.12 32.19
C SER C 2 3.02 -11.80 32.08
N ASN C 3 3.49 -11.47 30.91
CA ASN C 3 4.25 -10.20 30.74
C ASN C 3 3.26 -9.04 30.56
N ASP C 4 2.71 -8.89 29.39
CA ASP C 4 1.74 -7.79 29.14
C ASP C 4 1.01 -8.03 27.82
N SER C 5 -0.23 -7.60 27.74
CA SER C 5 -1.00 -7.80 26.48
C SER C 5 -0.57 -6.76 25.44
N SER C 6 -0.33 -7.17 24.22
CA SER C 6 0.09 -6.20 23.18
C SER C 6 0.08 -6.89 21.82
N ASP C 7 0.58 -6.23 20.81
CA ASP C 7 0.60 -6.85 19.45
C ASP C 7 1.85 -6.38 18.69
N PRO C 8 3.01 -6.84 19.10
CA PRO C 8 4.28 -6.44 18.43
C PRO C 8 4.37 -6.95 16.99
N LEU C 9 3.71 -8.03 16.68
CA LEU C 9 3.76 -8.57 15.30
C LEU C 9 3.23 -7.52 14.31
N VAL C 10 2.08 -6.97 14.58
CA VAL C 10 1.52 -5.94 13.67
C VAL C 10 2.54 -4.82 13.46
N VAL C 11 3.29 -4.49 14.47
CA VAL C 11 4.32 -3.41 14.32
C VAL C 11 5.38 -3.87 13.32
N ALA C 12 6.10 -4.91 13.64
CA ALA C 12 7.15 -5.40 12.70
C ALA C 12 6.52 -5.56 11.32
N ALA C 13 5.22 -5.63 11.26
CA ALA C 13 4.53 -5.77 9.95
C ALA C 13 4.25 -4.39 9.37
N ASN C 14 4.19 -3.39 10.21
CA ASN C 14 3.92 -2.01 9.72
C ASN C 14 5.18 -1.42 9.10
N ILE C 15 6.32 -1.69 9.68
CA ILE C 15 7.59 -1.14 9.12
C ILE C 15 7.67 -1.46 7.63
N ILE C 16 7.34 -2.67 7.25
CA ILE C 16 7.39 -3.02 5.80
C ILE C 16 6.14 -2.48 5.10
N GLY C 17 5.01 -2.56 5.75
CA GLY C 17 3.76 -2.06 5.13
C GLY C 17 3.97 -0.61 4.69
N ILE C 18 4.57 0.19 5.54
CA ILE C 18 4.81 1.62 5.18
C ILE C 18 5.89 1.68 4.08
N LEU C 19 7.03 1.09 4.32
CA LEU C 19 8.10 1.12 3.28
C LEU C 19 7.49 0.69 1.95
N HIS C 20 6.53 -0.19 1.98
CA HIS C 20 5.88 -0.65 0.73
C HIS C 20 5.17 0.52 0.07
N LEU C 21 4.25 1.12 0.78
CA LEU C 21 3.50 2.28 0.21
C LEU C 21 4.49 3.31 -0.35
N ILE C 22 5.60 3.49 0.31
CA ILE C 22 6.61 4.47 -0.20
C ILE C 22 7.23 3.95 -1.50
N LEU C 23 7.34 2.66 -1.65
CA LEU C 23 7.94 2.09 -2.89
C LEU C 23 6.89 2.05 -4.00
N TRP C 24 5.77 1.42 -3.73
CA TRP C 24 4.70 1.33 -4.77
C TRP C 24 4.40 2.72 -5.34
N ILE C 25 4.30 3.72 -4.50
CA ILE C 25 4.01 5.09 -5.01
C ILE C 25 5.24 5.64 -5.73
N LEU C 26 6.40 5.50 -5.14
CA LEU C 26 7.63 6.03 -5.81
C LEU C 26 7.65 5.55 -7.26
N ASP C 27 7.13 4.38 -7.51
CA ASP C 27 7.11 3.85 -8.89
C ASP C 27 6.00 4.54 -9.69
N ARG C 28 4.83 4.66 -9.12
CA ARG C 28 3.71 5.32 -9.85
C ARG C 28 4.19 6.66 -10.41
N LEU C 29 5.05 7.34 -9.71
CA LEU C 29 5.54 8.65 -10.20
C LEU C 29 6.83 8.45 -11.00
N PHE C 30 7.79 7.77 -10.43
CA PHE C 30 9.07 7.54 -11.15
C PHE C 30 9.04 6.16 -11.82
N PHE C 31 7.91 5.76 -12.32
CA PHE C 31 7.81 4.43 -12.98
C PHE C 31 8.92 4.30 -14.03
N LYS C 32 9.28 5.39 -14.68
CA LYS C 32 10.35 5.32 -15.71
C LYS C 32 11.68 4.95 -15.05
N SER C 33 11.93 5.45 -13.87
CA SER C 33 13.20 5.12 -13.17
C SER C 33 13.21 3.63 -12.80
N ILE C 34 12.20 3.19 -12.10
CA ILE C 34 12.14 1.75 -11.70
C ILE C 34 12.34 0.87 -12.94
N TYR C 35 11.81 1.29 -14.06
CA TYR C 35 11.96 0.47 -15.29
C TYR C 35 13.42 0.50 -15.76
N ARG C 36 13.97 1.68 -15.93
CA ARG C 36 15.39 1.78 -16.37
C ARG C 36 16.30 1.13 -15.33
N PHE C 37 15.94 1.23 -14.07
CA PHE C 37 16.79 0.61 -13.00
C PHE C 37 16.89 -0.89 -13.23
N PHE C 38 15.78 -1.58 -13.22
CA PHE C 38 15.81 -3.05 -13.43
C PHE C 38 15.93 -3.35 -14.93
N GLU C 39 14.90 -3.08 -15.68
CA GLU C 39 14.95 -3.34 -17.15
C GLU C 39 15.07 -4.86 -17.38
N HIS C 40 15.02 -5.27 -18.62
CA HIS C 40 15.13 -6.73 -18.92
C HIS C 40 16.54 -7.22 -18.59
N GLY C 41 16.70 -8.49 -18.32
CA GLY C 41 18.05 -9.02 -18.00
C GLY C 41 18.31 -8.85 -16.49
N LEU C 42 18.00 -9.85 -15.71
CA LEU C 42 18.23 -9.74 -14.24
C LEU C 42 19.74 -9.69 -13.97
N LYS C 43 20.52 -10.27 -14.82
CA LYS C 43 22.00 -10.25 -14.61
C LYS C 43 22.50 -8.81 -14.66
N ARG D 1 -13.53 -12.68 28.51
CA ARG D 1 -12.33 -12.18 29.26
C ARG D 1 -11.15 -12.09 28.30
N SER D 2 -11.05 -12.98 27.36
CA SER D 2 -9.92 -12.93 26.40
C SER D 2 -10.20 -13.88 25.23
N ASN D 3 -11.23 -13.61 24.47
CA ASN D 3 -11.57 -14.48 23.32
C ASN D 3 -10.63 -14.18 22.14
N ASP D 4 -9.83 -13.14 22.27
CA ASP D 4 -8.91 -12.78 21.16
C ASP D 4 -7.92 -11.72 21.65
N SER D 5 -7.05 -12.08 22.55
CA SER D 5 -6.06 -11.08 23.07
C SER D 5 -5.00 -10.81 21.99
N SER D 6 -4.58 -11.82 21.28
CA SER D 6 -3.56 -11.62 20.21
C SER D 6 -4.25 -11.15 18.92
N ASP D 7 -5.45 -11.60 18.69
CA ASP D 7 -6.18 -11.19 17.46
C ASP D 7 -5.31 -11.48 16.23
N PRO D 8 -5.12 -12.73 15.89
CA PRO D 8 -4.29 -13.10 14.73
C PRO D 8 -4.89 -12.64 13.40
N LEU D 9 -6.19 -12.48 13.35
CA LEU D 9 -6.84 -12.03 12.09
C LEU D 9 -6.08 -10.81 11.53
N VAL D 10 -5.69 -9.91 12.39
CA VAL D 10 -4.95 -8.70 11.91
C VAL D 10 -3.60 -9.13 11.32
N VAL D 11 -2.94 -10.08 11.92
CA VAL D 11 -1.64 -10.54 11.38
C VAL D 11 -1.84 -11.16 10.00
N ALA D 12 -2.66 -12.18 9.91
CA ALA D 12 -2.90 -12.84 8.60
C ALA D 12 -3.15 -11.76 7.54
N ALA D 13 -3.90 -10.74 7.90
CA ALA D 13 -4.18 -9.65 6.92
C ALA D 13 -2.91 -8.82 6.70
N ASN D 14 -2.13 -8.64 7.73
CA ASN D 14 -0.88 -7.84 7.58
C ASN D 14 0.08 -8.58 6.65
N ILE D 15 0.53 -9.75 7.03
CA ILE D 15 1.46 -10.51 6.16
C ILE D 15 0.88 -10.55 4.75
N ILE D 16 -0.43 -10.70 4.63
CA ILE D 16 -1.04 -10.73 3.29
C ILE D 16 -0.65 -9.45 2.55
N GLY D 17 -0.68 -8.33 3.23
CA GLY D 17 -0.30 -7.05 2.56
C GLY D 17 1.13 -7.17 2.03
N ILE D 18 2.02 -7.70 2.83
CA ILE D 18 3.43 -7.86 2.35
C ILE D 18 3.42 -8.73 1.10
N LEU D 19 2.79 -9.87 1.17
CA LEU D 19 2.72 -10.78 -0.01
C LEU D 19 2.07 -10.04 -1.18
N HIS D 20 1.07 -9.25 -0.93
CA HIS D 20 0.40 -8.53 -2.04
C HIS D 20 1.46 -7.78 -2.85
N LEU D 21 2.33 -7.05 -2.20
CA LEU D 21 3.36 -6.32 -2.98
C LEU D 21 4.29 -7.32 -3.68
N ILE D 22 4.63 -8.40 -3.03
CA ILE D 22 5.54 -9.39 -3.69
C ILE D 22 4.98 -9.67 -5.09
N LEU D 23 3.69 -9.76 -5.20
CA LEU D 23 3.08 -10.00 -6.55
C LEU D 23 3.19 -8.72 -7.38
N TRP D 24 3.08 -7.59 -6.73
CA TRP D 24 3.18 -6.29 -7.46
C TRP D 24 4.57 -6.18 -8.10
N ILE D 25 5.60 -6.29 -7.31
CA ILE D 25 6.97 -6.18 -7.87
C ILE D 25 7.22 -7.32 -8.87
N LEU D 26 6.73 -8.49 -8.58
CA LEU D 26 6.94 -9.64 -9.51
C LEU D 26 6.28 -9.33 -10.85
N ASP D 27 5.13 -8.70 -10.83
CA ASP D 27 4.44 -8.38 -12.11
C ASP D 27 5.27 -7.36 -12.88
N ARG D 28 5.69 -6.31 -12.23
CA ARG D 28 6.50 -5.27 -12.92
C ARG D 28 7.77 -5.92 -13.50
N LEU D 29 8.38 -6.81 -12.77
CA LEU D 29 9.61 -7.48 -13.29
C LEU D 29 9.25 -8.33 -14.51
N PHE D 30 8.10 -8.96 -14.49
CA PHE D 30 7.70 -9.80 -15.65
C PHE D 30 6.96 -8.95 -16.68
N PHE D 31 6.60 -9.53 -17.79
CA PHE D 31 5.88 -8.76 -18.84
C PHE D 31 5.00 -9.71 -19.66
N LYS D 32 3.88 -9.23 -20.12
CA LYS D 32 2.98 -10.11 -20.93
C LYS D 32 3.36 -10.01 -22.40
N SER D 33 4.60 -9.77 -22.69
CA SER D 33 5.03 -9.66 -24.12
C SER D 33 4.72 -10.97 -24.84
N ILE D 34 4.49 -12.03 -24.10
CA ILE D 34 4.18 -13.33 -24.75
C ILE D 34 2.84 -13.24 -25.48
N TYR D 35 2.82 -13.62 -26.73
CA TYR D 35 1.55 -13.55 -27.52
C TYR D 35 0.52 -14.48 -26.89
N ARG D 36 -0.70 -14.43 -27.34
CA ARG D 36 -1.75 -15.32 -26.77
C ARG D 36 -1.68 -16.69 -27.43
N PHE D 37 -2.30 -17.68 -26.85
CA PHE D 37 -2.25 -19.04 -27.46
C PHE D 37 -3.54 -19.80 -27.11
N PHE D 38 -3.79 -20.91 -27.75
CA PHE D 38 -5.01 -21.69 -27.45
C PHE D 38 -4.74 -23.18 -27.63
N GLU D 39 -5.56 -24.02 -27.06
CA GLU D 39 -5.33 -25.49 -27.20
C GLU D 39 -5.90 -25.97 -28.53
N HIS D 40 -5.63 -27.19 -28.90
CA HIS D 40 -6.16 -27.72 -30.20
C HIS D 40 -5.74 -26.78 -31.33
N GLY D 41 -4.47 -26.69 -31.60
CA GLY D 41 -4.00 -25.80 -32.70
C GLY D 41 -2.56 -26.12 -33.05
N LEU D 42 -2.00 -27.13 -32.43
CA LEU D 42 -0.59 -27.51 -32.72
C LEU D 42 -0.54 -28.37 -33.99
N LYS D 43 0.63 -28.60 -34.52
CA LYS D 43 0.74 -29.43 -35.74
C LYS D 43 2.06 -30.20 -35.73
N ARG A 1 2.79 12.48 27.84
CA ARG A 1 2.49 11.02 27.93
C ARG A 1 3.72 10.28 28.50
N SER A 2 3.49 9.25 29.27
CA SER A 2 4.63 8.50 29.86
C SER A 2 4.20 7.08 30.17
N ASN A 3 3.99 6.27 29.15
CA ASN A 3 3.56 4.87 29.38
C ASN A 3 3.95 4.01 28.18
N ASP A 4 3.58 2.76 28.19
CA ASP A 4 3.92 1.87 27.04
C ASP A 4 3.12 0.57 27.16
N SER A 5 1.82 0.66 27.21
CA SER A 5 0.98 -0.56 27.31
C SER A 5 1.26 -1.47 26.11
N SER A 6 0.79 -1.09 24.95
CA SER A 6 1.03 -1.94 23.75
C SER A 6 1.02 -1.05 22.50
N ASP A 7 1.10 0.24 22.68
CA ASP A 7 1.09 1.16 21.50
C ASP A 7 -0.02 0.76 20.54
N PRO A 8 -1.26 0.97 20.92
CA PRO A 8 -2.42 0.61 20.06
C PRO A 8 -2.47 1.46 18.78
N LEU A 9 -1.95 2.65 18.83
CA LEU A 9 -1.97 3.53 17.63
C LEU A 9 -1.42 2.76 16.42
N VAL A 10 -0.22 2.25 16.54
CA VAL A 10 0.37 1.48 15.41
C VAL A 10 -0.62 0.42 14.93
N VAL A 11 -1.08 -0.42 15.83
CA VAL A 11 -2.05 -1.47 15.43
C VAL A 11 -3.17 -0.84 14.61
N ALA A 12 -3.95 0.03 15.21
CA ALA A 12 -5.05 0.67 14.45
C ALA A 12 -4.48 1.22 13.14
N ALA A 13 -3.20 1.39 13.06
CA ALA A 13 -2.57 1.90 11.82
C ALA A 13 -2.35 0.75 10.85
N ASN A 14 -2.14 -0.43 11.36
CA ASN A 14 -1.92 -1.61 10.47
C ASN A 14 -3.24 -2.03 9.85
N ILE A 15 -4.30 -2.05 10.61
CA ILE A 15 -5.62 -2.46 10.06
C ILE A 15 -5.91 -1.64 8.79
N ILE A 16 -5.65 -0.37 8.82
CA ILE A 16 -5.92 0.46 7.60
C ILE A 16 -4.84 0.16 6.56
N GLY A 17 -3.63 -0.06 6.98
CA GLY A 17 -2.56 -0.37 6.00
C GLY A 17 -3.03 -1.49 5.08
N ILE A 18 -3.66 -2.49 5.63
CA ILE A 18 -4.16 -3.61 4.79
C ILE A 18 -5.35 -3.13 3.96
N LEU A 19 -6.34 -2.56 4.62
CA LEU A 19 -7.53 -2.06 3.87
C LEU A 19 -7.06 -1.22 2.68
N HIS A 20 -6.02 -0.45 2.86
CA HIS A 20 -5.51 0.40 1.74
C HIS A 20 -4.93 -0.51 0.65
N LEU A 21 -4.17 -1.50 1.04
CA LEU A 21 -3.57 -2.41 0.03
C LEU A 21 -4.67 -3.10 -0.77
N ILE A 22 -5.64 -3.67 -0.10
CA ILE A 22 -6.73 -4.37 -0.83
C ILE A 22 -7.56 -3.35 -1.63
N LEU A 23 -7.57 -2.11 -1.22
CA LEU A 23 -8.36 -1.08 -1.94
C LEU A 23 -7.59 -0.60 -3.18
N TRP A 24 -6.42 -0.06 -2.98
CA TRP A 24 -5.62 0.43 -4.14
C TRP A 24 -5.52 -0.65 -5.21
N ILE A 25 -5.29 -1.89 -4.82
CA ILE A 25 -5.19 -2.97 -5.83
C ILE A 25 -6.57 -3.28 -6.41
N LEU A 26 -7.58 -3.34 -5.58
CA LEU A 26 -8.94 -3.65 -6.09
C LEU A 26 -9.23 -2.76 -7.30
N ASP A 27 -8.85 -1.51 -7.23
CA ASP A 27 -9.09 -0.59 -8.36
C ASP A 27 -8.11 -0.89 -9.49
N ARG A 28 -6.88 -1.20 -9.16
CA ARG A 28 -5.88 -1.51 -10.22
C ARG A 28 -6.45 -2.57 -11.17
N LEU A 29 -7.19 -3.52 -10.65
CA LEU A 29 -7.77 -4.57 -11.52
C LEU A 29 -9.17 -4.15 -11.95
N PHE A 30 -9.99 -3.73 -11.02
CA PHE A 30 -11.38 -3.32 -11.37
C PHE A 30 -11.42 -1.80 -11.57
N PHE A 31 -10.37 -1.24 -12.11
CA PHE A 31 -10.35 0.23 -12.34
C PHE A 31 -11.60 0.65 -13.11
N LYS A 32 -12.08 -0.19 -13.98
CA LYS A 32 -13.31 0.17 -14.76
C LYS A 32 -14.52 0.20 -13.83
N SER A 33 -14.58 -0.70 -12.88
CA SER A 33 -15.73 -0.72 -11.93
C SER A 33 -15.61 0.44 -10.95
N ILE A 34 -14.52 0.50 -10.22
CA ILE A 34 -14.35 1.61 -9.24
C ILE A 34 -14.57 2.95 -9.95
N TYR A 35 -14.21 3.05 -11.20
CA TYR A 35 -14.39 4.33 -11.93
C TYR A 35 -15.87 4.50 -12.30
N ARG A 36 -16.43 3.55 -12.99
CA ARG A 36 -17.87 3.66 -13.37
C ARG A 36 -18.74 3.71 -12.10
N PHE A 37 -18.24 3.18 -11.02
CA PHE A 37 -19.03 3.21 -9.75
C PHE A 37 -19.10 4.64 -9.23
N PHE A 38 -18.04 5.38 -9.33
CA PHE A 38 -18.04 6.79 -8.84
C PHE A 38 -19.10 7.59 -9.60
N GLU A 39 -19.15 7.43 -10.90
CA GLU A 39 -20.16 8.18 -11.70
C GLU A 39 -21.54 7.97 -11.11
N HIS A 40 -21.77 6.84 -10.47
CA HIS A 40 -23.11 6.58 -9.87
C HIS A 40 -23.29 7.46 -8.63
N GLY A 41 -24.49 7.89 -8.38
CA GLY A 41 -24.74 8.75 -7.18
C GLY A 41 -26.13 8.48 -6.62
N LEU A 42 -26.23 8.31 -5.33
CA LEU A 42 -27.57 8.03 -4.73
C LEU A 42 -28.42 9.30 -4.77
N LYS A 43 -27.82 10.45 -4.65
CA LYS A 43 -28.59 11.71 -4.69
C LYS A 43 -29.34 11.82 -6.02
N ARG B 1 14.44 9.75 19.60
CA ARG B 1 15.63 10.57 19.98
C ARG B 1 15.95 10.35 21.46
N SER B 2 15.02 10.66 22.32
CA SER B 2 15.26 10.47 23.78
C SER B 2 13.92 10.39 24.52
N ASN B 3 13.88 9.71 25.63
CA ASN B 3 12.61 9.60 26.39
C ASN B 3 11.51 9.11 25.46
N ASP B 4 11.78 8.10 24.68
CA ASP B 4 10.74 7.58 23.74
C ASP B 4 9.96 6.46 24.42
N SER B 5 8.72 6.28 24.05
CA SER B 5 7.90 5.20 24.68
C SER B 5 6.90 4.66 23.65
N SER B 6 6.06 5.51 23.12
CA SER B 6 5.06 5.03 22.12
C SER B 6 5.72 5.01 20.73
N ASP B 7 6.95 5.39 20.64
CA ASP B 7 7.64 5.39 19.32
C ASP B 7 6.80 6.16 18.30
N PRO B 8 6.72 7.46 18.44
CA PRO B 8 5.92 8.29 17.49
C PRO B 8 6.47 8.27 16.07
N LEU B 9 7.75 8.08 15.93
CA LEU B 9 8.35 8.04 14.57
C LEU B 9 7.57 7.06 13.70
N VAL B 10 7.38 5.85 14.17
CA VAL B 10 6.63 4.85 13.38
C VAL B 10 5.24 5.40 13.05
N VAL B 11 4.61 6.03 14.00
CA VAL B 11 3.24 6.59 13.74
C VAL B 11 3.33 7.63 12.63
N ALA B 12 4.15 8.62 12.79
CA ALA B 12 4.28 9.67 11.74
C ALA B 12 4.42 8.99 10.37
N ALA B 13 5.15 7.91 10.32
CA ALA B 13 5.32 7.20 9.02
C ALA B 13 4.03 6.49 8.64
N ASN B 14 3.31 5.98 9.61
CA ASN B 14 2.03 5.28 9.31
C ASN B 14 1.01 6.29 8.77
N ILE B 15 0.70 7.30 9.53
CA ILE B 15 -0.28 8.31 9.06
C ILE B 15 0.18 8.83 7.70
N ILE B 16 1.46 8.97 7.51
CA ILE B 16 1.98 9.46 6.20
C ILE B 16 1.51 8.50 5.11
N GLY B 17 1.62 7.22 5.34
CA GLY B 17 1.17 6.24 4.32
C GLY B 17 -0.30 6.50 3.98
N ILE B 18 -1.09 6.78 4.98
CA ILE B 18 -2.53 7.06 4.71
C ILE B 18 -2.63 8.29 3.81
N LEU B 19 -1.76 9.24 4.01
CA LEU B 19 -1.79 10.46 3.16
C LEU B 19 -1.40 10.07 1.72
N HIS B 20 -0.49 9.14 1.58
CA HIS B 20 -0.08 8.74 0.22
C HIS B 20 -1.30 8.23 -0.54
N LEU B 21 -2.04 7.32 0.03
CA LEU B 21 -3.24 6.82 -0.69
C LEU B 21 -4.23 7.96 -0.90
N ILE B 22 -4.41 8.82 0.07
CA ILE B 22 -5.37 9.94 -0.11
C ILE B 22 -5.10 10.60 -1.46
N LEU B 23 -3.85 10.81 -1.78
CA LEU B 23 -3.53 11.43 -3.10
C LEU B 23 -3.93 10.45 -4.21
N TRP B 24 -3.66 9.19 -4.03
CA TRP B 24 -4.04 8.18 -5.06
C TRP B 24 -5.55 8.23 -5.28
N ILE B 25 -6.32 8.31 -4.23
CA ILE B 25 -7.80 8.37 -4.40
C ILE B 25 -8.16 9.56 -5.28
N LEU B 26 -7.74 10.74 -4.92
CA LEU B 26 -8.05 11.95 -5.73
C LEU B 26 -7.45 11.78 -7.13
N ASP B 27 -6.47 10.93 -7.27
CA ASP B 27 -5.85 10.74 -8.61
C ASP B 27 -6.74 9.83 -9.46
N ARG B 28 -6.98 8.63 -9.01
CA ARG B 28 -7.85 7.70 -9.79
C ARG B 28 -9.23 8.33 -9.97
N LEU B 29 -9.68 9.06 -8.99
CA LEU B 29 -11.02 9.70 -9.10
C LEU B 29 -10.97 10.84 -10.13
N PHE B 30 -9.98 11.68 -10.04
CA PHE B 30 -9.87 12.81 -11.01
C PHE B 30 -11.17 13.62 -11.00
N PHE B 31 -11.52 14.19 -9.88
CA PHE B 31 -12.78 14.99 -9.81
C PHE B 31 -12.83 15.74 -8.48
N LYS B 32 -12.68 17.03 -8.50
CA LYS B 32 -12.72 17.82 -7.24
C LYS B 32 -14.15 18.32 -7.00
N SER B 33 -14.33 19.18 -6.04
CA SER B 33 -15.69 19.71 -5.76
C SER B 33 -16.67 18.54 -5.63
N ILE B 34 -16.90 18.08 -4.44
CA ILE B 34 -17.85 16.94 -4.25
C ILE B 34 -19.24 17.35 -4.76
N TYR B 35 -19.66 18.54 -4.45
CA TYR B 35 -21.01 18.99 -4.91
C TYR B 35 -20.99 19.16 -6.43
N ARG B 36 -21.49 20.25 -6.92
CA ARG B 36 -21.50 20.48 -8.39
C ARG B 36 -21.55 21.98 -8.67
N PHE B 37 -21.55 22.79 -7.65
CA PHE B 37 -21.60 24.27 -7.86
C PHE B 37 -20.82 24.97 -6.75
N PHE B 38 -21.29 24.89 -5.54
CA PHE B 38 -20.57 25.55 -4.42
C PHE B 38 -21.24 25.16 -3.09
N GLU B 39 -20.51 25.27 -2.01
CA GLU B 39 -21.10 24.91 -0.68
C GLU B 39 -21.93 26.09 -0.15
N HIS B 40 -21.46 27.29 -0.34
CA HIS B 40 -22.23 28.47 0.15
C HIS B 40 -21.79 29.72 -0.62
N GLY B 41 -22.73 30.49 -1.10
CA GLY B 41 -22.36 31.71 -1.86
C GLY B 41 -23.58 32.22 -2.63
N LEU B 42 -24.21 31.37 -3.40
CA LEU B 42 -25.40 31.79 -4.17
C LEU B 42 -26.16 30.56 -4.66
N LYS B 43 -27.30 30.29 -4.10
CA LYS B 43 -28.09 29.10 -4.52
C LYS B 43 -28.83 29.42 -5.82
N ARG C 1 1.12 -20.42 22.81
CA ARG C 1 1.47 -19.05 23.30
C ARG C 1 0.38 -18.56 24.23
N SER C 2 0.73 -17.82 25.24
CA SER C 2 -0.28 -17.30 26.20
C SER C 2 0.23 -16.02 26.86
N ASN C 3 0.30 -14.94 26.12
CA ASN C 3 0.80 -13.67 26.70
C ASN C 3 0.26 -12.49 25.89
N ASP C 4 0.64 -11.29 26.23
CA ASP C 4 0.16 -10.11 25.47
C ASP C 4 1.00 -8.88 25.85
N SER C 5 2.29 -8.96 25.68
CA SER C 5 3.16 -7.80 26.02
C SER C 5 2.73 -6.58 25.21
N SER C 6 3.01 -6.57 23.93
CA SER C 6 2.62 -5.41 23.09
C SER C 6 2.40 -5.88 21.65
N ASP C 7 2.34 -7.16 21.43
CA ASP C 7 2.14 -7.67 20.05
C ASP C 7 3.11 -6.98 19.09
N PRO C 8 4.38 -7.27 19.21
CA PRO C 8 5.40 -6.63 18.32
C PRO C 8 5.24 -7.06 16.85
N LEU C 9 4.70 -8.21 16.62
CA LEU C 9 4.52 -8.68 15.22
C LEU C 9 3.81 -7.60 14.40
N VAL C 10 2.67 -7.17 14.85
CA VAL C 10 1.93 -6.11 14.10
C VAL C 10 2.86 -4.94 13.84
N VAL C 11 3.46 -4.40 14.87
CA VAL C 11 4.39 -3.26 14.67
C VAL C 11 5.36 -3.58 13.54
N ALA C 12 6.19 -4.57 13.71
CA ALA C 12 7.15 -4.93 12.63
C ALA C 12 6.38 -5.05 11.31
N ALA C 13 5.09 -5.23 11.39
CA ALA C 13 4.28 -5.35 10.15
C ALA C 13 3.94 -3.96 9.63
N ASN C 14 3.85 -2.99 10.51
CA ASN C 14 3.51 -1.62 10.06
C ASN C 14 4.74 -0.99 9.39
N ILE C 15 5.90 -1.18 9.98
CA ILE C 15 7.13 -0.60 9.38
C ILE C 15 7.21 -0.97 7.89
N ILE C 16 6.93 -2.21 7.57
CA ILE C 16 6.99 -2.62 6.14
C ILE C 16 5.77 -2.04 5.40
N GLY C 17 4.65 -1.98 6.05
CA GLY C 17 3.44 -1.42 5.39
C GLY C 17 3.80 -0.05 4.78
N ILE C 18 4.53 0.75 5.51
CA ILE C 18 4.93 2.08 4.98
C ILE C 18 5.97 1.90 3.88
N LEU C 19 7.03 1.18 4.17
CA LEU C 19 8.08 0.96 3.13
C LEU C 19 7.42 0.51 1.83
N HIS C 20 6.40 -0.30 1.93
CA HIS C 20 5.70 -0.78 0.71
C HIS C 20 4.98 0.40 0.04
N LEU C 21 4.32 1.20 0.82
CA LEU C 21 3.60 2.37 0.24
C LEU C 21 4.58 3.30 -0.47
N ILE C 22 5.65 3.66 0.18
CA ILE C 22 6.64 4.57 -0.45
C ILE C 22 7.32 3.87 -1.63
N LEU C 23 7.35 2.56 -1.63
CA LEU C 23 8.00 1.81 -2.75
C LEU C 23 7.04 1.72 -3.93
N TRP C 24 5.90 1.12 -3.74
CA TRP C 24 4.92 0.98 -4.85
C TRP C 24 4.68 2.34 -5.51
N ILE C 25 4.55 3.39 -4.74
CA ILE C 25 4.31 4.73 -5.35
C ILE C 25 5.61 5.23 -6.00
N LEU C 26 6.73 5.06 -5.36
CA LEU C 26 8.01 5.53 -5.96
C LEU C 26 8.09 5.06 -7.41
N ASP C 27 7.69 3.85 -7.66
CA ASP C 27 7.74 3.32 -9.04
C ASP C 27 6.60 3.93 -9.87
N ARG C 28 5.45 4.10 -9.27
CA ARG C 28 4.31 4.70 -10.02
C ARG C 28 4.75 6.00 -10.68
N LEU C 29 5.58 6.76 -10.01
CA LEU C 29 6.06 8.04 -10.60
C LEU C 29 7.38 7.81 -11.35
N PHE C 30 8.31 7.15 -10.72
CA PHE C 30 9.62 6.89 -11.39
C PHE C 30 9.58 5.51 -12.05
N PHE C 31 8.46 5.11 -12.56
CA PHE C 31 8.36 3.78 -13.23
C PHE C 31 9.48 3.64 -14.27
N LYS C 32 9.84 4.72 -14.91
CA LYS C 32 10.92 4.65 -15.93
C LYS C 32 12.26 4.36 -15.24
N SER C 33 12.48 4.93 -14.09
CA SER C 33 13.77 4.69 -13.37
C SER C 33 13.76 3.28 -12.78
N ILE C 34 12.81 2.97 -11.95
CA ILE C 34 12.76 1.61 -11.33
C ILE C 34 12.83 0.55 -12.44
N TYR C 35 12.28 0.84 -13.59
CA TYR C 35 12.32 -0.15 -14.70
C TYR C 35 13.72 -0.17 -15.32
N ARG C 36 14.20 0.96 -15.77
CA ARG C 36 15.56 1.00 -16.37
C ARG C 36 16.59 0.58 -15.34
N PHE C 37 16.29 0.74 -14.08
CA PHE C 37 17.26 0.34 -13.01
C PHE C 37 17.37 -1.17 -12.97
N PHE C 38 16.28 -1.87 -13.13
CA PHE C 38 16.34 -3.35 -13.09
C PHE C 38 17.24 -3.86 -14.22
N GLU C 39 17.10 -3.32 -15.40
CA GLU C 39 17.95 -3.76 -16.53
C GLU C 39 19.42 -3.72 -16.12
N HIS C 40 19.76 -2.83 -15.22
CA HIS C 40 21.18 -2.74 -14.77
C HIS C 40 21.53 -3.94 -13.91
N GLY C 41 22.75 -4.41 -13.97
CA GLY C 41 23.14 -5.58 -13.15
C GLY C 41 24.61 -5.45 -12.74
N LEU C 42 24.92 -5.69 -11.50
CA LEU C 42 26.33 -5.59 -11.05
C LEU C 42 27.14 -6.76 -11.61
N LYS C 43 26.52 -7.90 -11.75
CA LYS C 43 27.26 -9.09 -12.29
C LYS C 43 27.78 -8.75 -13.68
N ARG D 1 -11.56 -15.58 17.66
CA ARG D 1 -12.70 -16.49 17.95
C ARG D 1 -12.78 -16.75 19.45
N SER D 2 -11.73 -17.29 20.03
CA SER D 2 -11.76 -17.56 21.49
C SER D 2 -10.32 -17.67 22.01
N ASN D 3 -10.10 -17.37 23.26
CA ASN D 3 -8.72 -17.46 23.81
C ASN D 3 -7.76 -16.68 22.92
N ASP D 4 -8.12 -15.49 22.53
CA ASP D 4 -7.22 -14.68 21.65
C ASP D 4 -6.31 -13.81 22.52
N SER D 5 -5.15 -13.50 22.03
CA SER D 5 -4.21 -12.64 22.83
C SER D 5 -3.38 -11.79 21.88
N SER D 6 -2.63 -12.42 21.00
CA SER D 6 -1.80 -11.64 20.05
C SER D 6 -2.64 -11.21 18.85
N ASP D 7 -3.89 -11.58 18.83
CA ASP D 7 -4.77 -11.19 17.70
C ASP D 7 -4.11 -11.59 16.37
N PRO D 8 -4.04 -12.87 16.10
CA PRO D 8 -3.41 -13.36 14.84
C PRO D 8 -4.18 -12.91 13.59
N LEU D 9 -5.46 -12.72 13.70
CA LEU D 9 -6.26 -12.28 12.52
C LEU D 9 -5.59 -11.06 11.89
N VAL D 10 -5.30 -10.05 12.67
CA VAL D 10 -4.65 -8.83 12.11
C VAL D 10 -3.34 -9.23 11.44
N VAL D 11 -2.59 -10.11 12.03
CA VAL D 11 -1.30 -10.53 11.42
C VAL D 11 -1.58 -11.18 10.07
N ALA D 12 -2.39 -12.20 10.04
CA ALA D 12 -2.70 -12.88 8.76
C ALA D 12 -3.04 -11.82 7.71
N ALA D 13 -3.73 -10.78 8.08
CA ALA D 13 -4.08 -9.72 7.11
C ALA D 13 -2.84 -8.89 6.78
N ASN D 14 -1.97 -8.70 7.73
CA ASN D 14 -0.73 -7.90 7.47
C ASN D 14 0.17 -8.67 6.51
N ILE D 15 0.57 -9.87 6.87
CA ILE D 15 1.44 -10.65 5.96
C ILE D 15 0.75 -10.75 4.59
N ILE D 16 -0.54 -10.86 4.56
CA ILE D 16 -1.26 -10.94 3.26
C ILE D 16 -0.94 -9.68 2.45
N GLY D 17 -0.97 -8.53 3.08
CA GLY D 17 -0.66 -7.28 2.35
C GLY D 17 0.73 -7.39 1.73
N ILE D 18 1.66 -7.94 2.46
CA ILE D 18 3.04 -8.10 1.91
C ILE D 18 2.97 -8.99 0.68
N LEU D 19 2.11 -9.97 0.70
CA LEU D 19 1.99 -10.87 -0.48
C LEU D 19 1.39 -10.08 -1.65
N HIS D 20 0.50 -9.18 -1.36
CA HIS D 20 -0.10 -8.38 -2.46
C HIS D 20 1.01 -7.64 -3.20
N LEU D 21 1.84 -6.93 -2.50
CA LEU D 21 2.93 -6.20 -3.20
C LEU D 21 3.86 -7.20 -3.90
N ILE D 22 4.14 -8.32 -3.27
CA ILE D 22 5.04 -9.30 -3.92
C ILE D 22 4.55 -9.53 -5.36
N LEU D 23 3.27 -9.66 -5.55
CA LEU D 23 2.73 -9.85 -6.92
C LEU D 23 3.00 -8.58 -7.73
N TRP D 24 2.78 -7.43 -7.13
CA TRP D 24 3.02 -6.15 -7.85
C TRP D 24 4.48 -6.09 -8.31
N ILE D 25 5.41 -6.48 -7.46
CA ILE D 25 6.84 -6.45 -7.86
C ILE D 25 7.02 -7.31 -9.11
N LEU D 26 6.63 -8.55 -9.05
CA LEU D 26 6.80 -9.44 -10.23
C LEU D 26 6.00 -8.88 -11.41
N ASP D 27 5.02 -8.05 -11.13
CA ASP D 27 4.21 -7.46 -12.24
C ASP D 27 4.99 -6.33 -12.89
N ARG D 28 5.32 -5.31 -12.14
CA ARG D 28 6.08 -4.17 -12.73
C ARG D 28 7.41 -4.68 -13.29
N LEU D 29 7.99 -5.67 -12.66
CA LEU D 29 9.28 -6.21 -13.17
C LEU D 29 9.04 -6.98 -14.47
N PHE D 30 8.06 -7.84 -14.50
CA PHE D 30 7.78 -8.61 -15.73
C PHE D 30 9.05 -9.35 -16.16
N PHE D 31 9.54 -10.23 -15.34
CA PHE D 31 10.77 -10.99 -15.71
C PHE D 31 11.01 -12.10 -14.69
N LYS D 32 10.82 -13.33 -15.09
CA LYS D 32 11.03 -14.47 -14.15
C LYS D 32 12.47 -14.99 -14.29
N SER D 33 12.76 -16.10 -13.68
CA SER D 33 14.15 -16.65 -13.78
C SER D 33 15.16 -15.56 -13.45
N ILE D 34 15.59 -15.47 -12.22
CA ILE D 34 16.58 -14.43 -11.85
C ILE D 34 17.86 -14.63 -12.66
N TYR D 35 18.30 -15.84 -12.79
CA TYR D 35 19.55 -16.11 -13.57
C TYR D 35 19.29 -15.80 -15.04
N ARG D 36 19.69 -16.69 -15.92
CA ARG D 36 19.47 -16.46 -17.37
C ARG D 36 19.44 -17.79 -18.11
N PHE D 37 19.56 -18.88 -17.38
CA PHE D 37 19.55 -20.22 -18.04
C PHE D 37 18.93 -21.25 -17.10
N PHE D 38 19.59 -21.53 -16.00
CA PHE D 38 19.03 -22.51 -15.03
C PHE D 38 19.89 -22.53 -13.77
N GLU D 39 19.35 -22.99 -12.67
CA GLU D 39 20.13 -23.03 -11.41
C GLU D 39 21.00 -24.30 -11.40
N HIS D 40 20.48 -25.39 -11.86
CA HIS D 40 21.28 -26.65 -11.87
C HIS D 40 20.70 -27.61 -12.92
N GLY D 41 21.53 -28.18 -13.75
CA GLY D 41 21.02 -29.13 -14.77
C GLY D 41 22.10 -29.34 -15.84
N LEU D 42 22.62 -28.28 -16.40
CA LEU D 42 23.68 -28.43 -17.44
C LEU D 42 24.38 -27.09 -17.64
N LYS D 43 25.61 -26.97 -17.19
CA LYS D 43 26.35 -25.70 -17.36
C LYS D 43 26.89 -25.59 -18.79
N ARG A 1 -2.20 1.54 35.11
CA ARG A 1 -1.78 2.00 33.75
C ARG A 1 -3.01 2.11 32.85
N SER A 2 -4.17 1.81 33.37
CA SER A 2 -5.40 1.88 32.53
C SER A 2 -5.51 3.28 31.90
N ASN A 3 -5.34 3.36 30.61
CA ASN A 3 -5.43 4.69 29.93
C ASN A 3 -5.96 4.51 28.52
N ASP A 4 -5.19 3.89 27.66
CA ASP A 4 -5.66 3.69 26.25
C ASP A 4 -6.78 2.64 26.24
N SER A 5 -7.94 3.00 25.76
CA SER A 5 -9.07 2.03 25.73
C SER A 5 -8.64 0.80 24.93
N SER A 6 -8.14 0.98 23.74
CA SER A 6 -7.71 -0.18 22.92
C SER A 6 -6.75 0.30 21.82
N ASP A 7 -5.83 1.16 22.15
CA ASP A 7 -4.89 1.66 21.12
C ASP A 7 -5.67 2.11 19.87
N PRO A 8 -6.39 3.19 19.97
CA PRO A 8 -7.20 3.70 18.83
C PRO A 8 -6.32 4.15 17.65
N LEU A 9 -5.13 4.59 17.92
CA LEU A 9 -4.23 5.04 16.83
C LEU A 9 -3.65 3.82 16.10
N VAL A 10 -3.21 2.84 16.82
CA VAL A 10 -2.63 1.62 16.17
C VAL A 10 -3.68 0.92 15.32
N VAL A 11 -4.87 0.75 15.85
CA VAL A 11 -5.94 0.07 15.07
C VAL A 11 -6.39 0.97 13.91
N ALA A 12 -6.72 2.20 14.19
CA ALA A 12 -7.17 3.11 13.11
C ALA A 12 -6.04 3.36 12.12
N ALA A 13 -4.83 3.02 12.49
CA ALA A 13 -3.68 3.23 11.58
C ALA A 13 -3.38 1.95 10.78
N ASN A 14 -3.30 0.84 11.45
CA ASN A 14 -3.00 -0.45 10.75
C ASN A 14 -4.25 -0.96 10.05
N ILE A 15 -5.35 -1.04 10.75
CA ILE A 15 -6.60 -1.56 10.12
C ILE A 15 -6.81 -0.86 8.78
N ILE A 16 -6.63 0.42 8.72
CA ILE A 16 -6.82 1.15 7.42
C ILE A 16 -5.65 0.81 6.50
N GLY A 17 -4.47 0.69 7.03
CA GLY A 17 -3.30 0.36 6.15
C GLY A 17 -3.62 -0.88 5.33
N ILE A 18 -4.08 -1.92 5.96
CA ILE A 18 -4.41 -3.16 5.19
C ILE A 18 -5.57 -2.88 4.24
N LEU A 19 -6.67 -2.39 4.74
CA LEU A 19 -7.83 -2.09 3.86
C LEU A 19 -7.34 -1.27 2.66
N HIS A 20 -6.37 -0.43 2.86
CA HIS A 20 -5.85 0.39 1.74
C HIS A 20 -5.24 -0.52 0.68
N LEU A 21 -4.23 -1.27 1.04
CA LEU A 21 -3.59 -2.18 0.06
C LEU A 21 -4.66 -2.99 -0.68
N ILE A 22 -5.67 -3.44 0.03
CA ILE A 22 -6.74 -4.24 -0.63
C ILE A 22 -7.55 -3.34 -1.58
N LEU A 23 -7.62 -2.07 -1.31
CA LEU A 23 -8.39 -1.16 -2.20
C LEU A 23 -7.52 -0.75 -3.39
N TRP A 24 -6.35 -0.23 -3.14
CA TRP A 24 -5.45 0.20 -4.25
C TRP A 24 -5.28 -0.95 -5.24
N ILE A 25 -5.11 -2.15 -4.77
CA ILE A 25 -4.94 -3.30 -5.71
C ILE A 25 -6.28 -3.63 -6.37
N LEU A 26 -7.34 -3.68 -5.60
CA LEU A 26 -8.67 -4.01 -6.19
C LEU A 26 -8.89 -3.13 -7.43
N ASP A 27 -8.40 -1.92 -7.40
CA ASP A 27 -8.59 -1.01 -8.57
C ASP A 27 -7.59 -1.38 -9.67
N ARG A 28 -6.36 -1.63 -9.31
CA ARG A 28 -5.34 -1.98 -10.34
C ARG A 28 -5.88 -3.10 -11.24
N LEU A 29 -6.56 -4.05 -10.68
CA LEU A 29 -7.11 -5.16 -11.51
C LEU A 29 -8.54 -4.86 -11.93
N PHE A 30 -9.40 -4.55 -10.98
CA PHE A 30 -10.81 -4.23 -11.34
C PHE A 30 -10.98 -2.71 -11.44
N PHE A 31 -9.99 -2.03 -11.94
CA PHE A 31 -10.10 -0.55 -12.07
C PHE A 31 -11.43 -0.18 -12.71
N LYS A 32 -11.97 -1.05 -13.53
CA LYS A 32 -13.28 -0.76 -14.18
C LYS A 32 -14.38 -0.78 -13.12
N SER A 33 -14.26 -1.61 -12.14
CA SER A 33 -15.31 -1.69 -11.08
C SER A 33 -15.18 -0.47 -10.15
N ILE A 34 -14.00 -0.24 -9.63
CA ILE A 34 -13.81 0.92 -8.73
C ILE A 34 -14.02 2.23 -9.51
N TYR A 35 -13.89 2.17 -10.81
CA TYR A 35 -14.08 3.40 -11.62
C TYR A 35 -15.58 3.59 -11.92
N ARG A 36 -16.23 2.55 -12.35
CA ARG A 36 -17.69 2.68 -12.65
C ARG A 36 -18.45 3.00 -11.36
N PHE A 37 -17.90 2.62 -10.24
CA PHE A 37 -18.58 2.89 -8.94
C PHE A 37 -18.49 4.39 -8.62
N PHE A 38 -17.31 4.92 -8.55
CA PHE A 38 -17.15 6.37 -8.24
C PHE A 38 -17.95 7.20 -9.25
N GLU A 39 -17.66 7.05 -10.52
CA GLU A 39 -18.41 7.83 -11.54
C GLU A 39 -18.13 9.32 -11.36
N HIS A 40 -18.01 10.05 -12.43
CA HIS A 40 -17.74 11.51 -12.31
C HIS A 40 -18.85 12.17 -11.50
N GLY A 41 -18.53 13.15 -10.71
CA GLY A 41 -19.57 13.83 -9.89
C GLY A 41 -20.25 14.91 -10.73
N LEU A 42 -20.06 16.16 -10.38
CA LEU A 42 -20.69 17.25 -11.17
C LEU A 42 -22.19 16.95 -11.34
N LYS A 43 -22.70 16.03 -10.57
CA LYS A 43 -24.15 15.69 -10.68
C LYS A 43 -24.99 16.94 -10.40
N ARG B 1 7.78 9.06 32.43
CA ARG B 1 9.04 8.37 32.04
C ARG B 1 8.83 7.66 30.70
N SER B 2 7.71 7.02 30.52
CA SER B 2 7.45 6.33 29.23
C SER B 2 8.52 5.26 29.00
N ASN B 3 8.17 4.01 29.09
CA ASN B 3 9.16 2.92 28.88
C ASN B 3 8.44 1.58 28.71
N ASP B 4 7.47 1.53 27.84
CA ASP B 4 6.73 0.25 27.64
C ASP B 4 6.15 0.22 26.22
N SER B 5 6.90 -0.29 25.28
CA SER B 5 6.40 -0.35 23.88
C SER B 5 6.14 1.07 23.37
N SER B 6 7.01 1.58 22.54
CA SER B 6 6.80 2.96 22.01
C SER B 6 7.48 3.10 20.65
N ASP B 7 6.77 3.55 19.66
CA ASP B 7 7.38 3.70 18.30
C ASP B 7 6.73 4.88 17.58
N PRO B 8 6.98 6.08 18.03
CA PRO B 8 6.38 7.29 17.38
C PRO B 8 6.86 7.46 15.93
N LEU B 9 8.11 7.22 15.68
CA LEU B 9 8.63 7.38 14.29
C LEU B 9 7.82 6.50 13.34
N VAL B 10 7.81 5.21 13.55
CA VAL B 10 7.02 4.32 12.65
C VAL B 10 5.59 4.83 12.55
N VAL B 11 4.99 5.20 13.65
CA VAL B 11 3.60 5.71 13.62
C VAL B 11 3.50 6.86 12.62
N ALA B 12 4.30 7.88 12.80
CA ALA B 12 4.24 9.02 11.84
C ALA B 12 4.28 8.48 10.41
N ALA B 13 5.07 7.46 10.19
CA ALA B 13 5.13 6.87 8.82
C ALA B 13 3.82 6.15 8.52
N ASN B 14 3.15 5.65 9.52
CA ASN B 14 1.86 4.96 9.28
C ASN B 14 0.81 5.97 8.82
N ILE B 15 0.47 6.91 9.66
CA ILE B 15 -0.54 7.93 9.26
C ILE B 15 -0.14 8.48 7.89
N ILE B 16 1.13 8.63 7.65
CA ILE B 16 1.58 9.14 6.32
C ILE B 16 1.04 8.18 5.24
N GLY B 17 1.11 6.90 5.51
CA GLY B 17 0.60 5.91 4.51
C GLY B 17 -0.86 6.22 4.21
N ILE B 18 -1.63 6.52 5.23
CA ILE B 18 -3.06 6.84 4.99
C ILE B 18 -3.14 8.09 4.09
N LEU B 19 -2.30 9.05 4.33
CA LEU B 19 -2.30 10.28 3.49
C LEU B 19 -1.85 9.92 2.08
N HIS B 20 -0.93 9.01 1.96
CA HIS B 20 -0.44 8.61 0.61
C HIS B 20 -1.62 8.16 -0.24
N LEU B 21 -2.45 7.29 0.28
CA LEU B 21 -3.59 6.82 -0.54
C LEU B 21 -4.59 7.97 -0.74
N ILE B 22 -4.75 8.83 0.23
CA ILE B 22 -5.70 9.95 0.05
C ILE B 22 -5.37 10.65 -1.28
N LEU B 23 -4.11 10.83 -1.55
CA LEU B 23 -3.71 11.46 -2.84
C LEU B 23 -4.02 10.49 -3.98
N TRP B 24 -3.75 9.23 -3.77
CA TRP B 24 -4.03 8.20 -4.82
C TRP B 24 -5.50 8.31 -5.24
N ILE B 25 -6.40 8.20 -4.29
CA ILE B 25 -7.85 8.30 -4.63
C ILE B 25 -8.10 9.59 -5.40
N LEU B 26 -7.70 10.71 -4.86
CA LEU B 26 -7.92 12.00 -5.57
C LEU B 26 -7.42 11.88 -7.01
N ASP B 27 -6.19 11.49 -7.19
CA ASP B 27 -5.65 11.35 -8.58
C ASP B 27 -6.59 10.48 -9.40
N ARG B 28 -7.29 9.58 -8.78
CA ARG B 28 -8.23 8.70 -9.53
C ARG B 28 -9.47 9.50 -9.94
N LEU B 29 -10.05 10.22 -9.02
CA LEU B 29 -11.26 11.02 -9.35
C LEU B 29 -10.91 12.09 -10.38
N PHE B 30 -9.84 12.80 -10.16
CA PHE B 30 -9.44 13.86 -11.13
C PHE B 30 -8.57 13.25 -12.23
N PHE B 31 -9.19 12.72 -13.26
CA PHE B 31 -8.40 12.11 -14.36
C PHE B 31 -7.66 13.21 -15.13
N LYS B 32 -7.90 14.44 -14.81
CA LYS B 32 -7.21 15.55 -15.52
C LYS B 32 -5.78 15.69 -14.97
N SER B 33 -5.29 14.67 -14.33
CA SER B 33 -3.90 14.74 -13.77
C SER B 33 -2.95 15.25 -14.86
N ILE B 34 -3.22 14.95 -16.09
CA ILE B 34 -2.33 15.41 -17.19
C ILE B 34 -2.65 16.87 -17.52
N TYR B 35 -1.71 17.75 -17.32
CA TYR B 35 -1.96 19.19 -17.62
C TYR B 35 -1.65 19.47 -19.09
N ARG B 36 -2.59 19.99 -19.82
CA ARG B 36 -2.34 20.28 -21.26
C ARG B 36 -1.68 21.66 -21.41
N PHE B 37 -0.70 21.94 -20.59
CA PHE B 37 -0.01 23.26 -20.69
C PHE B 37 -1.05 24.39 -20.68
N PHE B 38 -0.64 25.59 -20.96
CA PHE B 38 -1.61 26.73 -20.98
C PHE B 38 -2.42 26.72 -19.69
N GLU B 39 -1.95 27.37 -18.67
CA GLU B 39 -2.70 27.39 -17.38
C GLU B 39 -3.84 28.41 -17.47
N HIS B 40 -4.92 28.03 -18.11
CA HIS B 40 -6.08 28.97 -18.24
C HIS B 40 -5.59 30.31 -18.80
N GLY B 41 -6.46 31.28 -18.89
CA GLY B 41 -6.06 32.60 -19.44
C GLY B 41 -5.79 32.47 -20.94
N LEU B 42 -4.61 32.07 -21.32
CA LEU B 42 -4.30 31.92 -22.76
C LEU B 42 -4.94 30.65 -23.30
N LYS B 43 -5.31 30.63 -24.55
CA LYS B 43 -5.94 29.42 -25.12
C LYS B 43 -4.87 28.37 -25.40
N ARG C 1 7.41 -12.08 32.23
CA ARG C 1 6.78 -12.11 30.88
C ARG C 1 7.86 -11.91 29.80
N SER C 2 9.09 -11.75 30.22
CA SER C 2 10.18 -11.54 29.23
C SER C 2 10.16 -12.68 28.19
N ASN C 3 9.80 -12.37 26.97
CA ASN C 3 9.75 -13.43 25.92
C ASN C 3 10.07 -12.81 24.56
N ASP C 4 9.20 -11.97 24.05
CA ASP C 4 9.46 -11.35 22.74
C ASP C 4 10.58 -10.31 22.86
N SER C 5 11.65 -10.50 22.14
CA SER C 5 12.78 -9.52 22.22
C SER C 5 12.26 -8.11 21.91
N SER C 6 11.59 -7.94 20.82
CA SER C 6 11.06 -6.59 20.46
C SER C 6 9.95 -6.74 19.42
N ASP C 7 9.07 -7.69 19.60
CA ASP C 7 7.96 -7.87 18.62
C ASP C 7 8.54 -7.90 17.21
N PRO C 8 9.24 -8.95 16.86
CA PRO C 8 9.86 -9.06 15.50
C PRO C 8 8.80 -9.15 14.39
N LEU C 9 7.65 -9.68 14.70
CA LEU C 9 6.59 -9.81 13.66
C LEU C 9 5.93 -8.44 13.43
N VAL C 10 5.63 -7.73 14.48
CA VAL C 10 4.98 -6.40 14.33
C VAL C 10 5.93 -5.45 13.58
N VAL C 11 7.17 -5.41 13.96
CA VAL C 11 8.12 -4.50 13.26
C VAL C 11 8.37 -4.99 11.84
N ALA C 12 8.72 -6.24 11.68
CA ALA C 12 8.99 -6.77 10.31
C ALA C 12 7.70 -6.72 9.47
N ALA C 13 6.58 -6.55 10.11
CA ALA C 13 5.29 -6.50 9.34
C ALA C 13 4.90 -5.05 9.04
N ASN C 14 4.95 -4.20 10.02
CA ASN C 14 4.57 -2.77 9.79
C ASN C 14 5.73 -2.04 9.10
N ILE C 15 6.91 -2.13 9.62
CA ILE C 15 8.07 -1.43 9.01
C ILE C 15 8.06 -1.67 7.49
N ILE C 16 7.86 -2.89 7.08
CA ILE C 16 7.82 -3.18 5.62
C ILE C 16 6.55 -2.60 5.01
N GLY C 17 5.44 -2.69 5.72
CA GLY C 17 4.17 -2.14 5.18
C GLY C 17 4.38 -0.69 4.73
N ILE C 18 4.96 0.12 5.57
CA ILE C 18 5.20 1.55 5.18
C ILE C 18 6.20 1.59 4.02
N LEU C 19 7.35 1.00 4.19
CA LEU C 19 8.35 1.01 3.08
C LEU C 19 7.67 0.58 1.78
N HIS C 20 6.72 -0.30 1.87
CA HIS C 20 6.02 -0.77 0.63
C HIS C 20 5.28 0.41 0.00
N LEU C 21 4.36 1.00 0.72
CA LEU C 21 3.59 2.15 0.17
C LEU C 21 4.55 3.17 -0.43
N ILE C 22 5.67 3.40 0.21
CA ILE C 22 6.64 4.39 -0.32
C ILE C 22 7.28 3.85 -1.60
N LEU C 23 7.37 2.55 -1.75
CA LEU C 23 7.97 1.97 -2.97
C LEU C 23 6.93 1.93 -4.10
N TRP C 24 5.80 1.32 -3.83
CA TRP C 24 4.74 1.23 -4.87
C TRP C 24 4.44 2.62 -5.44
N ILE C 25 4.37 3.62 -4.60
CA ILE C 25 4.08 4.99 -5.11
C ILE C 25 5.32 5.55 -5.83
N LEU C 26 6.48 5.39 -5.26
CA LEU C 26 7.71 5.91 -5.92
C LEU C 26 7.73 5.45 -7.38
N ASP C 27 7.22 4.28 -7.65
CA ASP C 27 7.21 3.77 -9.05
C ASP C 27 6.07 4.43 -9.82
N ARG C 28 4.91 4.53 -9.22
CA ARG C 28 3.75 5.15 -9.93
C ARG C 28 4.17 6.50 -10.51
N LEU C 29 4.96 7.26 -9.81
CA LEU C 29 5.39 8.59 -10.33
C LEU C 29 6.75 8.45 -11.04
N PHE C 30 7.72 7.90 -10.37
CA PHE C 30 9.06 7.73 -11.01
C PHE C 30 9.18 6.32 -11.59
N PHE C 31 8.11 5.81 -12.13
CA PHE C 31 8.16 4.44 -12.71
C PHE C 31 9.39 4.31 -13.62
N LYS C 32 9.81 5.41 -14.21
CA LYS C 32 10.99 5.35 -15.11
C LYS C 32 12.25 5.08 -14.28
N SER C 33 12.30 5.57 -13.07
CA SER C 33 13.49 5.34 -12.22
C SER C 33 13.47 3.91 -11.69
N ILE C 34 12.39 3.50 -11.10
CA ILE C 34 12.31 2.10 -10.57
C ILE C 34 12.36 1.11 -11.73
N TYR C 35 12.04 1.55 -12.91
CA TYR C 35 12.09 0.64 -14.08
C TYR C 35 13.51 0.58 -14.65
N ARG C 36 14.12 1.71 -14.84
CA ARG C 36 15.51 1.72 -15.38
C ARG C 36 16.45 1.05 -14.37
N PHE C 37 16.08 1.05 -13.12
CA PHE C 37 16.95 0.41 -12.09
C PHE C 37 16.87 -1.11 -12.23
N PHE C 38 15.69 -1.67 -12.14
CA PHE C 38 15.56 -3.15 -12.27
C PHE C 38 16.18 -3.60 -13.59
N GLU C 39 15.70 -3.09 -14.68
CA GLU C 39 16.26 -3.50 -16.00
C GLU C 39 15.99 -4.99 -16.24
N HIS C 40 15.70 -5.36 -17.45
CA HIS C 40 15.42 -6.79 -17.74
C HIS C 40 16.63 -7.64 -17.35
N GLY C 41 16.40 -8.82 -16.85
CA GLY C 41 17.54 -9.68 -16.45
C GLY C 41 18.06 -10.45 -17.67
N LEU C 42 17.89 -11.74 -17.70
CA LEU C 42 18.38 -12.53 -18.85
C LEU C 42 19.84 -12.16 -19.15
N LYS C 43 20.49 -11.51 -18.23
CA LYS C 43 21.90 -11.12 -18.45
C LYS C 43 22.75 -12.37 -18.69
N ARG D 1 -3.02 -18.67 28.93
CA ARG D 1 -4.31 -17.93 28.95
C ARG D 1 -4.29 -16.84 27.87
N SER D 2 -3.19 -16.15 27.73
CA SER D 2 -3.11 -15.08 26.70
C SER D 2 -4.18 -14.02 26.96
N ASN D 3 -3.79 -12.85 27.37
CA ASN D 3 -4.79 -11.78 27.65
C ASN D 3 -4.06 -10.44 27.80
N ASP D 4 -3.23 -10.09 26.85
CA ASP D 4 -2.50 -8.80 26.93
C ASP D 4 -2.15 -8.33 25.53
N SER D 5 -3.02 -7.57 24.91
CA SER D 5 -2.73 -7.08 23.53
C SER D 5 -2.58 -8.28 22.59
N SER D 6 -3.58 -8.53 21.77
CA SER D 6 -3.49 -9.68 20.83
C SER D 6 -4.37 -9.41 19.61
N ASP D 7 -3.83 -9.52 18.44
CA ASP D 7 -4.63 -9.27 17.20
C ASP D 7 -4.13 -10.15 16.06
N PRO D 8 -4.32 -11.44 16.16
CA PRO D 8 -3.86 -12.38 15.09
C PRO D 8 -4.55 -12.11 13.74
N LEU D 9 -5.83 -11.83 13.77
CA LEU D 9 -6.56 -11.57 12.50
C LEU D 9 -5.87 -10.44 11.74
N VAL D 10 -5.80 -9.28 12.34
CA VAL D 10 -5.15 -8.14 11.65
C VAL D 10 -3.75 -8.56 11.17
N VAL D 11 -3.01 -9.22 12.02
CA VAL D 11 -1.64 -9.67 11.62
C VAL D 11 -1.72 -10.46 10.31
N ALA D 12 -2.50 -11.51 10.29
CA ALA D 12 -2.63 -12.30 9.03
C ALA D 12 -2.86 -11.35 7.86
N ALA D 13 -3.64 -10.32 8.08
CA ALA D 13 -3.90 -9.35 6.99
C ALA D 13 -2.64 -8.54 6.71
N ASN D 14 -1.81 -8.36 7.70
CA ASN D 14 -0.56 -7.59 7.50
C ASN D 14 0.38 -8.39 6.60
N ILE D 15 0.83 -9.53 7.06
CA ILE D 15 1.73 -10.36 6.22
C ILE D 15 1.13 -10.47 4.82
N ILE D 16 -0.17 -10.58 4.75
CA ILE D 16 -0.81 -10.66 3.41
C ILE D 16 -0.44 -9.42 2.61
N GLY D 17 -0.43 -8.28 3.25
CA GLY D 17 -0.06 -7.02 2.54
C GLY D 17 1.33 -7.19 1.94
N ILE D 18 2.24 -7.76 2.69
CA ILE D 18 3.61 -7.97 2.16
C ILE D 18 3.53 -8.87 0.92
N LEU D 19 2.72 -9.88 0.98
CA LEU D 19 2.57 -10.80 -0.19
C LEU D 19 1.91 -10.04 -1.34
N HIS D 20 1.00 -9.16 -1.03
CA HIS D 20 0.33 -8.39 -2.10
C HIS D 20 1.37 -7.66 -2.95
N LEU D 21 2.28 -6.96 -2.33
CA LEU D 21 3.32 -6.25 -3.13
C LEU D 21 4.23 -7.26 -3.82
N ILE D 22 4.52 -8.36 -3.18
CA ILE D 22 5.41 -9.36 -3.84
C ILE D 22 4.86 -9.63 -5.24
N LEU D 23 3.57 -9.75 -5.37
CA LEU D 23 2.98 -9.97 -6.71
C LEU D 23 3.13 -8.69 -7.53
N TRP D 24 2.93 -7.56 -6.91
CA TRP D 24 3.07 -6.26 -7.63
C TRP D 24 4.46 -6.19 -8.28
N ILE D 25 5.49 -6.36 -7.50
CA ILE D 25 6.87 -6.31 -8.06
C ILE D 25 6.97 -7.30 -9.22
N LEU D 26 6.64 -8.54 -8.99
CA LEU D 26 6.71 -9.55 -10.08
C LEU D 26 6.00 -9.02 -11.32
N ASP D 27 4.77 -8.61 -11.19
CA ASP D 27 4.03 -8.08 -12.36
C ASP D 27 4.85 -6.97 -13.03
N ARG D 28 5.66 -6.29 -12.27
CA ARG D 28 6.49 -5.20 -12.85
C ARG D 28 7.64 -5.81 -13.66
N LEU D 29 8.34 -6.75 -13.10
CA LEU D 29 9.47 -7.38 -13.83
C LEU D 29 8.94 -8.09 -15.08
N PHE D 30 7.90 -8.87 -14.93
CA PHE D 30 7.34 -9.59 -16.10
C PHE D 30 6.33 -8.71 -16.82
N PHE D 31 6.78 -7.87 -17.72
CA PHE D 31 5.85 -6.97 -18.45
C PHE D 31 4.99 -7.80 -19.39
N LYS D 32 5.25 -9.07 -19.50
CA LYS D 32 4.43 -9.93 -20.41
C LYS D 32 3.10 -10.25 -19.73
N SER D 33 2.74 -9.50 -18.73
CA SER D 33 1.44 -9.76 -18.03
C SER D 33 0.33 -9.95 -19.06
N ILE D 34 0.43 -9.27 -20.17
CA ILE D 34 -0.64 -9.40 -21.21
C ILE D 34 -0.40 -10.70 -22.00
N TYR D 35 -1.32 -11.62 -21.95
CA TYR D 35 -1.15 -12.89 -22.71
C TYR D 35 -1.69 -12.71 -24.12
N ARG D 36 -0.88 -12.97 -25.12
CA ARG D 36 -1.35 -12.82 -26.52
C ARG D 36 -2.05 -14.10 -26.97
N PHE D 37 -2.90 -14.64 -26.15
CA PHE D 37 -3.63 -15.89 -26.52
C PHE D 37 -2.62 -16.93 -27.03
N PHE D 38 -3.10 -18.01 -27.60
CA PHE D 38 -2.17 -19.05 -28.11
C PHE D 38 -1.17 -19.41 -27.01
N GLU D 39 -1.50 -20.36 -26.17
CA GLU D 39 -0.57 -20.75 -25.08
C GLU D 39 0.53 -21.66 -25.65
N HIS D 40 1.51 -21.09 -26.30
CA HIS D 40 2.61 -21.91 -26.87
C HIS D 40 2.01 -23.02 -27.74
N GLY D 41 2.84 -23.90 -28.25
CA GLY D 41 2.32 -25.00 -29.11
C GLY D 41 1.84 -24.44 -30.44
N LEU D 42 0.63 -23.97 -30.49
CA LEU D 42 0.09 -23.40 -31.76
C LEU D 42 0.68 -22.00 -31.97
N LYS D 43 0.86 -21.60 -33.20
CA LYS D 43 1.43 -20.26 -33.47
C LYS D 43 0.35 -19.19 -33.25
N ARG A 1 -4.82 5.99 28.20
CA ARG A 1 -5.51 5.01 29.08
C ARG A 1 -6.71 4.41 28.34
N SER A 2 -7.16 5.05 27.30
CA SER A 2 -8.32 4.51 26.53
C SER A 2 -7.90 3.23 25.82
N ASN A 3 -7.26 3.36 24.68
CA ASN A 3 -6.83 2.15 23.93
C ASN A 3 -5.85 1.34 24.78
N ASP A 4 -5.09 2.00 25.61
CA ASP A 4 -4.12 1.26 26.47
C ASP A 4 -3.23 0.37 25.60
N SER A 5 -2.10 0.85 25.20
CA SER A 5 -1.19 0.02 24.35
C SER A 5 0.19 0.68 24.28
N SER A 6 1.18 -0.05 23.84
CA SER A 6 2.55 0.53 23.75
C SER A 6 2.69 1.31 22.44
N ASP A 7 1.71 1.21 21.57
CA ASP A 7 1.79 1.94 20.28
C ASP A 7 0.41 1.97 19.63
N PRO A 8 -0.51 2.71 20.18
CA PRO A 8 -1.89 2.80 19.62
C PRO A 8 -1.92 3.46 18.24
N LEU A 9 -0.98 4.32 17.96
CA LEU A 9 -0.96 5.00 16.62
C LEU A 9 -0.50 4.01 15.55
N VAL A 10 0.55 3.27 15.81
CA VAL A 10 1.04 2.30 14.80
C VAL A 10 -0.05 1.27 14.48
N VAL A 11 -0.61 0.66 15.49
CA VAL A 11 -1.67 -0.35 15.25
C VAL A 11 -2.90 0.32 14.62
N ALA A 12 -3.41 1.35 15.24
CA ALA A 12 -4.60 2.04 14.68
C ALA A 12 -4.29 2.48 13.25
N ALA A 13 -3.03 2.64 12.94
CA ALA A 13 -2.66 3.07 11.56
C ALA A 13 -2.44 1.83 10.67
N ASN A 14 -2.21 0.70 11.28
CA ASN A 14 -1.99 -0.54 10.48
C ASN A 14 -3.34 -1.02 9.92
N ILE A 15 -4.36 -1.01 10.72
CA ILE A 15 -5.70 -1.49 10.22
C ILE A 15 -6.03 -0.78 8.92
N ILE A 16 -5.83 0.52 8.86
CA ILE A 16 -6.14 1.26 7.60
C ILE A 16 -5.08 0.90 6.55
N GLY A 17 -3.86 0.73 6.96
CA GLY A 17 -2.79 0.37 5.98
C GLY A 17 -3.22 -0.88 5.22
N ILE A 18 -3.79 -1.82 5.92
CA ILE A 18 -4.24 -3.08 5.25
C ILE A 18 -5.40 -2.75 4.31
N LEU A 19 -6.46 -2.16 4.83
CA LEU A 19 -7.62 -1.81 3.96
C LEU A 19 -7.10 -1.03 2.76
N HIS A 20 -6.10 -0.21 2.95
CA HIS A 20 -5.55 0.58 1.82
C HIS A 20 -5.08 -0.37 0.73
N LEU A 21 -4.16 -1.24 1.05
CA LEU A 21 -3.64 -2.20 0.03
C LEU A 21 -4.80 -2.95 -0.61
N ILE A 22 -5.67 -3.52 0.19
CA ILE A 22 -6.82 -4.26 -0.38
C ILE A 22 -7.59 -3.37 -1.36
N LEU A 23 -7.61 -2.09 -1.10
CA LEU A 23 -8.35 -1.16 -2.01
C LEU A 23 -7.49 -0.86 -3.24
N TRP A 24 -6.31 -0.33 -3.03
CA TRP A 24 -5.42 -0.01 -4.19
C TRP A 24 -5.30 -1.24 -5.08
N ILE A 25 -4.97 -2.37 -4.52
CA ILE A 25 -4.83 -3.60 -5.35
C ILE A 25 -6.17 -3.93 -6.01
N LEU A 26 -7.25 -3.80 -5.29
CA LEU A 26 -8.58 -4.11 -5.91
C LEU A 26 -8.73 -3.28 -7.19
N ASP A 27 -8.23 -2.08 -7.19
CA ASP A 27 -8.35 -1.22 -8.40
C ASP A 27 -7.34 -1.68 -9.45
N ARG A 28 -6.24 -2.23 -9.03
CA ARG A 28 -5.22 -2.70 -10.00
C ARG A 28 -5.78 -3.89 -10.80
N LEU A 29 -6.56 -4.72 -10.17
CA LEU A 29 -7.13 -5.90 -10.88
C LEU A 29 -8.55 -5.57 -11.35
N PHE A 30 -9.14 -4.53 -10.83
CA PHE A 30 -10.53 -4.17 -11.25
C PHE A 30 -10.67 -2.65 -11.28
N PHE A 31 -9.66 -1.95 -11.74
CA PHE A 31 -9.75 -0.47 -11.80
C PHE A 31 -11.07 -0.06 -12.44
N LYS A 32 -11.57 -0.83 -13.36
CA LYS A 32 -12.86 -0.48 -14.02
C LYS A 32 -13.98 -0.52 -12.99
N SER A 33 -13.95 -1.46 -12.09
CA SER A 33 -15.02 -1.54 -11.05
C SER A 33 -14.91 -0.33 -10.11
N ILE A 34 -13.73 -0.05 -9.63
CA ILE A 34 -13.55 1.11 -8.71
C ILE A 34 -13.89 2.40 -9.46
N TYR A 35 -13.65 2.43 -10.75
CA TYR A 35 -13.96 3.66 -11.53
C TYR A 35 -15.48 3.81 -11.69
N ARG A 36 -16.13 2.77 -12.13
CA ARG A 36 -17.61 2.84 -12.30
C ARG A 36 -18.28 2.98 -10.94
N PHE A 37 -17.78 2.28 -9.95
CA PHE A 37 -18.39 2.36 -8.59
C PHE A 37 -18.36 3.82 -8.10
N PHE A 38 -17.27 4.50 -8.32
CA PHE A 38 -17.17 5.92 -7.87
C PHE A 38 -17.91 6.81 -8.86
N GLU A 39 -18.28 6.28 -9.99
CA GLU A 39 -19.00 7.11 -11.00
C GLU A 39 -19.96 6.22 -11.81
N HIS A 40 -21.24 6.46 -11.70
CA HIS A 40 -22.21 5.62 -12.46
C HIS A 40 -23.46 6.45 -12.77
N GLY A 41 -23.72 7.47 -11.98
CA GLY A 41 -24.92 8.31 -12.23
C GLY A 41 -25.02 9.38 -11.14
N LEU A 42 -24.61 10.59 -11.45
CA LEU A 42 -24.68 11.68 -10.44
C LEU A 42 -24.05 11.20 -9.13
N LYS A 43 -24.12 11.99 -8.09
CA LYS A 43 -23.52 11.58 -6.79
C LYS A 43 -24.57 10.83 -5.97
N ARG B 1 17.29 1.79 32.21
CA ARG B 1 16.95 3.07 32.90
C ARG B 1 15.58 3.56 32.44
N SER B 2 14.53 3.04 33.02
CA SER B 2 13.16 3.46 32.62
C SER B 2 12.97 3.21 31.12
N ASN B 3 12.25 2.18 30.78
CA ASN B 3 12.04 1.88 29.33
C ASN B 3 10.87 2.72 28.81
N ASP B 4 11.15 3.76 28.07
CA ASP B 4 10.04 4.61 27.54
C ASP B 4 9.51 4.00 26.24
N SER B 5 8.34 3.43 26.28
CA SER B 5 7.77 2.82 25.04
C SER B 5 7.26 3.93 24.12
N SER B 6 7.94 4.15 23.02
CA SER B 6 7.49 5.22 22.09
C SER B 6 8.17 5.02 20.73
N ASP B 7 7.53 5.42 19.66
CA ASP B 7 8.15 5.26 18.32
C ASP B 7 7.55 6.29 17.35
N PRO B 8 7.89 7.54 17.52
CA PRO B 8 7.35 8.61 16.63
C PRO B 8 7.84 8.47 15.19
N LEU B 9 8.99 7.87 15.00
CA LEU B 9 9.52 7.71 13.61
C LEU B 9 8.59 6.78 12.83
N VAL B 10 8.42 5.57 13.26
CA VAL B 10 7.52 4.62 12.53
C VAL B 10 6.14 5.25 12.38
N VAL B 11 5.66 5.93 13.39
CA VAL B 11 4.32 6.56 13.30
C VAL B 11 4.31 7.57 12.16
N ALA B 12 5.20 8.54 12.20
CA ALA B 12 5.23 9.56 11.12
C ALA B 12 5.19 8.86 9.76
N ALA B 13 5.92 7.80 9.61
CA ALA B 13 5.91 7.06 8.32
C ALA B 13 4.55 6.37 8.13
N ASN B 14 3.93 5.99 9.21
CA ASN B 14 2.60 5.30 9.09
C ASN B 14 1.56 6.30 8.56
N ILE B 15 1.26 7.32 9.32
CA ILE B 15 0.26 8.31 8.83
C ILE B 15 0.63 8.74 7.42
N ILE B 16 1.90 8.89 7.15
CA ILE B 16 2.32 9.28 5.77
C ILE B 16 1.70 8.29 4.77
N GLY B 17 1.80 7.02 5.05
CA GLY B 17 1.22 6.01 4.13
C GLY B 17 -0.27 6.31 3.94
N ILE B 18 -0.97 6.58 5.00
CA ILE B 18 -2.42 6.89 4.87
C ILE B 18 -2.58 8.10 3.95
N LEU B 19 -1.91 9.18 4.26
CA LEU B 19 -2.02 10.40 3.41
C LEU B 19 -1.65 10.04 1.97
N HIS B 20 -0.67 9.20 1.79
CA HIS B 20 -0.26 8.83 0.40
C HIS B 20 -1.49 8.34 -0.37
N LEU B 21 -2.27 7.47 0.22
CA LEU B 21 -3.45 6.97 -0.52
C LEU B 21 -4.46 8.11 -0.69
N ILE B 22 -4.61 8.97 0.28
CA ILE B 22 -5.58 10.09 0.12
C ILE B 22 -5.31 10.75 -1.22
N LEU B 23 -4.06 10.91 -1.58
CA LEU B 23 -3.74 11.53 -2.90
C LEU B 23 -4.08 10.51 -4.00
N TRP B 24 -3.84 9.25 -3.74
CA TRP B 24 -4.16 8.20 -4.75
C TRP B 24 -5.65 8.26 -5.09
N ILE B 25 -6.50 8.13 -4.11
CA ILE B 25 -7.96 8.18 -4.36
C ILE B 25 -8.30 9.48 -5.08
N LEU B 26 -7.90 10.60 -4.54
CA LEU B 26 -8.20 11.90 -5.19
C LEU B 26 -7.80 11.83 -6.66
N ASP B 27 -6.59 11.44 -6.93
CA ASP B 27 -6.12 11.37 -8.35
C ASP B 27 -7.10 10.51 -9.16
N ARG B 28 -7.67 9.50 -8.55
CA ARG B 28 -8.63 8.63 -9.28
C ARG B 28 -9.86 9.44 -9.68
N LEU B 29 -10.48 10.10 -8.74
CA LEU B 29 -11.68 10.91 -9.06
C LEU B 29 -11.31 12.00 -10.07
N PHE B 30 -10.10 12.50 -10.00
CA PHE B 30 -9.68 13.55 -10.97
C PHE B 30 -10.40 14.86 -10.65
N PHE B 31 -11.29 14.84 -9.68
CA PHE B 31 -12.02 16.09 -9.33
C PHE B 31 -12.85 16.56 -10.52
N LYS B 32 -13.91 17.29 -10.28
CA LYS B 32 -14.75 17.78 -11.40
C LYS B 32 -14.23 19.13 -11.89
N SER B 33 -13.91 19.24 -13.14
CA SER B 33 -13.40 20.53 -13.67
C SER B 33 -14.58 21.44 -14.05
N ILE B 34 -15.77 20.90 -14.05
CA ILE B 34 -16.96 21.74 -14.41
C ILE B 34 -16.67 22.51 -15.70
N TYR B 35 -16.94 21.92 -16.83
CA TYR B 35 -16.69 22.62 -18.12
C TYR B 35 -15.25 23.12 -18.15
N ARG B 36 -14.34 22.35 -18.66
CA ARG B 36 -12.92 22.79 -18.72
C ARG B 36 -12.83 24.17 -19.37
N PHE B 37 -11.75 24.87 -19.18
CA PHE B 37 -11.60 26.21 -19.79
C PHE B 37 -10.14 26.48 -20.10
N PHE B 38 -9.85 27.49 -20.86
CA PHE B 38 -8.43 27.80 -21.20
C PHE B 38 -8.27 29.32 -21.41
N GLU B 39 -7.19 29.88 -20.95
CA GLU B 39 -6.97 31.33 -21.12
C GLU B 39 -6.30 31.60 -22.48
N HIS B 40 -6.26 32.83 -22.89
CA HIS B 40 -5.61 33.15 -24.20
C HIS B 40 -5.01 34.55 -24.14
N GLY B 41 -4.01 34.81 -24.95
CA GLY B 41 -3.38 36.16 -24.94
C GLY B 41 -4.23 37.14 -25.76
N LEU B 42 -3.61 38.11 -26.37
CA LEU B 42 -4.38 39.08 -27.19
C LEU B 42 -4.85 38.42 -28.48
N LYS B 43 -5.74 39.05 -29.20
CA LYS B 43 -6.23 38.45 -30.47
C LYS B 43 -5.10 38.47 -31.51
N ARG C 1 8.92 -14.11 24.03
CA ARG C 1 9.75 -13.42 25.06
C ARG C 1 10.82 -12.58 24.36
N SER C 2 11.10 -12.87 23.12
CA SER C 2 12.14 -12.10 22.39
C SER C 2 11.64 -10.67 22.17
N ASN C 3 10.84 -10.47 21.16
CA ASN C 3 10.32 -9.09 20.88
C ASN C 3 9.49 -8.61 22.07
N ASP C 4 8.85 -9.52 22.76
CA ASP C 4 8.03 -9.11 23.94
C ASP C 4 7.05 -8.02 23.52
N SER C 5 5.85 -8.39 23.17
CA SER C 5 4.84 -7.37 22.75
C SER C 5 3.45 -8.02 22.70
N SER C 6 2.42 -7.22 22.66
CA SER C 6 1.05 -7.79 22.60
C SER C 6 0.69 -8.14 21.16
N ASP C 7 1.53 -7.75 20.23
CA ASP C 7 1.24 -8.06 18.80
C ASP C 7 2.52 -7.84 17.97
N PRO C 8 3.50 -8.70 18.11
CA PRO C 8 4.77 -8.58 17.36
C PRO C 8 4.58 -8.78 15.85
N LEU C 9 3.59 -9.54 15.47
CA LEU C 9 3.35 -9.79 14.02
C LEU C 9 2.75 -8.54 13.37
N VAL C 10 1.77 -7.94 14.00
CA VAL C 10 1.15 -6.72 13.42
C VAL C 10 2.19 -5.62 13.28
N VAL C 11 2.91 -5.32 14.32
CA VAL C 11 3.95 -4.26 14.23
C VAL C 11 5.05 -4.67 13.25
N ALA C 12 5.64 -5.82 13.46
CA ALA C 12 6.71 -6.27 12.54
C ALA C 12 6.18 -6.27 11.10
N ALA C 13 4.88 -6.36 10.94
CA ALA C 13 4.30 -6.37 9.57
C ALA C 13 3.97 -4.94 9.15
N ASN C 14 3.86 -4.04 10.10
CA ASN C 14 3.54 -2.63 9.75
C ASN C 14 4.78 -1.96 9.17
N ILE C 15 5.92 -2.17 9.77
CA ILE C 15 7.17 -1.53 9.25
C ILE C 15 7.29 -1.80 7.75
N ILE C 16 7.08 -3.03 7.34
CA ILE C 16 7.17 -3.34 5.89
C ILE C 16 5.98 -2.73 5.16
N GLY C 17 4.82 -2.72 5.78
CA GLY C 17 3.63 -2.12 5.12
C GLY C 17 3.96 -0.68 4.72
N ILE C 18 4.65 0.03 5.58
CA ILE C 18 5.00 1.44 5.26
C ILE C 18 6.01 1.44 4.11
N LEU C 19 7.12 0.76 4.27
CA LEU C 19 8.12 0.73 3.17
C LEU C 19 7.42 0.33 1.87
N HIS C 20 6.45 -0.54 1.95
CA HIS C 20 5.73 -0.97 0.73
C HIS C 20 5.11 0.26 0.06
N LEU C 21 4.26 0.95 0.77
CA LEU C 21 3.61 2.16 0.17
C LEU C 21 4.68 3.10 -0.37
N ILE C 22 5.66 3.44 0.42
CA ILE C 22 6.73 4.36 -0.06
C ILE C 22 7.33 3.81 -1.36
N LEU C 23 7.36 2.52 -1.52
CA LEU C 23 7.94 1.93 -2.76
C LEU C 23 6.90 1.99 -3.88
N TRP C 24 5.76 1.39 -3.67
CA TRP C 24 4.71 1.40 -4.72
C TRP C 24 4.45 2.84 -5.18
N ILE C 25 4.24 3.74 -4.25
CA ILE C 25 3.99 5.16 -4.64
C ILE C 25 5.22 5.71 -5.37
N LEU C 26 6.40 5.42 -4.89
CA LEU C 26 7.61 5.92 -5.57
C LEU C 26 7.56 5.53 -7.05
N ASP C 27 7.06 4.37 -7.34
CA ASP C 27 6.97 3.93 -8.76
C ASP C 27 5.82 4.65 -9.46
N ARG C 28 4.80 5.02 -8.72
CA ARG C 28 3.65 5.73 -9.36
C ARG C 28 4.10 7.11 -9.83
N LEU C 29 4.99 7.74 -9.09
CA LEU C 29 5.47 9.08 -9.49
C LEU C 29 6.80 8.97 -10.25
N PHE C 30 7.43 7.84 -10.16
CA PHE C 30 8.74 7.65 -10.87
C PHE C 30 8.85 6.22 -11.38
N PHE C 31 7.77 5.66 -11.88
CA PHE C 31 7.82 4.27 -12.39
C PHE C 31 9.04 4.11 -13.32
N LYS C 32 9.39 5.14 -14.03
CA LYS C 32 10.55 5.05 -14.94
C LYS C 32 11.82 4.80 -14.13
N SER C 33 11.95 5.43 -12.99
CA SER C 33 13.15 5.23 -12.15
C SER C 33 13.17 3.80 -11.62
N ILE C 34 12.07 3.34 -11.07
CA ILE C 34 12.03 1.95 -10.54
C ILE C 34 12.22 0.96 -11.68
N TYR C 35 11.80 1.31 -12.87
CA TYR C 35 11.96 0.38 -14.02
C TYR C 35 13.43 0.34 -14.45
N ARG C 36 14.04 1.48 -14.63
CA ARG C 36 15.46 1.51 -15.05
C ARG C 36 16.33 0.99 -13.90
N PHE C 37 16.00 1.33 -12.68
CA PHE C 37 16.81 0.86 -11.53
C PHE C 37 16.82 -0.67 -11.50
N PHE C 38 15.70 -1.28 -11.75
CA PHE C 38 15.65 -2.77 -11.74
C PHE C 38 16.22 -3.31 -13.06
N GLU C 39 16.42 -2.45 -14.02
CA GLU C 39 16.97 -2.91 -15.32
C GLU C 39 17.80 -1.79 -15.95
N HIS C 40 19.08 -2.01 -16.12
CA HIS C 40 19.93 -0.95 -16.73
C HIS C 40 21.11 -1.61 -17.45
N GLY C 41 21.48 -2.81 -17.06
CA GLY C 41 22.61 -3.50 -17.73
C GLY C 41 22.85 -4.85 -17.04
N LEU C 42 22.38 -5.91 -17.63
CA LEU C 42 22.59 -7.26 -17.02
C LEU C 42 22.17 -7.21 -15.55
N LYS C 43 22.39 -8.28 -14.83
CA LYS C 43 22.00 -8.30 -13.39
C LYS C 43 23.17 -7.80 -12.54
N ARG D 1 -12.26 -12.00 32.38
CA ARG D 1 -11.84 -13.42 32.60
C ARG D 1 -10.56 -13.70 31.81
N SER D 2 -9.43 -13.34 32.36
CA SER D 2 -8.15 -13.59 31.64
C SER D 2 -8.18 -12.89 30.29
N ASN D 3 -7.52 -11.77 30.16
CA ASN D 3 -7.51 -11.06 28.86
C ASN D 3 -6.44 -11.66 27.95
N ASP D 4 -6.85 -12.43 26.97
CA ASP D 4 -5.86 -13.05 26.05
C ASP D 4 -5.52 -12.06 24.92
N SER D 5 -4.35 -11.49 24.97
CA SER D 5 -3.96 -10.52 23.90
C SER D 5 -3.62 -11.28 22.62
N SER D 6 -4.45 -11.18 21.62
CA SER D 6 -4.17 -11.90 20.35
C SER D 6 -5.05 -11.32 19.24
N ASP D 7 -4.58 -11.38 18.02
CA ASP D 7 -5.39 -10.83 16.89
C ASP D 7 -4.96 -11.50 15.57
N PRO D 8 -5.29 -12.76 15.42
CA PRO D 8 -4.92 -13.49 14.17
C PRO D 8 -5.62 -12.93 12.93
N LEU D 9 -6.77 -12.34 13.10
CA LEU D 9 -7.49 -11.78 11.93
C LEU D 9 -6.69 -10.64 11.32
N VAL D 10 -6.43 -9.60 12.09
CA VAL D 10 -5.65 -8.46 11.55
C VAL D 10 -4.31 -8.96 11.01
N VAL D 11 -3.70 -9.90 11.69
CA VAL D 11 -2.39 -10.43 11.20
C VAL D 11 -2.57 -11.06 9.82
N ALA D 12 -3.45 -12.01 9.70
CA ALA D 12 -3.67 -12.67 8.38
C ALA D 12 -3.81 -11.58 7.31
N ALA D 13 -4.55 -10.54 7.59
CA ALA D 13 -4.72 -9.46 6.60
C ALA D 13 -3.41 -8.70 6.43
N ASN D 14 -2.61 -8.64 7.46
CA ASN D 14 -1.31 -7.91 7.36
C ASN D 14 -0.38 -8.67 6.40
N ILE D 15 0.02 -9.86 6.76
CA ILE D 15 0.92 -10.63 5.86
C ILE D 15 0.33 -10.63 4.45
N ILE D 16 -0.97 -10.72 4.34
CA ILE D 16 -1.60 -10.69 3.00
C ILE D 16 -1.13 -9.44 2.26
N GLY D 17 -1.15 -8.31 2.93
CA GLY D 17 -0.70 -7.05 2.28
C GLY D 17 0.73 -7.24 1.77
N ILE D 18 1.58 -7.79 2.60
CA ILE D 18 2.99 -8.00 2.16
C ILE D 18 2.99 -8.87 0.91
N LEU D 19 2.36 -10.02 0.96
CA LEU D 19 2.32 -10.91 -0.22
C LEU D 19 1.73 -10.15 -1.41
N HIS D 20 0.76 -9.33 -1.18
CA HIS D 20 0.15 -8.57 -2.31
C HIS D 20 1.25 -7.83 -3.07
N LEU D 21 2.12 -7.15 -2.37
CA LEU D 21 3.19 -6.42 -3.10
C LEU D 21 4.15 -7.42 -3.76
N ILE D 22 4.42 -8.53 -3.12
CA ILE D 22 5.34 -9.51 -3.75
C ILE D 22 4.86 -9.76 -5.18
N LEU D 23 3.56 -9.83 -5.38
CA LEU D 23 3.04 -10.02 -6.75
C LEU D 23 3.23 -8.72 -7.53
N TRP D 24 3.05 -7.61 -6.88
CA TRP D 24 3.23 -6.29 -7.55
C TRP D 24 4.64 -6.20 -8.12
N ILE D 25 5.64 -6.34 -7.27
CA ILE D 25 7.05 -6.27 -7.75
C ILE D 25 7.25 -7.29 -8.87
N LEU D 26 6.93 -8.53 -8.63
CA LEU D 26 7.10 -9.56 -9.69
C LEU D 26 6.48 -9.06 -11.00
N ASP D 27 5.24 -8.65 -10.95
CA ASP D 27 4.57 -8.16 -12.19
C ASP D 27 5.43 -7.06 -12.84
N ARG D 28 6.10 -6.27 -12.04
CA ARG D 28 6.95 -5.19 -12.62
C ARG D 28 8.09 -5.81 -13.42
N LEU D 29 8.84 -6.70 -12.82
CA LEU D 29 9.97 -7.34 -13.55
C LEU D 29 9.43 -8.08 -14.78
N PHE D 30 8.24 -8.61 -14.69
CA PHE D 30 7.65 -9.34 -15.84
C PHE D 30 8.40 -10.66 -16.05
N PHE D 31 9.41 -10.92 -15.27
CA PHE D 31 10.17 -12.19 -15.43
C PHE D 31 10.81 -12.24 -16.82
N LYS D 32 11.87 -12.98 -16.96
CA LYS D 32 12.53 -13.08 -18.30
C LYS D 32 11.92 -14.24 -19.09
N SER D 33 11.42 -13.97 -20.25
CA SER D 33 10.81 -15.06 -21.07
C SER D 33 11.90 -15.77 -21.87
N ILE D 34 13.09 -15.23 -21.88
CA ILE D 34 14.19 -15.87 -22.65
C ILE D 34 13.70 -16.23 -24.06
N TYR D 35 13.81 -15.32 -24.98
CA TYR D 35 13.35 -15.61 -26.37
C TYR D 35 11.91 -16.13 -26.34
N ARG D 36 10.95 -15.26 -26.45
CA ARG D 36 9.53 -15.71 -26.43
C ARG D 36 9.33 -16.82 -27.45
N PHE D 37 8.27 -17.58 -27.31
CA PHE D 37 8.02 -18.68 -28.28
C PHE D 37 6.51 -18.89 -28.43
N PHE D 38 6.10 -19.65 -29.42
CA PHE D 38 4.64 -19.88 -29.60
C PHE D 38 4.43 -21.26 -30.24
N GLU D 39 3.41 -21.96 -29.82
CA GLU D 39 3.15 -23.31 -30.40
C GLU D 39 2.28 -23.17 -31.64
N HIS D 40 2.15 -24.22 -32.40
CA HIS D 40 1.31 -24.15 -33.63
C HIS D 40 0.70 -25.52 -33.91
N GLY D 41 -0.41 -25.56 -34.60
CA GLY D 41 -1.05 -26.86 -34.91
C GLY D 41 -0.36 -27.52 -36.10
N LEU D 42 -1.08 -28.28 -36.88
CA LEU D 42 -0.45 -28.94 -38.06
C LEU D 42 -0.18 -27.91 -39.14
N LYS D 43 0.58 -28.26 -40.15
CA LYS D 43 0.88 -27.29 -41.23
C LYS D 43 -0.39 -27.02 -42.05
#